data_4K9D
#
_entry.id   4K9D
#
_cell.length_a   87.760
_cell.length_b   176.990
_cell.length_c   94.250
_cell.angle_alpha   90.000
_cell.angle_beta   101.120
_cell.angle_gamma   90.000
#
_symmetry.space_group_name_H-M   'P 1 21 1'
#
loop_
_entity.id
_entity.type
_entity.pdbx_description
1 polymer 'Glyceraldehyde-3-phosphate dehydrogenase'
2 non-polymer NICOTINAMIDE-ADENINE-DINUCLEOTIDE
3 non-polymer 1,2-ETHANEDIOL
4 water water
#
_entity_poly.entity_id   1
_entity_poly.type   'polypeptide(L)'
_entity_poly.pdbx_seq_one_letter_code
;MAHHHHHHMSKPKVGINGFGRIGRLVLRAAVEKDTVDVVAVNDPFINIDYMVYMFKYDSTHGRFKGSVSAEGGKLIVTNG
KTTHHISVHNSKDPAEIPWGVDGAEYVVESTGVFTTTDKASAHLKGGAKKVIISAPSADAPMFVMGVNNDTYDKANNHII
SNASCTTNCLAPLAKVIHDKFGIIEGLMTTVHATTATQKTVDGPSGKLWRDGRGAGQNIIPASTGAAKAVGKVIPDLNGK
LTGMAFRVPTPDVSVVDLTCRLQKGATMDEIKAAVKEAANGPMKGILEYTEDQVVSTDFTGDTHSSIFDALACISLNPNF
VKLIAWYDNEYGYSNRVVDLISYIASR
;
_entity_poly.pdbx_strand_id   A,B,C,D,E,F,G,H
#
# COMPACT_ATOMS: atom_id res chain seq x y z
N SER A 10 -19.61 40.60 9.85
CA SER A 10 -18.63 41.38 10.62
C SER A 10 -17.35 41.60 9.81
N LYS A 11 -16.76 40.51 9.33
CA LYS A 11 -15.51 40.52 8.58
C LYS A 11 -15.70 39.74 7.28
N PRO A 12 -15.05 40.18 6.19
CA PRO A 12 -15.19 39.44 4.92
C PRO A 12 -14.79 37.98 5.08
N LYS A 13 -15.53 37.09 4.43
CA LYS A 13 -15.29 35.67 4.55
C LYS A 13 -14.49 35.16 3.36
N VAL A 14 -13.39 34.47 3.67
CA VAL A 14 -12.33 34.19 2.72
C VAL A 14 -12.04 32.71 2.50
N GLY A 15 -11.80 32.36 1.25
CA GLY A 15 -11.32 31.04 0.91
C GLY A 15 -9.91 31.13 0.37
N ILE A 16 -9.12 30.11 0.64
CA ILE A 16 -7.75 30.08 0.15
C ILE A 16 -7.53 28.86 -0.73
N ASN A 17 -7.14 29.10 -1.98
CA ASN A 17 -6.78 28.02 -2.88
C ASN A 17 -5.25 27.93 -2.95
N GLY A 18 -4.72 26.80 -2.51
CA GLY A 18 -3.28 26.61 -2.45
C GLY A 18 -2.70 27.02 -1.11
N PHE A 19 -2.47 26.03 -0.25
CA PHE A 19 -2.00 26.25 1.12
C PHE A 19 -0.47 26.24 1.21
N GLY A 20 0.18 27.03 0.37
CA GLY A 20 1.63 27.05 0.31
C GLY A 20 2.23 28.13 1.17
N ARG A 21 3.42 28.62 0.78
CA ARG A 21 4.07 29.66 1.57
C ARG A 21 3.12 30.85 1.67
N ILE A 22 2.54 31.29 0.54
CA ILE A 22 1.64 32.42 0.59
C ILE A 22 0.30 32.07 1.25
N GLY A 23 -0.32 30.96 0.81
CA GLY A 23 -1.57 30.50 1.39
C GLY A 23 -1.57 30.40 2.91
N ARG A 24 -0.54 29.76 3.48
CA ARG A 24 -0.46 29.58 4.94
C ARG A 24 -0.20 30.88 5.69
N LEU A 25 0.66 31.72 5.14
CA LEU A 25 1.03 32.98 5.79
C LEU A 25 -0.06 34.04 5.63
N VAL A 26 -0.86 33.93 4.58
CA VAL A 26 -2.06 34.77 4.46
C VAL A 26 -3.00 34.44 5.61
N LEU A 27 -3.16 33.14 5.91
CA LEU A 27 -3.94 32.72 7.07
C LEU A 27 -3.35 33.28 8.37
N ARG A 28 -2.02 33.16 8.56
CA ARG A 28 -1.37 33.74 9.75
C ARG A 28 -1.63 35.23 9.85
N ALA A 29 -1.48 35.94 8.73
CA ALA A 29 -1.69 37.38 8.75
C ALA A 29 -3.14 37.73 9.03
N ALA A 30 -4.06 36.92 8.49
CA ALA A 30 -5.49 37.13 8.71
C ALA A 30 -5.85 36.98 10.19
N VAL A 31 -5.31 35.96 10.85
CA VAL A 31 -5.59 35.74 12.27
C VAL A 31 -5.04 36.88 13.14
N GLU A 32 -3.82 37.33 12.86
CA GLU A 32 -3.21 38.41 13.64
C GLU A 32 -3.91 39.74 13.39
N LYS A 33 -4.26 40.04 12.14
CA LYS A 33 -4.87 41.33 11.85
C LYS A 33 -6.35 41.36 12.21
N ASP A 34 -6.98 40.19 12.17
CA ASP A 34 -8.41 40.07 12.49
C ASP A 34 -9.30 40.98 11.63
N THR A 35 -8.94 41.17 10.37
CA THR A 35 -9.76 42.02 9.49
C THR A 35 -10.54 41.21 8.46
N VAL A 36 -10.23 39.92 8.34
CA VAL A 36 -11.03 39.00 7.51
C VAL A 36 -11.20 37.69 8.26
N ASP A 37 -12.10 36.86 7.78
CA ASP A 37 -12.38 35.58 8.39
C ASP A 37 -12.24 34.47 7.34
N VAL A 38 -11.23 33.64 7.51
CA VAL A 38 -10.97 32.55 6.60
C VAL A 38 -11.88 31.40 6.98
N VAL A 39 -12.68 30.93 6.03
CA VAL A 39 -13.68 29.93 6.34
C VAL A 39 -13.39 28.67 5.52
N ALA A 40 -12.44 28.74 4.58
CA ALA A 40 -12.17 27.57 3.74
C ALA A 40 -10.79 27.57 3.10
N VAL A 41 -10.26 26.35 2.94
CA VAL A 41 -8.95 26.15 2.30
CA VAL A 41 -8.97 26.16 2.27
C VAL A 41 -9.03 24.94 1.36
N ASN A 42 -8.38 25.03 0.21
CA ASN A 42 -8.34 23.90 -0.73
C ASN A 42 -6.92 23.65 -1.14
N ASP A 43 -6.53 22.38 -1.09
CA ASP A 43 -5.20 21.96 -1.55
C ASP A 43 -5.20 20.45 -1.70
N PRO A 44 -5.08 19.95 -2.93
CA PRO A 44 -5.18 18.50 -3.15
C PRO A 44 -3.93 17.76 -2.71
N PHE A 45 -2.88 18.49 -2.35
CA PHE A 45 -1.63 17.84 -1.97
C PHE A 45 -1.36 17.91 -0.46
N ILE A 46 -2.32 18.44 0.30
CA ILE A 46 -2.16 18.58 1.75
C ILE A 46 -3.48 18.23 2.46
N ASN A 47 -3.57 17.05 3.09
CA ASN A 47 -4.78 16.69 3.83
C ASN A 47 -4.85 17.45 5.15
N ILE A 48 -5.98 17.33 5.84
CA ILE A 48 -6.25 18.18 7.00
C ILE A 48 -5.21 18.05 8.12
N ASP A 49 -4.75 16.83 8.38
CA ASP A 49 -3.76 16.61 9.43
C ASP A 49 -2.41 17.23 9.03
N TYR A 50 -2.06 17.12 7.76
CA TYR A 50 -0.86 17.72 7.21
C TYR A 50 -0.96 19.25 7.23
N MET A 51 -2.15 19.78 6.98
CA MET A 51 -2.38 21.23 7.05
C MET A 51 -2.07 21.73 8.44
N VAL A 52 -2.54 20.98 9.43
CA VAL A 52 -2.26 21.31 10.83
C VAL A 52 -0.75 21.42 11.07
N TYR A 53 -0.01 20.39 10.64
CA TYR A 53 1.44 20.36 10.82
C TYR A 53 2.16 21.50 10.11
N MET A 54 1.82 21.74 8.85
CA MET A 54 2.51 22.76 8.05
C MET A 54 2.19 24.17 8.55
N PHE A 55 0.99 24.35 9.08
CA PHE A 55 0.61 25.65 9.64
C PHE A 55 1.26 25.85 11.01
N LYS A 56 1.34 24.77 11.79
CA LYS A 56 1.90 24.79 13.15
C LYS A 56 3.37 25.16 13.10
N TYR A 57 4.13 24.42 12.31
CA TYR A 57 5.57 24.60 12.25
C TYR A 57 5.99 25.32 10.99
N ASP A 58 6.88 26.29 11.14
CA ASP A 58 7.37 27.04 10.00
C ASP A 58 8.86 27.31 10.18
N SER A 59 9.68 26.82 9.24
CA SER A 59 11.11 27.00 9.34
C SER A 59 11.54 28.47 9.36
N THR A 60 10.82 29.32 8.65
CA THR A 60 11.20 30.72 8.53
C THR A 60 10.57 31.58 9.64
N HIS A 61 9.28 31.34 9.91
CA HIS A 61 8.54 32.28 10.74
C HIS A 61 8.21 31.72 12.11
N GLY A 62 8.72 30.54 12.42
CA GLY A 62 8.59 29.99 13.76
C GLY A 62 7.24 29.36 14.01
N ARG A 63 7.09 28.82 15.21
CA ARG A 63 5.87 28.12 15.59
CA ARG A 63 5.87 28.12 15.61
C ARG A 63 4.67 29.07 15.59
N PHE A 64 3.54 28.60 15.09
CA PHE A 64 2.32 29.44 15.08
C PHE A 64 2.00 29.90 16.50
N LYS A 65 1.83 31.21 16.66
CA LYS A 65 1.55 31.80 17.96
C LYS A 65 0.06 31.68 18.24
N GLY A 66 -0.34 30.52 18.74
CA GLY A 66 -1.73 30.20 18.93
C GLY A 66 -1.87 28.70 18.87
N SER A 67 -3.10 28.24 18.67
CA SER A 67 -3.36 26.80 18.62
C SER A 67 -3.99 26.42 17.28
N VAL A 68 -3.60 25.26 16.75
CA VAL A 68 -4.20 24.76 15.51
C VAL A 68 -4.45 23.26 15.58
N SER A 69 -5.63 22.84 15.14
CA SER A 69 -6.02 21.44 15.22
C SER A 69 -7.06 21.10 14.19
N ALA A 70 -7.34 19.82 14.10
CA ALA A 70 -8.35 19.29 13.23
C ALA A 70 -9.53 18.83 14.06
N GLU A 71 -10.72 19.30 13.71
CA GLU A 71 -11.94 18.88 14.36
C GLU A 71 -13.10 18.87 13.37
N GLY A 72 -13.76 17.72 13.21
CA GLY A 72 -14.93 17.61 12.36
C GLY A 72 -14.67 17.89 10.89
N GLY A 73 -13.47 17.53 10.42
CA GLY A 73 -13.11 17.76 9.04
C GLY A 73 -12.88 19.24 8.76
N LYS A 74 -12.72 19.99 9.84
CA LYS A 74 -12.41 21.41 9.71
C LYS A 74 -11.14 21.80 10.46
N LEU A 75 -10.44 22.77 9.90
CA LEU A 75 -9.23 23.29 10.51
C LEU A 75 -9.64 24.32 11.55
N ILE A 76 -9.20 24.09 12.79
CA ILE A 76 -9.54 24.99 13.90
C ILE A 76 -8.32 25.79 14.28
N VAL A 77 -8.37 27.09 14.04
CA VAL A 77 -7.23 27.98 14.27
C VAL A 77 -7.64 29.09 15.23
N THR A 78 -6.90 29.22 16.34
CA THR A 78 -7.23 30.25 17.32
C THR A 78 -6.00 30.91 17.93
N ASN A 79 -6.13 32.19 18.27
CA ASN A 79 -5.04 32.88 18.93
C ASN A 79 -5.48 33.36 20.30
N GLY A 80 -6.52 32.73 20.83
CA GLY A 80 -7.06 33.12 22.12
C GLY A 80 -8.21 34.08 21.93
N LYS A 81 -7.95 35.18 21.23
CA LYS A 81 -8.98 36.18 20.98
C LYS A 81 -10.07 35.63 20.05
N THR A 82 -9.67 35.22 18.84
CA THR A 82 -10.63 34.76 17.84
C THR A 82 -10.42 33.27 17.50
N THR A 83 -11.42 32.65 16.88
CA THR A 83 -11.31 31.27 16.46
C THR A 83 -11.85 31.14 15.04
N HIS A 84 -11.07 30.51 14.18
CA HIS A 84 -11.48 30.31 12.81
C HIS A 84 -11.79 28.84 12.60
N HIS A 85 -12.99 28.57 12.08
CA HIS A 85 -13.41 27.22 11.72
C HIS A 85 -13.36 27.12 10.21
N ILE A 86 -12.42 26.33 9.70
CA ILE A 86 -12.11 26.37 8.29
C ILE A 86 -12.44 25.07 7.60
N SER A 87 -13.27 25.15 6.56
CA SER A 87 -13.62 23.95 5.81
C SER A 87 -12.46 23.55 4.92
N VAL A 88 -12.24 22.25 4.78
CA VAL A 88 -11.08 21.76 4.07
C VAL A 88 -11.45 20.95 2.83
N HIS A 89 -10.85 21.30 1.70
CA HIS A 89 -11.11 20.58 0.47
C HIS A 89 -9.80 20.16 -0.19
N ASN A 90 -9.90 19.22 -1.10
CA ASN A 90 -8.74 18.60 -1.75
CA ASN A 90 -8.70 18.67 -1.74
C ASN A 90 -8.94 18.48 -3.25
N SER A 91 -9.57 19.47 -3.88
CA SER A 91 -9.88 19.39 -5.31
C SER A 91 -8.79 19.98 -6.17
N LYS A 92 -8.44 19.29 -7.24
CA LYS A 92 -7.43 19.80 -8.17
C LYS A 92 -8.02 20.84 -9.13
N ASP A 93 -9.30 20.64 -9.48
CA ASP A 93 -10.04 21.53 -10.37
C ASP A 93 -10.77 22.56 -9.54
N PRO A 94 -10.33 23.82 -9.61
CA PRO A 94 -10.87 24.88 -8.77
C PRO A 94 -12.36 25.10 -8.97
N ALA A 95 -12.88 24.62 -10.10
CA ALA A 95 -14.30 24.74 -10.39
C ALA A 95 -15.13 23.87 -9.45
N GLU A 96 -14.48 22.86 -8.87
CA GLU A 96 -15.16 21.89 -8.02
C GLU A 96 -15.16 22.30 -6.55
N ILE A 97 -14.54 23.44 -6.25
CA ILE A 97 -14.52 23.89 -4.88
C ILE A 97 -15.81 24.61 -4.54
N PRO A 98 -16.52 24.13 -3.51
CA PRO A 98 -17.83 24.69 -3.09
C PRO A 98 -17.70 25.93 -2.21
N TRP A 99 -17.12 26.99 -2.75
CA TRP A 99 -16.93 28.22 -1.99
C TRP A 99 -18.23 28.79 -1.45
N GLY A 100 -19.27 28.72 -2.30
CA GLY A 100 -20.57 29.25 -1.96
C GLY A 100 -21.15 28.62 -0.72
N VAL A 101 -21.14 27.29 -0.68
CA VAL A 101 -21.59 26.56 0.50
C VAL A 101 -20.82 26.98 1.75
N ASP A 102 -19.50 27.15 1.60
CA ASP A 102 -18.65 27.53 2.72
C ASP A 102 -18.81 29.00 3.10
N GLY A 103 -19.38 29.79 2.20
CA GLY A 103 -19.53 31.20 2.47
C GLY A 103 -18.27 31.99 2.15
N ALA A 104 -17.39 31.40 1.34
CA ALA A 104 -16.17 32.10 0.94
C ALA A 104 -16.50 33.06 -0.19
N GLU A 105 -16.70 34.34 0.15
CA GLU A 105 -17.04 35.33 -0.84
C GLU A 105 -15.81 35.71 -1.63
N TYR A 106 -14.69 35.84 -0.93
CA TYR A 106 -13.43 36.25 -1.52
C TYR A 106 -12.45 35.09 -1.49
N VAL A 107 -11.89 34.77 -2.65
CA VAL A 107 -10.95 33.65 -2.76
C VAL A 107 -9.54 34.12 -3.12
N VAL A 108 -8.60 33.69 -2.29
CA VAL A 108 -7.18 33.88 -2.54
C VAL A 108 -6.71 32.77 -3.46
N GLU A 109 -6.32 33.14 -4.67
CA GLU A 109 -5.83 32.13 -5.62
C GLU A 109 -4.30 32.09 -5.54
N SER A 110 -3.78 31.19 -4.70
CA SER A 110 -2.34 31.19 -4.42
C SER A 110 -1.66 29.85 -4.74
N THR A 111 -2.12 29.16 -5.78
CA THR A 111 -1.50 27.89 -6.18
C THR A 111 -0.31 28.12 -7.11
N GLY A 112 -0.33 29.24 -7.81
CA GLY A 112 0.69 29.56 -8.79
C GLY A 112 0.42 29.04 -10.19
N VAL A 113 -0.72 28.37 -10.40
CA VAL A 113 -1.04 27.80 -11.71
C VAL A 113 -2.40 28.24 -12.28
N PHE A 114 -3.06 29.21 -11.63
CA PHE A 114 -4.33 29.74 -12.16
C PHE A 114 -4.28 31.27 -12.21
N THR A 115 -3.30 31.78 -12.94
CA THR A 115 -2.98 33.20 -12.86
C THR A 115 -3.63 34.05 -13.94
N THR A 116 -4.25 33.42 -14.93
CA THR A 116 -5.04 34.17 -15.93
C THR A 116 -6.50 34.35 -15.50
N THR A 117 -7.21 35.23 -16.18
CA THR A 117 -8.59 35.49 -15.84
C THR A 117 -9.45 34.27 -16.13
N ASP A 118 -9.14 33.59 -17.24
CA ASP A 118 -9.94 32.45 -17.62
C ASP A 118 -9.83 31.30 -16.61
N LYS A 119 -8.60 31.01 -16.19
CA LYS A 119 -8.38 29.95 -15.21
C LYS A 119 -8.88 30.36 -13.84
N ALA A 120 -8.61 31.60 -13.44
CA ALA A 120 -9.03 32.03 -12.11
C ALA A 120 -10.54 32.15 -12.00
N SER A 121 -11.23 32.35 -13.12
CA SER A 121 -12.67 32.56 -13.08
C SER A 121 -13.36 31.29 -12.64
N ALA A 122 -12.63 30.17 -12.66
CA ALA A 122 -13.21 28.88 -12.26
C ALA A 122 -13.80 28.95 -10.85
N HIS A 123 -13.25 29.81 -10.00
CA HIS A 123 -13.72 29.96 -8.64
C HIS A 123 -15.12 30.56 -8.57
N LEU A 124 -15.49 31.32 -9.59
CA LEU A 124 -16.81 31.94 -9.65
C LEU A 124 -17.86 30.86 -9.84
N LYS A 125 -17.50 29.81 -10.56
CA LYS A 125 -18.43 28.70 -10.80
C LYS A 125 -18.79 28.00 -9.47
N GLY A 126 -17.89 28.08 -8.50
CA GLY A 126 -18.11 27.47 -7.20
C GLY A 126 -18.89 28.37 -6.26
N GLY A 127 -19.16 29.61 -6.68
CA GLY A 127 -19.97 30.52 -5.89
C GLY A 127 -19.23 31.70 -5.26
N ALA A 128 -17.94 31.86 -5.60
CA ALA A 128 -17.20 33.00 -5.10
C ALA A 128 -17.61 34.25 -5.85
N LYS A 129 -17.46 35.40 -5.21
CA LYS A 129 -17.82 36.66 -5.87
C LYS A 129 -16.55 37.31 -6.39
N LYS A 130 -15.49 37.24 -5.60
CA LYS A 130 -14.22 37.88 -5.94
C LYS A 130 -13.04 36.94 -5.81
N VAL A 131 -12.07 37.09 -6.70
CA VAL A 131 -10.85 36.29 -6.66
C VAL A 131 -9.63 37.20 -6.70
N ILE A 132 -8.72 36.98 -5.77
CA ILE A 132 -7.46 37.71 -5.75
C ILE A 132 -6.31 36.79 -6.11
N ILE A 133 -5.72 36.98 -7.29
CA ILE A 133 -4.57 36.17 -7.67
C ILE A 133 -3.34 36.68 -6.92
N SER A 134 -2.66 35.78 -6.23
CA SER A 134 -1.52 36.17 -5.40
C SER A 134 -0.25 36.25 -6.22
N ALA A 135 -0.35 36.78 -7.44
CA ALA A 135 0.76 36.80 -8.38
C ALA A 135 0.45 37.77 -9.51
N PRO A 136 1.47 38.16 -10.30
CA PRO A 136 1.15 38.91 -11.52
C PRO A 136 0.20 38.12 -12.41
N SER A 137 -0.59 38.83 -13.21
CA SER A 137 -1.48 38.20 -14.17
C SER A 137 -1.21 38.76 -15.56
N ALA A 138 -1.32 37.91 -16.56
CA ALA A 138 -1.17 38.37 -17.93
C ALA A 138 -2.29 39.34 -18.31
N ASP A 139 -3.50 39.12 -17.79
CA ASP A 139 -4.64 39.94 -18.22
C ASP A 139 -5.51 40.52 -17.09
N ALA A 140 -5.49 39.93 -15.92
CA ALA A 140 -6.26 40.48 -14.81
C ALA A 140 -5.63 41.79 -14.31
N PRO A 141 -6.47 42.78 -13.97
CA PRO A 141 -5.92 44.06 -13.51
C PRO A 141 -5.13 43.88 -12.23
N MET A 142 -4.03 44.62 -12.10
CA MET A 142 -3.14 44.46 -10.96
C MET A 142 -3.28 45.63 -10.00
N PHE A 143 -3.16 45.34 -8.71
CA PHE A 143 -3.29 46.35 -7.69
C PHE A 143 -2.17 46.27 -6.64
N VAL A 144 -1.71 47.43 -6.19
CA VAL A 144 -0.77 47.47 -5.08
C VAL A 144 -1.34 48.43 -4.05
N MET A 145 -1.57 47.92 -2.84
CA MET A 145 -2.11 48.75 -1.76
C MET A 145 -1.22 49.94 -1.48
N GLY A 146 -1.85 51.10 -1.33
CA GLY A 146 -1.16 52.36 -1.10
C GLY A 146 -0.74 53.05 -2.39
N VAL A 147 -0.97 52.41 -3.53
CA VAL A 147 -0.52 52.99 -4.79
C VAL A 147 -1.66 53.17 -5.78
N ASN A 148 -2.39 52.10 -6.12
CA ASN A 148 -3.51 52.23 -7.06
C ASN A 148 -4.74 51.44 -6.69
N ASN A 149 -4.85 51.01 -5.45
CA ASN A 149 -5.99 50.19 -5.09
C ASN A 149 -7.31 50.98 -5.17
N ASP A 150 -7.28 52.30 -5.07
CA ASP A 150 -8.53 53.06 -5.19
C ASP A 150 -9.04 53.14 -6.64
N THR A 151 -8.25 52.63 -7.59
CA THR A 151 -8.70 52.54 -8.97
C THR A 151 -9.49 51.26 -9.21
N TYR A 152 -9.63 50.45 -8.17
CA TYR A 152 -10.43 49.22 -8.24
C TYR A 152 -11.88 49.55 -8.62
N ASP A 153 -12.44 48.79 -9.55
CA ASP A 153 -13.81 49.00 -10.01
C ASP A 153 -14.68 47.78 -9.77
N LYS A 154 -15.48 47.86 -8.70
CA LYS A 154 -16.23 46.72 -8.19
C LYS A 154 -17.17 46.08 -9.23
N ALA A 155 -17.85 46.90 -10.02
CA ALA A 155 -18.81 46.41 -11.00
C ALA A 155 -18.16 45.60 -12.13
N ASN A 156 -16.89 45.89 -12.42
CA ASN A 156 -16.20 45.29 -13.57
C ASN A 156 -14.95 44.45 -13.23
N ASN A 157 -14.39 44.65 -12.04
CA ASN A 157 -13.23 43.86 -11.61
C ASN A 157 -13.64 42.76 -10.63
N HIS A 158 -13.76 41.52 -11.11
CA HIS A 158 -14.20 40.45 -10.23
C HIS A 158 -13.04 39.46 -9.97
N ILE A 159 -12.13 39.42 -10.93
CA ILE A 159 -10.89 38.64 -10.86
C ILE A 159 -9.75 39.63 -10.91
N ILE A 160 -9.02 39.77 -9.80
CA ILE A 160 -7.92 40.73 -9.74
C ILE A 160 -6.63 40.09 -9.24
N SER A 161 -5.53 40.83 -9.38
CA SER A 161 -4.20 40.38 -8.99
C SER A 161 -3.58 41.37 -8.02
N ASN A 162 -2.90 40.84 -7.01
CA ASN A 162 -2.21 41.69 -6.03
C ASN A 162 -0.75 41.91 -6.43
N ALA A 163 -0.45 41.65 -7.71
CA ALA A 163 0.88 41.76 -8.30
C ALA A 163 1.86 40.78 -7.66
N SER A 164 3.14 41.17 -7.68
CA SER A 164 4.19 40.35 -7.09
C SER A 164 4.75 40.99 -5.81
N CYS A 165 5.48 40.21 -5.02
CA CYS A 165 6.16 40.75 -3.83
C CYS A 165 7.08 41.93 -4.19
N THR A 166 7.87 41.76 -5.25
CA THR A 166 8.83 42.79 -5.66
C THR A 166 8.13 44.08 -6.11
N THR A 167 7.06 43.93 -6.89
CA THR A 167 6.31 45.08 -7.34
C THR A 167 5.71 45.83 -6.15
N ASN A 168 5.24 45.08 -5.15
CA ASN A 168 4.71 45.68 -3.92
C ASN A 168 5.79 46.42 -3.11
N CYS A 169 7.06 46.06 -3.33
CA CYS A 169 8.14 46.79 -2.67
C CYS A 169 8.51 48.03 -3.47
N LEU A 170 8.63 47.88 -4.78
CA LEU A 170 9.12 48.94 -5.64
C LEU A 170 8.12 50.07 -5.80
N ALA A 171 6.87 49.71 -6.04
CA ALA A 171 5.85 50.70 -6.38
C ALA A 171 5.60 51.77 -5.31
N PRO A 172 5.53 51.38 -4.02
CA PRO A 172 5.34 52.47 -3.04
C PRO A 172 6.54 53.43 -2.99
N LEU A 173 7.76 52.91 -3.11
CA LEU A 173 8.94 53.77 -3.12
C LEU A 173 9.02 54.60 -4.39
N ALA A 174 8.79 53.96 -5.53
CA ALA A 174 8.80 54.65 -6.81
C ALA A 174 7.74 55.75 -6.82
N LYS A 175 6.56 55.46 -6.31
CA LYS A 175 5.49 56.48 -6.25
C LYS A 175 5.96 57.69 -5.43
N VAL A 176 6.56 57.44 -4.27
CA VAL A 176 7.00 58.55 -3.42
C VAL A 176 8.05 59.41 -4.13
N ILE A 177 9.03 58.76 -4.74
CA ILE A 177 10.11 59.46 -5.42
C ILE A 177 9.60 60.18 -6.66
N HIS A 178 8.74 59.52 -7.42
CA HIS A 178 8.21 60.12 -8.64
C HIS A 178 7.35 61.34 -8.32
N ASP A 179 6.48 61.21 -7.33
CA ASP A 179 5.64 62.33 -6.91
C ASP A 179 6.46 63.52 -6.50
N LYS A 180 7.57 63.27 -5.80
CA LYS A 180 8.32 64.38 -5.25
C LYS A 180 9.35 64.95 -6.23
N PHE A 181 10.01 64.09 -6.99
CA PHE A 181 11.13 64.55 -7.81
C PHE A 181 10.95 64.27 -9.31
N GLY A 182 10.09 63.32 -9.64
CA GLY A 182 9.91 62.91 -11.02
C GLY A 182 11.01 61.97 -11.47
N ILE A 183 10.64 60.72 -11.75
CA ILE A 183 11.58 59.74 -12.26
C ILE A 183 11.50 59.70 -13.78
N ILE A 184 12.57 60.12 -14.44
CA ILE A 184 12.66 60.11 -15.90
C ILE A 184 12.79 58.69 -16.39
N GLU A 185 13.68 57.96 -15.73
CA GLU A 185 13.89 56.55 -16.05
C GLU A 185 14.64 55.90 -14.89
N GLY A 186 14.46 54.60 -14.73
CA GLY A 186 15.07 53.92 -13.61
C GLY A 186 15.30 52.49 -13.92
N LEU A 187 16.34 51.93 -13.31
CA LEU A 187 16.64 50.52 -13.46
C LEU A 187 16.73 49.84 -12.10
N MET A 188 16.07 48.69 -11.98
CA MET A 188 15.95 47.98 -10.72
C MET A 188 16.66 46.64 -10.73
N THR A 189 17.35 46.34 -9.63
CA THR A 189 17.79 44.99 -9.32
C THR A 189 17.18 44.59 -8.00
N THR A 190 16.64 43.38 -7.93
CA THR A 190 16.24 42.85 -6.64
C THR A 190 17.10 41.65 -6.27
N VAL A 191 17.69 41.69 -5.09
CA VAL A 191 18.40 40.52 -4.58
C VAL A 191 17.39 39.72 -3.78
N HIS A 192 17.02 38.56 -4.31
CA HIS A 192 15.79 37.88 -3.87
C HIS A 192 16.11 36.54 -3.21
N ALA A 193 15.43 36.27 -2.10
CA ALA A 193 15.57 34.98 -1.43
C ALA A 193 15.04 33.84 -2.31
N THR A 194 15.52 32.63 -2.02
CA THR A 194 15.05 31.41 -2.65
C THR A 194 13.55 31.22 -2.50
N THR A 195 12.89 30.69 -3.52
CA THR A 195 11.46 30.36 -3.42
C THR A 195 11.19 28.89 -3.78
N ALA A 196 9.94 28.49 -3.67
CA ALA A 196 9.55 27.09 -3.88
C ALA A 196 9.67 26.63 -5.34
N THR A 197 9.81 27.56 -6.28
CA THR A 197 9.95 27.19 -7.69
C THR A 197 11.39 26.75 -7.98
N GLN A 198 12.32 27.03 -7.07
CA GLN A 198 13.72 26.66 -7.28
C GLN A 198 14.02 25.21 -6.84
N LYS A 199 15.27 24.78 -7.06
CA LYS A 199 15.70 23.40 -6.79
C LYS A 199 16.83 23.31 -5.77
N THR A 200 16.86 22.22 -4.99
CA THR A 200 17.89 22.02 -3.98
C THR A 200 19.25 21.65 -4.59
N VAL A 201 19.25 20.87 -5.67
CA VAL A 201 20.46 20.58 -6.46
C VAL A 201 20.09 20.71 -7.94
N ASP A 202 21.07 20.86 -8.84
CA ASP A 202 20.79 21.10 -10.27
C ASP A 202 19.69 20.17 -10.79
N GLY A 203 18.53 20.72 -11.16
CA GLY A 203 17.42 19.91 -11.65
C GLY A 203 16.63 20.56 -12.77
N PRO A 204 15.59 19.88 -13.27
CA PRO A 204 14.84 20.31 -14.45
C PRO A 204 14.02 21.57 -14.24
N SER A 205 14.24 22.56 -15.09
CA SER A 205 13.50 23.81 -15.06
C SER A 205 13.38 24.27 -16.51
N GLY A 206 12.66 23.48 -17.30
CA GLY A 206 12.67 23.58 -18.75
C GLY A 206 12.42 24.92 -19.39
N LYS A 207 11.55 25.72 -18.79
CA LYS A 207 11.22 27.02 -19.34
C LYS A 207 12.28 28.05 -18.96
N LEU A 208 12.96 27.81 -17.84
CA LEU A 208 13.92 28.77 -17.28
C LEU A 208 15.17 28.05 -16.75
N TRP A 209 16.18 27.84 -17.61
CA TRP A 209 17.28 26.94 -17.25
C TRP A 209 18.05 27.34 -15.98
N ARG A 210 18.28 28.63 -15.79
CA ARG A 210 19.07 29.09 -14.65
C ARG A 210 18.34 28.80 -13.35
N ASP A 211 17.00 28.83 -13.40
CA ASP A 211 16.22 28.60 -12.18
C ASP A 211 16.30 27.16 -11.67
N GLY A 212 16.81 26.25 -12.48
CA GLY A 212 16.95 24.86 -12.07
C GLY A 212 18.23 24.57 -11.30
N ARG A 213 19.19 25.49 -11.36
CA ARG A 213 20.47 25.24 -10.72
C ARG A 213 20.32 25.31 -9.21
N GLY A 214 21.07 24.47 -8.52
CA GLY A 214 20.99 24.34 -7.07
C GLY A 214 20.94 25.67 -6.34
N ALA A 215 19.83 25.92 -5.66
CA ALA A 215 19.61 27.22 -5.06
C ALA A 215 20.65 27.52 -3.96
N GLY A 216 20.98 26.53 -3.15
CA GLY A 216 21.90 26.77 -2.04
C GLY A 216 23.34 27.08 -2.44
N GLN A 217 23.74 26.70 -3.66
CA GLN A 217 25.11 26.90 -4.14
C GLN A 217 25.33 28.19 -4.90
N ASN A 218 24.26 28.77 -5.44
CA ASN A 218 24.44 29.75 -6.50
C ASN A 218 23.86 31.13 -6.27
N ILE A 219 24.53 32.11 -6.85
CA ILE A 219 23.89 33.37 -7.17
C ILE A 219 23.28 33.17 -8.54
N ILE A 220 21.98 33.42 -8.70
CA ILE A 220 21.28 33.10 -9.95
C ILE A 220 20.60 34.29 -10.59
N PRO A 221 21.10 34.72 -11.78
CA PRO A 221 20.46 35.79 -12.57
C PRO A 221 19.06 35.40 -13.01
N ALA A 222 18.09 36.31 -12.90
CA ALA A 222 16.72 35.98 -13.33
C ALA A 222 15.94 37.19 -13.86
N SER A 223 15.06 36.94 -14.83
CA SER A 223 14.21 38.00 -15.35
C SER A 223 12.93 38.11 -14.52
N THR A 224 12.45 39.33 -14.35
CA THR A 224 11.22 39.61 -13.63
C THR A 224 10.55 40.79 -14.33
N GLY A 225 9.22 40.81 -14.35
CA GLY A 225 8.51 41.92 -14.97
C GLY A 225 8.10 42.91 -13.90
N ALA A 226 8.69 42.76 -12.71
CA ALA A 226 8.24 43.52 -11.54
C ALA A 226 8.41 45.01 -11.70
N ALA A 227 9.53 45.43 -12.28
CA ALA A 227 9.79 46.85 -12.46
C ALA A 227 8.89 47.40 -13.55
N LYS A 228 8.77 46.65 -14.65
CA LYS A 228 7.89 47.03 -15.73
C LYS A 228 6.45 47.15 -15.23
N ALA A 229 6.04 46.21 -14.37
CA ALA A 229 4.67 46.19 -13.83
C ALA A 229 4.35 47.42 -12.99
N VAL A 230 5.38 48.09 -12.49
CA VAL A 230 5.18 49.33 -11.75
C VAL A 230 4.53 50.38 -12.66
N GLY A 231 4.80 50.28 -13.95
CA GLY A 231 4.18 51.16 -14.94
C GLY A 231 2.70 50.87 -15.14
N LYS A 232 2.25 49.71 -14.66
CA LYS A 232 0.84 49.34 -14.73
C LYS A 232 0.06 49.82 -13.49
N VAL A 233 0.72 49.86 -12.34
CA VAL A 233 0.09 50.42 -11.14
C VAL A 233 0.42 51.90 -10.98
N ILE A 234 1.50 52.35 -11.63
CA ILE A 234 1.78 53.77 -11.73
C ILE A 234 1.94 54.15 -13.22
N PRO A 235 0.81 54.44 -13.90
CA PRO A 235 0.73 54.66 -15.35
C PRO A 235 1.73 55.66 -15.91
N ASP A 236 2.00 56.74 -15.18
CA ASP A 236 2.94 57.76 -15.65
C ASP A 236 4.37 57.24 -15.81
N LEU A 237 4.67 56.08 -15.22
CA LEU A 237 6.01 55.49 -15.32
C LEU A 237 6.07 54.32 -16.29
N ASN A 238 5.01 54.10 -17.05
CA ASN A 238 5.02 53.05 -18.06
C ASN A 238 6.13 53.30 -19.08
N GLY A 239 6.98 52.29 -19.29
CA GLY A 239 8.09 52.39 -20.21
C GLY A 239 9.30 53.10 -19.63
N LYS A 240 9.18 53.54 -18.37
CA LYS A 240 10.26 54.27 -17.73
C LYS A 240 11.02 53.41 -16.73
N LEU A 241 10.56 52.17 -16.53
CA LEU A 241 11.21 51.27 -15.58
C LEU A 241 11.27 49.84 -16.11
N THR A 242 12.40 49.18 -15.88
CA THR A 242 12.52 47.75 -16.09
C THR A 242 13.56 47.22 -15.11
N GLY A 243 13.77 45.91 -15.08
CA GLY A 243 14.70 45.35 -14.12
C GLY A 243 14.91 43.87 -14.23
N MET A 244 15.63 43.32 -13.26
CA MET A 244 15.90 41.89 -13.17
C MET A 244 16.20 41.49 -11.72
N ALA A 245 16.56 40.23 -11.53
CA ALA A 245 16.78 39.73 -10.18
C ALA A 245 18.06 38.90 -10.08
N PHE A 246 18.61 38.81 -8.88
CA PHE A 246 19.59 37.77 -8.54
C PHE A 246 19.00 36.96 -7.40
N ARG A 247 18.79 35.67 -7.63
CA ARG A 247 18.35 34.77 -6.57
C ARG A 247 19.54 34.31 -5.78
N VAL A 248 19.46 34.46 -4.45
CA VAL A 248 20.57 34.09 -3.58
C VAL A 248 20.11 33.13 -2.48
N PRO A 249 21.06 32.39 -1.86
CA PRO A 249 20.69 31.31 -0.93
C PRO A 249 20.24 31.75 0.47
N THR A 250 19.14 32.48 0.57
CA THR A 250 18.52 32.79 1.85
C THR A 250 17.09 32.29 1.75
N PRO A 251 16.50 31.91 2.89
CA PRO A 251 15.16 31.31 2.89
C PRO A 251 14.02 32.31 2.75
N ASP A 252 14.26 33.59 3.06
CA ASP A 252 13.22 34.62 3.03
C ASP A 252 13.84 36.00 3.22
N VAL A 253 13.09 37.02 2.78
CA VAL A 253 13.45 38.45 2.80
C VAL A 253 14.30 38.80 1.58
N SER A 254 13.93 39.88 0.91
CA SER A 254 14.61 40.29 -0.30
C SER A 254 14.84 41.79 -0.26
N VAL A 255 15.59 42.31 -1.23
CA VAL A 255 15.84 43.74 -1.24
C VAL A 255 15.83 44.28 -2.65
N VAL A 256 15.23 45.45 -2.78
CA VAL A 256 15.13 46.16 -4.03
C VAL A 256 16.22 47.20 -4.16
N ASP A 257 16.84 47.22 -5.32
CA ASP A 257 17.92 48.12 -5.63
C ASP A 257 17.48 48.91 -6.85
N LEU A 258 16.98 50.13 -6.65
CA LEU A 258 16.45 50.96 -7.73
C LEU A 258 17.43 52.06 -8.11
N THR A 259 17.94 52.01 -9.33
CA THR A 259 18.81 53.07 -9.82
C THR A 259 18.04 54.01 -10.75
N CYS A 260 17.86 55.26 -10.35
CA CYS A 260 17.01 56.12 -11.14
C CYS A 260 17.58 57.52 -11.36
N ARG A 261 17.14 58.13 -12.45
CA ARG A 261 17.44 59.51 -12.80
C ARG A 261 16.31 60.43 -12.36
N LEU A 262 16.63 61.49 -11.65
CA LEU A 262 15.58 62.36 -11.14
C LEU A 262 15.46 63.63 -11.96
N GLN A 263 14.22 64.08 -12.16
CA GLN A 263 13.97 65.31 -12.87
C GLN A 263 14.42 66.50 -12.02
N LYS A 264 13.84 66.62 -10.83
CA LYS A 264 14.20 67.69 -9.91
C LYS A 264 15.27 67.21 -8.96
N GLY A 265 16.40 67.90 -8.97
CA GLY A 265 17.54 67.50 -8.16
C GLY A 265 17.27 67.43 -6.67
N ALA A 266 17.90 66.48 -6.01
CA ALA A 266 17.66 66.29 -4.58
C ALA A 266 18.88 65.76 -3.87
N THR A 267 19.06 66.24 -2.65
CA THR A 267 20.05 65.71 -1.72
C THR A 267 19.53 64.43 -1.09
N MET A 268 20.40 63.67 -0.45
CA MET A 268 19.95 62.45 0.20
C MET A 268 19.07 62.82 1.39
N ASP A 269 19.36 63.95 2.02
CA ASP A 269 18.53 64.45 3.12
C ASP A 269 17.10 64.73 2.66
N GLU A 270 16.97 65.29 1.46
CA GLU A 270 15.66 65.57 0.89
C GLU A 270 14.91 64.28 0.54
N ILE A 271 15.65 63.31 0.03
CA ILE A 271 15.08 62.01 -0.31
C ILE A 271 14.57 61.30 0.95
N LYS A 272 15.41 61.25 1.98
CA LYS A 272 15.05 60.67 3.27
C LYS A 272 13.76 61.30 3.81
N ALA A 273 13.70 62.63 3.73
CA ALA A 273 12.56 63.40 4.23
C ALA A 273 11.27 63.05 3.49
N ALA A 274 11.35 62.88 2.18
CA ALA A 274 10.17 62.51 1.38
C ALA A 274 9.67 61.12 1.76
N VAL A 275 10.59 60.20 1.99
CA VAL A 275 10.21 58.83 2.35
C VAL A 275 9.61 58.78 3.75
N LYS A 276 10.27 59.44 4.70
CA LYS A 276 9.80 59.48 6.09
C LYS A 276 8.39 60.08 6.18
N GLU A 277 8.15 61.13 5.42
CA GLU A 277 6.84 61.76 5.41
C GLU A 277 5.77 60.79 4.93
N ALA A 278 6.08 60.05 3.87
CA ALA A 278 5.14 59.07 3.36
C ALA A 278 4.95 57.95 4.38
N ALA A 279 6.05 57.55 5.01
CA ALA A 279 6.03 56.45 5.95
C ALA A 279 5.21 56.80 7.18
N ASN A 280 5.31 58.05 7.61
CA ASN A 280 4.64 58.50 8.82
C ASN A 280 3.21 58.95 8.56
N GLY A 281 2.84 59.01 7.30
CA GLY A 281 1.54 59.54 6.94
C GLY A 281 0.69 58.61 6.09
N PRO A 282 0.48 58.98 4.82
CA PRO A 282 -0.46 58.28 3.93
C PRO A 282 -0.06 56.85 3.58
N MET A 283 1.21 56.49 3.79
CA MET A 283 1.68 55.16 3.42
C MET A 283 2.10 54.34 4.64
N LYS A 284 1.62 54.75 5.81
CA LYS A 284 1.90 54.05 7.05
C LYS A 284 1.47 52.60 6.92
N GLY A 285 2.33 51.68 7.35
CA GLY A 285 2.02 50.27 7.25
C GLY A 285 2.34 49.66 5.90
N ILE A 286 2.53 50.52 4.89
CA ILE A 286 2.89 50.06 3.55
C ILE A 286 4.37 50.30 3.34
N LEU A 287 4.76 51.56 3.47
CA LEU A 287 6.15 51.98 3.35
C LEU A 287 6.69 52.36 4.73
N GLU A 288 7.81 51.76 5.12
CA GLU A 288 8.46 52.11 6.38
C GLU A 288 9.85 52.68 6.09
N TYR A 289 10.36 53.43 7.04
CA TYR A 289 11.66 54.08 6.95
C TYR A 289 12.52 53.62 8.12
N THR A 290 13.77 53.26 7.83
CA THR A 290 14.73 52.99 8.89
C THR A 290 16.07 53.62 8.63
N GLU A 291 16.75 53.95 9.73
CA GLU A 291 18.11 54.46 9.70
C GLU A 291 19.06 53.53 10.43
N ASP A 292 18.60 52.33 10.77
CA ASP A 292 19.46 51.41 11.49
C ASP A 292 20.36 50.59 10.56
N GLN A 293 21.36 49.95 11.14
CA GLN A 293 22.31 49.13 10.39
C GLN A 293 21.77 47.71 10.21
N VAL A 294 20.71 47.60 9.40
CA VAL A 294 19.95 46.35 9.31
C VAL A 294 20.53 45.40 8.28
N VAL A 295 20.18 44.13 8.42
CA VAL A 295 20.46 43.13 7.41
C VAL A 295 19.16 42.38 7.18
N SER A 296 19.15 41.43 6.25
CA SER A 296 17.88 40.82 5.84
C SER A 296 17.09 40.18 6.96
N THR A 297 17.74 39.44 7.86
CA THR A 297 16.99 38.72 8.90
C THR A 297 16.24 39.66 9.81
N ASP A 298 16.65 40.93 9.84
CA ASP A 298 15.96 41.88 10.68
C ASP A 298 14.54 42.16 10.17
N PHE A 299 14.22 41.69 8.97
CA PHE A 299 12.88 41.88 8.42
C PHE A 299 12.06 40.61 8.28
N THR A 300 12.53 39.52 8.86
CA THR A 300 11.72 38.30 8.87
C THR A 300 10.46 38.57 9.69
N GLY A 301 9.30 38.45 9.06
CA GLY A 301 8.05 38.70 9.73
C GLY A 301 7.58 40.15 9.72
N ASP A 302 8.32 41.01 9.03
CA ASP A 302 7.92 42.39 8.89
C ASP A 302 6.66 42.48 8.02
N THR A 303 5.68 43.26 8.46
CA THR A 303 4.40 43.33 7.72
C THR A 303 4.35 44.40 6.62
N HIS A 304 5.38 45.24 6.51
CA HIS A 304 5.39 46.28 5.48
C HIS A 304 5.64 45.75 4.05
N SER A 305 5.22 46.53 3.06
CA SER A 305 5.49 46.20 1.67
C SER A 305 6.92 46.57 1.28
N SER A 306 7.46 47.56 1.98
CA SER A 306 8.72 48.14 1.56
C SER A 306 9.36 48.87 2.74
N ILE A 307 10.61 48.52 3.05
CA ILE A 307 11.32 49.23 4.10
C ILE A 307 12.55 49.92 3.54
N PHE A 308 12.45 51.24 3.42
CA PHE A 308 13.52 52.08 2.89
C PHE A 308 14.73 52.07 3.82
N ASP A 309 15.86 51.66 3.26
CA ASP A 309 17.10 51.57 4.02
C ASP A 309 17.89 52.85 3.76
N ALA A 310 17.68 53.86 4.60
CA ALA A 310 18.24 55.19 4.36
C ALA A 310 19.76 55.15 4.32
N LEU A 311 20.36 54.39 5.23
CA LEU A 311 21.82 54.37 5.36
C LEU A 311 22.48 53.63 4.21
N ALA A 312 21.75 52.74 3.54
CA ALA A 312 22.35 51.98 2.45
C ALA A 312 22.26 52.72 1.13
N CYS A 313 21.39 53.72 1.05
CA CYS A 313 21.26 54.48 -0.18
C CYS A 313 22.53 55.27 -0.51
N ILE A 314 22.77 55.49 -1.80
CA ILE A 314 23.89 56.32 -2.22
C ILE A 314 23.51 57.16 -3.45
N SER A 315 24.05 58.36 -3.53
CA SER A 315 23.84 59.19 -4.71
C SER A 315 25.18 59.51 -5.37
N LEU A 316 25.18 59.52 -6.70
CA LEU A 316 26.31 59.95 -7.48
C LEU A 316 26.29 61.48 -7.61
N ASN A 317 25.11 62.00 -7.95
CA ASN A 317 24.86 63.42 -8.05
C ASN A 317 23.37 63.66 -7.76
N PRO A 318 22.95 64.94 -7.60
CA PRO A 318 21.54 65.22 -7.26
C PRO A 318 20.49 64.63 -8.20
N ASN A 319 20.86 64.22 -9.41
CA ASN A 319 19.88 63.70 -10.35
C ASN A 319 20.06 62.21 -10.70
N PHE A 320 20.96 61.53 -10.00
CA PHE A 320 21.25 60.14 -10.28
C PHE A 320 21.55 59.36 -8.99
N VAL A 321 20.61 58.52 -8.58
CA VAL A 321 20.67 57.89 -7.25
C VAL A 321 20.36 56.40 -7.26
N LYS A 322 20.79 55.72 -6.20
CA LYS A 322 20.50 54.31 -6.00
C LYS A 322 19.77 54.16 -4.68
N LEU A 323 18.53 53.69 -4.75
CA LEU A 323 17.68 53.61 -3.57
C LEU A 323 17.44 52.15 -3.19
N ILE A 324 17.55 51.87 -1.89
CA ILE A 324 17.52 50.53 -1.35
C ILE A 324 16.33 50.31 -0.44
N ALA A 325 15.52 49.29 -0.75
CA ALA A 325 14.34 49.00 0.06
C ALA A 325 14.15 47.51 0.28
N TRP A 326 13.95 47.12 1.54
CA TRP A 326 13.77 45.72 1.94
C TRP A 326 12.32 45.27 1.88
N TYR A 327 12.13 43.95 1.79
CA TYR A 327 10.80 43.37 1.91
C TYR A 327 10.84 41.90 2.27
N ASP A 328 10.03 41.54 3.25
CA ASP A 328 9.77 40.14 3.51
C ASP A 328 8.84 39.65 2.40
N ASN A 329 9.40 39.00 1.39
CA ASN A 329 8.61 38.64 0.23
C ASN A 329 7.48 37.70 0.57
N GLU A 330 7.66 36.92 1.64
CA GLU A 330 6.59 36.05 2.10
C GLU A 330 5.54 36.80 2.93
N TYR A 331 5.97 37.41 4.03
CA TYR A 331 5.00 37.89 5.01
C TYR A 331 4.47 39.28 4.68
N GLY A 332 5.31 40.14 4.11
CA GLY A 332 4.84 41.45 3.67
C GLY A 332 3.73 41.33 2.64
N TYR A 333 4.00 40.57 1.59
CA TYR A 333 3.03 40.35 0.53
C TYR A 333 1.74 39.73 1.06
N SER A 334 1.88 38.78 1.97
CA SER A 334 0.73 38.10 2.54
C SER A 334 -0.18 39.05 3.31
N ASN A 335 0.43 39.97 4.05
CA ASN A 335 -0.32 40.99 4.73
C ASN A 335 -1.07 41.89 3.74
N ARG A 336 -0.48 42.15 2.57
CA ARG A 336 -1.15 42.99 1.54
C ARG A 336 -2.32 42.26 0.89
N VAL A 337 -2.25 40.94 0.76
CA VAL A 337 -3.39 40.17 0.24
C VAL A 337 -4.59 40.36 1.14
N VAL A 338 -4.36 40.23 2.45
CA VAL A 338 -5.42 40.42 3.43
C VAL A 338 -5.96 41.85 3.35
N ASP A 339 -5.04 42.83 3.33
CA ASP A 339 -5.43 44.23 3.19
C ASP A 339 -6.22 44.52 1.89
N LEU A 340 -5.83 43.87 0.78
CA LEU A 340 -6.52 44.10 -0.47
C LEU A 340 -7.96 43.58 -0.40
N ILE A 341 -8.15 42.42 0.24
CA ILE A 341 -9.48 41.86 0.44
C ILE A 341 -10.34 42.80 1.28
N SER A 342 -9.78 43.27 2.40
CA SER A 342 -10.46 44.24 3.26
C SER A 342 -10.84 45.48 2.47
N TYR A 343 -9.95 45.94 1.61
CA TYR A 343 -10.25 47.16 0.88
C TYR A 343 -11.42 46.96 -0.06
N ILE A 344 -11.36 45.93 -0.91
CA ILE A 344 -12.44 45.76 -1.91
C ILE A 344 -13.78 45.35 -1.30
N ALA A 345 -13.74 44.71 -0.15
CA ALA A 345 -14.97 44.34 0.55
C ALA A 345 -15.66 45.58 1.11
N SER A 346 -14.87 46.62 1.36
CA SER A 346 -15.40 47.88 1.88
C SER A 346 -15.92 48.72 0.74
N ARG A 347 -15.85 48.16 -0.47
CA ARG A 347 -16.27 48.89 -1.65
C ARG A 347 -17.66 48.51 -2.17
N SER B 10 -54.60 -33.34 28.99
CA SER B 10 -55.28 -32.63 27.90
C SER B 10 -54.58 -32.84 26.57
N LYS B 11 -53.56 -33.71 26.54
CA LYS B 11 -52.74 -33.86 25.34
C LYS B 11 -52.67 -35.30 24.85
N PRO B 12 -52.80 -35.49 23.53
CA PRO B 12 -52.67 -36.82 22.92
C PRO B 12 -51.27 -37.37 23.20
N LYS B 13 -51.14 -38.66 23.49
CA LYS B 13 -49.84 -39.24 23.77
C LYS B 13 -49.28 -39.96 22.54
N VAL B 14 -48.07 -39.57 22.16
CA VAL B 14 -47.50 -39.92 20.88
C VAL B 14 -46.18 -40.67 21.01
N GLY B 15 -46.02 -41.69 20.17
CA GLY B 15 -44.74 -42.38 20.00
C GLY B 15 -44.24 -42.19 18.57
N ILE B 16 -42.93 -42.14 18.41
CA ILE B 16 -42.33 -41.94 17.10
C ILE B 16 -41.42 -43.09 16.72
N ASN B 17 -41.75 -43.76 15.63
CA ASN B 17 -40.92 -44.83 15.14
C ASN B 17 -40.06 -44.29 14.02
N GLY B 18 -38.75 -44.34 14.24
CA GLY B 18 -37.80 -43.80 13.28
C GLY B 18 -37.44 -42.37 13.57
N PHE B 19 -36.29 -42.17 14.19
CA PHE B 19 -35.84 -40.85 14.61
C PHE B 19 -35.03 -40.17 13.52
N GLY B 20 -35.59 -40.08 12.30
CA GLY B 20 -34.87 -39.53 11.17
C GLY B 20 -35.15 -38.05 10.99
N ARG B 21 -35.05 -37.54 9.75
CA ARG B 21 -35.31 -36.10 9.53
C ARG B 21 -36.75 -35.80 9.98
N ILE B 22 -37.72 -36.60 9.55
CA ILE B 22 -39.12 -36.34 9.91
C ILE B 22 -39.40 -36.66 11.38
N GLY B 23 -38.98 -37.84 11.83
CA GLY B 23 -39.14 -38.18 13.24
C GLY B 23 -38.63 -37.11 14.23
N ARG B 24 -37.42 -36.63 14.00
CA ARG B 24 -36.85 -35.64 14.91
C ARG B 24 -37.57 -34.29 14.80
N LEU B 25 -37.90 -33.89 13.58
CA LEU B 25 -38.51 -32.58 13.36
C LEU B 25 -39.97 -32.60 13.77
N VAL B 26 -40.58 -33.79 13.73
CA VAL B 26 -41.91 -33.97 14.33
C VAL B 26 -41.80 -33.73 15.86
N LEU B 27 -40.75 -34.26 16.48
CA LEU B 27 -40.52 -33.98 17.91
C LEU B 27 -40.35 -32.49 18.17
N ARG B 28 -39.54 -31.82 17.36
CA ARG B 28 -39.36 -30.36 17.49
C ARG B 28 -40.68 -29.62 17.36
N ALA B 29 -41.45 -30.01 16.35
CA ALA B 29 -42.73 -29.35 16.10
C ALA B 29 -43.66 -29.61 17.24
N ALA B 30 -43.64 -30.84 17.75
CA ALA B 30 -44.46 -31.22 18.88
C ALA B 30 -44.08 -30.38 20.12
N VAL B 31 -42.80 -30.18 20.35
CA VAL B 31 -42.40 -29.40 21.52
C VAL B 31 -42.83 -27.93 21.38
N GLU B 32 -42.63 -27.37 20.19
CA GLU B 32 -42.98 -25.96 19.97
C GLU B 32 -44.47 -25.70 20.03
N LYS B 33 -45.25 -26.59 19.43
CA LYS B 33 -46.69 -26.36 19.38
C LYS B 33 -47.37 -26.72 20.68
N ASP B 34 -46.79 -27.68 21.40
CA ASP B 34 -47.31 -28.14 22.69
C ASP B 34 -48.78 -28.58 22.57
N THR B 35 -49.14 -29.21 21.45
CA THR B 35 -50.50 -29.71 21.29
C THR B 35 -50.55 -31.24 21.44
N VAL B 36 -49.39 -31.88 21.47
CA VAL B 36 -49.32 -33.31 21.71
C VAL B 36 -48.19 -33.60 22.69
N ASP B 37 -48.15 -34.83 23.21
CA ASP B 37 -47.11 -35.19 24.16
C ASP B 37 -46.36 -36.44 23.72
N VAL B 38 -45.11 -36.28 23.36
CA VAL B 38 -44.32 -37.42 22.93
C VAL B 38 -43.82 -38.13 24.16
N VAL B 39 -44.10 -39.43 24.22
CA VAL B 39 -43.79 -40.25 25.38
C VAL B 39 -42.84 -41.39 25.01
N ALA B 40 -42.62 -41.63 23.72
CA ALA B 40 -41.70 -42.68 23.31
C ALA B 40 -41.15 -42.50 21.89
N VAL B 41 -39.92 -42.96 21.72
CA VAL B 41 -39.24 -42.97 20.41
CA VAL B 41 -39.25 -42.98 20.41
C VAL B 41 -38.56 -44.32 20.20
N ASN B 42 -38.61 -44.85 18.98
CA ASN B 42 -37.89 -46.08 18.68
C ASN B 42 -37.04 -45.92 17.42
N ASP B 43 -35.78 -46.34 17.51
CA ASP B 43 -34.85 -46.36 16.36
C ASP B 43 -33.62 -47.24 16.67
N PRO B 44 -33.50 -48.37 15.96
CA PRO B 44 -32.44 -49.35 16.23
C PRO B 44 -31.07 -48.93 15.74
N PHE B 45 -30.97 -47.81 15.02
CA PHE B 45 -29.66 -47.35 14.56
C PHE B 45 -29.19 -46.14 15.34
N ILE B 46 -29.96 -45.75 16.37
CA ILE B 46 -29.62 -44.55 17.15
C ILE B 46 -29.84 -44.78 18.64
N ASN B 47 -28.75 -44.98 19.39
CA ASN B 47 -28.85 -45.17 20.84
C ASN B 47 -29.17 -43.84 21.50
N ILE B 48 -29.46 -43.86 22.79
CA ILE B 48 -30.01 -42.66 23.42
C ILE B 48 -29.05 -41.47 23.39
N ASP B 49 -27.74 -41.70 23.57
CA ASP B 49 -26.80 -40.59 23.54
C ASP B 49 -26.73 -39.99 22.14
N TYR B 50 -26.79 -40.86 21.13
CA TYR B 50 -26.80 -40.40 19.75
C TYR B 50 -28.11 -39.62 19.47
N MET B 51 -29.20 -40.05 20.06
CA MET B 51 -30.48 -39.33 19.86
C MET B 51 -30.37 -37.89 20.32
N VAL B 52 -29.75 -37.71 21.49
CA VAL B 52 -29.53 -36.39 22.05
C VAL B 52 -28.75 -35.52 21.07
N TYR B 53 -27.64 -36.08 20.56
CA TYR B 53 -26.80 -35.37 19.61
C TYR B 53 -27.55 -35.00 18.35
N MET B 54 -28.31 -35.94 17.81
CA MET B 54 -28.99 -35.69 16.53
C MET B 54 -30.13 -34.70 16.69
N PHE B 55 -30.75 -34.71 17.86
CA PHE B 55 -31.84 -33.78 18.12
C PHE B 55 -31.33 -32.38 18.42
N LYS B 56 -30.21 -32.31 19.13
CA LYS B 56 -29.59 -31.04 19.53
C LYS B 56 -29.07 -30.23 18.35
N TYR B 57 -28.28 -30.88 17.50
CA TYR B 57 -27.62 -30.22 16.38
C TYR B 57 -28.27 -30.61 15.07
N ASP B 58 -28.60 -29.61 14.26
CA ASP B 58 -29.24 -29.84 12.99
C ASP B 58 -28.65 -28.89 11.98
N SER B 59 -27.99 -29.42 10.96
CA SER B 59 -27.36 -28.57 9.94
C SER B 59 -28.37 -27.63 9.26
N THR B 60 -29.61 -28.08 9.11
CA THR B 60 -30.61 -27.31 8.38
C THR B 60 -31.38 -26.34 9.28
N HIS B 61 -31.76 -26.80 10.46
CA HIS B 61 -32.66 -26.01 11.30
C HIS B 61 -32.01 -25.40 12.54
N GLY B 62 -30.69 -25.53 12.68
CA GLY B 62 -29.96 -24.87 13.76
C GLY B 62 -30.11 -25.64 15.04
N ARG B 63 -29.48 -25.16 16.11
CA ARG B 63 -29.52 -25.88 17.39
C ARG B 63 -30.90 -25.86 17.99
N PHE B 64 -31.27 -26.97 18.62
CA PHE B 64 -32.54 -27.02 19.31
C PHE B 64 -32.65 -25.86 20.30
N LYS B 65 -33.73 -25.09 20.20
CA LYS B 65 -33.92 -23.93 21.08
C LYS B 65 -34.53 -24.40 22.40
N GLY B 66 -33.67 -24.87 23.28
CA GLY B 66 -34.12 -25.51 24.51
C GLY B 66 -33.04 -26.49 24.97
N SER B 67 -33.42 -27.44 25.82
CA SER B 67 -32.44 -28.39 26.35
C SER B 67 -32.85 -29.84 26.07
N VAL B 68 -31.87 -30.67 25.76
CA VAL B 68 -32.12 -32.09 25.52
C VAL B 68 -30.99 -32.90 26.15
N SER B 69 -31.35 -33.97 26.85
CA SER B 69 -30.34 -34.77 27.52
C SER B 69 -30.89 -36.16 27.79
N ALA B 70 -29.99 -37.02 28.22
CA ALA B 70 -30.37 -38.38 28.57
C ALA B 70 -30.23 -38.52 30.07
N GLU B 71 -31.31 -38.93 30.72
CA GLU B 71 -31.28 -39.14 32.16
C GLU B 71 -32.17 -40.31 32.47
N GLY B 72 -31.61 -41.30 33.17
CA GLY B 72 -32.34 -42.50 33.56
C GLY B 72 -32.76 -43.32 32.36
N GLY B 73 -31.97 -43.29 31.31
CA GLY B 73 -32.28 -44.04 30.10
C GLY B 73 -33.46 -43.48 29.33
N LYS B 74 -33.85 -42.25 29.65
CA LYS B 74 -34.91 -41.57 28.92
C LYS B 74 -34.42 -40.24 28.36
N LEU B 75 -35.01 -39.87 27.21
CA LEU B 75 -34.72 -38.61 26.55
C LEU B 75 -35.56 -37.53 27.19
N ILE B 76 -34.90 -36.51 27.70
CA ILE B 76 -35.60 -35.41 28.35
C ILE B 76 -35.52 -34.17 27.49
N VAL B 77 -36.68 -33.69 27.04
CA VAL B 77 -36.73 -32.56 26.13
C VAL B 77 -37.60 -31.42 26.64
N THR B 78 -37.00 -30.24 26.75
CA THR B 78 -37.73 -29.08 27.23
C THR B 78 -37.31 -27.81 26.49
N ASN B 79 -38.25 -26.88 26.33
CA ASN B 79 -37.97 -25.59 25.73
C ASN B 79 -38.22 -24.49 26.74
N GLY B 80 -38.15 -24.86 28.01
CA GLY B 80 -38.41 -23.94 29.10
C GLY B 80 -39.83 -24.04 29.59
N LYS B 81 -40.79 -23.90 28.68
CA LYS B 81 -42.20 -23.92 29.06
C LYS B 81 -42.63 -25.29 29.59
N THR B 82 -42.55 -26.32 28.75
CA THR B 82 -43.01 -27.66 29.11
C THR B 82 -41.84 -28.65 29.06
N THR B 83 -42.03 -29.84 29.64
CA THR B 83 -41.00 -30.86 29.65
C THR B 83 -41.53 -32.24 29.23
N HIS B 84 -40.86 -32.88 28.29
CA HIS B 84 -41.25 -34.20 27.82
C HIS B 84 -40.28 -35.26 28.30
N HIS B 85 -40.81 -36.31 28.91
CA HIS B 85 -40.00 -37.43 29.37
C HIS B 85 -40.25 -38.59 28.41
N ILE B 86 -39.23 -38.93 27.62
CA ILE B 86 -39.44 -39.82 26.49
C ILE B 86 -38.70 -41.14 26.62
N SER B 87 -39.45 -42.23 26.59
CA SER B 87 -38.88 -43.57 26.67
C SER B 87 -38.21 -43.94 25.36
N VAL B 88 -37.10 -44.66 25.45
CA VAL B 88 -36.30 -44.97 24.26
C VAL B 88 -36.22 -46.47 23.97
N HIS B 89 -36.50 -46.85 22.73
CA HIS B 89 -36.42 -48.25 22.33
C HIS B 89 -35.57 -48.40 21.08
N ASN B 90 -35.13 -49.62 20.80
CA ASN B 90 -34.22 -49.87 19.69
C ASN B 90 -34.59 -51.14 18.91
N SER B 91 -35.87 -51.31 18.61
CA SER B 91 -36.32 -52.51 17.92
C SER B 91 -36.33 -52.34 16.42
N LYS B 92 -35.85 -53.36 15.71
CA LYS B 92 -35.93 -53.37 14.26
C LYS B 92 -37.35 -53.81 13.90
N ASP B 93 -37.92 -54.67 14.74
CA ASP B 93 -39.28 -55.16 14.54
C ASP B 93 -40.27 -54.28 15.30
N PRO B 94 -41.08 -53.51 14.56
CA PRO B 94 -42.02 -52.56 15.16
C PRO B 94 -43.06 -53.24 16.03
N ALA B 95 -43.23 -54.53 15.83
CA ALA B 95 -44.18 -55.30 16.62
C ALA B 95 -43.71 -55.47 18.07
N GLU B 96 -42.41 -55.33 18.29
CA GLU B 96 -41.84 -55.52 19.64
C GLU B 96 -41.72 -54.22 20.46
N ILE B 97 -42.18 -53.11 19.89
CA ILE B 97 -42.15 -51.83 20.61
C ILE B 97 -43.34 -51.74 21.54
N PRO B 98 -43.08 -51.59 22.86
CA PRO B 98 -44.15 -51.60 23.86
C PRO B 98 -44.90 -50.28 24.01
N TRP B 99 -45.53 -49.80 22.93
CA TRP B 99 -46.21 -48.51 22.97
C TRP B 99 -47.26 -48.48 24.06
N GLY B 100 -47.92 -49.62 24.26
CA GLY B 100 -48.98 -49.73 25.26
C GLY B 100 -48.53 -49.43 26.67
N VAL B 101 -47.43 -50.05 27.09
CA VAL B 101 -46.85 -49.78 28.41
C VAL B 101 -46.48 -48.30 28.57
N ASP B 102 -45.91 -47.71 27.52
CA ASP B 102 -45.47 -46.31 27.57
C ASP B 102 -46.62 -45.33 27.48
N GLY B 103 -47.79 -45.80 27.08
CA GLY B 103 -48.93 -44.91 26.97
C GLY B 103 -49.00 -44.17 25.64
N ALA B 104 -48.28 -44.66 24.63
CA ALA B 104 -48.30 -44.05 23.32
C ALA B 104 -49.54 -44.48 22.54
N GLU B 105 -50.56 -43.64 22.55
CA GLU B 105 -51.80 -43.96 21.86
C GLU B 105 -51.68 -43.79 20.35
N TYR B 106 -51.00 -42.72 19.94
CA TYR B 106 -50.83 -42.40 18.54
C TYR B 106 -49.37 -42.60 18.14
N VAL B 107 -49.13 -43.38 17.09
CA VAL B 107 -47.76 -43.59 16.63
C VAL B 107 -47.50 -43.00 15.26
N VAL B 108 -46.48 -42.15 15.21
CA VAL B 108 -45.94 -41.63 13.96
C VAL B 108 -44.97 -42.64 13.38
N GLU B 109 -45.33 -43.18 12.22
CA GLU B 109 -44.52 -44.19 11.54
C GLU B 109 -43.65 -43.52 10.50
N SER B 110 -42.41 -43.21 10.87
CA SER B 110 -41.58 -42.39 9.99
C SER B 110 -40.26 -43.03 9.62
N THR B 111 -40.24 -44.35 9.48
CA THR B 111 -39.01 -45.02 9.08
C THR B 111 -38.81 -45.06 7.59
N GLY B 112 -39.91 -44.96 6.83
CA GLY B 112 -39.80 -45.06 5.38
C GLY B 112 -39.84 -46.48 4.86
N VAL B 113 -39.97 -47.46 5.77
CA VAL B 113 -40.02 -48.86 5.34
C VAL B 113 -41.25 -49.61 5.86
N PHE B 114 -42.19 -48.92 6.50
CA PHE B 114 -43.43 -49.58 6.91
C PHE B 114 -44.61 -48.76 6.43
N THR B 115 -44.67 -48.51 5.13
CA THR B 115 -45.67 -47.59 4.58
C THR B 115 -46.95 -48.29 4.15
N THR B 116 -46.96 -49.62 4.13
CA THR B 116 -48.22 -50.31 3.84
C THR B 116 -49.02 -50.51 5.13
N THR B 117 -50.31 -50.80 4.99
CA THR B 117 -51.18 -50.98 6.13
C THR B 117 -50.77 -52.21 6.94
N ASP B 118 -50.37 -53.27 6.25
CA ASP B 118 -49.97 -54.49 6.94
C ASP B 118 -48.73 -54.34 7.80
N LYS B 119 -47.74 -53.63 7.28
CA LYS B 119 -46.50 -53.41 8.00
C LYS B 119 -46.74 -52.45 9.16
N ALA B 120 -47.50 -51.40 8.91
CA ALA B 120 -47.75 -50.38 9.94
C ALA B 120 -48.65 -50.90 11.05
N SER B 121 -49.49 -51.89 10.73
CA SER B 121 -50.42 -52.42 11.71
CA SER B 121 -50.43 -52.41 11.72
C SER B 121 -49.69 -53.07 12.88
N ALA B 122 -48.42 -53.36 12.68
CA ALA B 122 -47.59 -53.96 13.71
C ALA B 122 -47.55 -53.13 15.00
N HIS B 123 -47.73 -51.81 14.89
CA HIS B 123 -47.73 -50.94 16.08
C HIS B 123 -48.93 -51.19 16.97
N LEU B 124 -50.03 -51.68 16.38
CA LEU B 124 -51.24 -51.91 17.15
C LEU B 124 -51.05 -53.09 18.10
N LYS B 125 -50.24 -54.05 17.67
CA LYS B 125 -49.94 -55.22 18.47
C LYS B 125 -49.16 -54.80 19.71
N GLY B 126 -48.48 -53.67 19.61
CA GLY B 126 -47.71 -53.15 20.72
C GLY B 126 -48.55 -52.30 21.66
N GLY B 127 -49.80 -52.04 21.29
CA GLY B 127 -50.71 -51.33 22.17
C GLY B 127 -51.06 -49.93 21.72
N ALA B 128 -50.60 -49.55 20.52
CA ALA B 128 -51.00 -48.28 19.96
C ALA B 128 -52.43 -48.41 19.44
N LYS B 129 -53.16 -47.31 19.42
CA LYS B 129 -54.55 -47.30 18.93
C LYS B 129 -54.58 -46.79 17.51
N LYS B 130 -53.80 -45.75 17.26
CA LYS B 130 -53.77 -45.11 15.95
C LYS B 130 -52.36 -45.01 15.42
N VAL B 131 -52.20 -45.20 14.10
CA VAL B 131 -50.91 -45.09 13.45
C VAL B 131 -51.01 -44.09 12.30
N ILE B 132 -50.11 -43.12 12.29
CA ILE B 132 -49.99 -42.14 11.21
C ILE B 132 -48.71 -42.37 10.44
N ILE B 133 -48.84 -42.87 9.20
CA ILE B 133 -47.69 -43.08 8.34
C ILE B 133 -47.26 -41.75 7.77
N SER B 134 -46.00 -41.39 7.98
CA SER B 134 -45.47 -40.08 7.59
C SER B 134 -45.03 -40.09 6.14
N ALA B 135 -45.84 -40.73 5.31
CA ALA B 135 -45.49 -40.97 3.92
C ALA B 135 -46.74 -41.38 3.16
N PRO B 136 -46.68 -41.31 1.81
CA PRO B 136 -47.78 -41.91 1.05
C PRO B 136 -47.85 -43.39 1.36
N SER B 137 -49.06 -43.96 1.29
CA SER B 137 -49.27 -45.39 1.46
C SER B 137 -49.94 -45.98 0.23
N ALA B 138 -49.54 -47.20 -0.11
CA ALA B 138 -50.18 -47.90 -1.21
C ALA B 138 -51.65 -48.21 -0.91
N ASP B 139 -51.98 -48.46 0.36
CA ASP B 139 -53.33 -48.88 0.72
C ASP B 139 -53.96 -48.16 1.92
N ALA B 140 -53.18 -47.52 2.78
CA ALA B 140 -53.79 -46.72 3.84
C ALA B 140 -54.37 -45.40 3.31
N PRO B 141 -55.54 -44.99 3.81
CA PRO B 141 -56.12 -43.72 3.35
C PRO B 141 -55.27 -42.51 3.72
N MET B 142 -55.21 -41.53 2.81
CA MET B 142 -54.34 -40.39 2.96
C MET B 142 -55.16 -39.15 3.33
N PHE B 143 -54.57 -38.32 4.17
CA PHE B 143 -55.22 -37.10 4.61
C PHE B 143 -54.31 -35.92 4.48
N VAL B 144 -54.91 -34.78 4.15
CA VAL B 144 -54.18 -33.52 4.07
C VAL B 144 -54.94 -32.47 4.84
N MET B 145 -54.30 -31.94 5.89
CA MET B 145 -54.95 -30.95 6.73
C MET B 145 -55.33 -29.74 5.88
N GLY B 146 -56.55 -29.26 6.11
CA GLY B 146 -57.07 -28.11 5.38
C GLY B 146 -57.74 -28.52 4.07
N VAL B 147 -57.67 -29.79 3.70
CA VAL B 147 -58.26 -30.19 2.42
C VAL B 147 -59.28 -31.31 2.60
N ASN B 148 -58.90 -32.44 3.23
CA ASN B 148 -59.86 -33.53 3.43
C ASN B 148 -59.82 -34.18 4.81
N ASN B 149 -59.22 -33.52 5.80
CA ASN B 149 -59.12 -34.15 7.11
C ASN B 149 -60.48 -34.29 7.78
N ASP B 150 -61.47 -33.50 7.39
CA ASP B 150 -62.79 -33.68 8.00
C ASP B 150 -63.46 -34.95 7.52
N THR B 151 -62.88 -35.64 6.54
CA THR B 151 -63.47 -36.92 6.12
C THR B 151 -62.93 -38.09 6.95
N TYR B 152 -62.04 -37.79 7.90
CA TYR B 152 -61.51 -38.79 8.79
C TYR B 152 -62.62 -39.47 9.58
N ASP B 153 -62.56 -40.79 9.69
CA ASP B 153 -63.60 -41.53 10.40
C ASP B 153 -63.03 -42.34 11.55
N LYS B 154 -63.27 -41.86 12.77
CA LYS B 154 -62.69 -42.42 13.99
C LYS B 154 -62.98 -43.92 14.19
N ALA B 155 -64.20 -44.34 13.86
CA ALA B 155 -64.60 -45.73 14.06
C ALA B 155 -63.87 -46.69 13.12
N ASN B 156 -63.48 -46.22 11.94
CA ASN B 156 -62.91 -47.11 10.91
C ASN B 156 -61.49 -46.78 10.44
N ASN B 157 -61.00 -45.58 10.69
CA ASN B 157 -59.65 -45.24 10.24
C ASN B 157 -58.64 -45.35 11.39
N HIS B 158 -57.92 -46.47 11.46
CA HIS B 158 -56.98 -46.67 12.56
C HIS B 158 -55.53 -46.59 12.08
N ILE B 159 -55.33 -46.92 10.80
CA ILE B 159 -54.03 -46.76 10.14
C ILE B 159 -54.18 -45.75 9.00
N ILE B 160 -53.56 -44.59 9.14
CA ILE B 160 -53.73 -43.55 8.13
C ILE B 160 -52.42 -42.95 7.64
N SER B 161 -52.50 -42.17 6.56
CA SER B 161 -51.34 -41.55 5.96
C SER B 161 -51.48 -40.05 5.89
N ASN B 162 -50.40 -39.34 6.19
CA ASN B 162 -50.40 -37.89 6.07
C ASN B 162 -49.93 -37.47 4.68
N ALA B 163 -49.97 -38.42 3.74
CA ALA B 163 -49.54 -38.17 2.36
C ALA B 163 -48.08 -37.73 2.31
N SER B 164 -47.72 -37.00 1.26
CA SER B 164 -46.32 -36.55 1.10
C SER B 164 -46.19 -35.06 1.30
N CYS B 165 -44.95 -34.60 1.45
CA CYS B 165 -44.64 -33.18 1.53
C CYS B 165 -45.19 -32.48 0.29
N THR B 166 -44.95 -33.06 -0.88
CA THR B 166 -45.37 -32.42 -2.13
C THR B 166 -46.92 -32.34 -2.25
N THR B 167 -47.60 -33.41 -1.87
CA THR B 167 -49.07 -33.42 -1.88
C THR B 167 -49.65 -32.41 -0.88
N ASN B 168 -49.04 -32.30 0.29
CA ASN B 168 -49.47 -31.29 1.26
C ASN B 168 -49.25 -29.88 0.76
N CYS B 169 -48.34 -29.71 -0.19
CA CYS B 169 -48.13 -28.39 -0.80
C CYS B 169 -49.12 -28.10 -1.94
N LEU B 170 -49.30 -29.09 -2.81
CA LEU B 170 -50.12 -28.91 -4.01
C LEU B 170 -51.61 -28.88 -3.69
N ALA B 171 -52.07 -29.82 -2.88
CA ALA B 171 -53.52 -29.99 -2.67
C ALA B 171 -54.25 -28.77 -2.10
N PRO B 172 -53.69 -28.06 -1.09
CA PRO B 172 -54.37 -26.85 -0.61
C PRO B 172 -54.46 -25.78 -1.71
N LEU B 173 -53.42 -25.65 -2.51
CA LEU B 173 -53.45 -24.72 -3.64
C LEU B 173 -54.45 -25.17 -4.72
N ALA B 174 -54.42 -26.46 -5.07
CA ALA B 174 -55.32 -27.03 -6.05
C ALA B 174 -56.77 -26.85 -5.62
N LYS B 175 -57.04 -27.07 -4.34
CA LYS B 175 -58.38 -26.89 -3.79
C LYS B 175 -58.90 -25.47 -4.01
N VAL B 176 -58.06 -24.50 -3.71
CA VAL B 176 -58.44 -23.10 -3.84
C VAL B 176 -58.74 -22.77 -5.30
N ILE B 177 -57.87 -23.21 -6.20
CA ILE B 177 -58.03 -22.89 -7.61
C ILE B 177 -59.21 -23.65 -8.19
N HIS B 178 -59.33 -24.92 -7.83
CA HIS B 178 -60.41 -25.73 -8.36
C HIS B 178 -61.77 -25.21 -7.86
N ASP B 179 -61.88 -24.90 -6.57
CA ASP B 179 -63.13 -24.37 -6.04
C ASP B 179 -63.55 -23.05 -6.69
N LYS B 180 -62.58 -22.17 -6.94
CA LYS B 180 -62.89 -20.82 -7.43
C LYS B 180 -63.02 -20.75 -8.94
N PHE B 181 -62.12 -21.43 -9.65
CA PHE B 181 -62.09 -21.29 -11.09
C PHE B 181 -62.34 -22.60 -11.84
N GLY B 182 -62.14 -23.72 -11.17
CA GLY B 182 -62.30 -25.02 -11.82
C GLY B 182 -61.06 -25.40 -12.61
N ILE B 183 -60.40 -26.46 -12.20
CA ILE B 183 -59.24 -26.96 -12.93
C ILE B 183 -59.66 -28.10 -13.87
N ILE B 184 -59.55 -27.85 -15.18
CA ILE B 184 -59.85 -28.85 -16.19
C ILE B 184 -58.76 -29.89 -16.19
N GLU B 185 -57.52 -29.44 -16.20
CA GLU B 185 -56.40 -30.36 -16.17
C GLU B 185 -55.16 -29.62 -15.77
N GLY B 186 -54.18 -30.36 -15.23
CA GLY B 186 -52.94 -29.76 -14.79
C GLY B 186 -51.75 -30.72 -14.78
N LEU B 187 -50.57 -30.15 -15.02
CA LEU B 187 -49.32 -30.89 -14.93
C LEU B 187 -48.42 -30.16 -13.95
N MET B 188 -47.82 -30.92 -13.05
CA MET B 188 -47.00 -30.39 -11.98
C MET B 188 -45.53 -30.80 -12.12
N THR B 189 -44.64 -29.85 -11.86
CA THR B 189 -43.25 -30.17 -11.65
C THR B 189 -42.92 -29.73 -10.23
N THR B 190 -42.22 -30.55 -9.46
CA THR B 190 -41.67 -30.02 -8.20
C THR B 190 -40.15 -29.98 -8.27
N VAL B 191 -39.58 -28.79 -8.05
CA VAL B 191 -38.15 -28.63 -7.96
C VAL B 191 -37.81 -28.86 -6.49
N HIS B 192 -37.18 -29.99 -6.22
CA HIS B 192 -37.14 -30.53 -4.85
C HIS B 192 -35.75 -30.63 -4.26
N ALA B 193 -35.64 -30.26 -2.98
CA ALA B 193 -34.36 -30.39 -2.28
C ALA B 193 -33.95 -31.87 -2.15
N THR B 194 -32.65 -32.09 -2.00
CA THR B 194 -32.06 -33.39 -1.70
C THR B 194 -32.64 -34.02 -0.43
N THR B 195 -32.78 -35.34 -0.45
CA THR B 195 -33.22 -36.09 0.71
C THR B 195 -32.25 -37.20 1.07
N ALA B 196 -32.54 -37.91 2.16
CA ALA B 196 -31.68 -38.98 2.65
C ALA B 196 -31.60 -40.22 1.77
N THR B 197 -32.53 -40.41 0.83
CA THR B 197 -32.45 -41.56 -0.08
C THR B 197 -31.41 -41.35 -1.18
N GLN B 198 -30.97 -40.11 -1.36
CA GLN B 198 -29.99 -39.83 -2.41
C GLN B 198 -28.53 -40.11 -1.97
N LYS B 199 -27.59 -39.97 -2.91
CA LYS B 199 -26.19 -40.32 -2.68
C LYS B 199 -25.28 -39.10 -2.83
N THR B 200 -24.19 -39.08 -2.07
CA THR B 200 -23.22 -37.96 -2.10
C THR B 200 -22.40 -37.95 -3.37
N VAL B 201 -22.08 -39.15 -3.84
CA VAL B 201 -21.37 -39.37 -5.12
C VAL B 201 -22.03 -40.55 -5.82
N ASP B 202 -21.82 -40.70 -7.13
CA ASP B 202 -22.45 -41.77 -7.91
C ASP B 202 -22.38 -43.13 -7.23
N GLY B 203 -23.52 -43.65 -6.79
CA GLY B 203 -23.57 -44.93 -6.11
C GLY B 203 -24.84 -45.70 -6.40
N PRO B 204 -24.95 -46.91 -5.85
CA PRO B 204 -26.05 -47.83 -6.19
C PRO B 204 -27.43 -47.39 -5.71
N SER B 205 -28.33 -47.37 -6.67
CA SER B 205 -29.74 -47.11 -6.44
C SER B 205 -30.48 -47.94 -7.48
N GLY B 206 -30.35 -49.26 -7.34
CA GLY B 206 -30.73 -50.23 -8.36
C GLY B 206 -32.14 -50.10 -8.88
N LYS B 207 -33.03 -49.66 -8.02
CA LYS B 207 -34.43 -49.52 -8.39
C LYS B 207 -34.67 -48.23 -9.17
N LEU B 208 -33.85 -47.20 -8.91
CA LEU B 208 -34.03 -45.89 -9.55
C LEU B 208 -32.68 -45.29 -9.93
N TRP B 209 -32.21 -45.59 -11.14
CA TRP B 209 -30.82 -45.29 -11.50
C TRP B 209 -30.41 -43.83 -11.37
N ARG B 210 -31.29 -42.92 -11.74
CA ARG B 210 -30.93 -41.51 -11.73
C ARG B 210 -30.72 -41.05 -10.29
N ASP B 211 -31.46 -41.62 -9.35
CA ASP B 211 -31.35 -41.23 -7.93
C ASP B 211 -30.02 -41.63 -7.28
N GLY B 212 -29.25 -42.49 -7.95
CA GLY B 212 -27.97 -42.90 -7.42
C GLY B 212 -26.86 -41.92 -7.73
N ARG B 213 -27.10 -41.03 -8.69
CA ARG B 213 -26.09 -40.08 -9.15
C ARG B 213 -25.86 -39.00 -8.12
N GLY B 214 -24.60 -38.58 -8.00
CA GLY B 214 -24.18 -37.63 -6.96
C GLY B 214 -25.11 -36.45 -6.80
N ALA B 215 -25.74 -36.32 -5.63
CA ALA B 215 -26.77 -35.31 -5.45
C ALA B 215 -26.26 -33.88 -5.60
N GLY B 216 -25.08 -33.59 -5.06
CA GLY B 216 -24.53 -32.25 -5.09
C GLY B 216 -24.13 -31.74 -6.47
N GLN B 217 -23.87 -32.67 -7.38
CA GLN B 217 -23.43 -32.32 -8.72
C GLN B 217 -24.56 -32.13 -9.73
N ASN B 218 -25.73 -32.70 -9.46
CA ASN B 218 -26.72 -32.90 -10.53
C ASN B 218 -28.10 -32.31 -10.32
N ILE B 219 -28.72 -31.93 -11.44
CA ILE B 219 -30.17 -31.84 -11.54
C ILE B 219 -30.61 -33.24 -11.94
N ILE B 220 -31.52 -33.83 -11.18
CA ILE B 220 -31.95 -35.23 -11.36
C ILE B 220 -33.45 -35.37 -11.56
N PRO B 221 -33.89 -35.74 -12.77
CA PRO B 221 -35.32 -36.03 -13.02
C PRO B 221 -35.76 -37.21 -12.18
N ALA B 222 -36.92 -37.11 -11.59
CA ALA B 222 -37.42 -38.18 -10.76
C ALA B 222 -38.94 -38.26 -10.85
N SER B 223 -39.48 -39.47 -10.69
CA SER B 223 -40.92 -39.68 -10.72
C SER B 223 -41.53 -39.40 -9.35
N THR B 224 -42.76 -38.90 -9.35
CA THR B 224 -43.49 -38.70 -8.11
C THR B 224 -44.99 -38.92 -8.34
N GLY B 225 -45.68 -39.49 -7.35
CA GLY B 225 -47.10 -39.72 -7.42
C GLY B 225 -47.91 -38.62 -6.75
N ALA B 226 -47.24 -37.51 -6.43
CA ALA B 226 -47.88 -36.47 -5.63
C ALA B 226 -49.08 -35.79 -6.30
N ALA B 227 -48.98 -35.48 -7.59
CA ALA B 227 -50.09 -34.79 -8.25
C ALA B 227 -51.28 -35.71 -8.42
N LYS B 228 -51.03 -36.95 -8.83
CA LYS B 228 -52.11 -37.93 -8.91
C LYS B 228 -52.75 -38.10 -7.55
N ALA B 229 -51.94 -38.10 -6.48
CA ALA B 229 -52.46 -38.26 -5.14
C ALA B 229 -53.45 -37.16 -4.74
N VAL B 230 -53.32 -35.99 -5.35
CA VAL B 230 -54.25 -34.91 -5.11
C VAL B 230 -55.64 -35.28 -5.60
N GLY B 231 -55.69 -36.11 -6.64
CA GLY B 231 -56.93 -36.63 -7.18
C GLY B 231 -57.63 -37.63 -6.27
N LYS B 232 -56.93 -38.13 -5.25
CA LYS B 232 -57.55 -39.00 -4.25
C LYS B 232 -58.04 -38.15 -3.06
N VAL B 233 -57.26 -37.14 -2.68
CA VAL B 233 -57.66 -36.28 -1.56
CA VAL B 233 -57.59 -36.22 -1.59
C VAL B 233 -58.73 -35.27 -2.01
N ILE B 234 -58.73 -34.90 -3.28
CA ILE B 234 -59.80 -34.07 -3.86
C ILE B 234 -60.40 -34.86 -5.02
N PRO B 235 -61.41 -35.69 -4.72
CA PRO B 235 -61.99 -36.66 -5.67
C PRO B 235 -62.37 -36.09 -7.03
N ASP B 236 -62.85 -34.86 -7.09
CA ASP B 236 -63.26 -34.27 -8.38
C ASP B 236 -62.05 -34.10 -9.30
N LEU B 237 -60.86 -34.18 -8.74
CA LEU B 237 -59.66 -34.01 -9.55
C LEU B 237 -59.03 -35.34 -9.91
N ASN B 238 -59.70 -36.44 -9.57
CA ASN B 238 -59.22 -37.75 -9.93
C ASN B 238 -59.01 -37.81 -11.45
N GLY B 239 -57.78 -38.14 -11.86
CA GLY B 239 -57.46 -38.22 -13.28
C GLY B 239 -57.16 -36.89 -13.98
N LYS B 240 -57.16 -35.79 -13.25
CA LYS B 240 -56.97 -34.47 -13.87
C LYS B 240 -55.61 -33.84 -13.63
N LEU B 241 -54.75 -34.52 -12.87
CA LEU B 241 -53.43 -34.01 -12.54
C LEU B 241 -52.40 -35.12 -12.57
N THR B 242 -51.22 -34.83 -13.10
CA THR B 242 -50.11 -35.74 -12.87
C THR B 242 -48.87 -34.88 -12.90
N GLY B 243 -47.70 -35.45 -12.64
CA GLY B 243 -46.53 -34.60 -12.57
C GLY B 243 -45.23 -35.36 -12.40
N MET B 244 -44.15 -34.62 -12.19
CA MET B 244 -42.82 -35.21 -12.01
CA MET B 244 -42.82 -35.19 -12.05
C MET B 244 -41.95 -34.28 -11.17
N ALA B 245 -40.70 -34.66 -10.98
CA ALA B 245 -39.78 -33.90 -10.14
C ALA B 245 -38.40 -33.72 -10.73
N PHE B 246 -37.72 -32.65 -10.34
CA PHE B 246 -36.27 -32.50 -10.46
C PHE B 246 -35.65 -32.34 -9.07
N ARG B 247 -34.78 -33.27 -8.68
CA ARG B 247 -34.01 -33.14 -7.45
CA ARG B 247 -34.02 -33.13 -7.44
C ARG B 247 -32.81 -32.24 -7.69
N VAL B 248 -32.62 -31.25 -6.82
CA VAL B 248 -31.54 -30.30 -7.04
C VAL B 248 -30.71 -30.16 -5.76
N PRO B 249 -29.47 -29.68 -5.86
CA PRO B 249 -28.58 -29.68 -4.69
C PRO B 249 -28.84 -28.62 -3.62
N THR B 250 -29.98 -28.67 -2.95
CA THR B 250 -30.19 -27.86 -1.76
C THR B 250 -30.57 -28.84 -0.66
N PRO B 251 -30.29 -28.49 0.61
CA PRO B 251 -30.50 -29.45 1.71
C PRO B 251 -31.97 -29.51 2.15
N ASP B 252 -32.73 -28.48 1.83
CA ASP B 252 -34.11 -28.41 2.27
C ASP B 252 -34.85 -27.28 1.58
N VAL B 253 -36.18 -27.39 1.57
CA VAL B 253 -37.13 -26.48 0.92
C VAL B 253 -37.26 -26.76 -0.57
N SER B 254 -38.51 -26.89 -1.00
CA SER B 254 -38.84 -27.28 -2.36
C SER B 254 -39.94 -26.37 -2.91
N VAL B 255 -40.23 -26.49 -4.20
CA VAL B 255 -41.25 -25.64 -4.80
C VAL B 255 -42.11 -26.39 -5.83
N VAL B 256 -43.41 -26.15 -5.78
CA VAL B 256 -44.34 -26.73 -6.74
C VAL B 256 -44.62 -25.76 -7.91
N ASP B 257 -44.59 -26.29 -9.13
CA ASP B 257 -44.78 -25.55 -10.37
C ASP B 257 -45.97 -26.19 -11.07
N LEU B 258 -47.14 -25.57 -10.89
CA LEU B 258 -48.39 -26.13 -11.38
C LEU B 258 -48.89 -25.39 -12.61
N THR B 259 -48.87 -26.08 -13.74
CA THR B 259 -49.39 -25.55 -15.00
C THR B 259 -50.77 -26.14 -15.25
N CYS B 260 -51.80 -25.31 -15.21
CA CYS B 260 -53.15 -25.83 -15.36
C CYS B 260 -54.02 -24.99 -16.27
N ARG B 261 -55.02 -25.68 -16.82
CA ARG B 261 -56.07 -25.08 -17.63
C ARG B 261 -57.29 -24.80 -16.78
N LEU B 262 -57.82 -23.59 -16.85
CA LEU B 262 -58.95 -23.23 -16.01
C LEU B 262 -60.27 -23.26 -16.81
N GLN B 263 -61.35 -23.72 -16.19
CA GLN B 263 -62.64 -23.67 -16.87
C GLN B 263 -63.14 -22.22 -16.95
N LYS B 264 -63.21 -21.54 -15.82
CA LYS B 264 -63.63 -20.13 -15.82
C LYS B 264 -62.41 -19.23 -15.88
N GLY B 265 -62.35 -18.39 -16.90
CA GLY B 265 -61.21 -17.50 -17.10
C GLY B 265 -60.97 -16.58 -15.92
N ALA B 266 -59.71 -16.28 -15.65
CA ALA B 266 -59.36 -15.42 -14.53
C ALA B 266 -58.08 -14.63 -14.79
N THR B 267 -58.04 -13.39 -14.33
CA THR B 267 -56.79 -12.62 -14.36
C THR B 267 -55.88 -13.06 -13.20
N MET B 268 -54.62 -12.68 -13.23
CA MET B 268 -53.71 -13.06 -12.15
C MET B 268 -54.11 -12.36 -10.84
N ASP B 269 -54.65 -11.16 -10.93
CA ASP B 269 -55.14 -10.48 -9.73
C ASP B 269 -56.27 -11.27 -9.08
N GLU B 270 -57.13 -11.83 -9.91
CA GLU B 270 -58.25 -12.63 -9.40
C GLU B 270 -57.73 -13.91 -8.76
N ILE B 271 -56.72 -14.51 -9.38
CA ILE B 271 -56.10 -15.70 -8.81
C ILE B 271 -55.44 -15.33 -7.49
N LYS B 272 -54.66 -14.24 -7.50
CA LYS B 272 -54.05 -13.73 -6.26
C LYS B 272 -55.08 -13.50 -5.17
N ALA B 273 -56.19 -12.86 -5.52
CA ALA B 273 -57.23 -12.54 -4.54
C ALA B 273 -57.83 -13.80 -3.92
N ALA B 274 -58.03 -14.84 -4.73
CA ALA B 274 -58.60 -16.08 -4.23
C ALA B 274 -57.68 -16.77 -3.21
N VAL B 275 -56.38 -16.80 -3.51
CA VAL B 275 -55.41 -17.44 -2.63
C VAL B 275 -55.25 -16.64 -1.34
N LYS B 276 -55.16 -15.32 -1.50
CA LYS B 276 -55.08 -14.41 -0.37
C LYS B 276 -56.26 -14.60 0.58
N GLU B 277 -57.45 -14.75 0.01
CA GLU B 277 -58.63 -14.95 0.84
C GLU B 277 -58.60 -16.26 1.62
N ALA B 278 -58.20 -17.36 0.97
CA ALA B 278 -58.11 -18.62 1.67
C ALA B 278 -57.05 -18.56 2.76
N ALA B 279 -55.94 -17.91 2.45
CA ALA B 279 -54.78 -17.83 3.33
C ALA B 279 -55.09 -17.06 4.60
N ASN B 280 -55.89 -16.01 4.47
CA ASN B 280 -56.25 -15.22 5.62
C ASN B 280 -57.49 -15.74 6.31
N GLY B 281 -58.11 -16.77 5.72
CA GLY B 281 -59.34 -17.30 6.26
C GLY B 281 -59.28 -18.77 6.62
N PRO B 282 -60.04 -19.61 5.88
CA PRO B 282 -60.22 -21.02 6.24
C PRO B 282 -58.94 -21.85 6.14
N MET B 283 -57.94 -21.37 5.42
CA MET B 283 -56.70 -22.12 5.26
CA MET B 283 -56.72 -22.16 5.31
C MET B 283 -55.53 -21.49 6.00
N LYS B 284 -55.86 -20.58 6.92
CA LYS B 284 -54.85 -19.92 7.74
C LYS B 284 -53.96 -20.94 8.41
N GLY B 285 -52.65 -20.74 8.35
CA GLY B 285 -51.70 -21.68 8.93
C GLY B 285 -51.37 -22.86 8.01
N ILE B 286 -52.18 -23.08 6.98
CA ILE B 286 -51.92 -24.17 6.03
C ILE B 286 -51.34 -23.61 4.76
N LEU B 287 -52.10 -22.73 4.13
CA LEU B 287 -51.75 -22.06 2.90
C LEU B 287 -51.43 -20.60 3.20
N GLU B 288 -50.28 -20.14 2.74
CA GLU B 288 -49.92 -18.73 2.94
C GLU B 288 -49.78 -18.04 1.58
N TYR B 289 -49.88 -16.72 1.60
CA TYR B 289 -49.72 -15.90 0.42
C TYR B 289 -48.57 -14.94 0.65
N THR B 290 -47.66 -14.82 -0.33
CA THR B 290 -46.67 -13.76 -0.26
C THR B 290 -46.52 -13.06 -1.60
N GLU B 291 -46.13 -11.79 -1.52
CA GLU B 291 -45.80 -10.98 -2.68
C GLU B 291 -44.34 -10.54 -2.59
N ASP B 292 -43.56 -11.12 -1.66
CA ASP B 292 -42.18 -10.66 -1.50
C ASP B 292 -41.29 -11.36 -2.51
N GLN B 293 -40.06 -10.86 -2.66
CA GLN B 293 -39.08 -11.43 -3.59
C GLN B 293 -38.35 -12.58 -2.94
N VAL B 294 -39.05 -13.68 -2.71
CA VAL B 294 -38.51 -14.73 -1.88
C VAL B 294 -37.65 -15.69 -2.67
N VAL B 295 -36.77 -16.39 -1.96
CA VAL B 295 -36.02 -17.51 -2.51
C VAL B 295 -36.16 -18.66 -1.51
N SER B 296 -35.65 -19.84 -1.86
CA SER B 296 -35.97 -21.03 -1.07
C SER B 296 -35.60 -20.92 0.43
N THR B 297 -34.41 -20.40 0.77
CA THR B 297 -33.99 -20.35 2.18
C THR B 297 -34.92 -19.48 3.03
N ASP B 298 -35.70 -18.61 2.40
CA ASP B 298 -36.63 -17.79 3.16
C ASP B 298 -37.75 -18.63 3.80
N PHE B 299 -37.85 -19.88 3.40
CA PHE B 299 -38.86 -20.76 3.97
C PHE B 299 -38.27 -21.90 4.82
N THR B 300 -36.98 -21.84 5.13
CA THR B 300 -36.40 -22.83 6.03
C THR B 300 -37.02 -22.67 7.43
N GLY B 301 -37.69 -23.69 7.93
CA GLY B 301 -38.36 -23.57 9.22
C GLY B 301 -39.77 -23.03 9.12
N ASP B 302 -40.25 -22.82 7.89
CA ASP B 302 -41.62 -22.34 7.74
C ASP B 302 -42.58 -23.46 8.07
N THR B 303 -43.62 -23.16 8.84
CA THR B 303 -44.59 -24.17 9.27
C THR B 303 -45.79 -24.39 8.31
N HIS B 304 -45.93 -23.55 7.29
CA HIS B 304 -47.04 -23.69 6.37
C HIS B 304 -46.87 -24.92 5.46
N SER B 305 -47.97 -25.46 4.98
CA SER B 305 -47.90 -26.56 4.03
C SER B 305 -47.55 -26.05 2.65
N SER B 306 -47.87 -24.80 2.40
CA SER B 306 -47.80 -24.26 1.05
C SER B 306 -47.75 -22.74 1.11
N ILE B 307 -46.74 -22.13 0.50
CA ILE B 307 -46.67 -20.69 0.43
C ILE B 307 -46.72 -20.24 -1.02
N PHE B 308 -47.86 -19.69 -1.39
CA PHE B 308 -48.09 -19.21 -2.75
C PHE B 308 -47.19 -18.00 -3.04
N ASP B 309 -46.40 -18.11 -4.10
CA ASP B 309 -45.45 -17.08 -4.52
C ASP B 309 -46.11 -16.26 -5.63
N ALA B 310 -46.79 -15.18 -5.25
CA ALA B 310 -47.63 -14.45 -6.19
C ALA B 310 -46.83 -13.90 -7.38
N LEU B 311 -45.67 -13.32 -7.11
CA LEU B 311 -44.89 -12.66 -8.15
C LEU B 311 -44.16 -13.61 -9.09
N ALA B 312 -43.96 -14.87 -8.68
CA ALA B 312 -43.29 -15.81 -9.58
C ALA B 312 -44.28 -16.45 -10.56
N CYS B 313 -45.57 -16.40 -10.22
CA CYS B 313 -46.61 -16.99 -11.06
C CYS B 313 -46.64 -16.30 -12.41
N ILE B 314 -47.11 -17.01 -13.43
CA ILE B 314 -47.26 -16.34 -14.72
C ILE B 314 -48.45 -16.90 -15.50
N SER B 315 -49.13 -16.02 -16.23
CA SER B 315 -50.25 -16.43 -17.07
C SER B 315 -49.93 -16.21 -18.53
N LEU B 316 -50.35 -17.18 -19.34
CA LEU B 316 -50.34 -17.01 -20.77
C LEU B 316 -51.63 -16.32 -21.22
N ASN B 317 -52.76 -16.84 -20.73
CA ASN B 317 -54.07 -16.26 -21.01
C ASN B 317 -55.03 -16.56 -19.84
N PRO B 318 -56.26 -15.97 -19.84
CA PRO B 318 -57.16 -16.22 -18.70
C PRO B 318 -57.42 -17.68 -18.32
N ASN B 319 -57.17 -18.64 -19.22
CA ASN B 319 -57.45 -20.04 -18.90
C ASN B 319 -56.23 -20.95 -18.83
N PHE B 320 -55.03 -20.41 -18.92
CA PHE B 320 -53.83 -21.25 -18.93
C PHE B 320 -52.73 -20.57 -18.13
N VAL B 321 -52.45 -21.07 -16.93
CA VAL B 321 -51.59 -20.35 -16.01
C VAL B 321 -50.56 -21.25 -15.35
N LYS B 322 -49.49 -20.66 -14.85
CA LYS B 322 -48.46 -21.41 -14.13
C LYS B 322 -48.35 -20.86 -12.72
N LEU B 323 -48.65 -21.69 -11.72
CA LEU B 323 -48.71 -21.24 -10.34
C LEU B 323 -47.59 -21.85 -9.50
N ILE B 324 -46.96 -20.99 -8.71
CA ILE B 324 -45.76 -21.36 -7.95
C ILE B 324 -46.02 -21.36 -6.45
N ALA B 325 -45.72 -22.47 -5.77
CA ALA B 325 -45.91 -22.54 -4.31
C ALA B 325 -44.74 -23.26 -3.62
N TRP B 326 -44.20 -22.62 -2.57
CA TRP B 326 -43.05 -23.11 -1.79
C TRP B 326 -43.47 -24.04 -0.64
N TYR B 327 -42.55 -24.88 -0.19
CA TYR B 327 -42.80 -25.69 1.01
C TYR B 327 -41.52 -26.17 1.61
N ASP B 328 -41.40 -26.00 2.92
CA ASP B 328 -40.31 -26.64 3.65
C ASP B 328 -40.69 -28.11 3.73
N ASN B 329 -40.09 -28.93 2.87
CA ASN B 329 -40.48 -30.34 2.79
C ASN B 329 -40.25 -31.12 4.09
N GLU B 330 -39.29 -30.69 4.91
CA GLU B 330 -39.06 -31.30 6.21
C GLU B 330 -40.03 -30.76 7.28
N TYR B 331 -40.02 -29.45 7.48
CA TYR B 331 -40.67 -28.89 8.65
C TYR B 331 -42.15 -28.57 8.44
N GLY B 332 -42.53 -28.16 7.23
CA GLY B 332 -43.93 -27.93 6.98
C GLY B 332 -44.67 -29.24 7.22
N TYR B 333 -44.21 -30.28 6.56
CA TYR B 333 -44.82 -31.60 6.71
C TYR B 333 -44.84 -32.10 8.15
N SER B 334 -43.74 -31.91 8.88
CA SER B 334 -43.63 -32.35 10.28
C SER B 334 -44.67 -31.66 11.17
N ASN B 335 -44.89 -30.36 10.96
CA ASN B 335 -45.93 -29.63 11.66
C ASN B 335 -47.33 -30.20 11.33
N ARG B 336 -47.54 -30.63 10.09
CA ARG B 336 -48.86 -31.19 9.71
C ARG B 336 -49.12 -32.54 10.38
N VAL B 337 -48.06 -33.31 10.58
CA VAL B 337 -48.20 -34.58 11.29
C VAL B 337 -48.75 -34.34 12.69
N VAL B 338 -48.19 -33.34 13.35
CA VAL B 338 -48.62 -32.99 14.69
C VAL B 338 -50.08 -32.54 14.66
N ASP B 339 -50.40 -31.68 13.69
CA ASP B 339 -51.75 -31.17 13.51
C ASP B 339 -52.76 -32.29 13.25
N LEU B 340 -52.36 -33.27 12.43
CA LEU B 340 -53.27 -34.38 12.12
C LEU B 340 -53.51 -35.22 13.36
N ILE B 341 -52.46 -35.44 14.16
CA ILE B 341 -52.63 -36.15 15.42
C ILE B 341 -53.58 -35.39 16.33
N SER B 342 -53.31 -34.09 16.50
CA SER B 342 -54.13 -33.23 17.32
C SER B 342 -55.59 -33.21 16.81
N TYR B 343 -55.77 -33.19 15.49
CA TYR B 343 -57.11 -33.20 14.93
C TYR B 343 -57.82 -34.52 15.18
N ILE B 344 -57.21 -35.66 14.86
CA ILE B 344 -57.95 -36.92 15.01
C ILE B 344 -58.23 -37.28 16.46
N ALA B 345 -57.38 -36.80 17.38
CA ALA B 345 -57.58 -37.06 18.80
C ALA B 345 -58.75 -36.26 19.39
N SER B 346 -59.08 -35.15 18.75
CA SER B 346 -60.17 -34.29 19.19
C SER B 346 -61.53 -34.72 18.66
N ARG B 347 -61.59 -35.85 17.96
CA ARG B 347 -62.86 -36.33 17.41
C ARG B 347 -63.52 -37.35 18.33
N LYS C 11 -12.46 -17.89 -45.46
CA LYS C 11 -12.80 -18.47 -44.16
C LYS C 11 -13.06 -17.36 -43.14
N PRO C 12 -14.18 -17.44 -42.43
CA PRO C 12 -14.53 -16.27 -41.60
C PRO C 12 -13.53 -15.89 -40.52
N LYS C 13 -13.21 -14.61 -40.47
CA LYS C 13 -12.26 -14.08 -39.51
C LYS C 13 -13.07 -13.43 -38.40
N VAL C 14 -12.77 -13.81 -37.16
CA VAL C 14 -13.65 -13.51 -36.06
C VAL C 14 -12.97 -12.73 -34.95
N GLY C 15 -13.68 -11.74 -34.41
CA GLY C 15 -13.24 -11.05 -33.22
C GLY C 15 -14.20 -11.33 -32.09
N ILE C 16 -13.67 -11.38 -30.87
CA ILE C 16 -14.50 -11.66 -29.72
C ILE C 16 -14.43 -10.53 -28.70
N ASN C 17 -15.58 -9.91 -28.44
CA ASN C 17 -15.65 -8.89 -27.39
C ASN C 17 -16.24 -9.49 -26.13
N GLY C 18 -15.45 -9.51 -25.07
CA GLY C 18 -15.83 -10.13 -23.80
C GLY C 18 -15.38 -11.58 -23.72
N PHE C 19 -14.24 -11.79 -23.06
CA PHE C 19 -13.59 -13.08 -22.94
C PHE C 19 -14.10 -13.81 -21.73
N GLY C 20 -15.42 -13.90 -21.61
CA GLY C 20 -16.06 -14.53 -20.46
C GLY C 20 -16.36 -16.00 -20.71
N ARG C 21 -17.39 -16.53 -20.05
CA ARG C 21 -17.74 -17.93 -20.22
C ARG C 21 -18.04 -18.23 -21.69
N ILE C 22 -18.89 -17.40 -22.32
CA ILE C 22 -19.26 -17.58 -23.71
C ILE C 22 -18.12 -17.21 -24.64
N GLY C 23 -17.52 -16.04 -24.43
CA GLY C 23 -16.38 -15.61 -25.22
C GLY C 23 -15.28 -16.66 -25.31
N ARG C 24 -14.87 -17.18 -24.16
CA ARG C 24 -13.81 -18.18 -24.10
C ARG C 24 -14.23 -19.52 -24.69
N LEU C 25 -15.48 -19.94 -24.46
CA LEU C 25 -15.93 -21.23 -24.98
C LEU C 25 -16.26 -21.19 -26.47
N VAL C 26 -16.59 -20.01 -26.98
CA VAL C 26 -16.76 -19.81 -28.41
C VAL C 26 -15.40 -20.03 -29.07
N LEU C 27 -14.34 -19.51 -28.46
CA LEU C 27 -12.99 -19.79 -28.93
C LEU C 27 -12.71 -21.29 -28.86
N ARG C 28 -13.03 -21.96 -27.76
CA ARG C 28 -12.84 -23.41 -27.67
C ARG C 28 -13.55 -24.16 -28.78
N ALA C 29 -14.81 -23.79 -29.03
CA ALA C 29 -15.61 -24.43 -30.07
C ALA C 29 -15.05 -24.13 -31.46
N ALA C 30 -14.58 -22.90 -31.63
CA ALA C 30 -13.99 -22.48 -32.90
C ALA C 30 -12.76 -23.32 -33.24
N VAL C 31 -11.90 -23.55 -32.24
CA VAL C 31 -10.70 -24.36 -32.43
C VAL C 31 -11.03 -25.81 -32.75
N GLU C 32 -12.03 -26.34 -32.06
CA GLU C 32 -12.41 -27.74 -32.26
C GLU C 32 -13.07 -27.98 -33.63
N LYS C 33 -13.96 -27.09 -34.06
CA LYS C 33 -14.68 -27.26 -35.33
C LYS C 33 -13.89 -26.79 -36.54
N ASP C 34 -12.99 -25.82 -36.32
CA ASP C 34 -12.14 -25.28 -37.39
C ASP C 34 -12.95 -24.73 -38.58
N THR C 35 -14.10 -24.14 -38.29
CA THR C 35 -14.92 -23.58 -39.36
C THR C 35 -14.83 -22.06 -39.40
N VAL C 36 -14.19 -21.48 -38.39
CA VAL C 36 -13.92 -20.05 -38.35
C VAL C 36 -12.49 -19.83 -37.87
N ASP C 37 -11.99 -18.61 -37.99
CA ASP C 37 -10.66 -18.26 -37.53
C ASP C 37 -10.73 -17.07 -36.59
N VAL C 38 -10.42 -17.28 -35.32
CA VAL C 38 -10.44 -16.16 -34.38
C VAL C 38 -9.12 -15.40 -34.51
N VAL C 39 -9.21 -14.10 -34.79
CA VAL C 39 -8.03 -13.28 -35.04
C VAL C 39 -7.91 -12.15 -34.05
N ALA C 40 -8.94 -11.96 -33.23
CA ALA C 40 -8.93 -10.84 -32.28
C ALA C 40 -9.83 -11.07 -31.07
N VAL C 41 -9.41 -10.50 -29.94
CA VAL C 41 -10.16 -10.60 -28.70
C VAL C 41 -9.97 -9.31 -27.91
N ASN C 42 -11.05 -8.86 -27.27
CA ASN C 42 -10.99 -7.68 -26.41
C ASN C 42 -11.67 -7.92 -25.07
N ASP C 43 -11.02 -7.51 -23.99
CA ASP C 43 -11.59 -7.56 -22.64
C ASP C 43 -10.72 -6.69 -21.73
N PRO C 44 -11.26 -5.56 -21.27
CA PRO C 44 -10.45 -4.61 -20.50
C PRO C 44 -10.15 -5.09 -19.08
N PHE C 45 -10.76 -6.20 -18.68
CA PHE C 45 -10.53 -6.72 -17.34
C PHE C 45 -9.67 -7.99 -17.31
N ILE C 46 -9.14 -8.39 -18.46
CA ILE C 46 -8.32 -9.59 -18.57
C ILE C 46 -7.10 -9.33 -19.46
N ASN C 47 -5.92 -9.14 -18.87
CA ASN C 47 -4.74 -8.92 -19.70
C ASN C 47 -4.33 -10.22 -20.38
N ILE C 48 -3.41 -10.15 -21.33
CA ILE C 48 -3.09 -11.28 -22.20
C ILE C 48 -2.59 -12.49 -21.42
N ASP C 49 -1.80 -12.26 -20.36
CA ASP C 49 -1.31 -13.38 -19.57
C ASP C 49 -2.43 -14.04 -18.81
N TYR C 50 -3.35 -13.22 -18.32
CA TYR C 50 -4.53 -13.69 -17.64
C TYR C 50 -5.45 -14.44 -18.63
N MET C 51 -5.51 -13.96 -19.87
CA MET C 51 -6.30 -14.64 -20.90
C MET C 51 -5.78 -16.05 -21.10
N VAL C 52 -4.46 -16.21 -21.11
CA VAL C 52 -3.86 -17.54 -21.23
C VAL C 52 -4.38 -18.45 -20.13
N TYR C 53 -4.32 -17.98 -18.89
CA TYR C 53 -4.76 -18.76 -17.75
C TYR C 53 -6.25 -19.11 -17.81
N MET C 54 -7.08 -18.12 -18.13
CA MET C 54 -8.52 -18.33 -18.11
C MET C 54 -8.99 -19.26 -19.23
N PHE C 55 -8.33 -19.19 -20.38
CA PHE C 55 -8.63 -20.12 -21.47
C PHE C 55 -8.05 -21.50 -21.19
N LYS C 56 -6.88 -21.53 -20.55
CA LYS C 56 -6.19 -22.80 -20.26
C LYS C 56 -6.94 -23.69 -19.27
N TYR C 57 -7.29 -23.13 -18.12
CA TYR C 57 -7.96 -23.87 -17.06
C TYR C 57 -9.44 -23.55 -17.01
N ASP C 58 -10.29 -24.58 -16.90
CA ASP C 58 -11.72 -24.34 -16.82
C ASP C 58 -12.35 -25.27 -15.77
N SER C 59 -12.95 -24.69 -14.74
CA SER C 59 -13.52 -25.49 -13.66
C SER C 59 -14.59 -26.44 -14.16
N THR C 60 -15.32 -26.02 -15.19
CA THR C 60 -16.43 -26.83 -15.71
C THR C 60 -16.01 -27.75 -16.85
N HIS C 61 -15.20 -27.27 -17.79
CA HIS C 61 -14.93 -28.03 -19.01
C HIS C 61 -13.51 -28.62 -19.09
N GLY C 62 -12.76 -28.50 -18.01
CA GLY C 62 -11.43 -29.12 -17.93
C GLY C 62 -10.34 -28.33 -18.65
N ARG C 63 -9.12 -28.85 -18.60
CA ARG C 63 -8.00 -28.17 -19.22
C ARG C 63 -8.16 -28.14 -20.75
N PHE C 64 -7.81 -27.00 -21.34
CA PHE C 64 -7.86 -26.85 -22.77
C PHE C 64 -7.05 -27.97 -23.41
N LYS C 65 -7.68 -28.67 -24.35
CA LYS C 65 -7.06 -29.79 -25.04
C LYS C 65 -6.23 -29.23 -26.18
N GLY C 66 -5.00 -28.85 -25.87
CA GLY C 66 -4.17 -28.18 -26.85
C GLY C 66 -3.18 -27.28 -26.14
N SER C 67 -2.62 -26.33 -26.88
CA SER C 67 -1.64 -25.42 -26.33
C SER C 67 -2.13 -23.97 -26.47
N VAL C 68 -1.84 -23.18 -25.43
CA VAL C 68 -2.18 -21.76 -25.43
C VAL C 68 -1.06 -21.00 -24.76
N SER C 69 -0.66 -19.87 -25.36
CA SER C 69 0.42 -19.07 -24.83
C SER C 69 0.34 -17.62 -25.30
N ALA C 70 1.18 -16.78 -24.71
CA ALA C 70 1.26 -15.38 -25.07
C ALA C 70 2.59 -15.12 -25.79
N GLU C 71 2.52 -14.57 -27.00
CA GLU C 71 3.72 -14.22 -27.77
C GLU C 71 3.54 -12.98 -28.64
N GLY C 72 4.42 -11.99 -28.47
CA GLY C 72 4.41 -10.79 -29.29
C GLY C 72 3.13 -9.99 -29.14
N GLY C 73 2.55 -10.04 -27.95
CA GLY C 73 1.30 -9.35 -27.66
C GLY C 73 0.12 -10.04 -28.34
N LYS C 74 0.35 -11.28 -28.75
CA LYS C 74 -0.73 -12.07 -29.32
C LYS C 74 -0.90 -13.41 -28.60
N LEU C 75 -2.15 -13.86 -28.57
CA LEU C 75 -2.52 -15.13 -27.98
C LEU C 75 -2.36 -16.22 -29.04
N ILE C 76 -1.57 -17.23 -28.75
CA ILE C 76 -1.34 -18.32 -29.70
C ILE C 76 -2.08 -19.57 -29.24
N VAL C 77 -3.08 -20.00 -30.01
CA VAL C 77 -3.94 -21.11 -29.60
C VAL C 77 -3.89 -22.20 -30.66
N THR C 78 -3.52 -23.41 -30.24
CA THR C 78 -3.36 -24.52 -31.18
C THR C 78 -3.88 -25.81 -30.58
N ASN C 79 -4.40 -26.70 -31.42
CA ASN C 79 -4.74 -28.03 -30.95
C ASN C 79 -3.93 -29.08 -31.70
N GLY C 80 -2.76 -28.66 -32.19
CA GLY C 80 -1.88 -29.51 -32.96
C GLY C 80 -2.03 -29.35 -34.46
N LYS C 81 -3.25 -29.54 -34.94
CA LYS C 81 -3.59 -29.41 -36.35
C LYS C 81 -3.50 -27.96 -36.85
N THR C 82 -4.28 -27.08 -36.21
CA THR C 82 -4.40 -25.70 -36.64
C THR C 82 -3.82 -24.75 -35.59
N THR C 83 -3.54 -23.51 -35.99
CA THR C 83 -3.02 -22.51 -35.07
C THR C 83 -3.73 -21.16 -35.25
N HIS C 84 -4.21 -20.57 -34.16
CA HIS C 84 -4.86 -19.27 -34.26
C HIS C 84 -3.97 -18.21 -33.64
N HIS C 85 -3.67 -17.17 -34.40
CA HIS C 85 -2.86 -16.07 -33.89
C HIS C 85 -3.78 -14.88 -33.64
N ILE C 86 -3.96 -14.54 -32.37
CA ILE C 86 -5.05 -13.64 -31.99
C ILE C 86 -4.57 -12.31 -31.40
N SER C 87 -5.01 -11.21 -31.99
CA SER C 87 -4.67 -9.88 -31.48
C SER C 87 -5.44 -9.60 -30.21
N VAL C 88 -4.79 -8.93 -29.26
CA VAL C 88 -5.38 -8.74 -27.94
C VAL C 88 -5.59 -7.26 -27.64
N HIS C 89 -6.80 -6.91 -27.21
CA HIS C 89 -7.07 -5.54 -26.82
C HIS C 89 -7.77 -5.52 -25.47
N ASN C 90 -7.76 -4.37 -24.81
CA ASN C 90 -8.36 -4.23 -23.48
C ASN C 90 -9.08 -2.87 -23.38
N SER C 91 -9.89 -2.59 -24.40
CA SER C 91 -10.65 -1.34 -24.47
C SER C 91 -12.01 -1.51 -23.79
N LYS C 92 -12.39 -0.49 -23.02
CA LYS C 92 -13.70 -0.43 -22.39
C LYS C 92 -14.76 0.03 -23.38
N ASP C 93 -14.34 0.88 -24.31
CA ASP C 93 -15.23 1.41 -25.35
C ASP C 93 -15.15 0.53 -26.60
N PRO C 94 -16.25 -0.16 -26.93
CA PRO C 94 -16.19 -1.09 -28.07
C PRO C 94 -15.85 -0.36 -29.37
N ALA C 95 -16.07 0.96 -29.39
CA ALA C 95 -15.73 1.79 -30.54
C ALA C 95 -14.24 1.92 -30.70
N GLU C 96 -13.48 1.65 -29.64
CA GLU C 96 -12.03 1.84 -29.69
C GLU C 96 -11.28 0.60 -30.17
N ILE C 97 -11.99 -0.49 -30.42
CA ILE C 97 -11.39 -1.73 -30.92
C ILE C 97 -11.21 -1.69 -32.43
N PRO C 98 -9.97 -1.88 -32.88
CA PRO C 98 -9.59 -1.84 -34.30
C PRO C 98 -9.85 -3.17 -35.02
N TRP C 99 -11.11 -3.63 -35.09
CA TRP C 99 -11.37 -4.94 -35.71
C TRP C 99 -10.90 -5.00 -37.15
N GLY C 100 -11.13 -3.91 -37.89
CA GLY C 100 -10.77 -3.83 -39.30
C GLY C 100 -9.28 -4.04 -39.53
N VAL C 101 -8.47 -3.36 -38.73
CA VAL C 101 -7.02 -3.52 -38.77
C VAL C 101 -6.60 -4.98 -38.50
N ASP C 102 -7.28 -5.64 -37.56
CA ASP C 102 -6.96 -7.03 -37.24
C ASP C 102 -7.54 -8.02 -38.27
N GLY C 103 -8.46 -7.53 -39.09
CA GLY C 103 -9.11 -8.35 -40.10
C GLY C 103 -10.30 -9.11 -39.54
N ALA C 104 -10.78 -8.69 -38.38
CA ALA C 104 -11.92 -9.33 -37.75
C ALA C 104 -13.22 -8.85 -38.39
N GLU C 105 -13.75 -9.64 -39.31
CA GLU C 105 -14.98 -9.29 -40.02
C GLU C 105 -16.24 -9.50 -39.18
N TYR C 106 -16.26 -10.61 -38.44
CA TYR C 106 -17.40 -10.95 -37.63
C TYR C 106 -17.03 -10.80 -36.17
N VAL C 107 -17.84 -10.06 -35.43
CA VAL C 107 -17.62 -9.86 -34.00
C VAL C 107 -18.71 -10.48 -33.14
N VAL C 108 -18.29 -11.34 -32.21
CA VAL C 108 -19.13 -11.89 -31.17
C VAL C 108 -19.22 -10.90 -30.01
N GLU C 109 -20.41 -10.39 -29.76
CA GLU C 109 -20.60 -9.43 -28.67
C GLU C 109 -21.07 -10.20 -27.44
N SER C 110 -20.10 -10.59 -26.62
CA SER C 110 -20.40 -11.47 -25.49
C SER C 110 -19.98 -10.87 -24.15
N THR C 111 -20.09 -9.56 -24.03
CA THR C 111 -19.81 -8.89 -22.76
C THR C 111 -21.07 -8.87 -21.89
N GLY C 112 -22.23 -8.92 -22.54
CA GLY C 112 -23.51 -8.85 -21.85
C GLY C 112 -24.03 -7.45 -21.55
N VAL C 113 -23.28 -6.43 -21.94
CA VAL C 113 -23.66 -5.05 -21.64
C VAL C 113 -23.80 -4.19 -22.89
N PHE C 114 -23.76 -4.83 -24.05
CA PHE C 114 -24.00 -4.15 -25.32
C PHE C 114 -25.03 -4.91 -26.15
N THR C 115 -26.23 -5.10 -25.62
CA THR C 115 -27.20 -5.98 -26.26
C THR C 115 -28.17 -5.24 -27.19
N THR C 116 -28.17 -3.91 -27.15
CA THR C 116 -29.01 -3.18 -28.10
C THR C 116 -28.23 -2.93 -29.39
N THR C 117 -28.97 -2.63 -30.46
CA THR C 117 -28.35 -2.41 -31.76
C THR C 117 -27.51 -1.15 -31.69
N ASP C 118 -28.00 -0.16 -30.93
CA ASP C 118 -27.31 1.10 -30.78
C ASP C 118 -25.96 0.88 -30.09
N LYS C 119 -25.97 0.08 -29.03
CA LYS C 119 -24.74 -0.19 -28.32
C LYS C 119 -23.81 -1.08 -29.13
N ALA C 120 -24.38 -2.12 -29.75
CA ALA C 120 -23.57 -3.08 -30.48
C ALA C 120 -22.98 -2.53 -31.77
N SER C 121 -23.64 -1.54 -32.36
CA SER C 121 -23.20 -1.03 -33.66
C SER C 121 -21.86 -0.33 -33.56
N ALA C 122 -21.43 -0.01 -32.34
CA ALA C 122 -20.14 0.63 -32.13
C ALA C 122 -19.01 -0.21 -32.73
N HIS C 123 -19.21 -1.52 -32.78
CA HIS C 123 -18.21 -2.42 -33.36
C HIS C 123 -18.02 -2.13 -34.85
N LEU C 124 -19.02 -1.53 -35.49
CA LEU C 124 -18.93 -1.17 -36.91
C LEU C 124 -17.94 -0.03 -37.12
N LYS C 125 -17.84 0.86 -36.14
CA LYS C 125 -16.93 1.99 -36.24
C LYS C 125 -15.47 1.53 -36.29
N GLY C 126 -15.22 0.34 -35.75
CA GLY C 126 -13.87 -0.21 -35.73
C GLY C 126 -13.49 -0.97 -36.98
N GLY C 127 -14.45 -1.18 -37.88
CA GLY C 127 -14.13 -1.82 -39.14
C GLY C 127 -14.70 -3.21 -39.24
N ALA C 128 -15.50 -3.59 -38.25
CA ALA C 128 -16.18 -4.87 -38.29
C ALA C 128 -17.34 -4.74 -39.26
N LYS C 129 -17.72 -5.85 -39.88
CA LYS C 129 -18.83 -5.87 -40.83
C LYS C 129 -20.11 -6.43 -40.21
N LYS C 130 -19.97 -7.50 -39.42
CA LYS C 130 -21.10 -8.14 -38.78
C LYS C 130 -20.92 -8.27 -37.27
N VAL C 131 -21.99 -8.10 -36.52
CA VAL C 131 -21.93 -8.23 -35.08
C VAL C 131 -22.97 -9.25 -34.64
N ILE C 132 -22.53 -10.26 -33.90
CA ILE C 132 -23.44 -11.27 -33.37
CA ILE C 132 -23.44 -11.27 -33.38
C ILE C 132 -23.54 -11.14 -31.87
N ILE C 133 -24.70 -10.68 -31.40
CA ILE C 133 -24.91 -10.55 -29.97
C ILE C 133 -25.19 -11.92 -29.37
N SER C 134 -24.40 -12.30 -28.37
CA SER C 134 -24.49 -13.63 -27.77
C SER C 134 -25.59 -13.68 -26.71
N ALA C 135 -26.69 -13.01 -26.99
CA ALA C 135 -27.78 -12.83 -26.05
C ALA C 135 -29.03 -12.33 -26.77
N PRO C 136 -30.20 -12.42 -26.12
CA PRO C 136 -31.37 -11.78 -26.72
C PRO C 136 -31.12 -10.28 -26.87
N SER C 137 -31.75 -9.67 -27.86
CA SER C 137 -31.70 -8.22 -28.05
C SER C 137 -33.10 -7.64 -28.07
N ALA C 138 -33.26 -6.46 -27.50
CA ALA C 138 -34.54 -5.78 -27.53
C ALA C 138 -34.92 -5.42 -28.95
N ASP C 139 -33.93 -5.12 -29.81
CA ASP C 139 -34.28 -4.62 -31.14
C ASP C 139 -33.55 -5.33 -32.29
N ALA C 140 -32.42 -5.97 -32.02
CA ALA C 140 -31.74 -6.71 -33.09
C ALA C 140 -32.49 -7.99 -33.43
N PRO C 141 -32.55 -8.33 -34.73
CA PRO C 141 -33.24 -9.57 -35.14
C PRO C 141 -32.58 -10.80 -34.56
N MET C 142 -33.37 -11.78 -34.15
CA MET C 142 -32.88 -12.95 -33.43
CA MET C 142 -32.79 -12.93 -33.48
C MET C 142 -32.93 -14.21 -34.29
N PHE C 143 -31.93 -15.07 -34.17
CA PHE C 143 -31.86 -16.26 -35.00
C PHE C 143 -31.55 -17.50 -34.19
N VAL C 144 -32.15 -18.63 -34.55
CA VAL C 144 -31.79 -19.89 -33.91
C VAL C 144 -31.45 -20.87 -35.00
N MET C 145 -30.23 -21.40 -34.98
CA MET C 145 -29.80 -22.34 -36.01
C MET C 145 -30.70 -23.57 -36.00
N GLY C 146 -31.09 -23.98 -37.20
CA GLY C 146 -31.98 -25.12 -37.36
C GLY C 146 -33.44 -24.75 -37.28
N VAL C 147 -33.74 -23.47 -37.02
CA VAL C 147 -35.12 -23.02 -36.86
C VAL C 147 -35.50 -21.85 -37.77
N ASN C 148 -34.77 -20.74 -37.70
CA ASN C 148 -35.11 -19.59 -38.55
C ASN C 148 -33.87 -18.91 -39.16
N ASN C 149 -32.73 -19.59 -39.15
CA ASN C 149 -31.53 -18.96 -39.65
C ASN C 149 -31.60 -18.72 -41.17
N ASP C 150 -32.45 -19.47 -41.89
CA ASP C 150 -32.53 -19.23 -43.34
C ASP C 150 -33.29 -17.94 -43.68
N THR C 151 -33.89 -17.30 -42.67
CA THR C 151 -34.55 -16.01 -42.86
C THR C 151 -33.55 -14.84 -42.70
N TYR C 152 -32.30 -15.15 -42.43
CA TYR C 152 -31.27 -14.13 -42.32
C TYR C 152 -31.14 -13.39 -43.65
N ASP C 153 -31.04 -12.06 -43.57
CA ASP C 153 -30.97 -11.22 -44.76
C ASP C 153 -29.67 -10.43 -44.76
N LYS C 154 -28.72 -10.89 -45.57
CA LYS C 154 -27.37 -10.36 -45.58
C LYS C 154 -27.31 -8.85 -45.85
N ALA C 155 -28.17 -8.38 -46.74
CA ALA C 155 -28.16 -6.99 -47.14
C ALA C 155 -28.59 -6.04 -46.01
N ASN C 156 -29.44 -6.52 -45.12
CA ASN C 156 -30.04 -5.65 -44.10
C ASN C 156 -29.75 -6.01 -42.64
N ASN C 157 -29.31 -7.24 -42.40
CA ASN C 157 -29.00 -7.67 -41.04
C ASN C 157 -27.49 -7.66 -40.75
N HIS C 158 -27.04 -6.60 -40.09
CA HIS C 158 -25.63 -6.44 -39.79
C HIS C 158 -25.36 -6.58 -38.30
N ILE C 159 -26.38 -6.25 -37.51
CA ILE C 159 -26.34 -6.44 -36.06
C ILE C 159 -27.41 -7.47 -35.73
N ILE C 160 -26.99 -8.67 -35.33
CA ILE C 160 -27.96 -9.74 -35.09
C ILE C 160 -27.79 -10.37 -33.70
N SER C 161 -28.77 -11.18 -33.32
CA SER C 161 -28.72 -11.88 -32.05
C SER C 161 -28.88 -13.38 -32.23
N ASN C 162 -28.09 -14.15 -31.51
CA ASN C 162 -28.21 -15.60 -31.53
C ASN C 162 -29.15 -16.09 -30.42
N ALA C 163 -30.01 -15.19 -29.95
CA ALA C 163 -30.97 -15.49 -28.89
C ALA C 163 -30.28 -15.89 -27.60
N SER C 164 -30.98 -16.69 -26.80
CA SER C 164 -30.47 -17.18 -25.52
C SER C 164 -30.16 -18.67 -25.60
N CYS C 165 -29.43 -19.17 -24.60
CA CYS C 165 -29.23 -20.61 -24.45
C CYS C 165 -30.60 -21.32 -24.38
N THR C 166 -31.49 -20.81 -23.53
CA THR C 166 -32.78 -21.44 -23.31
C THR C 166 -33.66 -21.46 -24.57
N THR C 167 -33.71 -20.37 -25.30
CA THR C 167 -34.50 -20.32 -26.55
C THR C 167 -33.92 -21.30 -27.56
N ASN C 168 -32.60 -21.39 -27.61
CA ASN C 168 -31.92 -22.36 -28.48
C ASN C 168 -32.21 -23.81 -28.10
N CYS C 169 -32.62 -24.05 -26.85
CA CYS C 169 -33.04 -25.38 -26.43
C CYS C 169 -34.50 -25.64 -26.75
N LEU C 170 -35.35 -24.66 -26.44
CA LEU C 170 -36.79 -24.81 -26.61
C LEU C 170 -37.23 -24.77 -28.08
N ALA C 171 -36.74 -23.80 -28.83
CA ALA C 171 -37.24 -23.55 -30.18
C ALA C 171 -37.08 -24.74 -31.14
N PRO C 172 -35.93 -25.42 -31.12
CA PRO C 172 -35.89 -26.60 -32.00
C PRO C 172 -36.92 -27.65 -31.61
N LEU C 173 -37.08 -27.90 -30.32
CA LEU C 173 -38.07 -28.87 -29.87
C LEU C 173 -39.48 -28.42 -30.22
N ALA C 174 -39.77 -27.16 -29.95
CA ALA C 174 -41.09 -26.59 -30.26
C ALA C 174 -41.41 -26.72 -31.74
N LYS C 175 -40.42 -26.45 -32.59
CA LYS C 175 -40.59 -26.53 -34.03
C LYS C 175 -41.05 -27.90 -34.48
N VAL C 176 -40.41 -28.95 -33.95
CA VAL C 176 -40.74 -30.32 -34.29
C VAL C 176 -42.16 -30.69 -33.82
N ILE C 177 -42.50 -30.31 -32.60
CA ILE C 177 -43.80 -30.63 -32.04
C ILE C 177 -44.89 -29.86 -32.76
N HIS C 178 -44.63 -28.58 -33.02
CA HIS C 178 -45.64 -27.78 -33.70
C HIS C 178 -45.83 -28.25 -35.12
N ASP C 179 -44.73 -28.52 -35.83
CA ASP C 179 -44.83 -29.02 -37.20
C ASP C 179 -45.63 -30.32 -37.26
N LYS C 180 -45.43 -31.22 -36.30
CA LYS C 180 -46.06 -32.54 -36.39
C LYS C 180 -47.47 -32.58 -35.80
N PHE C 181 -47.66 -31.93 -34.65
CA PHE C 181 -48.92 -32.07 -33.92
C PHE C 181 -49.66 -30.76 -33.75
N GLY C 182 -48.93 -29.66 -33.89
CA GLY C 182 -49.55 -28.37 -33.67
C GLY C 182 -49.64 -28.07 -32.18
N ILE C 183 -48.96 -27.00 -31.77
CA ILE C 183 -49.04 -26.56 -30.38
C ILE C 183 -50.09 -25.49 -30.23
N ILE C 184 -51.14 -25.75 -29.44
CA ILE C 184 -52.17 -24.73 -29.20
C ILE C 184 -51.63 -23.62 -28.27
N GLU C 185 -51.02 -24.04 -27.16
CA GLU C 185 -50.46 -23.12 -26.18
C GLU C 185 -49.50 -23.88 -25.31
N GLY C 186 -48.54 -23.18 -24.71
CA GLY C 186 -47.52 -23.81 -23.89
C GLY C 186 -46.89 -22.92 -22.84
N LEU C 187 -46.54 -23.53 -21.72
CA LEU C 187 -45.86 -22.84 -20.66
C LEU C 187 -44.59 -23.60 -20.30
N MET C 188 -43.48 -22.85 -20.19
CA MET C 188 -42.15 -23.41 -20.01
C MET C 188 -41.54 -23.04 -18.64
N THR C 189 -40.88 -23.99 -18.01
CA THR C 189 -40.00 -23.66 -16.90
C THR C 189 -38.61 -24.14 -17.30
N THR C 190 -37.57 -23.32 -17.07
CA THR C 190 -36.21 -23.83 -17.21
C THR C 190 -35.59 -23.87 -15.81
N VAL C 191 -35.11 -25.06 -15.44
CA VAL C 191 -34.36 -25.26 -14.21
C VAL C 191 -32.92 -25.00 -14.65
N HIS C 192 -32.37 -23.88 -14.22
CA HIS C 192 -31.19 -23.36 -14.88
C HIS C 192 -29.99 -23.33 -13.94
N ALA C 193 -28.83 -23.71 -14.47
CA ALA C 193 -27.57 -23.61 -13.71
C ALA C 193 -27.24 -22.17 -13.36
N THR C 194 -26.44 -21.99 -12.30
CA THR C 194 -25.91 -20.69 -11.92
C THR C 194 -25.12 -20.04 -13.03
N THR C 195 -25.21 -18.72 -13.14
CA THR C 195 -24.40 -17.98 -14.11
C THR C 195 -23.62 -16.84 -13.46
N ALA C 196 -22.83 -16.14 -14.25
CA ALA C 196 -21.94 -15.11 -13.74
C ALA C 196 -22.67 -13.87 -13.19
N THR C 197 -23.94 -13.70 -13.53
CA THR C 197 -24.70 -12.53 -13.04
C THR C 197 -25.11 -12.71 -11.58
N GLN C 198 -25.04 -13.94 -11.07
CA GLN C 198 -25.49 -14.22 -9.73
C GLN C 198 -24.39 -13.94 -8.68
N LYS C 199 -24.73 -14.12 -7.40
CA LYS C 199 -23.80 -13.77 -6.29
C LYS C 199 -23.45 -14.99 -5.46
N THR C 200 -22.24 -15.02 -4.91
CA THR C 200 -21.82 -16.15 -4.08
C THR C 200 -22.53 -16.15 -2.73
N VAL C 201 -22.78 -14.96 -2.19
CA VAL C 201 -23.54 -14.81 -0.95
C VAL C 201 -24.49 -13.65 -1.17
N ASP C 202 -25.54 -13.52 -0.35
CA ASP C 202 -26.54 -12.46 -0.50
C ASP C 202 -25.88 -11.10 -0.75
N GLY C 203 -26.07 -10.57 -1.96
CA GLY C 203 -25.48 -9.28 -2.30
C GLY C 203 -26.39 -8.44 -3.19
N PRO C 204 -25.94 -7.23 -3.55
CA PRO C 204 -26.74 -6.26 -4.29
C PRO C 204 -26.99 -6.64 -5.75
N SER C 205 -28.26 -6.64 -6.14
CA SER C 205 -28.67 -6.90 -7.50
C SER C 205 -29.89 -6.02 -7.69
N GLY C 206 -29.65 -4.70 -7.71
CA GLY C 206 -30.68 -3.69 -7.54
C GLY C 206 -31.93 -3.74 -8.37
N LYS C 207 -31.80 -4.18 -9.62
CA LYS C 207 -32.93 -4.32 -10.53
C LYS C 207 -33.68 -5.64 -10.32
N LEU C 208 -32.98 -6.65 -9.81
CA LEU C 208 -33.54 -7.98 -9.69
C LEU C 208 -33.17 -8.60 -8.36
N TRP C 209 -33.97 -8.32 -7.34
CA TRP C 209 -33.60 -8.63 -5.96
C TRP C 209 -33.34 -10.11 -5.71
N ARG C 210 -34.14 -11.00 -6.31
CA ARG C 210 -33.94 -12.43 -6.02
C ARG C 210 -32.59 -12.93 -6.53
N ASP C 211 -32.13 -12.34 -7.62
CA ASP C 211 -30.87 -12.74 -8.25
C ASP C 211 -29.65 -12.42 -7.43
N GLY C 212 -29.82 -11.59 -6.40
CA GLY C 212 -28.73 -11.24 -5.52
C GLY C 212 -28.53 -12.25 -4.40
N ARG C 213 -29.51 -13.11 -4.19
CA ARG C 213 -29.44 -14.05 -3.06
C ARG C 213 -28.41 -15.11 -3.35
N GLY C 214 -27.69 -15.57 -2.32
CA GLY C 214 -26.59 -16.53 -2.46
C GLY C 214 -26.90 -17.72 -3.36
N ALA C 215 -26.16 -17.83 -4.47
CA ALA C 215 -26.47 -18.81 -5.51
C ALA C 215 -26.36 -20.25 -5.01
N GLY C 216 -25.37 -20.52 -4.16
CA GLY C 216 -25.13 -21.87 -3.66
C GLY C 216 -26.17 -22.38 -2.70
N GLN C 217 -26.88 -21.45 -2.07
CA GLN C 217 -27.86 -21.76 -1.05
C GLN C 217 -29.30 -21.96 -1.53
N ASN C 218 -29.63 -21.41 -2.68
CA ASN C 218 -31.03 -21.16 -3.03
C ASN C 218 -31.53 -21.71 -4.36
N ILE C 219 -32.81 -22.05 -4.38
CA ILE C 219 -33.59 -22.11 -5.60
C ILE C 219 -34.15 -20.71 -5.80
N ILE C 220 -33.87 -20.10 -6.94
CA ILE C 220 -34.19 -18.69 -7.16
C ILE C 220 -35.13 -18.51 -8.35
N PRO C 221 -36.38 -18.10 -8.09
CA PRO C 221 -37.29 -17.83 -9.21
C PRO C 221 -36.77 -16.70 -10.05
N ALA C 222 -36.89 -16.82 -11.37
CA ALA C 222 -36.44 -15.73 -12.19
C ALA C 222 -37.27 -15.61 -13.47
N SER C 223 -37.45 -14.38 -13.93
CA SER C 223 -38.19 -14.18 -15.15
C SER C 223 -37.24 -14.37 -16.31
N THR C 224 -37.80 -14.89 -17.39
CA THR C 224 -37.06 -15.07 -18.62
C THR C 224 -38.03 -14.83 -19.76
N GLY C 225 -37.53 -14.23 -20.83
CA GLY C 225 -38.31 -13.97 -22.02
C GLY C 225 -38.06 -15.04 -23.07
N ALA C 226 -37.43 -16.13 -22.64
CA ALA C 226 -36.97 -17.15 -23.59
C ALA C 226 -38.08 -17.84 -24.35
N ALA C 227 -39.18 -18.17 -23.67
CA ALA C 227 -40.27 -18.87 -24.34
C ALA C 227 -41.02 -17.96 -25.28
N LYS C 228 -41.29 -16.73 -24.83
CA LYS C 228 -41.96 -15.73 -25.67
C LYS C 228 -41.14 -15.46 -26.94
N ALA C 229 -39.81 -15.48 -26.76
CA ALA C 229 -38.87 -15.25 -27.85
C ALA C 229 -38.95 -16.33 -28.93
N VAL C 230 -39.44 -17.51 -28.55
CA VAL C 230 -39.63 -18.58 -29.50
C VAL C 230 -40.64 -18.11 -30.55
N GLY C 231 -41.53 -17.23 -30.12
CA GLY C 231 -42.51 -16.63 -31.02
C GLY C 231 -41.92 -15.70 -32.06
N LYS C 232 -40.68 -15.27 -31.88
CA LYS C 232 -40.03 -14.47 -32.92
C LYS C 232 -39.26 -15.35 -33.92
N VAL C 233 -38.73 -16.51 -33.48
CA VAL C 233 -38.05 -17.37 -34.46
C VAL C 233 -39.03 -18.35 -35.12
N ILE C 234 -40.19 -18.54 -34.49
CA ILE C 234 -41.30 -19.25 -35.12
C ILE C 234 -42.56 -18.38 -35.03
N PRO C 235 -42.77 -17.51 -36.02
CA PRO C 235 -43.84 -16.51 -35.98
C PRO C 235 -45.22 -17.08 -35.67
N ASP C 236 -45.52 -18.29 -36.13
CA ASP C 236 -46.83 -18.88 -35.90
C ASP C 236 -47.08 -19.16 -34.41
N LEU C 237 -46.02 -19.17 -33.61
CA LEU C 237 -46.18 -19.44 -32.19
C LEU C 237 -46.12 -18.15 -31.36
N ASN C 238 -46.13 -17.01 -32.04
CA ASN C 238 -46.16 -15.73 -31.35
C ASN C 238 -47.40 -15.65 -30.44
N GLY C 239 -47.19 -15.33 -29.17
CA GLY C 239 -48.27 -15.23 -28.23
C GLY C 239 -48.78 -16.55 -27.67
N LYS C 240 -48.18 -17.66 -28.11
CA LYS C 240 -48.64 -18.97 -27.68
C LYS C 240 -47.73 -19.63 -26.66
N LEU C 241 -46.63 -18.96 -26.32
CA LEU C 241 -45.70 -19.53 -25.37
C LEU C 241 -45.16 -18.47 -24.42
N THR C 242 -45.07 -18.81 -23.14
CA THR C 242 -44.25 -18.00 -22.25
C THR C 242 -43.76 -18.90 -21.13
N GLY C 243 -42.96 -18.36 -20.22
CA GLY C 243 -42.40 -19.21 -19.18
C GLY C 243 -41.59 -18.46 -18.16
N MET C 244 -40.90 -19.21 -17.29
CA MET C 244 -40.07 -18.61 -16.24
C MET C 244 -38.93 -19.55 -15.88
N ALA C 245 -38.13 -19.17 -14.88
CA ALA C 245 -36.99 -19.97 -14.54
C ALA C 245 -36.80 -20.18 -13.04
N PHE C 246 -36.14 -21.29 -12.70
CA PHE C 246 -35.55 -21.49 -11.39
C PHE C 246 -34.04 -21.65 -11.57
N ARG C 247 -33.30 -20.73 -10.98
CA ARG C 247 -31.85 -20.84 -10.89
CA ARG C 247 -31.85 -20.85 -10.91
C ARG C 247 -31.50 -21.76 -9.74
N VAL C 248 -30.68 -22.77 -10.00
CA VAL C 248 -30.32 -23.72 -8.95
C VAL C 248 -28.79 -23.84 -8.84
N PRO C 249 -28.28 -24.39 -7.71
CA PRO C 249 -26.83 -24.39 -7.45
C PRO C 249 -25.99 -25.46 -8.18
N THR C 250 -25.99 -25.43 -9.50
CA THR C 250 -25.08 -26.24 -10.30
C THR C 250 -24.32 -25.24 -11.16
N PRO C 251 -23.09 -25.60 -11.58
CA PRO C 251 -22.23 -24.67 -12.33
C PRO C 251 -22.53 -24.55 -13.84
N ASP C 252 -23.21 -25.53 -14.40
CA ASP C 252 -23.51 -25.57 -15.83
C ASP C 252 -24.46 -26.69 -16.12
N VAL C 253 -25.11 -26.58 -17.27
CA VAL C 253 -26.13 -27.49 -17.80
C VAL C 253 -27.49 -27.19 -17.18
N SER C 254 -28.48 -27.06 -18.05
CA SER C 254 -29.82 -26.64 -17.68
C SER C 254 -30.86 -27.55 -18.33
N VAL C 255 -32.13 -27.38 -17.96
CA VAL C 255 -33.14 -28.23 -18.56
C VAL C 255 -34.44 -27.49 -18.77
N VAL C 256 -35.04 -27.74 -19.93
CA VAL C 256 -36.32 -27.15 -20.30
C VAL C 256 -37.45 -28.12 -20.00
N ASP C 257 -38.49 -27.56 -19.39
CA ASP C 257 -39.69 -28.26 -18.96
C ASP C 257 -40.86 -27.59 -19.64
N LEU C 258 -41.30 -28.15 -20.77
CA LEU C 258 -42.32 -27.55 -21.60
C LEU C 258 -43.64 -28.27 -21.42
N THR C 259 -44.61 -27.55 -20.87
CA THR C 259 -45.95 -28.07 -20.70
C THR C 259 -46.84 -27.48 -21.78
N CYS C 260 -47.34 -28.29 -22.71
CA CYS C 260 -48.11 -27.74 -23.81
C CYS C 260 -49.34 -28.55 -24.17
N ARG C 261 -50.30 -27.86 -24.77
CA ARG C 261 -51.49 -28.47 -25.32
C ARG C 261 -51.33 -28.66 -26.82
N LEU C 262 -51.66 -29.85 -27.31
CA LEU C 262 -51.50 -30.20 -28.72
C LEU C 262 -52.82 -30.17 -29.48
N GLN C 263 -52.77 -29.76 -30.75
CA GLN C 263 -53.94 -29.82 -31.61
C GLN C 263 -54.31 -31.27 -31.90
N LYS C 264 -53.35 -31.99 -32.50
CA LYS C 264 -53.51 -33.38 -32.86
C LYS C 264 -53.02 -34.27 -31.73
N GLY C 265 -53.90 -35.13 -31.23
CA GLY C 265 -53.56 -36.00 -30.13
C GLY C 265 -52.40 -36.89 -30.50
N ALA C 266 -51.56 -37.20 -29.53
CA ALA C 266 -50.41 -38.03 -29.81
C ALA C 266 -50.04 -38.82 -28.58
N THR C 267 -49.64 -40.08 -28.80
CA THR C 267 -49.06 -40.89 -27.73
C THR C 267 -47.62 -40.46 -27.53
N MET C 268 -47.03 -40.86 -26.40
CA MET C 268 -45.65 -40.48 -26.15
C MET C 268 -44.73 -41.17 -27.15
N ASP C 269 -45.10 -42.38 -27.59
CA ASP C 269 -44.33 -43.06 -28.61
C ASP C 269 -44.30 -42.28 -29.92
N GLU C 270 -45.43 -41.67 -30.27
CA GLU C 270 -45.51 -40.83 -31.47
C GLU C 270 -44.67 -39.56 -31.26
N ILE C 271 -44.72 -39.03 -30.05
CA ILE C 271 -43.90 -37.88 -29.76
C ILE C 271 -42.44 -38.25 -29.89
N LYS C 272 -42.06 -39.37 -29.28
CA LYS C 272 -40.68 -39.88 -29.39
C LYS C 272 -40.22 -40.07 -30.82
N ALA C 273 -41.03 -40.70 -31.66
CA ALA C 273 -40.64 -40.94 -33.05
C ALA C 273 -40.45 -39.61 -33.79
N ALA C 274 -41.32 -38.64 -33.52
CA ALA C 274 -41.17 -37.34 -34.17
C ALA C 274 -39.85 -36.68 -33.80
N VAL C 275 -39.46 -36.75 -32.53
CA VAL C 275 -38.20 -36.11 -32.14
C VAL C 275 -37.01 -36.88 -32.73
N LYS C 276 -37.05 -38.20 -32.64
CA LYS C 276 -35.99 -39.06 -33.17
C LYS C 276 -35.78 -38.79 -34.66
N GLU C 277 -36.88 -38.59 -35.38
CA GLU C 277 -36.83 -38.29 -36.80
C GLU C 277 -36.10 -36.98 -37.08
N ALA C 278 -36.41 -35.95 -36.31
CA ALA C 278 -35.73 -34.68 -36.51
C ALA C 278 -34.25 -34.80 -36.14
N ALA C 279 -33.95 -35.54 -35.08
CA ALA C 279 -32.59 -35.64 -34.57
C ALA C 279 -31.68 -36.38 -35.56
N ASN C 280 -32.21 -37.38 -36.24
CA ASN C 280 -31.43 -38.17 -37.19
C ASN C 280 -31.43 -37.60 -38.60
N GLY C 281 -32.21 -36.53 -38.80
CA GLY C 281 -32.33 -35.94 -40.12
C GLY C 281 -31.98 -34.47 -40.15
N PRO C 282 -32.98 -33.61 -40.38
CA PRO C 282 -32.76 -32.17 -40.60
C PRO C 282 -32.22 -31.38 -39.40
N MET C 283 -32.32 -31.92 -38.20
CA MET C 283 -31.83 -31.19 -37.04
C MET C 283 -30.68 -31.93 -36.36
N LYS C 284 -30.00 -32.76 -37.13
CA LYS C 284 -28.82 -33.47 -36.66
C LYS C 284 -27.83 -32.45 -36.13
N GLY C 285 -27.26 -32.71 -34.95
CA GLY C 285 -26.28 -31.80 -34.38
C GLY C 285 -26.90 -30.63 -33.63
N ILE C 286 -28.19 -30.41 -33.84
CA ILE C 286 -28.92 -29.36 -33.14
C ILE C 286 -29.79 -29.95 -32.04
N LEU C 287 -30.66 -30.85 -32.44
CA LEU C 287 -31.54 -31.58 -31.52
C LEU C 287 -31.09 -33.03 -31.46
N GLU C 288 -30.91 -33.56 -30.25
CA GLU C 288 -30.54 -34.96 -30.05
C GLU C 288 -31.65 -35.68 -29.30
N TYR C 289 -31.66 -37.00 -29.40
CA TYR C 289 -32.65 -37.78 -28.71
C TYR C 289 -31.93 -38.74 -27.81
N THR C 290 -32.35 -38.86 -26.55
CA THR C 290 -31.87 -39.95 -25.73
C THR C 290 -33.01 -40.63 -24.99
N GLU C 291 -32.77 -41.90 -24.69
CA GLU C 291 -33.65 -42.72 -23.88
C GLU C 291 -32.93 -43.23 -22.65
N ASP C 292 -31.74 -42.69 -22.35
CA ASP C 292 -30.99 -43.17 -21.18
C ASP C 292 -31.41 -42.48 -19.90
N GLN C 293 -30.97 -43.03 -18.77
CA GLN C 293 -31.32 -42.49 -17.46
C GLN C 293 -30.36 -41.40 -17.07
N VAL C 294 -30.41 -40.29 -17.79
CA VAL C 294 -29.41 -39.25 -17.68
C VAL C 294 -29.70 -38.27 -16.53
N VAL C 295 -28.65 -37.58 -16.10
CA VAL C 295 -28.75 -36.45 -15.16
C VAL C 295 -27.92 -35.31 -15.75
N SER C 296 -27.94 -34.14 -15.15
CA SER C 296 -27.38 -32.95 -15.81
C SER C 296 -25.90 -33.07 -16.23
N THR C 297 -25.04 -33.60 -15.36
CA THR C 297 -23.61 -33.66 -15.67
C THR C 297 -23.30 -34.51 -16.90
N ASP C 298 -24.23 -35.38 -17.28
CA ASP C 298 -24.02 -36.19 -18.48
C ASP C 298 -24.02 -35.34 -19.75
N PHE C 299 -24.39 -34.07 -19.64
CA PHE C 299 -24.38 -33.19 -20.81
C PHE C 299 -23.35 -32.08 -20.75
N THR C 300 -22.47 -32.16 -19.74
CA THR C 300 -21.36 -31.23 -19.63
C THR C 300 -20.43 -31.42 -20.83
N GLY C 301 -20.31 -30.37 -21.64
CA GLY C 301 -19.56 -30.43 -22.88
C GLY C 301 -20.40 -30.89 -24.10
N ASP C 302 -21.71 -31.10 -23.93
CA ASP C 302 -22.52 -31.49 -25.09
C ASP C 302 -22.69 -30.30 -26.06
N THR C 303 -22.48 -30.55 -27.35
CA THR C 303 -22.52 -29.48 -28.36
C THR C 303 -23.92 -29.21 -28.95
N HIS C 304 -24.90 -30.04 -28.60
CA HIS C 304 -26.26 -29.86 -29.14
C HIS C 304 -26.98 -28.66 -28.54
N SER C 305 -27.98 -28.14 -29.25
CA SER C 305 -28.77 -27.05 -28.70
C SER C 305 -29.77 -27.58 -27.69
N SER C 306 -30.15 -28.84 -27.88
CA SER C 306 -31.27 -29.40 -27.16
C SER C 306 -31.21 -30.91 -27.19
N ILE C 307 -31.27 -31.54 -26.02
CA ILE C 307 -31.32 -33.01 -25.96
C ILE C 307 -32.59 -33.50 -25.26
N PHE C 308 -33.50 -34.07 -26.04
CA PHE C 308 -34.79 -34.56 -25.59
C PHE C 308 -34.64 -35.76 -24.67
N ASP C 309 -35.24 -35.67 -23.48
CA ASP C 309 -35.15 -36.71 -22.48
C ASP C 309 -36.40 -37.56 -22.54
N ALA C 310 -36.36 -38.62 -23.34
CA ALA C 310 -37.58 -39.35 -23.66
C ALA C 310 -38.26 -39.94 -22.43
N LEU C 311 -37.45 -40.51 -21.55
CA LEU C 311 -37.98 -41.20 -20.37
C LEU C 311 -38.48 -40.26 -19.27
N ALA C 312 -38.02 -39.01 -19.26
CA ALA C 312 -38.49 -38.04 -18.25
C ALA C 312 -39.80 -37.36 -18.65
N CYS C 313 -40.14 -37.44 -19.94
CA CYS C 313 -41.38 -36.81 -20.42
C CYS C 313 -42.58 -37.48 -19.79
N ILE C 314 -43.67 -36.73 -19.62
CA ILE C 314 -44.91 -37.32 -19.08
C ILE C 314 -46.12 -36.73 -19.77
N SER C 315 -47.16 -37.53 -19.93
CA SER C 315 -48.41 -37.00 -20.48
C SER C 315 -49.56 -37.26 -19.52
N LEU C 316 -50.49 -36.31 -19.48
CA LEU C 316 -51.75 -36.54 -18.80
C LEU C 316 -52.72 -37.24 -19.76
N ASN C 317 -52.77 -36.77 -21.00
CA ASN C 317 -53.59 -37.36 -22.03
C ASN C 317 -52.94 -37.03 -23.37
N PRO C 318 -53.46 -37.58 -24.51
CA PRO C 318 -52.85 -37.27 -25.81
C PRO C 318 -52.74 -35.77 -26.17
N ASN C 319 -53.50 -34.88 -25.53
CA ASN C 319 -53.42 -33.47 -25.89
C ASN C 319 -52.81 -32.54 -24.85
N PHE C 320 -52.27 -33.11 -23.78
CA PHE C 320 -51.69 -32.29 -22.72
C PHE C 320 -50.45 -33.00 -22.20
N VAL C 321 -49.29 -32.47 -22.53
CA VAL C 321 -48.04 -33.18 -22.27
C VAL C 321 -46.99 -32.26 -21.69
N LYS C 322 -46.00 -32.87 -21.04
CA LYS C 322 -44.84 -32.17 -20.46
C LYS C 322 -43.56 -32.75 -21.05
N LEU C 323 -42.82 -31.93 -21.78
CA LEU C 323 -41.65 -32.43 -22.52
C LEU C 323 -40.38 -31.88 -21.92
N ILE C 324 -39.38 -32.76 -21.76
CA ILE C 324 -38.15 -32.42 -21.06
C ILE C 324 -36.96 -32.43 -22.02
N ALA C 325 -36.22 -31.32 -22.10
CA ALA C 325 -35.04 -31.24 -22.95
C ALA C 325 -33.86 -30.56 -22.25
N TRP C 326 -32.69 -31.21 -22.28
CA TRP C 326 -31.46 -30.72 -21.66
C TRP C 326 -30.69 -29.82 -22.60
N TYR C 327 -29.82 -28.98 -22.03
CA TYR C 327 -28.85 -28.20 -22.79
C TYR C 327 -27.70 -27.73 -21.95
N ASP C 328 -26.49 -27.92 -22.47
CA ASP C 328 -25.34 -27.30 -21.87
C ASP C 328 -25.42 -25.81 -22.21
N ASN C 329 -25.88 -25.01 -21.25
CA ASN C 329 -26.18 -23.60 -21.50
C ASN C 329 -24.92 -22.83 -21.89
N GLU C 330 -23.75 -23.30 -21.45
CA GLU C 330 -22.49 -22.68 -21.89
C GLU C 330 -22.05 -23.22 -23.27
N TYR C 331 -21.88 -24.52 -23.40
CA TYR C 331 -21.15 -25.04 -24.55
C TYR C 331 -22.00 -25.26 -25.79
N GLY C 332 -23.23 -25.71 -25.62
CA GLY C 332 -24.16 -25.84 -26.73
C GLY C 332 -24.36 -24.51 -27.44
N TYR C 333 -24.68 -23.48 -26.66
CA TYR C 333 -24.87 -22.14 -27.21
C TYR C 333 -23.62 -21.59 -27.91
N SER C 334 -22.46 -21.82 -27.31
CA SER C 334 -21.19 -21.36 -27.86
C SER C 334 -20.92 -22.03 -29.20
N ASN C 335 -21.26 -23.31 -29.31
CA ASN C 335 -21.14 -24.00 -30.58
C ASN C 335 -22.07 -23.42 -31.62
N ARG C 336 -23.27 -22.98 -31.21
CA ARG C 336 -24.21 -22.38 -32.16
C ARG C 336 -23.73 -21.01 -32.65
N VAL C 337 -23.05 -20.28 -31.77
CA VAL C 337 -22.49 -18.98 -32.13
C VAL C 337 -21.55 -19.16 -33.31
N VAL C 338 -20.69 -20.16 -33.21
CA VAL C 338 -19.76 -20.46 -34.30
C VAL C 338 -20.52 -20.87 -35.55
N ASP C 339 -21.50 -21.76 -35.39
CA ASP C 339 -22.34 -22.21 -36.51
C ASP C 339 -23.09 -21.05 -37.18
N LEU C 340 -23.58 -20.10 -36.38
CA LEU C 340 -24.29 -18.95 -36.94
C LEU C 340 -23.36 -18.02 -37.75
N ILE C 341 -22.14 -17.83 -37.27
CA ILE C 341 -21.14 -17.07 -38.03
C ILE C 341 -20.81 -17.78 -39.36
N SER C 342 -20.54 -19.08 -39.28
CA SER C 342 -20.27 -19.90 -40.47
C SER C 342 -21.44 -19.86 -41.48
N TYR C 343 -22.67 -19.85 -40.98
CA TYR C 343 -23.81 -19.81 -41.90
C TYR C 343 -23.90 -18.48 -42.64
N ILE C 344 -23.92 -17.37 -41.91
CA ILE C 344 -24.15 -16.09 -42.58
C ILE C 344 -22.98 -15.71 -43.51
N ALA C 345 -21.79 -16.22 -43.20
CA ALA C 345 -20.64 -16.01 -44.06
C ALA C 345 -20.77 -16.78 -45.38
N SER C 346 -21.58 -17.84 -45.37
CA SER C 346 -21.80 -18.62 -46.59
C SER C 346 -22.91 -18.04 -47.46
N ARG C 347 -23.48 -16.90 -47.06
CA ARG C 347 -24.59 -16.28 -47.77
C ARG C 347 -24.14 -15.13 -48.68
N LYS D 11 33.14 -3.01 -26.19
CA LYS D 11 32.74 -2.38 -24.94
C LYS D 11 31.24 -2.46 -24.75
N PRO D 12 30.79 -2.71 -23.51
CA PRO D 12 29.35 -2.78 -23.26
C PRO D 12 28.66 -1.46 -23.66
N LYS D 13 27.50 -1.59 -24.30
CA LYS D 13 26.79 -0.42 -24.79
C LYS D 13 25.69 -0.11 -23.78
N VAL D 14 25.60 1.15 -23.38
CA VAL D 14 24.78 1.48 -22.23
C VAL D 14 23.73 2.53 -22.59
N GLY D 15 22.53 2.35 -22.08
CA GLY D 15 21.48 3.35 -22.17
C GLY D 15 21.17 3.87 -20.78
N ILE D 16 20.78 5.13 -20.67
CA ILE D 16 20.48 5.73 -19.37
C ILE D 16 19.05 6.26 -19.29
N ASN D 17 18.25 5.76 -18.35
CA ASN D 17 16.92 6.32 -18.16
C ASN D 17 16.87 7.27 -16.97
N GLY D 18 16.58 8.55 -17.26
CA GLY D 18 16.58 9.59 -16.25
C GLY D 18 17.91 10.33 -16.16
N PHE D 19 17.96 11.48 -16.81
CA PHE D 19 19.18 12.27 -16.93
C PHE D 19 19.31 13.25 -15.76
N GLY D 20 19.21 12.73 -14.53
CA GLY D 20 19.28 13.53 -13.33
C GLY D 20 20.68 13.54 -12.75
N ARG D 21 20.83 13.73 -11.43
CA ARG D 21 22.16 13.78 -10.83
C ARG D 21 22.90 12.48 -11.13
N ILE D 22 22.24 11.34 -10.89
CA ILE D 22 22.90 10.07 -11.12
C ILE D 22 23.04 9.81 -12.61
N GLY D 23 21.97 10.02 -13.36
CA GLY D 23 22.00 9.84 -14.79
C GLY D 23 23.16 10.57 -15.44
N ARG D 24 23.32 11.85 -15.11
CA ARG D 24 24.37 12.69 -15.70
C ARG D 24 25.78 12.35 -15.24
N LEU D 25 25.93 12.06 -13.95
CA LEU D 25 27.25 11.80 -13.43
C LEU D 25 27.71 10.39 -13.79
N VAL D 26 26.76 9.49 -14.02
CA VAL D 26 27.11 8.20 -14.58
C VAL D 26 27.72 8.39 -15.98
N LEU D 27 27.09 9.25 -16.78
CA LEU D 27 27.64 9.58 -18.10
C LEU D 27 29.04 10.17 -17.96
N ARG D 28 29.21 11.12 -17.04
CA ARG D 28 30.55 11.69 -16.80
C ARG D 28 31.58 10.63 -16.44
N ALA D 29 31.21 9.75 -15.51
CA ALA D 29 32.10 8.71 -15.03
C ALA D 29 32.42 7.73 -16.15
N ALA D 30 31.43 7.45 -16.99
CA ALA D 30 31.58 6.57 -18.14
C ALA D 30 32.60 7.12 -19.13
N VAL D 31 32.51 8.42 -19.39
CA VAL D 31 33.43 9.08 -20.32
C VAL D 31 34.85 9.05 -19.79
N GLU D 32 34.99 9.28 -18.49
CA GLU D 32 36.32 9.31 -17.91
C GLU D 32 36.95 7.90 -17.83
N LYS D 33 36.16 6.91 -17.45
CA LYS D 33 36.67 5.57 -17.25
C LYS D 33 36.81 4.86 -18.60
N ASP D 34 35.98 5.27 -19.56
CA ASP D 34 35.99 4.72 -20.92
C ASP D 34 35.91 3.20 -20.95
N THR D 35 35.13 2.64 -20.02
CA THR D 35 35.00 1.18 -20.00
C THR D 35 33.63 0.76 -20.53
N VAL D 36 32.77 1.74 -20.77
CA VAL D 36 31.48 1.45 -21.38
C VAL D 36 31.21 2.45 -22.51
N ASP D 37 30.22 2.16 -23.33
CA ASP D 37 29.89 3.02 -24.45
C ASP D 37 28.43 3.39 -24.32
N VAL D 38 28.18 4.66 -24.01
CA VAL D 38 26.80 5.11 -23.84
C VAL D 38 26.18 5.44 -25.20
N VAL D 39 25.06 4.79 -25.52
CA VAL D 39 24.46 4.90 -26.84
C VAL D 39 23.05 5.51 -26.84
N ALA D 40 22.45 5.65 -25.66
CA ALA D 40 21.09 6.20 -25.57
C ALA D 40 20.79 6.77 -24.19
N VAL D 41 19.90 7.76 -24.17
CA VAL D 41 19.46 8.36 -22.91
C VAL D 41 17.99 8.78 -23.07
N ASN D 42 17.21 8.65 -22.00
CA ASN D 42 15.81 9.05 -22.01
C ASN D 42 15.42 9.93 -20.82
N ASP D 43 14.74 11.04 -21.08
CA ASP D 43 14.24 11.93 -20.03
C ASP D 43 13.21 12.87 -20.62
N PRO D 44 11.93 12.72 -20.24
CA PRO D 44 10.87 13.52 -20.86
C PRO D 44 10.79 14.95 -20.36
N PHE D 45 11.54 15.31 -19.33
CA PHE D 45 11.48 16.66 -18.81
C PHE D 45 12.70 17.46 -19.24
N ILE D 46 13.54 16.82 -20.05
CA ILE D 46 14.78 17.41 -20.53
C ILE D 46 14.97 17.08 -22.01
N ASN D 47 14.70 18.06 -22.89
CA ASN D 47 14.91 17.85 -24.33
C ASN D 47 16.41 17.89 -24.64
N ILE D 48 16.78 17.58 -25.88
CA ILE D 48 18.18 17.39 -26.21
C ILE D 48 19.04 18.64 -25.98
N ASP D 49 18.52 19.82 -26.30
CA ASP D 49 19.29 21.05 -26.11
C ASP D 49 19.54 21.34 -24.63
N TYR D 50 18.53 21.08 -23.81
CA TYR D 50 18.62 21.22 -22.36
C TYR D 50 19.59 20.18 -21.76
N MET D 51 19.61 18.98 -22.32
CA MET D 51 20.54 17.93 -21.88
C MET D 51 21.98 18.39 -22.01
N VAL D 52 22.27 19.06 -23.14
CA VAL D 52 23.60 19.61 -23.39
C VAL D 52 24.04 20.53 -22.25
N TYR D 53 23.17 21.46 -21.92
CA TYR D 53 23.42 22.45 -20.87
C TYR D 53 23.63 21.82 -19.51
N MET D 54 22.75 20.89 -19.15
CA MET D 54 22.76 20.30 -17.82
C MET D 54 24.00 19.44 -17.60
N PHE D 55 24.49 18.84 -18.68
CA PHE D 55 25.70 18.04 -18.64
C PHE D 55 26.95 18.92 -18.65
N LYS D 56 26.90 19.99 -19.41
CA LYS D 56 28.05 20.89 -19.54
C LYS D 56 28.36 21.56 -18.21
N TYR D 57 27.33 22.16 -17.61
CA TYR D 57 27.53 22.92 -16.38
C TYR D 57 26.98 22.17 -15.18
N ASP D 58 27.79 22.10 -14.13
CA ASP D 58 27.37 21.42 -12.92
C ASP D 58 27.84 22.22 -11.70
N SER D 59 26.89 22.73 -10.93
CA SER D 59 27.22 23.56 -9.77
C SER D 59 28.16 22.86 -8.78
N THR D 60 28.04 21.54 -8.68
CA THR D 60 28.78 20.75 -7.71
C THR D 60 30.12 20.26 -8.21
N HIS D 61 30.14 19.73 -9.42
CA HIS D 61 31.30 19.04 -9.96
C HIS D 61 32.01 19.80 -11.08
N GLY D 62 31.58 21.03 -11.32
CA GLY D 62 32.27 21.89 -12.27
C GLY D 62 31.94 21.63 -13.71
N ARG D 63 32.55 22.41 -14.60
CA ARG D 63 32.30 22.28 -16.04
C ARG D 63 32.78 20.91 -16.56
N PHE D 64 31.98 20.30 -17.43
CA PHE D 64 32.40 19.03 -18.03
C PHE D 64 33.76 19.13 -18.71
N LYS D 65 34.66 18.23 -18.34
CA LYS D 65 36.02 18.20 -18.87
C LYS D 65 36.05 17.48 -20.21
N GLY D 66 35.73 18.21 -21.27
CA GLY D 66 35.57 17.64 -22.59
C GLY D 66 34.62 18.53 -23.36
N SER D 67 34.05 18.01 -24.44
CA SER D 67 33.13 18.80 -25.24
C SER D 67 31.76 18.12 -25.33
N VAL D 68 30.70 18.91 -25.31
CA VAL D 68 29.34 18.36 -25.42
C VAL D 68 28.51 19.24 -26.35
N SER D 69 27.74 18.63 -27.24
CA SER D 69 26.92 19.39 -28.18
C SER D 69 25.75 18.55 -28.70
N ALA D 70 24.84 19.23 -29.38
CA ALA D 70 23.70 18.58 -30.01
C ALA D 70 23.81 18.63 -31.53
N GLU D 71 23.78 17.47 -32.16
CA GLU D 71 23.82 17.39 -33.63
C GLU D 71 23.02 16.19 -34.12
N GLY D 72 22.04 16.45 -34.98
CA GLY D 72 21.23 15.38 -35.54
C GLY D 72 20.35 14.65 -34.55
N GLY D 73 19.87 15.34 -33.52
CA GLY D 73 18.98 14.71 -32.55
C GLY D 73 19.71 13.68 -31.71
N LYS D 74 21.03 13.74 -31.76
CA LYS D 74 21.86 12.85 -30.98
C LYS D 74 22.77 13.65 -30.07
N LEU D 75 23.08 13.07 -28.92
CA LEU D 75 23.97 13.72 -27.98
C LEU D 75 25.43 13.34 -28.28
N ILE D 76 26.27 14.34 -28.54
CA ILE D 76 27.68 14.10 -28.82
C ILE D 76 28.56 14.52 -27.63
N VAL D 77 29.19 13.53 -27.01
CA VAL D 77 29.99 13.77 -25.81
C VAL D 77 31.40 13.22 -26.03
N THR D 78 32.40 14.09 -25.86
CA THR D 78 33.79 13.71 -26.10
C THR D 78 34.78 14.32 -25.12
N ASN D 79 35.86 13.59 -24.87
CA ASN D 79 36.96 14.05 -24.03
C ASN D 79 38.26 14.19 -24.82
N GLY D 80 38.11 14.35 -26.13
CA GLY D 80 39.25 14.46 -27.04
C GLY D 80 39.61 13.11 -27.62
N LYS D 81 39.91 12.18 -26.72
CA LYS D 81 40.27 10.82 -27.11
C LYS D 81 39.10 10.05 -27.71
N THR D 82 38.03 9.91 -26.93
CA THR D 82 36.87 9.10 -27.31
C THR D 82 35.67 10.00 -27.52
N THR D 83 34.67 9.48 -28.25
CA THR D 83 33.43 10.20 -28.51
C THR D 83 32.24 9.28 -28.32
N HIS D 84 31.24 9.73 -27.58
CA HIS D 84 30.05 8.92 -27.37
C HIS D 84 28.94 9.55 -28.21
N HIS D 85 28.32 8.76 -29.07
CA HIS D 85 27.22 9.27 -29.88
C HIS D 85 25.91 8.75 -29.29
N ILE D 86 25.11 9.64 -28.71
CA ILE D 86 24.01 9.20 -27.86
C ILE D 86 22.65 9.53 -28.42
N SER D 87 21.82 8.51 -28.61
CA SER D 87 20.47 8.71 -29.10
C SER D 87 19.65 9.30 -27.96
N VAL D 88 18.76 10.23 -28.28
CA VAL D 88 18.04 10.95 -27.24
C VAL D 88 16.55 10.71 -27.36
N HIS D 89 15.91 10.32 -26.27
CA HIS D 89 14.47 10.08 -26.24
C HIS D 89 13.79 10.81 -25.10
N ASN D 90 12.48 10.95 -25.21
CA ASN D 90 11.68 11.69 -24.23
C ASN D 90 10.36 11.00 -23.90
N SER D 91 10.41 9.69 -23.68
CA SER D 91 9.22 8.91 -23.38
C SER D 91 8.97 8.83 -21.87
N LYS D 92 7.72 8.98 -21.47
CA LYS D 92 7.34 8.86 -20.06
C LYS D 92 7.24 7.39 -19.66
N ASP D 93 6.79 6.56 -20.59
CA ASP D 93 6.65 5.13 -20.35
C ASP D 93 7.90 4.42 -20.84
N PRO D 94 8.68 3.84 -19.92
CA PRO D 94 9.95 3.18 -20.25
C PRO D 94 9.77 1.99 -21.19
N ALA D 95 8.55 1.46 -21.24
CA ALA D 95 8.22 0.34 -22.11
C ALA D 95 8.31 0.76 -23.57
N GLU D 96 8.22 2.07 -23.80
CA GLU D 96 8.24 2.62 -25.15
C GLU D 96 9.65 3.01 -25.63
N ILE D 97 10.66 2.82 -24.79
CA ILE D 97 12.03 3.17 -25.19
C ILE D 97 12.71 2.05 -26.00
N PRO D 98 13.18 2.39 -27.21
CA PRO D 98 13.79 1.45 -28.16
C PRO D 98 15.28 1.18 -27.91
N TRP D 99 15.61 0.60 -26.76
CA TRP D 99 17.01 0.33 -26.41
C TRP D 99 17.74 -0.54 -27.44
N GLY D 100 17.04 -1.55 -27.94
CA GLY D 100 17.59 -2.45 -28.93
C GLY D 100 17.98 -1.79 -30.25
N VAL D 101 17.08 -0.97 -30.80
CA VAL D 101 17.34 -0.23 -32.02
C VAL D 101 18.57 0.66 -31.84
N ASP D 102 18.68 1.30 -30.69
CA ASP D 102 19.84 2.13 -30.44
C ASP D 102 21.03 1.23 -30.07
N GLY D 103 20.74 -0.01 -29.68
CA GLY D 103 21.76 -0.95 -29.25
C GLY D 103 22.14 -0.96 -27.78
N ALA D 104 21.26 -0.42 -26.92
CA ALA D 104 21.54 -0.38 -25.50
C ALA D 104 21.28 -1.72 -24.82
N GLU D 105 22.36 -2.49 -24.61
CA GLU D 105 22.27 -3.79 -23.97
C GLU D 105 22.09 -3.63 -22.46
N TYR D 106 22.80 -2.69 -21.88
CA TYR D 106 22.71 -2.42 -20.45
C TYR D 106 22.05 -1.07 -20.22
N VAL D 107 20.99 -1.05 -19.43
CA VAL D 107 20.30 0.20 -19.14
C VAL D 107 20.39 0.56 -17.65
N VAL D 108 20.90 1.75 -17.39
CA VAL D 108 20.93 2.30 -16.04
C VAL D 108 19.56 2.92 -15.77
N GLU D 109 18.87 2.40 -14.76
CA GLU D 109 17.55 2.90 -14.41
C GLU D 109 17.67 3.92 -13.28
N SER D 110 17.76 5.18 -13.65
CA SER D 110 18.10 6.22 -12.68
C SER D 110 17.03 7.31 -12.55
N THR D 111 15.76 6.93 -12.68
CA THR D 111 14.64 7.87 -12.54
C THR D 111 14.17 8.05 -11.10
N GLY D 112 14.33 7.00 -10.31
CA GLY D 112 13.85 7.00 -8.94
C GLY D 112 12.38 6.58 -8.83
N VAL D 113 11.72 6.30 -9.96
CA VAL D 113 10.30 5.93 -9.92
C VAL D 113 10.01 4.56 -10.56
N PHE D 114 11.06 3.82 -10.91
CA PHE D 114 10.87 2.47 -11.43
C PHE D 114 11.78 1.46 -10.71
N THR D 115 11.68 1.37 -9.38
CA THR D 115 12.69 0.61 -8.61
C THR D 115 12.31 -0.84 -8.29
N THR D 116 11.06 -1.22 -8.55
CA THR D 116 10.67 -2.61 -8.35
C THR D 116 11.03 -3.39 -9.61
N THR D 117 11.05 -4.72 -9.52
CA THR D 117 11.46 -5.53 -10.66
C THR D 117 10.43 -5.44 -11.78
N ASP D 118 9.16 -5.42 -11.41
CA ASP D 118 8.08 -5.36 -12.39
C ASP D 118 8.16 -4.06 -13.18
N LYS D 119 8.40 -2.97 -12.46
CA LYS D 119 8.51 -1.67 -13.10
C LYS D 119 9.79 -1.60 -13.92
N ALA D 120 10.88 -2.15 -13.38
CA ALA D 120 12.16 -2.10 -14.09
C ALA D 120 12.13 -2.99 -15.33
N SER D 121 11.27 -4.02 -15.32
CA SER D 121 11.22 -4.99 -16.41
C SER D 121 10.69 -4.39 -17.70
N ALA D 122 10.11 -3.20 -17.60
CA ALA D 122 9.58 -2.49 -18.75
C ALA D 122 10.64 -2.26 -19.83
N HIS D 123 11.89 -2.13 -19.38
CA HIS D 123 13.03 -1.91 -20.26
C HIS D 123 13.36 -3.09 -21.15
N LEU D 124 12.93 -4.28 -20.71
CA LEU D 124 13.20 -5.50 -21.45
C LEU D 124 12.44 -5.52 -22.75
N LYS D 125 11.23 -4.95 -22.71
CA LYS D 125 10.34 -4.88 -23.87
C LYS D 125 10.90 -4.00 -24.98
N GLY D 126 11.76 -3.07 -24.62
CA GLY D 126 12.38 -2.17 -25.58
C GLY D 126 13.64 -2.72 -26.22
N GLY D 127 14.09 -3.88 -25.76
CA GLY D 127 15.24 -4.52 -26.37
C GLY D 127 16.48 -4.55 -25.51
N ALA D 128 16.35 -4.10 -24.28
CA ALA D 128 17.47 -4.16 -23.34
C ALA D 128 17.61 -5.57 -22.78
N LYS D 129 18.83 -5.95 -22.42
CA LYS D 129 19.06 -7.27 -21.85
C LYS D 129 19.21 -7.18 -20.33
N LYS D 130 19.96 -6.18 -19.87
CA LYS D 130 20.20 -6.00 -18.45
C LYS D 130 19.77 -4.61 -18.00
N VAL D 131 19.23 -4.56 -16.80
CA VAL D 131 18.82 -3.29 -16.23
C VAL D 131 19.47 -3.15 -14.87
N ILE D 132 20.14 -2.02 -14.66
CA ILE D 132 20.72 -1.69 -13.35
C ILE D 132 19.96 -0.55 -12.69
N ILE D 133 19.21 -0.90 -11.65
CA ILE D 133 18.46 0.09 -10.90
C ILE D 133 19.44 0.85 -10.02
N SER D 134 19.44 2.17 -10.18
CA SER D 134 20.39 3.03 -9.48
C SER D 134 19.94 3.36 -8.06
N ALA D 135 19.35 2.37 -7.39
CA ALA D 135 18.74 2.56 -6.08
C ALA D 135 18.46 1.19 -5.44
N PRO D 136 18.18 1.15 -4.12
CA PRO D 136 17.72 -0.11 -3.52
C PRO D 136 16.43 -0.57 -4.18
N SER D 137 16.20 -1.88 -4.20
CA SER D 137 14.96 -2.41 -4.72
C SER D 137 14.27 -3.30 -3.69
N ALA D 138 12.94 -3.23 -3.68
CA ALA D 138 12.17 -4.07 -2.78
C ALA D 138 12.36 -5.55 -3.08
N ASP D 139 12.53 -5.90 -4.36
CA ASP D 139 12.63 -7.30 -4.73
C ASP D 139 13.78 -7.64 -5.70
N ALA D 140 14.28 -6.66 -6.45
CA ALA D 140 15.42 -6.94 -7.31
C ALA D 140 16.69 -7.09 -6.48
N PRO D 141 17.53 -8.07 -6.84
CA PRO D 141 18.76 -8.36 -6.10
C PRO D 141 19.78 -7.22 -6.11
N MET D 142 20.41 -7.01 -4.96
CA MET D 142 21.32 -5.89 -4.76
C MET D 142 22.78 -6.32 -4.73
N PHE D 143 23.64 -5.48 -5.30
CA PHE D 143 25.07 -5.77 -5.36
C PHE D 143 25.89 -4.57 -4.97
N VAL D 144 27.01 -4.80 -4.28
CA VAL D 144 27.95 -3.75 -3.96
C VAL D 144 29.32 -4.20 -4.42
N MET D 145 29.92 -3.45 -5.34
CA MET D 145 31.24 -3.81 -5.89
C MET D 145 32.25 -3.89 -4.75
N GLY D 146 33.06 -4.93 -4.78
CA GLY D 146 34.06 -5.14 -3.73
C GLY D 146 33.51 -5.90 -2.56
N VAL D 147 32.21 -6.22 -2.59
CA VAL D 147 31.58 -6.90 -1.46
C VAL D 147 30.83 -8.20 -1.84
N ASN D 148 29.86 -8.13 -2.73
CA ASN D 148 29.12 -9.35 -3.10
C ASN D 148 28.83 -9.48 -4.60
N ASN D 149 29.52 -8.71 -5.43
CA ASN D 149 29.24 -8.75 -6.85
C ASN D 149 29.61 -10.09 -7.48
N ASP D 150 30.50 -10.85 -6.85
CA ASP D 150 30.87 -12.16 -7.42
C ASP D 150 29.77 -13.19 -7.23
N THR D 151 28.74 -12.84 -6.47
CA THR D 151 27.57 -13.71 -6.33
C THR D 151 26.57 -13.47 -7.44
N TYR D 152 26.87 -12.51 -8.33
CA TYR D 152 26.01 -12.24 -9.48
C TYR D 152 25.93 -13.48 -10.36
N ASP D 153 24.72 -13.78 -10.81
CA ASP D 153 24.46 -14.96 -11.63
C ASP D 153 23.91 -14.56 -12.99
N LYS D 154 24.77 -14.58 -14.01
CA LYS D 154 24.44 -14.06 -15.34
C LYS D 154 23.19 -14.66 -15.96
N ALA D 155 23.00 -15.96 -15.74
CA ALA D 155 21.88 -16.69 -16.33
C ALA D 155 20.52 -16.29 -15.75
N ASN D 156 20.49 -15.88 -14.48
CA ASN D 156 19.23 -15.63 -13.79
C ASN D 156 19.00 -14.20 -13.29
N ASN D 157 20.07 -13.41 -13.17
CA ASN D 157 19.92 -12.03 -12.72
C ASN D 157 19.96 -11.04 -13.88
N HIS D 158 18.79 -10.58 -14.32
CA HIS D 158 18.74 -9.69 -15.46
C HIS D 158 18.30 -8.30 -15.03
N ILE D 159 17.57 -8.26 -13.91
CA ILE D 159 17.16 -7.02 -13.26
C ILE D 159 17.81 -6.96 -11.89
N ILE D 160 18.78 -6.06 -11.72
CA ILE D 160 19.54 -5.98 -10.48
C ILE D 160 19.57 -4.56 -9.91
N SER D 161 20.04 -4.44 -8.67
CA SER D 161 20.12 -3.14 -8.01
C SER D 161 21.54 -2.88 -7.54
N ASN D 162 22.01 -1.65 -7.71
CA ASN D 162 23.34 -1.30 -7.21
C ASN D 162 23.24 -0.78 -5.78
N ALA D 163 22.10 -1.09 -5.14
CA ALA D 163 21.82 -0.64 -3.77
C ALA D 163 21.80 0.88 -3.70
N SER D 164 22.15 1.43 -2.53
CA SER D 164 22.16 2.88 -2.34
C SER D 164 23.58 3.40 -2.18
N CYS D 165 23.74 4.72 -2.28
CA CYS D 165 25.02 5.35 -2.02
C CYS D 165 25.52 4.99 -0.63
N THR D 166 24.63 5.13 0.35
CA THR D 166 25.00 4.91 1.75
C THR D 166 25.40 3.46 1.96
N THR D 167 24.66 2.53 1.36
CA THR D 167 25.01 1.13 1.50
C THR D 167 26.36 0.85 0.85
N ASN D 168 26.65 1.50 -0.26
CA ASN D 168 27.96 1.36 -0.88
C ASN D 168 29.10 1.92 -0.01
N CYS D 169 28.78 2.80 0.92
CA CYS D 169 29.78 3.32 1.82
C CYS D 169 29.97 2.37 2.99
N LEU D 170 28.86 1.93 3.57
CA LEU D 170 28.90 1.15 4.80
C LEU D 170 29.43 -0.26 4.62
N ALA D 171 28.88 -0.96 3.62
CA ALA D 171 29.16 -2.38 3.44
C ALA D 171 30.65 -2.71 3.27
N PRO D 172 31.40 -1.92 2.47
CA PRO D 172 32.82 -2.27 2.41
C PRO D 172 33.53 -2.10 3.75
N LEU D 173 33.20 -1.06 4.50
CA LEU D 173 33.81 -0.91 5.82
C LEU D 173 33.32 -2.04 6.74
N ALA D 174 32.02 -2.31 6.69
CA ALA D 174 31.43 -3.36 7.52
C ALA D 174 32.10 -4.69 7.25
N LYS D 175 32.36 -4.99 5.98
CA LYS D 175 33.05 -6.23 5.64
C LYS D 175 34.45 -6.32 6.27
N VAL D 176 35.22 -5.25 6.15
CA VAL D 176 36.59 -5.22 6.67
C VAL D 176 36.66 -5.40 8.20
N ILE D 177 35.81 -4.67 8.92
CA ILE D 177 35.79 -4.71 10.37
C ILE D 177 35.28 -6.05 10.87
N HIS D 178 34.25 -6.56 10.22
CA HIS D 178 33.64 -7.84 10.57
C HIS D 178 34.55 -9.04 10.32
N ASP D 179 35.18 -9.07 9.15
CA ASP D 179 36.12 -10.15 8.85
C ASP D 179 37.25 -10.19 9.87
N LYS D 180 37.74 -9.02 10.24
CA LYS D 180 38.91 -8.95 11.10
C LYS D 180 38.54 -9.05 12.58
N PHE D 181 37.44 -8.44 13.00
CA PHE D 181 37.14 -8.40 14.44
C PHE D 181 35.81 -9.04 14.83
N GLY D 182 34.90 -9.16 13.87
CA GLY D 182 33.57 -9.67 14.15
C GLY D 182 32.68 -8.59 14.72
N ILE D 183 31.66 -8.22 13.94
CA ILE D 183 30.68 -7.24 14.41
C ILE D 183 29.52 -7.99 15.04
N ILE D 184 29.36 -7.83 16.34
CA ILE D 184 28.25 -8.45 17.04
C ILE D 184 26.96 -7.74 16.64
N GLU D 185 27.01 -6.41 16.69
CA GLU D 185 25.87 -5.58 16.30
C GLU D 185 26.33 -4.14 16.10
N GLY D 186 25.58 -3.37 15.32
CA GLY D 186 25.99 -2.01 15.04
C GLY D 186 24.82 -1.12 14.69
N LEU D 187 24.95 0.16 15.02
CA LEU D 187 23.98 1.19 14.68
C LEU D 187 24.66 2.32 13.92
N MET D 188 24.04 2.72 12.81
CA MET D 188 24.62 3.66 11.89
C MET D 188 23.87 4.97 11.81
N THR D 189 24.59 6.07 11.78
CA THR D 189 23.99 7.33 11.35
C THR D 189 24.72 7.81 10.11
N THR D 190 23.98 8.26 9.11
CA THR D 190 24.64 8.94 8.01
C THR D 190 24.25 10.40 8.03
N VAL D 191 25.24 11.27 8.07
CA VAL D 191 25.00 12.69 7.92
C VAL D 191 25.12 13.01 6.46
N HIS D 192 23.96 13.32 5.86
CA HIS D 192 23.81 13.24 4.42
C HIS D 192 23.55 14.59 3.76
N ALA D 193 24.20 14.80 2.62
CA ALA D 193 23.96 16.01 1.84
C ALA D 193 22.54 16.05 1.35
N THR D 194 22.06 17.26 1.05
CA THR D 194 20.75 17.47 0.42
C THR D 194 20.70 16.82 -0.94
N THR D 195 19.53 16.29 -1.29
CA THR D 195 19.24 15.73 -2.62
C THR D 195 17.98 16.35 -3.25
N ALA D 196 17.67 15.90 -4.46
CA ALA D 196 16.58 16.46 -5.27
C ALA D 196 15.17 16.16 -4.77
N THR D 197 15.02 15.20 -3.86
CA THR D 197 13.71 14.88 -3.29
C THR D 197 13.30 15.91 -2.23
N GLN D 198 14.27 16.71 -1.77
CA GLN D 198 14.00 17.72 -0.75
C GLN D 198 13.47 19.02 -1.35
N LYS D 199 13.15 19.98 -0.48
CA LYS D 199 12.54 21.25 -0.91
C LYS D 199 13.39 22.43 -0.54
N THR D 200 13.33 23.48 -1.36
CA THR D 200 14.09 24.68 -1.07
C THR D 200 13.50 25.46 0.10
N VAL D 201 12.17 25.49 0.19
CA VAL D 201 11.48 26.10 1.33
C VAL D 201 10.40 25.15 1.77
N ASP D 202 9.92 25.32 3.01
CA ASP D 202 8.88 24.43 3.54
C ASP D 202 7.77 24.15 2.50
N GLY D 203 7.68 22.89 2.04
CA GLY D 203 6.66 22.48 1.08
C GLY D 203 6.16 21.05 1.23
N PRO D 204 5.19 20.66 0.40
CA PRO D 204 4.51 19.36 0.55
C PRO D 204 5.39 18.14 0.25
N SER D 205 5.38 17.20 1.19
CA SER D 205 6.08 15.92 1.06
C SER D 205 5.21 14.89 1.78
N GLY D 206 4.04 14.65 1.22
CA GLY D 206 2.94 14.00 1.94
C GLY D 206 3.22 12.73 2.72
N LYS D 207 4.09 11.90 2.18
CA LYS D 207 4.46 10.66 2.85
C LYS D 207 5.54 10.89 3.93
N LEU D 208 6.35 11.93 3.74
CA LEU D 208 7.50 12.12 4.64
C LEU D 208 7.59 13.57 5.03
N TRP D 209 6.86 13.93 6.09
CA TRP D 209 6.66 15.34 6.41
C TRP D 209 7.96 16.09 6.67
N ARG D 210 8.90 15.43 7.34
CA ARG D 210 10.13 16.14 7.68
C ARG D 210 10.90 16.49 6.43
N ASP D 211 10.79 15.64 5.40
CA ASP D 211 11.53 15.87 4.18
C ASP D 211 11.05 17.08 3.39
N GLY D 212 9.86 17.57 3.71
CA GLY D 212 9.32 18.71 2.99
C GLY D 212 9.82 20.04 3.55
N ARG D 213 10.40 20.00 4.74
CA ARG D 213 10.85 21.25 5.37
C ARG D 213 12.10 21.76 4.66
N GLY D 214 12.19 23.10 4.58
CA GLY D 214 13.26 23.78 3.87
C GLY D 214 14.65 23.23 4.15
N ALA D 215 15.28 22.75 3.08
CA ALA D 215 16.56 22.06 3.18
C ALA D 215 17.71 22.95 3.63
N GLY D 216 17.75 24.18 3.15
CA GLY D 216 18.84 25.09 3.45
C GLY D 216 18.86 25.54 4.91
N GLN D 217 17.71 25.46 5.57
CA GLN D 217 17.55 25.91 6.96
C GLN D 217 17.75 24.84 8.02
N ASN D 218 17.60 23.56 7.65
CA ASN D 218 17.36 22.53 8.65
C ASN D 218 18.30 21.34 8.69
N ILE D 219 18.50 20.82 9.91
CA ILE D 219 18.94 19.45 10.10
C ILE D 219 17.68 18.59 10.11
N ILE D 220 17.63 17.59 9.25
CA ILE D 220 16.42 16.81 9.07
C ILE D 220 16.59 15.31 9.29
N PRO D 221 15.99 14.76 10.36
CA PRO D 221 15.98 13.32 10.60
C PRO D 221 15.28 12.57 9.49
N ALA D 222 15.84 11.44 9.04
CA ALA D 222 15.23 10.68 7.96
C ALA D 222 15.48 9.20 8.16
N SER D 223 14.54 8.39 7.70
CA SER D 223 14.70 6.95 7.75
C SER D 223 15.47 6.49 6.53
N THR D 224 16.27 5.46 6.70
CA THR D 224 16.99 4.83 5.61
C THR D 224 17.11 3.33 5.91
N GLY D 225 17.04 2.51 4.86
CA GLY D 225 17.19 1.08 5.02
C GLY D 225 18.60 0.62 4.71
N ALA D 226 19.51 1.59 4.60
CA ALA D 226 20.86 1.34 4.12
C ALA D 226 21.69 0.40 5.01
N ALA D 227 21.59 0.55 6.33
CA ALA D 227 22.37 -0.30 7.22
C ALA D 227 21.81 -1.73 7.23
N LYS D 228 20.48 -1.83 7.29
CA LYS D 228 19.80 -3.12 7.21
C LYS D 228 20.16 -3.80 5.90
N ALA D 229 20.24 -3.02 4.82
CA ALA D 229 20.56 -3.59 3.50
C ALA D 229 21.93 -4.23 3.42
N VAL D 230 22.86 -3.82 4.29
CA VAL D 230 24.19 -4.43 4.32
C VAL D 230 24.08 -5.92 4.67
N GLY D 231 23.06 -6.27 5.43
CA GLY D 231 22.83 -7.65 5.80
C GLY D 231 22.43 -8.53 4.64
N LYS D 232 22.03 -7.92 3.54
CA LYS D 232 21.68 -8.68 2.36
C LYS D 232 22.89 -8.89 1.46
N VAL D 233 23.80 -7.92 1.43
CA VAL D 233 25.01 -8.06 0.64
C VAL D 233 26.12 -8.72 1.47
N ILE D 234 25.98 -8.68 2.80
CA ILE D 234 26.80 -9.47 3.71
C ILE D 234 25.89 -10.28 4.63
N PRO D 235 25.47 -11.48 4.19
CA PRO D 235 24.46 -12.30 4.89
C PRO D 235 24.72 -12.55 6.37
N ASP D 236 25.99 -12.70 6.76
CA ASP D 236 26.31 -12.93 8.18
C ASP D 236 25.96 -11.73 9.07
N LEU D 237 25.73 -10.57 8.47
CA LEU D 237 25.38 -9.38 9.26
C LEU D 237 23.89 -9.08 9.22
N ASN D 238 23.12 -10.02 8.65
CA ASN D 238 21.67 -9.90 8.60
C ASN D 238 21.09 -9.79 10.02
N GLY D 239 20.29 -8.76 10.26
CA GLY D 239 19.70 -8.56 11.57
C GLY D 239 20.67 -7.93 12.56
N LYS D 240 21.90 -7.66 12.13
CA LYS D 240 22.90 -7.14 13.07
C LYS D 240 23.19 -5.64 12.87
N LEU D 241 22.52 -5.03 11.89
CA LEU D 241 22.73 -3.60 11.63
C LEU D 241 21.39 -2.92 11.32
N THR D 242 21.23 -1.71 11.84
CA THR D 242 20.17 -0.83 11.37
C THR D 242 20.65 0.59 11.61
N GLY D 243 19.89 1.57 11.18
CA GLY D 243 20.36 2.93 11.29
C GLY D 243 19.34 3.96 10.85
N MET D 244 19.78 5.21 10.76
CA MET D 244 18.95 6.32 10.31
C MET D 244 19.82 7.44 9.75
N ALA D 245 19.18 8.54 9.37
CA ALA D 245 19.90 9.64 8.71
C ALA D 245 19.56 11.03 9.22
N PHE D 246 20.51 11.95 9.08
CA PHE D 246 20.22 13.38 9.17
C PHE D 246 20.61 14.08 7.87
N ARG D 247 19.62 14.70 7.22
CA ARG D 247 19.89 15.49 6.04
C ARG D 247 20.33 16.88 6.47
N VAL D 248 21.44 17.34 5.92
CA VAL D 248 21.97 18.64 6.30
C VAL D 248 22.19 19.48 5.05
N PRO D 249 22.32 20.81 5.22
CA PRO D 249 22.36 21.73 4.07
C PRO D 249 23.70 21.79 3.32
N THR D 250 24.14 20.68 2.74
CA THR D 250 25.29 20.72 1.84
C THR D 250 24.84 20.10 0.51
N PRO D 251 25.42 20.54 -0.62
CA PRO D 251 24.92 20.05 -1.92
C PRO D 251 25.39 18.66 -2.31
N ASP D 252 26.45 18.17 -1.68
CA ASP D 252 27.00 16.86 -2.01
C ASP D 252 28.07 16.45 -1.01
N VAL D 253 28.30 15.13 -0.93
CA VAL D 253 29.20 14.44 0.02
C VAL D 253 28.53 14.25 1.36
N SER D 254 28.58 13.01 1.83
CA SER D 254 27.90 12.57 3.03
C SER D 254 28.87 11.75 3.86
N VAL D 255 28.48 11.41 5.09
CA VAL D 255 29.40 10.64 5.93
C VAL D 255 28.69 9.59 6.78
N VAL D 256 29.32 8.41 6.88
CA VAL D 256 28.74 7.33 7.67
C VAL D 256 29.34 7.29 9.07
N ASP D 257 28.46 7.15 10.05
CA ASP D 257 28.83 7.15 11.45
C ASP D 257 28.41 5.79 12.02
N LEU D 258 29.34 4.85 12.07
CA LEU D 258 28.98 3.49 12.46
C LEU D 258 29.44 3.18 13.87
N THR D 259 28.47 2.97 14.75
CA THR D 259 28.75 2.60 16.14
C THR D 259 28.57 1.11 16.32
N CYS D 260 29.65 0.38 16.57
CA CYS D 260 29.52 -1.06 16.61
C CYS D 260 30.23 -1.73 17.78
N ARG D 261 29.70 -2.89 18.14
CA ARG D 261 30.28 -3.78 19.13
C ARG D 261 31.11 -4.85 18.44
N LEU D 262 32.32 -5.06 18.94
CA LEU D 262 33.24 -6.05 18.35
C LEU D 262 33.34 -7.35 19.16
N GLN D 263 33.48 -8.45 18.43
CA GLN D 263 33.68 -9.77 18.99
C GLN D 263 35.04 -9.82 19.66
N LYS D 264 36.07 -9.54 18.87
CA LYS D 264 37.45 -9.47 19.34
C LYS D 264 37.82 -8.05 19.64
N GLY D 265 38.23 -7.79 20.88
CA GLY D 265 38.61 -6.46 21.29
C GLY D 265 39.75 -5.94 20.42
N ALA D 266 39.75 -4.63 20.18
CA ALA D 266 40.77 -4.01 19.35
C ALA D 266 41.05 -2.56 19.73
N THR D 267 42.31 -2.16 19.60
CA THR D 267 42.68 -0.76 19.71
C THR D 267 42.35 -0.07 18.39
N MET D 268 42.29 1.26 18.40
CA MET D 268 41.98 1.99 17.18
C MET D 268 43.10 1.84 16.17
N ASP D 269 44.32 1.74 16.67
CA ASP D 269 45.47 1.55 15.80
C ASP D 269 45.39 0.21 15.04
N GLU D 270 44.90 -0.84 15.71
CA GLU D 270 44.67 -2.10 15.03
C GLU D 270 43.55 -1.98 13.99
N ILE D 271 42.50 -1.23 14.33
CA ILE D 271 41.40 -1.04 13.39
C ILE D 271 41.89 -0.29 12.16
N LYS D 272 42.62 0.79 12.37
CA LYS D 272 43.22 1.56 11.28
C LYS D 272 44.04 0.66 10.36
N ALA D 273 44.87 -0.18 10.97
CA ALA D 273 45.75 -1.08 10.24
C ALA D 273 44.93 -2.05 9.39
N ALA D 274 43.82 -2.54 9.94
CA ALA D 274 42.98 -3.48 9.20
C ALA D 274 42.36 -2.79 7.99
N VAL D 275 41.94 -1.54 8.15
CA VAL D 275 41.35 -0.77 7.06
C VAL D 275 42.42 -0.42 6.00
N LYS D 276 43.61 -0.02 6.46
CA LYS D 276 44.73 0.30 5.56
C LYS D 276 45.07 -0.88 4.67
N GLU D 277 45.09 -2.08 5.25
CA GLU D 277 45.40 -3.27 4.48
C GLU D 277 44.37 -3.52 3.39
N ALA D 278 43.09 -3.39 3.74
CA ALA D 278 42.05 -3.60 2.76
C ALA D 278 42.11 -2.54 1.68
N ALA D 279 42.39 -1.30 2.07
CA ALA D 279 42.36 -0.20 1.10
C ALA D 279 43.47 -0.34 0.06
N ASN D 280 44.64 -0.83 0.49
CA ASN D 280 45.77 -1.00 -0.41
C ASN D 280 45.83 -2.35 -1.11
N GLY D 281 44.88 -3.23 -0.79
CA GLY D 281 44.88 -4.56 -1.36
C GLY D 281 43.59 -4.86 -2.11
N PRO D 282 42.79 -5.79 -1.58
CA PRO D 282 41.57 -6.30 -2.26
C PRO D 282 40.45 -5.28 -2.44
N MET D 283 40.49 -4.16 -1.72
CA MET D 283 39.41 -3.19 -1.83
C MET D 283 39.91 -1.89 -2.43
N LYS D 284 41.06 -1.94 -3.09
CA LYS D 284 41.63 -0.76 -3.72
C LYS D 284 40.65 -0.16 -4.73
N GLY D 285 40.47 1.15 -4.67
CA GLY D 285 39.53 1.85 -5.53
C GLY D 285 38.09 1.84 -5.01
N ILE D 286 37.81 0.95 -4.06
CA ILE D 286 36.49 0.86 -3.44
C ILE D 286 36.52 1.49 -2.05
N LEU D 287 37.43 1.01 -1.23
CA LEU D 287 37.63 1.54 0.12
C LEU D 287 38.98 2.26 0.17
N GLU D 288 38.97 3.50 0.64
CA GLU D 288 40.20 4.26 0.80
C GLU D 288 40.43 4.60 2.29
N TYR D 289 41.69 4.85 2.63
CA TYR D 289 42.08 5.20 3.98
C TYR D 289 42.75 6.58 3.96
N THR D 290 42.36 7.45 4.88
CA THR D 290 43.10 8.68 5.07
C THR D 290 43.34 8.95 6.56
N GLU D 291 44.44 9.65 6.84
CA GLU D 291 44.79 10.10 8.19
C GLU D 291 44.84 11.60 8.25
N ASP D 292 44.37 12.26 7.20
CA ASP D 292 44.42 13.72 7.14
C ASP D 292 43.24 14.38 7.83
N GLN D 293 43.33 15.70 8.05
CA GLN D 293 42.30 16.43 8.73
C GLN D 293 41.21 16.87 7.75
N VAL D 294 40.47 15.90 7.23
CA VAL D 294 39.60 16.18 6.09
C VAL D 294 38.24 16.71 6.52
N VAL D 295 37.59 17.41 5.60
CA VAL D 295 36.20 17.84 5.75
C VAL D 295 35.49 17.40 4.48
N SER D 296 34.17 17.57 4.42
CA SER D 296 33.38 17.00 3.32
C SER D 296 33.81 17.46 1.93
N THR D 297 34.12 18.75 1.75
CA THR D 297 34.47 19.24 0.40
C THR D 297 35.73 18.58 -0.18
N ASP D 298 36.55 17.98 0.67
CA ASP D 298 37.76 17.33 0.20
C ASP D 298 37.46 16.04 -0.58
N PHE D 299 36.21 15.60 -0.53
CA PHE D 299 35.80 14.40 -1.23
C PHE D 299 34.82 14.68 -2.37
N THR D 300 34.65 15.95 -2.69
CA THR D 300 33.85 16.31 -3.84
C THR D 300 34.56 15.79 -5.08
N GLY D 301 33.89 14.90 -5.80
CA GLY D 301 34.44 14.28 -7.00
C GLY D 301 35.24 13.01 -6.77
N ASP D 302 35.32 12.55 -5.53
CA ASP D 302 36.03 11.32 -5.18
C ASP D 302 35.31 10.10 -5.72
N THR D 303 36.06 9.18 -6.33
CA THR D 303 35.48 8.01 -7.00
C THR D 303 35.29 6.78 -6.10
N HIS D 304 35.86 6.81 -4.89
CA HIS D 304 35.75 5.65 -3.99
C HIS D 304 34.34 5.53 -3.41
N SER D 305 33.98 4.31 -3.02
CA SER D 305 32.68 4.07 -2.39
C SER D 305 32.63 4.49 -0.94
N SER D 306 33.82 4.50 -0.30
CA SER D 306 33.93 4.67 1.13
C SER D 306 35.34 5.15 1.47
N ILE D 307 35.47 6.27 2.16
CA ILE D 307 36.79 6.73 2.61
C ILE D 307 36.82 6.80 4.13
N PHE D 308 37.55 5.87 4.70
CA PHE D 308 37.70 5.75 6.14
C PHE D 308 38.46 6.95 6.71
N ASP D 309 37.84 7.63 7.68
CA ASP D 309 38.44 8.79 8.33
C ASP D 309 39.05 8.35 9.66
N ALA D 310 40.31 7.94 9.64
CA ALA D 310 40.96 7.32 10.78
C ALA D 310 40.98 8.21 12.01
N LEU D 311 41.27 9.49 11.83
CA LEU D 311 41.39 10.40 12.97
C LEU D 311 40.05 10.83 13.56
N ALA D 312 38.98 10.74 12.78
CA ALA D 312 37.66 11.13 13.28
C ALA D 312 37.06 9.98 14.06
N CYS D 313 37.58 8.77 13.85
CA CYS D 313 37.11 7.63 14.61
C CYS D 313 37.42 7.87 16.07
N ILE D 314 36.61 7.30 16.94
CA ILE D 314 36.88 7.39 18.35
C ILE D 314 36.46 6.05 18.96
N SER D 315 37.18 5.63 19.98
CA SER D 315 36.85 4.39 20.65
C SER D 315 36.48 4.64 22.10
N LEU D 316 35.44 3.94 22.58
CA LEU D 316 35.13 3.95 24.01
C LEU D 316 35.95 2.94 24.79
N ASN D 317 35.95 1.70 24.31
CA ASN D 317 36.69 0.61 24.91
C ASN D 317 37.05 -0.37 23.79
N PRO D 318 37.89 -1.37 24.08
CA PRO D 318 38.28 -2.28 22.99
C PRO D 318 37.15 -2.97 22.24
N ASN D 319 35.94 -3.00 22.80
CA ASN D 319 34.84 -3.70 22.14
C ASN D 319 33.67 -2.83 21.69
N PHE D 320 33.83 -1.50 21.75
CA PHE D 320 32.76 -0.57 21.42
C PHE D 320 33.37 0.64 20.73
N VAL D 321 33.17 0.78 19.43
CA VAL D 321 33.90 1.81 18.69
C VAL D 321 32.96 2.55 17.76
N LYS D 322 33.37 3.75 17.35
CA LYS D 322 32.62 4.55 16.38
C LYS D 322 33.50 4.84 15.17
N LEU D 323 33.11 4.34 14.00
CA LEU D 323 33.94 4.45 12.80
C LEU D 323 33.32 5.40 11.77
N ILE D 324 34.16 6.29 11.22
CA ILE D 324 33.71 7.38 10.37
C ILE D 324 34.21 7.17 8.95
N ALA D 325 33.30 7.20 7.97
CA ALA D 325 33.68 7.03 6.56
C ALA D 325 32.92 7.97 5.61
N TRP D 326 33.67 8.64 4.75
CA TRP D 326 33.12 9.60 3.80
C TRP D 326 32.67 8.94 2.48
N TYR D 327 31.77 9.61 1.77
CA TYR D 327 31.42 9.21 0.40
C TYR D 327 30.79 10.37 -0.35
N ASP D 328 31.26 10.58 -1.59
CA ASP D 328 30.56 11.44 -2.53
C ASP D 328 29.32 10.66 -3.01
N ASN D 329 28.17 10.96 -2.43
CA ASN D 329 26.94 10.19 -2.70
C ASN D 329 26.52 10.27 -4.15
N GLU D 330 26.89 11.37 -4.82
CA GLU D 330 26.65 11.51 -6.23
C GLU D 330 27.70 10.74 -7.03
N TYR D 331 28.98 11.10 -6.87
CA TYR D 331 30.00 10.63 -7.81
C TYR D 331 30.59 9.26 -7.47
N GLY D 332 30.74 8.95 -6.18
CA GLY D 332 31.19 7.61 -5.82
C GLY D 332 30.24 6.55 -6.38
N TYR D 333 28.96 6.70 -6.05
CA TYR D 333 27.93 5.76 -6.51
C TYR D 333 27.87 5.66 -8.04
N SER D 334 28.03 6.79 -8.71
CA SER D 334 27.99 6.84 -10.18
C SER D 334 29.09 6.02 -10.81
N ASN D 335 30.29 6.10 -10.23
CA ASN D 335 31.41 5.29 -10.71
C ASN D 335 31.13 3.81 -10.50
N ARG D 336 30.49 3.46 -9.38
CA ARG D 336 30.19 2.05 -9.09
C ARG D 336 29.16 1.47 -10.06
N VAL D 337 28.23 2.31 -10.51
CA VAL D 337 27.24 1.89 -11.48
C VAL D 337 27.93 1.39 -12.76
N VAL D 338 28.90 2.17 -13.21
CA VAL D 338 29.69 1.85 -14.38
C VAL D 338 30.49 0.57 -14.15
N ASP D 339 31.14 0.49 -12.99
CA ASP D 339 31.92 -0.68 -12.60
C ASP D 339 31.08 -1.95 -12.56
N LEU D 340 29.85 -1.82 -12.08
CA LEU D 340 28.97 -2.97 -12.03
C LEU D 340 28.61 -3.43 -13.45
N ILE D 341 28.36 -2.48 -14.35
CA ILE D 341 28.10 -2.79 -15.73
C ILE D 341 29.33 -3.47 -16.35
N SER D 342 30.49 -2.86 -16.15
CA SER D 342 31.75 -3.40 -16.63
C SER D 342 31.98 -4.82 -16.10
N TYR D 343 31.63 -5.05 -14.83
CA TYR D 343 31.80 -6.38 -14.23
C TYR D 343 30.85 -7.44 -14.80
N ILE D 344 29.55 -7.18 -14.81
CA ILE D 344 28.58 -8.19 -15.23
C ILE D 344 28.70 -8.48 -16.72
N ALA D 345 29.18 -7.49 -17.48
CA ALA D 345 29.40 -7.68 -18.92
C ALA D 345 30.59 -8.58 -19.17
N SER D 346 31.51 -8.62 -18.21
CA SER D 346 32.68 -9.49 -18.33
C SER D 346 32.40 -10.91 -17.82
N ARG D 347 31.16 -11.15 -17.39
CA ARG D 347 30.77 -12.45 -16.86
C ARG D 347 30.09 -13.26 -17.95
N LYS E 11 15.60 39.39 44.51
CA LYS E 11 16.16 38.70 43.36
C LYS E 11 17.68 38.84 43.29
N PRO E 12 18.37 37.75 42.89
CA PRO E 12 19.83 37.76 42.76
C PRO E 12 20.30 38.84 41.78
N LYS E 13 21.39 39.51 42.11
CA LYS E 13 21.91 40.54 41.21
C LYS E 13 23.09 39.95 40.45
N VAL E 14 23.06 40.07 39.12
CA VAL E 14 23.97 39.32 38.25
C VAL E 14 24.79 40.26 37.36
N GLY E 15 26.05 39.92 37.15
CA GLY E 15 26.89 40.60 36.16
C GLY E 15 27.24 39.65 35.02
N ILE E 16 27.42 40.19 33.81
CA ILE E 16 27.79 39.35 32.66
C ILE E 16 29.11 39.79 32.01
N ASN E 17 30.09 38.88 31.98
CA ASN E 17 31.33 39.16 31.27
C ASN E 17 31.39 38.46 29.92
N GLY E 18 31.49 39.27 28.85
CA GLY E 18 31.47 38.77 27.48
C GLY E 18 30.07 38.77 26.90
N PHE E 19 29.75 39.83 26.16
CA PHE E 19 28.41 40.05 25.62
C PHE E 19 28.26 39.41 24.23
N GLY E 20 28.55 38.11 24.16
CA GLY E 20 28.50 37.37 22.91
C GLY E 20 27.16 36.68 22.73
N ARG E 21 27.15 35.57 22.02
CA ARG E 21 25.90 34.87 21.80
C ARG E 21 25.27 34.47 23.13
N ILE E 22 26.07 33.85 24.00
CA ILE E 22 25.57 33.36 25.28
C ILE E 22 25.31 34.53 26.23
N GLY E 23 26.27 35.45 26.34
CA GLY E 23 26.08 36.63 27.17
C GLY E 23 24.79 37.40 26.88
N ARG E 24 24.55 37.70 25.62
CA ARG E 24 23.39 38.49 25.23
C ARG E 24 22.08 37.72 25.46
N LEU E 25 22.11 36.42 25.20
CA LEU E 25 20.91 35.60 25.35
C LEU E 25 20.65 35.22 26.83
N VAL E 26 21.70 35.21 27.65
CA VAL E 26 21.49 35.07 29.10
C VAL E 26 20.70 36.29 29.56
N LEU E 27 21.07 37.47 29.06
CA LEU E 27 20.29 38.67 29.37
C LEU E 27 18.84 38.55 28.86
N ARG E 28 18.65 38.11 27.62
CA ARG E 28 17.30 37.89 27.10
C ARG E 28 16.53 36.91 27.98
N ALA E 29 17.17 35.80 28.34
CA ALA E 29 16.51 34.80 29.17
C ALA E 29 16.24 35.37 30.57
N ALA E 30 17.15 36.19 31.07
CA ALA E 30 16.96 36.82 32.37
C ALA E 30 15.76 37.75 32.39
N VAL E 31 15.62 38.55 31.34
CA VAL E 31 14.52 39.50 31.21
C VAL E 31 13.19 38.76 31.09
N GLU E 32 13.18 37.68 30.33
CA GLU E 32 11.95 36.93 30.16
C GLU E 32 11.59 36.21 31.47
N LYS E 33 12.59 35.66 32.13
CA LYS E 33 12.30 34.87 33.32
C LYS E 33 12.02 35.74 34.54
N ASP E 34 12.61 36.92 34.58
CA ASP E 34 12.43 37.86 35.70
C ASP E 34 12.73 37.18 37.04
N THR E 35 13.66 36.23 37.04
CA THR E 35 14.02 35.53 38.26
C THR E 35 15.39 35.96 38.77
N VAL E 36 16.10 36.74 37.95
CA VAL E 36 17.35 37.36 38.36
C VAL E 36 17.32 38.78 37.84
N ASP E 37 18.23 39.60 38.33
CA ASP E 37 18.31 40.99 37.89
C ASP E 37 19.73 41.27 37.42
N VAL E 38 19.87 41.49 36.12
CA VAL E 38 21.18 41.79 35.54
C VAL E 38 21.47 43.28 35.73
N VAL E 39 22.59 43.59 36.37
CA VAL E 39 22.89 44.98 36.73
C VAL E 39 24.18 45.48 36.10
N ALA E 40 24.95 44.59 35.48
CA ALA E 40 26.23 45.01 34.90
C ALA E 40 26.68 44.08 33.77
N VAL E 41 27.42 44.65 32.82
CA VAL E 41 27.95 43.89 31.69
C VAL E 41 29.33 44.44 31.34
N ASN E 42 30.25 43.55 30.97
CA ASN E 42 31.59 43.95 30.54
C ASN E 42 32.00 43.29 29.21
N ASP E 43 32.53 44.10 28.31
CA ASP E 43 33.04 43.62 27.02
C ASP E 43 33.88 44.72 26.36
N PRO E 44 35.20 44.48 26.24
CA PRO E 44 36.10 45.49 25.70
C PRO E 44 36.03 45.66 24.18
N PHE E 45 35.27 44.81 23.49
CA PHE E 45 35.15 44.92 22.04
C PHE E 45 33.78 45.42 21.60
N ILE E 46 32.95 45.79 22.57
CA ILE E 46 31.59 46.28 22.29
C ILE E 46 31.21 47.45 23.21
N ASN E 47 31.19 48.67 22.66
CA ASN E 47 30.79 49.86 23.42
C ASN E 47 29.29 49.91 23.67
N ILE E 48 28.84 50.87 24.49
CA ILE E 48 27.46 50.87 24.96
C ILE E 48 26.43 50.96 23.82
N ASP E 49 26.73 51.78 22.82
CA ASP E 49 25.83 51.94 21.69
C ASP E 49 25.79 50.68 20.84
N TYR E 50 26.95 50.06 20.66
CA TYR E 50 27.05 48.81 19.92
C TYR E 50 26.35 47.68 20.67
N MET E 51 26.42 47.72 22.00
CA MET E 51 25.74 46.73 22.83
C MET E 51 24.22 46.77 22.57
N VAL E 52 23.67 47.97 22.51
CA VAL E 52 22.26 48.18 22.22
C VAL E 52 21.91 47.49 20.90
N TYR E 53 22.69 47.78 19.86
CA TYR E 53 22.45 47.24 18.53
C TYR E 53 22.52 45.71 18.53
N MET E 54 23.54 45.18 19.19
CA MET E 54 23.73 43.74 19.23
C MET E 54 22.65 43.07 20.07
N PHE E 55 22.18 43.76 21.11
CA PHE E 55 21.09 43.19 21.91
C PHE E 55 19.75 43.31 21.19
N LYS E 56 19.54 44.43 20.49
CA LYS E 56 18.29 44.72 19.78
C LYS E 56 18.03 43.76 18.60
N TYR E 57 18.99 43.64 17.70
CA TYR E 57 18.81 42.84 16.49
C TYR E 57 19.55 41.52 16.58
N ASP E 58 18.86 40.44 16.24
CA ASP E 58 19.48 39.11 16.31
C ASP E 58 19.09 38.25 15.12
N SER E 59 20.07 37.86 14.32
CA SER E 59 19.78 37.09 13.11
C SER E 59 19.04 35.80 13.42
N THR E 60 19.37 35.21 14.55
CA THR E 60 18.80 33.91 14.89
C THR E 60 17.51 34.01 15.67
N HIS E 61 17.46 34.89 16.65
CA HIS E 61 16.34 34.90 17.59
C HIS E 61 15.39 36.08 17.43
N GLY E 62 15.62 36.89 16.40
CA GLY E 62 14.71 38.00 16.11
C GLY E 62 14.92 39.23 16.97
N ARG E 63 14.11 40.24 16.72
CA ARG E 63 14.17 41.50 17.43
C ARG E 63 13.82 41.30 18.90
N PHE E 64 14.58 41.96 19.78
CA PHE E 64 14.30 41.91 21.21
C PHE E 64 12.85 42.34 21.49
N LYS E 65 12.14 41.49 22.23
CA LYS E 65 10.75 41.78 22.56
C LYS E 65 10.70 42.69 23.78
N GLY E 66 10.83 43.98 23.53
CA GLY E 66 10.92 44.98 24.59
C GLY E 66 11.67 46.16 24.03
N SER E 67 12.13 47.04 24.90
CA SER E 67 12.87 48.20 24.46
C SER E 67 14.24 48.17 25.12
N VAL E 68 15.25 48.60 24.38
CA VAL E 68 16.61 48.67 24.89
C VAL E 68 17.24 49.96 24.39
N SER E 69 17.93 50.64 25.30
CA SER E 69 18.56 51.90 24.97
C SER E 69 19.71 52.18 25.93
N ALA E 70 20.50 53.19 25.59
CA ALA E 70 21.61 53.61 26.42
C ALA E 70 21.30 54.95 27.04
N GLU E 71 21.45 55.04 28.36
CA GLU E 71 21.25 56.31 29.05
C GLU E 71 22.25 56.43 30.19
N GLY E 72 23.05 57.49 30.13
CA GLY E 72 24.00 57.77 31.18
C GLY E 72 25.09 56.73 31.31
N GLY E 73 25.51 56.14 30.19
CA GLY E 73 26.55 55.12 30.25
C GLY E 73 25.98 53.85 30.84
N LYS E 74 24.67 53.75 30.86
CA LYS E 74 23.99 52.55 31.30
C LYS E 74 23.05 52.03 30.20
N LEU E 75 22.91 50.71 30.13
CA LEU E 75 21.99 50.09 29.20
C LEU E 75 20.62 50.00 29.86
N ILE E 76 19.61 50.54 29.22
CA ILE E 76 18.27 50.48 29.78
C ILE E 76 17.48 49.44 29.01
N VAL E 77 17.13 48.35 29.69
CA VAL E 77 16.45 47.23 29.05
C VAL E 77 15.15 46.95 29.80
N THR E 78 14.02 46.97 29.10
CA THR E 78 12.74 46.78 29.75
C THR E 78 11.81 45.90 28.92
N ASN E 79 10.99 45.12 29.62
CA ASN E 79 9.98 44.29 28.99
C ASN E 79 8.57 44.66 29.47
N THR E 82 8.64 44.97 33.72
CA THR E 82 9.80 45.28 34.56
C THR E 82 10.86 46.07 33.79
N THR E 83 11.77 46.71 34.52
CA THR E 83 12.85 47.47 33.89
C THR E 83 14.20 47.14 34.55
N HIS E 84 15.20 46.80 33.74
CA HIS E 84 16.53 46.48 34.26
C HIS E 84 17.51 47.59 33.89
N HIS E 85 18.20 48.10 34.90
CA HIS E 85 19.19 49.15 34.69
C HIS E 85 20.60 48.60 34.77
N ILE E 86 21.33 48.60 33.64
CA ILE E 86 22.60 47.87 33.58
C ILE E 86 23.83 48.74 33.36
N SER E 87 24.77 48.66 34.30
CA SER E 87 26.04 49.38 34.18
C SER E 87 26.96 48.69 33.19
N VAL E 88 27.70 49.47 32.40
CA VAL E 88 28.53 48.94 31.32
C VAL E 88 30.01 49.24 31.52
N HIS E 89 30.84 48.22 31.36
CA HIS E 89 32.30 48.37 31.49
C HIS E 89 33.01 47.80 30.25
N ASN E 90 34.28 48.14 30.05
CA ASN E 90 34.99 47.67 28.86
C ASN E 90 36.43 47.22 29.08
N SER E 91 36.67 46.45 30.14
CA SER E 91 38.02 45.97 30.44
C SER E 91 38.29 44.61 29.81
N LYS E 92 39.49 44.43 29.26
CA LYS E 92 39.90 43.13 28.72
C LYS E 92 40.31 42.25 29.88
N ASP E 93 40.87 42.90 30.90
CA ASP E 93 41.34 42.26 32.12
C ASP E 93 40.25 42.32 33.21
N PRO E 94 39.69 41.14 33.56
CA PRO E 94 38.58 40.98 34.52
C PRO E 94 38.89 41.48 35.93
N ALA E 95 40.18 41.67 36.25
CA ALA E 95 40.55 42.19 37.56
C ALA E 95 40.12 43.65 37.73
N GLU E 96 39.90 44.35 36.62
CA GLU E 96 39.56 45.77 36.67
C GLU E 96 38.05 46.04 36.69
N ILE E 97 37.24 45.00 36.61
CA ILE E 97 35.78 45.17 36.65
C ILE E 97 35.25 45.20 38.08
N PRO E 98 34.54 46.30 38.44
CA PRO E 98 33.98 46.57 39.77
C PRO E 98 32.62 45.92 40.04
N TRP E 99 32.55 44.60 40.00
CA TRP E 99 31.29 43.88 40.20
C TRP E 99 30.71 44.26 41.57
N GLY E 100 31.60 44.40 42.55
CA GLY E 100 31.21 44.78 43.90
C GLY E 100 30.57 46.15 43.96
N VAL E 101 31.21 47.12 43.31
CA VAL E 101 30.68 48.48 43.22
C VAL E 101 29.30 48.57 42.57
N ASP E 102 29.13 47.81 41.48
CA ASP E 102 27.88 47.77 40.74
C ASP E 102 26.85 46.91 41.47
N GLY E 103 27.32 46.11 42.42
CA GLY E 103 26.45 45.23 43.18
C GLY E 103 26.21 43.89 42.53
N ALA E 104 27.07 43.52 41.60
CA ALA E 104 26.94 42.23 40.92
C ALA E 104 27.47 41.10 41.77
N GLU E 105 26.56 40.39 42.42
CA GLU E 105 26.89 39.29 43.32
C GLU E 105 27.34 38.03 42.56
N TYR E 106 26.63 37.68 41.49
CA TYR E 106 26.96 36.52 40.67
C TYR E 106 27.41 36.97 39.29
N VAL E 107 28.56 36.49 38.85
CA VAL E 107 29.05 36.88 37.53
C VAL E 107 29.03 35.71 36.55
N VAL E 108 28.35 35.94 35.42
CA VAL E 108 28.35 35.01 34.30
C VAL E 108 29.65 35.21 33.53
N GLU E 109 30.49 34.18 33.50
CA GLU E 109 31.74 34.27 32.78
C GLU E 109 31.54 33.67 31.39
N SER E 110 31.20 34.50 30.41
CA SER E 110 30.80 33.99 29.12
C SER E 110 31.70 34.52 28.01
N THR E 111 32.97 34.73 28.33
CA THR E 111 33.92 35.27 27.36
C THR E 111 34.54 34.19 26.48
N GLY E 112 34.62 32.97 27.01
CA GLY E 112 35.24 31.88 26.28
C GLY E 112 36.74 31.81 26.42
N VAL E 113 37.33 32.73 27.19
CA VAL E 113 38.78 32.78 27.29
C VAL E 113 39.33 32.70 28.72
N PHE E 114 38.46 32.53 29.71
CA PHE E 114 38.87 32.37 31.10
C PHE E 114 38.21 31.15 31.73
N THR E 115 38.49 29.99 31.14
CA THR E 115 37.78 28.77 31.47
C THR E 115 38.47 28.02 32.59
N THR E 116 39.68 28.46 32.96
CA THR E 116 40.37 27.87 34.11
C THR E 116 39.93 28.59 35.38
N THR E 117 40.13 27.95 36.53
CA THR E 117 39.68 28.54 37.79
C THR E 117 40.55 29.74 38.14
N ASP E 118 41.84 29.62 37.86
CA ASP E 118 42.79 30.67 38.18
C ASP E 118 42.48 31.92 37.36
N LYS E 119 42.17 31.70 36.08
CA LYS E 119 41.87 32.79 35.17
C LYS E 119 40.52 33.43 35.51
N ALA E 120 39.54 32.59 35.81
CA ALA E 120 38.20 33.06 36.14
C ALA E 120 38.15 33.74 37.51
N SER E 121 39.10 33.41 38.37
CA SER E 121 39.09 33.90 39.75
C SER E 121 39.30 35.41 39.85
N ALA E 122 39.71 36.01 38.74
CA ALA E 122 39.90 37.46 38.67
C ALA E 122 38.63 38.24 39.01
N HIS E 123 37.47 37.66 38.71
CA HIS E 123 36.19 38.32 38.99
C HIS E 123 35.96 38.44 40.50
N LEU E 124 36.59 37.55 41.26
CA LEU E 124 36.46 37.58 42.71
C LEU E 124 37.26 38.77 43.25
N LYS E 125 38.36 39.07 42.57
CA LYS E 125 39.23 40.19 42.93
C LYS E 125 38.53 41.52 42.73
N GLY E 126 37.53 41.56 41.84
CA GLY E 126 36.79 42.78 41.60
C GLY E 126 35.62 42.95 42.55
N GLY E 127 35.34 41.93 43.35
CA GLY E 127 34.28 42.03 44.34
C GLY E 127 33.06 41.15 44.10
N ALA E 128 33.14 40.28 43.09
CA ALA E 128 32.08 39.31 42.88
C ALA E 128 32.25 38.16 43.87
N LYS E 129 31.16 37.52 44.26
CA LYS E 129 31.25 36.40 45.21
C LYS E 129 31.14 35.01 44.56
N LYS E 130 30.18 34.83 43.66
CA LYS E 130 30.00 33.53 43.04
C LYS E 130 30.09 33.67 41.53
N VAL E 131 30.77 32.72 40.88
CA VAL E 131 31.00 32.82 39.44
C VAL E 131 30.56 31.57 38.69
N ILE E 132 29.76 31.78 37.65
CA ILE E 132 29.35 30.68 36.79
C ILE E 132 29.98 30.80 35.40
N ILE E 133 30.95 29.93 35.12
CA ILE E 133 31.58 29.88 33.81
C ILE E 133 30.65 29.22 32.79
N SER E 134 30.44 29.89 31.68
CA SER E 134 29.48 29.45 30.66
C SER E 134 30.06 28.39 29.71
N ALA E 135 30.83 27.46 30.26
CA ALA E 135 31.56 26.47 29.47
C ALA E 135 32.08 25.35 30.37
N PRO E 136 32.55 24.24 29.78
CA PRO E 136 33.29 23.27 30.60
C PRO E 136 34.56 23.94 31.17
N SER E 137 35.03 23.46 32.31
CA SER E 137 36.29 23.93 32.84
C SER E 137 37.22 22.74 33.07
N ALA E 138 38.52 22.94 32.83
CA ALA E 138 39.50 21.89 33.09
C ALA E 138 39.62 21.55 34.58
N ASP E 139 39.44 22.55 35.45
CA ASP E 139 39.66 22.31 36.87
C ASP E 139 38.51 22.77 37.75
N ALA E 140 37.71 23.73 37.26
CA ALA E 140 36.52 24.14 37.99
C ALA E 140 35.43 23.09 37.85
N PRO E 141 34.67 22.85 38.92
CA PRO E 141 33.57 21.88 38.96
C PRO E 141 32.40 22.22 38.03
N MET E 142 31.82 21.21 37.40
CA MET E 142 30.75 21.40 36.42
C MET E 142 29.38 20.94 36.96
N PHE E 143 28.33 21.68 36.61
CA PHE E 143 26.98 21.36 37.06
C PHE E 143 25.97 21.40 35.91
N VAL E 144 25.00 20.49 35.96
CA VAL E 144 23.92 20.48 35.00
C VAL E 144 22.57 20.41 35.71
N MET E 145 21.75 21.43 35.48
CA MET E 145 20.45 21.52 36.14
C MET E 145 19.58 20.30 35.83
N GLY E 146 18.96 19.78 36.87
CA GLY E 146 18.12 18.61 36.74
C GLY E 146 18.93 17.34 36.89
N VAL E 147 20.25 17.48 37.02
CA VAL E 147 21.09 16.29 37.10
C VAL E 147 21.98 16.21 38.33
N ASN E 148 22.83 17.22 38.55
CA ASN E 148 23.72 17.21 39.72
C ASN E 148 23.84 18.57 40.42
N ASN E 149 22.91 19.48 40.16
CA ASN E 149 23.02 20.82 40.72
C ASN E 149 22.90 20.86 42.24
N ASP E 150 22.29 19.83 42.83
CA ASP E 150 22.17 19.76 44.29
C ASP E 150 23.47 19.40 44.99
N THR E 151 24.49 19.04 44.22
CA THR E 151 25.80 18.73 44.80
C THR E 151 26.60 20.00 44.97
N TYR E 152 26.01 21.12 44.57
CA TYR E 152 26.63 22.43 44.73
C TYR E 152 26.84 22.70 46.22
N ASP E 153 28.01 23.23 46.56
CA ASP E 153 28.36 23.52 47.94
C ASP E 153 28.75 24.99 48.13
N LYS E 154 27.84 25.78 48.70
CA LYS E 154 28.05 27.23 48.81
C LYS E 154 29.36 27.59 49.52
N ALA E 155 29.71 26.83 50.55
CA ALA E 155 30.90 27.12 51.35
C ALA E 155 32.19 26.93 50.57
N ASN E 156 32.19 25.99 49.63
CA ASN E 156 33.42 25.67 48.91
C ASN E 156 33.34 25.88 47.39
N ASN E 157 32.14 25.93 46.85
CA ASN E 157 31.99 26.17 45.42
C ASN E 157 31.60 27.61 45.12
N HIS E 158 32.60 28.42 44.76
CA HIS E 158 32.38 29.82 44.42
C HIS E 158 32.74 30.08 42.96
N ILE E 159 33.57 29.22 42.40
CA ILE E 159 33.85 29.25 40.97
C ILE E 159 33.37 27.95 40.35
N ILE E 160 32.29 28.02 39.59
CA ILE E 160 31.68 26.82 39.00
C ILE E 160 31.43 26.92 37.50
N SER E 161 31.09 25.77 36.93
CA SER E 161 30.83 25.65 35.50
C SER E 161 29.43 25.07 35.25
N ASN E 162 28.73 25.60 34.26
CA ASN E 162 27.42 25.09 33.88
C ASN E 162 27.55 24.05 32.74
N ALA E 163 28.75 23.51 32.58
CA ALA E 163 29.08 22.52 31.55
C ALA E 163 28.86 23.08 30.13
N SER E 164 28.58 22.21 29.18
CA SER E 164 28.39 22.65 27.79
C SER E 164 26.94 22.54 27.36
N CYS E 165 26.60 23.17 26.24
CA CYS E 165 25.28 22.99 25.66
C CYS E 165 25.06 21.51 25.42
N THR E 166 26.06 20.85 24.84
CA THR E 166 25.91 19.44 24.48
C THR E 166 25.75 18.59 25.73
N THR E 167 26.55 18.87 26.76
CA THR E 167 26.45 18.13 28.03
C THR E 167 25.10 18.33 28.70
N ASN E 168 24.57 19.55 28.66
CA ASN E 168 23.23 19.82 29.16
C ASN E 168 22.12 19.12 28.40
N CYS E 169 22.39 18.70 27.17
CA CYS E 169 21.42 17.92 26.41
C CYS E 169 21.54 16.44 26.70
N LEU E 170 22.77 15.93 26.68
CA LEU E 170 22.99 14.50 26.83
C LEU E 170 22.73 14.04 28.28
N ALA E 171 23.28 14.79 29.24
CA ALA E 171 23.24 14.34 30.64
C ALA E 171 21.82 14.08 31.18
N PRO E 172 20.86 14.99 30.93
CA PRO E 172 19.52 14.69 31.43
C PRO E 172 18.90 13.43 30.82
N LEU E 173 19.10 13.24 29.51
CA LEU E 173 18.59 12.04 28.86
C LEU E 173 19.31 10.81 29.37
N ALA E 174 20.63 10.91 29.50
CA ALA E 174 21.45 9.83 30.00
C ALA E 174 20.97 9.41 31.40
N LYS E 175 20.68 10.41 32.22
CA LYS E 175 20.21 10.15 33.58
C LYS E 175 18.91 9.35 33.59
N VAL E 176 17.96 9.75 32.76
CA VAL E 176 16.67 9.06 32.73
C VAL E 176 16.84 7.62 32.27
N ILE E 177 17.59 7.44 31.19
CA ILE E 177 17.79 6.13 30.58
C ILE E 177 18.62 5.24 31.49
N HIS E 178 19.64 5.81 32.11
CA HIS E 178 20.47 5.02 33.00
C HIS E 178 19.71 4.60 34.26
N ASP E 179 18.99 5.53 34.87
CA ASP E 179 18.22 5.23 36.06
C ASP E 179 17.18 4.14 35.78
N LYS E 180 16.55 4.20 34.62
CA LYS E 180 15.42 3.32 34.32
C LYS E 180 15.84 1.95 33.78
N PHE E 181 16.88 1.93 32.95
CA PHE E 181 17.22 0.68 32.27
C PHE E 181 18.65 0.25 32.52
N GLY E 182 19.50 1.20 32.92
CA GLY E 182 20.91 0.93 33.08
C GLY E 182 21.69 0.98 31.77
N ILE E 183 22.59 1.96 31.67
CA ILE E 183 23.46 2.08 30.51
C ILE E 183 24.82 1.44 30.75
N ILE E 184 25.10 0.37 30.03
CA ILE E 184 26.38 -0.31 30.13
C ILE E 184 27.47 0.53 29.46
N GLU E 185 27.19 0.98 28.23
CA GLU E 185 28.13 1.80 27.49
C GLU E 185 27.41 2.57 26.37
N GLY E 186 27.96 3.70 25.97
CA GLY E 186 27.29 4.52 24.96
C GLY E 186 28.26 5.40 24.21
N LEU E 187 27.94 5.67 22.95
CA LEU E 187 28.73 6.56 22.14
C LEU E 187 27.82 7.62 21.55
N MET E 188 28.27 8.88 21.62
CA MET E 188 27.42 10.00 21.26
C MET E 188 27.93 10.69 20.01
N THR E 189 27.01 11.09 19.14
CA THR E 189 27.38 12.01 18.10
C THR E 189 26.48 13.22 18.23
N THR E 190 27.03 14.42 18.15
CA THR E 190 26.17 15.58 18.05
C THR E 190 26.37 16.24 16.71
N VAL E 191 25.25 16.41 16.01
CA VAL E 191 25.25 17.13 14.77
C VAL E 191 24.98 18.55 15.16
N HIS E 192 26.01 19.38 15.03
CA HIS E 192 26.04 20.65 15.73
C HIS E 192 26.03 21.85 14.80
N ALA E 193 25.23 22.84 15.14
CA ALA E 193 25.23 24.09 14.39
C ALA E 193 26.58 24.80 14.50
N THR E 194 26.85 25.62 13.51
CA THR E 194 28.00 26.53 13.48
C THR E 194 28.01 27.46 14.68
N THR E 195 29.21 27.74 15.20
CA THR E 195 29.38 28.70 16.28
C THR E 195 30.44 29.76 15.92
N ALA E 196 30.65 30.70 16.82
CA ALA E 196 31.55 31.81 16.53
C ALA E 196 33.05 31.41 16.43
N THR E 197 33.40 30.19 16.88
CA THR E 197 34.81 29.79 16.80
C THR E 197 35.18 29.38 15.38
N GLN E 198 34.16 29.16 14.54
CA GLN E 198 34.42 28.71 13.18
C GLN E 198 34.70 29.86 12.21
N LYS E 199 34.97 29.52 10.96
CA LYS E 199 35.36 30.51 9.97
C LYS E 199 34.38 30.54 8.80
N THR E 200 34.20 31.71 8.21
CA THR E 200 33.29 31.85 7.07
C THR E 200 33.89 31.20 5.83
N VAL E 201 35.21 31.32 5.68
CA VAL E 201 35.92 30.65 4.59
C VAL E 201 37.21 30.05 5.17
N ASP E 202 37.81 29.10 4.44
CA ASP E 202 39.02 28.41 4.91
C ASP E 202 40.04 29.35 5.53
N GLY E 203 40.22 29.26 6.85
CA GLY E 203 41.17 30.11 7.53
C GLY E 203 41.86 29.40 8.68
N PRO E 204 42.78 30.12 9.36
CA PRO E 204 43.66 29.61 10.41
C PRO E 204 42.93 29.24 11.70
N SER E 205 43.18 28.02 12.16
CA SER E 205 42.68 27.53 13.43
C SER E 205 43.76 26.58 13.94
N GLY E 206 44.92 27.14 14.24
CA GLY E 206 46.15 26.36 14.43
C GLY E 206 46.07 25.20 15.38
N LYS E 207 45.27 25.31 16.42
CA LYS E 207 45.15 24.23 17.38
C LYS E 207 44.22 23.11 16.88
N LEU E 208 43.26 23.47 16.04
CA LEU E 208 42.24 22.53 15.57
C LEU E 208 41.94 22.75 14.08
N TRP E 209 42.68 22.07 13.20
CA TRP E 209 42.70 22.37 11.77
C TRP E 209 41.35 22.26 11.01
N ARG E 210 40.54 21.26 11.32
CA ARG E 210 39.27 21.11 10.58
C ARG E 210 38.34 22.28 10.86
N ASP E 211 38.41 22.82 12.08
CA ASP E 211 37.54 23.91 12.50
C ASP E 211 37.81 25.19 11.71
N GLY E 212 38.93 25.21 10.99
CA GLY E 212 39.26 26.37 10.18
C GLY E 212 38.63 26.39 8.80
N ARG E 213 38.13 25.24 8.36
CA ARG E 213 37.55 25.13 7.02
C ARG E 213 36.18 25.82 6.99
N GLY E 214 35.87 26.44 5.85
CA GLY E 214 34.63 27.21 5.67
C GLY E 214 33.38 26.53 6.19
N ALA E 215 32.71 27.16 7.16
CA ALA E 215 31.58 26.52 7.83
C ALA E 215 30.40 26.27 6.89
N GLY E 216 30.11 27.22 6.01
CA GLY E 216 28.95 27.11 5.11
C GLY E 216 29.08 26.03 4.07
N GLN E 217 30.30 25.62 3.74
CA GLN E 217 30.52 24.62 2.69
C GLN E 217 30.59 23.18 3.22
N ASN E 218 30.89 23.02 4.52
CA ASN E 218 31.36 21.75 5.03
C ASN E 218 30.59 21.10 6.17
N ILE E 219 30.61 19.77 6.15
CA ILE E 219 30.42 18.94 7.32
C ILE E 219 31.80 18.79 7.94
N ILE E 220 31.95 19.14 9.21
CA ILE E 220 33.28 19.18 9.84
C ILE E 220 33.30 18.31 11.09
N PRO E 221 34.05 17.19 11.02
CA PRO E 221 34.29 16.35 12.20
C PRO E 221 35.03 17.15 13.27
N ALA E 222 34.62 17.03 14.51
CA ALA E 222 35.28 17.76 15.63
C ALA E 222 35.19 16.97 16.90
N SER E 223 36.18 17.14 17.77
CA SER E 223 36.18 16.48 19.07
C SER E 223 35.39 17.29 20.10
N THR E 224 34.74 16.59 21.02
CA THR E 224 34.06 17.24 22.12
C THR E 224 34.18 16.33 23.36
N GLY E 225 34.32 16.92 24.53
CA GLY E 225 34.42 16.14 25.75
C GLY E 225 33.07 16.07 26.43
N ALA E 226 32.04 16.51 25.71
CA ALA E 226 30.72 16.68 26.31
C ALA E 226 30.20 15.35 26.80
N ALA E 227 30.45 14.30 26.03
CA ALA E 227 29.95 13.01 26.40
C ALA E 227 30.71 12.46 27.61
N LYS E 228 32.04 12.58 27.60
CA LYS E 228 32.85 12.17 28.74
C LYS E 228 32.46 12.95 30.01
N ALA E 229 32.15 14.23 29.83
CA ALA E 229 31.77 15.09 30.94
C ALA E 229 30.49 14.64 31.64
N VAL E 230 29.62 13.93 30.94
CA VAL E 230 28.40 13.42 31.57
C VAL E 230 28.79 12.47 32.68
N GLY E 231 29.92 11.81 32.49
CA GLY E 231 30.50 10.93 33.48
C GLY E 231 31.06 11.66 34.69
N LYS E 232 31.28 12.97 34.56
CA LYS E 232 31.74 13.77 35.70
C LYS E 232 30.54 14.29 36.48
N VAL E 233 29.45 14.56 35.78
CA VAL E 233 28.23 15.03 36.42
C VAL E 233 27.34 13.86 36.83
N ILE E 234 27.53 12.72 36.21
CA ILE E 234 26.91 11.48 36.67
C ILE E 234 28.01 10.45 36.84
N PRO E 235 28.62 10.40 38.02
CA PRO E 235 29.81 9.58 38.33
C PRO E 235 29.68 8.10 37.94
N ASP E 236 28.49 7.51 38.10
CA ASP E 236 28.30 6.09 37.76
C ASP E 236 28.48 5.81 36.27
N LEU E 237 28.45 6.85 35.44
CA LEU E 237 28.61 6.67 34.00
C LEU E 237 30.03 7.03 33.56
N ASN E 238 30.89 7.33 34.53
CA ASN E 238 32.29 7.63 34.23
C ASN E 238 32.98 6.47 33.53
N GLY E 239 33.61 6.76 32.40
CA GLY E 239 34.28 5.75 31.61
C GLY E 239 33.33 4.94 30.75
N LYS E 240 32.04 5.24 30.83
CA LYS E 240 31.02 4.52 30.08
C LYS E 240 30.47 5.32 28.89
N LEU E 241 30.94 6.54 28.74
CA LEU E 241 30.46 7.39 27.66
C LEU E 241 31.54 8.23 27.05
N THR E 242 31.54 8.31 25.72
CA THR E 242 32.31 9.33 25.03
C THR E 242 31.64 9.59 23.69
N GLY E 243 32.19 10.53 22.92
CA GLY E 243 31.55 10.90 21.66
C GLY E 243 32.34 11.89 20.84
N MET E 244 31.72 12.38 19.77
CA MET E 244 32.33 13.35 18.88
C MET E 244 31.26 14.20 18.21
N ALA E 245 31.67 15.07 17.31
CA ALA E 245 30.73 15.98 16.71
C ALA E 245 30.97 16.12 15.22
N PHE E 246 29.90 16.48 14.54
CA PHE E 246 29.99 17.02 13.19
C PHE E 246 29.41 18.43 13.16
N ARG E 247 30.22 19.43 12.81
CA ARG E 247 29.71 20.78 12.59
CA ARG E 247 29.70 20.77 12.60
C ARG E 247 29.13 20.88 11.19
N VAL E 248 27.91 21.39 11.10
CA VAL E 248 27.21 21.53 9.81
C VAL E 248 26.72 22.96 9.60
N PRO E 249 26.39 23.33 8.36
CA PRO E 249 26.04 24.74 8.09
C PRO E 249 24.63 25.15 8.51
N THR E 250 24.34 25.17 9.80
CA THR E 250 23.11 25.79 10.25
C THR E 250 23.50 26.82 11.30
N PRO E 251 22.72 27.89 11.44
CA PRO E 251 23.17 28.96 12.35
C PRO E 251 22.94 28.66 13.83
N ASP E 252 22.04 27.73 14.15
CA ASP E 252 21.70 27.43 15.54
C ASP E 252 20.81 26.19 15.59
N VAL E 253 20.79 25.56 16.77
CA VAL E 253 20.08 24.31 17.07
C VAL E 253 20.90 23.11 16.64
N SER E 254 21.08 22.18 17.58
CA SER E 254 21.93 21.03 17.39
C SER E 254 21.14 19.81 17.84
N VAL E 255 21.69 18.63 17.59
CA VAL E 255 21.01 17.40 17.96
C VAL E 255 21.97 16.35 18.46
N VAL E 256 21.57 15.66 19.50
CA VAL E 256 22.37 14.58 20.05
C VAL E 256 21.89 13.24 19.55
N ASP E 257 22.86 12.39 19.19
CA ASP E 257 22.61 11.05 18.68
C ASP E 257 23.32 10.03 19.59
N LEU E 258 22.58 9.44 20.53
CA LEU E 258 23.20 8.56 21.52
C LEU E 258 22.90 7.10 21.25
N THR E 259 23.95 6.36 20.91
CA THR E 259 23.86 4.93 20.68
C THR E 259 24.34 4.21 21.93
N CYS E 260 23.46 3.52 22.63
CA CYS E 260 23.86 2.91 23.89
C CYS E 260 23.37 1.49 24.09
N ARG E 261 24.09 0.74 24.92
CA ARG E 261 23.70 -0.58 25.36
C ARG E 261 23.01 -0.55 26.71
N LEU E 262 21.86 -1.22 26.80
CA LEU E 262 21.10 -1.22 28.04
C LEU E 262 21.27 -2.54 28.78
N GLN E 263 21.36 -2.45 30.10
CA GLN E 263 21.44 -3.63 30.96
C GLN E 263 20.10 -4.35 30.91
N LYS E 264 19.04 -3.61 31.23
CA LYS E 264 17.69 -4.14 31.17
C LYS E 264 17.07 -3.83 29.81
N GLY E 265 16.66 -4.87 29.11
CA GLY E 265 16.04 -4.70 27.79
C GLY E 265 14.79 -3.86 27.84
N ALA E 266 14.52 -3.10 26.78
CA ALA E 266 13.34 -2.25 26.74
C ALA E 266 12.81 -2.08 25.33
N THR E 267 11.49 -2.04 25.19
CA THR E 267 10.88 -1.66 23.93
C THR E 267 10.94 -0.14 23.80
N MET E 268 10.72 0.38 22.60
CA MET E 268 10.78 1.83 22.41
C MET E 268 9.61 2.53 23.12
N ASP E 269 8.46 1.88 23.16
CA ASP E 269 7.30 2.43 23.87
C ASP E 269 7.63 2.62 25.34
N GLU E 270 8.35 1.65 25.91
CA GLU E 270 8.78 1.73 27.29
C GLU E 270 9.81 2.82 27.48
N ILE E 271 10.71 2.96 26.51
CA ILE E 271 11.71 4.03 26.56
C ILE E 271 11.00 5.38 26.51
N LYS E 272 10.07 5.51 25.57
CA LYS E 272 9.26 6.72 25.45
C LYS E 272 8.58 7.09 26.77
N ALA E 273 7.94 6.12 27.41
CA ALA E 273 7.23 6.36 28.66
C ALA E 273 8.15 6.85 29.77
N ALA E 274 9.35 6.27 29.83
CA ALA E 274 10.31 6.68 30.85
C ALA E 274 10.71 8.13 30.67
N VAL E 275 10.89 8.56 29.41
CA VAL E 275 11.24 9.95 29.14
C VAL E 275 10.08 10.90 29.38
N LYS E 276 8.89 10.53 28.89
CA LYS E 276 7.68 11.31 29.07
C LYS E 276 7.32 11.49 30.54
N GLU E 277 7.48 10.43 31.33
CA GLU E 277 7.17 10.51 32.75
C GLU E 277 8.09 11.52 33.41
N ALA E 278 9.37 11.49 33.03
CA ALA E 278 10.34 12.44 33.55
C ALA E 278 10.02 13.84 33.06
N ALA E 279 9.60 13.93 31.80
CA ALA E 279 9.33 15.21 31.17
C ALA E 279 8.11 15.86 31.82
N ASN E 280 7.14 15.05 32.20
CA ASN E 280 5.92 15.53 32.82
C ASN E 280 6.09 15.69 34.33
N GLY E 281 7.26 15.32 34.84
CA GLY E 281 7.47 15.38 36.28
C GLY E 281 8.69 16.17 36.73
N PRO E 282 9.67 15.48 37.31
CA PRO E 282 10.86 16.05 37.97
C PRO E 282 11.79 16.80 37.03
N MET E 283 11.64 16.57 35.73
CA MET E 283 12.51 17.20 34.76
C MET E 283 11.73 18.14 33.86
N LYS E 284 10.56 18.56 34.32
CA LYS E 284 9.77 19.53 33.59
C LYS E 284 10.58 20.80 33.37
N GLY E 285 10.58 21.29 32.14
CA GLY E 285 11.35 22.47 31.79
C GLY E 285 12.81 22.17 31.46
N ILE E 286 13.30 21.01 31.85
CA ILE E 286 14.68 20.62 31.53
C ILE E 286 14.67 19.66 30.34
N LEU E 287 13.95 18.56 30.52
CA LEU E 287 13.81 17.54 29.50
C LEU E 287 12.40 17.60 28.95
N GLU E 288 12.27 17.71 27.64
CA GLU E 288 10.95 17.70 27.04
C GLU E 288 10.80 16.49 26.12
N TYR E 289 9.56 16.11 25.84
CA TYR E 289 9.27 14.96 24.98
C TYR E 289 8.43 15.43 23.81
N THR E 290 8.76 14.99 22.60
CA THR E 290 7.87 15.23 21.47
C THR E 290 7.70 14.00 20.58
N GLU E 291 6.54 13.92 19.95
CA GLU E 291 6.23 12.88 18.98
C GLU E 291 5.92 13.47 17.61
N ASP E 292 6.15 14.77 17.43
CA ASP E 292 5.82 15.39 16.15
C ASP E 292 6.97 15.20 15.17
N GLN E 293 6.71 15.46 13.89
CA GLN E 293 7.71 15.34 12.85
C GLN E 293 8.57 16.60 12.75
N VAL E 294 9.41 16.79 13.76
CA VAL E 294 10.11 18.06 13.95
C VAL E 294 11.40 18.10 13.15
N VAL E 295 11.88 19.31 12.87
CA VAL E 295 13.20 19.52 12.29
C VAL E 295 13.88 20.62 13.13
N SER E 296 15.14 20.93 12.84
CA SER E 296 15.93 21.79 13.74
C SER E 296 15.36 23.18 14.00
N THR E 297 14.85 23.84 12.97
CA THR E 297 14.33 25.21 13.14
C THR E 297 13.15 25.24 14.10
N ASP E 298 12.52 24.09 14.34
CA ASP E 298 11.38 24.05 15.26
C ASP E 298 11.81 24.25 16.72
N PHE E 299 13.13 24.20 16.97
CA PHE E 299 13.63 24.38 18.33
C PHE E 299 14.42 25.66 18.49
N THR E 300 14.35 26.52 17.49
CA THR E 300 14.97 27.85 17.61
C THR E 300 14.26 28.64 18.70
N GLY E 301 14.98 29.00 19.75
CA GLY E 301 14.38 29.74 20.86
C GLY E 301 13.75 28.88 21.94
N ASP E 302 13.85 27.55 21.80
CA ASP E 302 13.35 26.63 22.79
C ASP E 302 14.25 26.72 24.04
N THR E 303 13.63 26.80 25.21
CA THR E 303 14.37 26.98 26.48
C THR E 303 14.76 25.68 27.17
N HIS E 304 14.32 24.54 26.63
CA HIS E 304 14.65 23.26 27.27
C HIS E 304 16.13 22.90 27.09
N SER E 305 16.65 22.04 27.97
CA SER E 305 18.02 21.58 27.83
C SER E 305 18.12 20.49 26.79
N SER E 306 17.01 19.79 26.60
CA SER E 306 16.98 18.59 25.78
C SER E 306 15.55 18.26 25.37
N ILE E 307 15.33 18.07 24.07
CA ILE E 307 14.02 17.65 23.61
C ILE E 307 14.14 16.29 22.90
N PHE E 308 13.63 15.27 23.57
CA PHE E 308 13.64 13.90 23.07
C PHE E 308 12.72 13.76 21.85
N ASP E 309 13.31 13.31 20.74
CA ASP E 309 12.59 13.13 19.48
C ASP E 309 12.17 11.67 19.37
N ALA E 310 10.98 11.37 19.86
CA ALA E 310 10.54 9.97 19.99
C ALA E 310 10.52 9.24 18.65
N LEU E 311 10.06 9.91 17.60
CA LEU E 311 9.90 9.26 16.30
C LEU E 311 11.21 9.05 15.54
N ALA E 312 12.25 9.81 15.88
CA ALA E 312 13.53 9.67 15.20
C ALA E 312 14.38 8.55 15.82
N CYS E 313 14.01 8.12 17.02
CA CYS E 313 14.73 7.04 17.68
C CYS E 313 14.60 5.73 16.91
N ILE E 314 15.61 4.88 17.04
CA ILE E 314 15.58 3.54 16.47
C ILE E 314 16.30 2.54 17.38
N SER E 315 15.79 1.31 17.43
CA SER E 315 16.45 0.26 18.16
C SER E 315 16.76 -0.93 17.25
N LEU E 316 17.91 -1.55 17.49
CA LEU E 316 18.25 -2.79 16.82
C LEU E 316 17.57 -3.92 17.56
N ASN E 317 17.68 -3.88 18.89
CA ASN E 317 17.04 -4.84 19.77
C ASN E 317 16.80 -4.17 21.13
N PRO E 318 16.05 -4.85 22.03
CA PRO E 318 15.77 -4.23 23.33
C PRO E 318 16.98 -3.74 24.12
N ASN E 319 18.18 -4.19 23.78
CA ASN E 319 19.35 -3.77 24.54
C ASN E 319 20.33 -2.91 23.79
N PHE E 320 19.97 -2.52 22.56
CA PHE E 320 20.86 -1.71 21.73
C PHE E 320 20.02 -0.73 20.92
N VAL E 321 20.11 0.55 21.30
CA VAL E 321 19.20 1.58 20.82
C VAL E 321 19.94 2.86 20.38
N LYS E 322 19.28 3.67 19.56
CA LYS E 322 19.81 4.97 19.18
C LYS E 322 18.83 6.08 19.53
N LEU E 323 19.21 6.96 20.45
CA LEU E 323 18.28 7.95 20.96
C LEU E 323 18.69 9.34 20.49
N ILE E 324 17.68 10.10 20.06
CA ILE E 324 17.84 11.38 19.39
C ILE E 324 17.30 12.50 20.30
N ALA E 325 18.10 13.52 20.57
CA ALA E 325 17.63 14.65 21.38
C ALA E 325 18.12 15.99 20.84
N TRP E 326 17.17 16.91 20.63
CA TRP E 326 17.43 18.24 20.09
C TRP E 326 17.84 19.23 21.18
N TYR E 327 18.54 20.29 20.79
CA TYR E 327 18.80 21.38 21.72
C TYR E 327 19.18 22.65 20.98
N ASP E 328 18.54 23.74 21.37
CA ASP E 328 18.99 25.06 20.97
C ASP E 328 20.25 25.33 21.76
N ASN E 329 21.39 25.12 21.14
CA ASN E 329 22.67 25.23 21.84
C ASN E 329 22.91 26.64 22.36
N GLU E 330 22.31 27.64 21.72
CA GLU E 330 22.42 29.00 22.26
C GLU E 330 21.42 29.25 23.39
N TYR E 331 20.12 29.09 23.12
CA TYR E 331 19.11 29.62 24.05
C TYR E 331 18.73 28.66 25.18
N GLY E 332 18.75 27.36 24.93
CA GLY E 332 18.51 26.39 25.99
C GLY E 332 19.53 26.59 27.10
N TYR E 333 20.81 26.59 26.72
CA TYR E 333 21.91 26.77 27.64
C TYR E 333 21.85 28.10 28.39
N SER E 334 21.48 29.17 27.68
CA SER E 334 21.42 30.50 28.29
C SER E 334 20.39 30.54 29.39
N ASN E 335 19.26 29.87 29.18
CA ASN E 335 18.25 29.70 30.21
C ASN E 335 18.72 28.86 31.41
N ARG E 336 19.54 27.84 31.17
CA ARG E 336 20.04 27.02 32.27
C ARG E 336 21.01 27.80 33.13
N VAL E 337 21.77 28.69 32.51
CA VAL E 337 22.65 29.56 33.25
C VAL E 337 21.84 30.38 34.27
N VAL E 338 20.72 30.93 33.81
CA VAL E 338 19.81 31.72 34.66
C VAL E 338 19.18 30.88 35.78
N ASP E 339 18.66 29.70 35.43
CA ASP E 339 18.05 28.78 36.40
C ASP E 339 19.03 28.36 37.49
N LEU E 340 20.29 28.18 37.11
CA LEU E 340 21.33 27.77 38.05
C LEU E 340 21.63 28.87 39.06
N ILE E 341 21.69 30.11 38.58
CA ILE E 341 21.90 31.26 39.46
C ILE E 341 20.75 31.35 40.45
N SER E 342 19.52 31.29 39.94
CA SER E 342 18.33 31.29 40.77
C SER E 342 18.39 30.13 41.77
N TYR E 343 18.94 28.99 41.33
CA TYR E 343 19.04 27.83 42.22
C TYR E 343 20.03 28.07 43.36
N ILE E 344 21.27 28.44 43.03
CA ILE E 344 22.29 28.60 44.07
C ILE E 344 21.95 29.79 44.96
N ALA E 345 21.18 30.72 44.43
CA ALA E 345 20.70 31.85 45.22
C ALA E 345 19.66 31.34 46.22
N SER E 346 19.04 30.22 45.90
CA SER E 346 18.05 29.62 46.80
C SER E 346 18.79 28.82 47.88
N ARG E 347 20.11 28.87 47.83
CA ARG E 347 20.97 28.20 48.79
C ARG E 347 21.50 29.25 49.79
N LYS F 11 -25.93 5.30 25.61
CA LYS F 11 -25.39 4.38 24.62
C LYS F 11 -24.78 5.08 23.41
N PRO F 12 -23.66 4.55 22.94
CA PRO F 12 -22.93 5.08 21.77
C PRO F 12 -23.80 5.11 20.52
N LYS F 13 -23.68 6.18 19.74
CA LYS F 13 -24.46 6.27 18.52
C LYS F 13 -23.58 5.92 17.31
N VAL F 14 -24.10 5.02 16.48
CA VAL F 14 -23.31 4.35 15.45
C VAL F 14 -23.84 4.57 14.04
N GLY F 15 -22.92 4.76 13.11
CA GLY F 15 -23.25 4.75 11.71
C GLY F 15 -22.57 3.59 11.01
N ILE F 16 -23.21 3.05 9.98
CA ILE F 16 -22.63 1.95 9.24
C ILE F 16 -22.46 2.33 7.78
N ASN F 17 -21.21 2.29 7.29
CA ASN F 17 -20.94 2.51 5.88
C ASN F 17 -20.69 1.21 5.16
N GLY F 18 -21.57 0.90 4.20
CA GLY F 18 -21.54 -0.37 3.48
C GLY F 18 -22.47 -1.39 4.11
N PHE F 19 -23.67 -1.52 3.57
CA PHE F 19 -24.71 -2.37 4.13
C PHE F 19 -24.65 -3.79 3.59
N GLY F 20 -23.47 -4.40 3.65
CA GLY F 20 -23.26 -5.73 3.11
C GLY F 20 -23.41 -6.82 4.15
N ARG F 21 -22.69 -7.92 3.96
CA ARG F 21 -22.80 -9.03 4.90
C ARG F 21 -22.44 -8.52 6.30
N ILE F 22 -21.32 -7.82 6.40
CA ILE F 22 -20.88 -7.33 7.69
C ILE F 22 -21.74 -6.17 8.21
N GLY F 23 -21.98 -5.18 7.37
CA GLY F 23 -22.84 -4.07 7.74
C GLY F 23 -24.20 -4.49 8.29
N ARG F 24 -24.90 -5.39 7.59
CA ARG F 24 -26.24 -5.80 8.01
C ARG F 24 -26.26 -6.61 9.29
N LEU F 25 -25.27 -7.49 9.43
CA LEU F 25 -25.22 -8.35 10.60
C LEU F 25 -24.69 -7.57 11.81
N VAL F 26 -23.92 -6.51 11.55
CA VAL F 26 -23.51 -5.61 12.64
C VAL F 26 -24.75 -4.95 13.23
N LEU F 27 -25.66 -4.52 12.36
CA LEU F 27 -26.97 -4.02 12.80
C LEU F 27 -27.78 -5.09 13.58
N ARG F 28 -27.86 -6.31 13.04
CA ARG F 28 -28.56 -7.40 13.74
C ARG F 28 -28.00 -7.61 15.14
N ALA F 29 -26.67 -7.65 15.24
CA ALA F 29 -26.02 -7.92 16.52
C ALA F 29 -26.22 -6.76 17.50
N ALA F 30 -26.19 -5.54 16.99
CA ALA F 30 -26.42 -4.33 17.78
C ALA F 30 -27.81 -4.28 18.37
N VAL F 31 -28.78 -4.60 17.53
CA VAL F 31 -30.18 -4.64 17.93
C VAL F 31 -30.35 -5.71 19.00
N GLU F 32 -29.68 -6.85 18.84
CA GLU F 32 -29.85 -7.92 19.80
C GLU F 32 -29.15 -7.64 21.14
N LYS F 33 -27.93 -7.11 21.08
CA LYS F 33 -27.16 -6.89 22.28
C LYS F 33 -27.60 -5.63 23.00
N ASP F 34 -28.12 -4.67 22.24
CA ASP F 34 -28.60 -3.41 22.77
C ASP F 34 -27.56 -2.66 23.62
N THR F 35 -26.30 -2.73 23.20
CA THR F 35 -25.24 -2.01 23.90
C THR F 35 -24.79 -0.79 23.11
N VAL F 36 -25.27 -0.67 21.87
CA VAL F 36 -25.00 0.50 21.03
C VAL F 36 -26.28 0.91 20.34
N ASP F 37 -26.29 2.09 19.75
CA ASP F 37 -27.47 2.58 19.07
C ASP F 37 -27.13 2.99 17.63
N VAL F 38 -27.58 2.21 16.66
CA VAL F 38 -27.33 2.56 15.26
C VAL F 38 -28.37 3.60 14.84
N VAL F 39 -27.90 4.75 14.33
CA VAL F 39 -28.79 5.85 13.96
C VAL F 39 -28.68 6.21 12.46
N ALA F 40 -27.72 5.63 11.75
CA ALA F 40 -27.50 5.99 10.35
C ALA F 40 -26.81 4.88 9.54
N VAL F 41 -27.11 4.87 8.24
CA VAL F 41 -26.53 3.91 7.31
C VAL F 41 -26.35 4.53 5.92
N ASN F 42 -25.28 4.15 5.22
CA ASN F 42 -25.04 4.58 3.86
C ASN F 42 -24.62 3.43 2.92
N ASP F 43 -25.22 3.37 1.74
CA ASP F 43 -24.85 2.40 0.70
C ASP F 43 -25.46 2.84 -0.62
N PRO F 44 -24.63 3.25 -1.57
CA PRO F 44 -25.14 3.81 -2.83
C PRO F 44 -25.71 2.76 -3.79
N PHE F 45 -25.54 1.47 -3.50
CA PHE F 45 -26.05 0.43 -4.37
C PHE F 45 -27.30 -0.24 -3.81
N ILE F 46 -27.79 0.29 -2.69
CA ILE F 46 -28.97 -0.28 -2.05
C ILE F 46 -29.90 0.85 -1.54
N ASN F 47 -30.98 1.12 -2.25
CA ASN F 47 -31.93 2.16 -1.82
C ASN F 47 -32.71 1.68 -0.60
N ILE F 48 -33.48 2.55 0.03
CA ILE F 48 -34.04 2.20 1.34
C ILE F 48 -34.99 1.00 1.32
N ASP F 49 -35.84 0.89 0.29
CA ASP F 49 -36.76 -0.25 0.21
C ASP F 49 -36.00 -1.55 -0.01
N TYR F 50 -34.95 -1.46 -0.80
CA TYR F 50 -34.04 -2.58 -1.00
C TYR F 50 -33.32 -2.90 0.32
N MET F 51 -32.99 -1.87 1.10
CA MET F 51 -32.39 -2.10 2.42
C MET F 51 -33.30 -2.92 3.32
N VAL F 52 -34.59 -2.59 3.30
CA VAL F 52 -35.58 -3.31 4.07
C VAL F 52 -35.56 -4.82 3.72
N TYR F 53 -35.59 -5.10 2.42
CA TYR F 53 -35.57 -6.48 1.92
C TYR F 53 -34.30 -7.24 2.32
N MET F 54 -33.15 -6.61 2.13
CA MET F 54 -31.90 -7.32 2.41
C MET F 54 -31.73 -7.57 3.92
N PHE F 55 -32.25 -6.66 4.75
CA PHE F 55 -32.16 -6.84 6.21
C PHE F 55 -33.16 -7.88 6.70
N LYS F 56 -34.35 -7.87 6.12
CA LYS F 56 -35.42 -8.78 6.49
C LYS F 56 -35.07 -10.24 6.22
N TYR F 57 -34.61 -10.52 5.00
CA TYR F 57 -34.35 -11.89 4.55
C TYR F 57 -32.85 -12.15 4.43
N ASP F 58 -32.43 -13.29 4.95
CA ASP F 58 -31.03 -13.67 4.91
C ASP F 58 -30.87 -15.16 4.66
N SER F 59 -30.25 -15.52 3.53
CA SER F 59 -30.09 -16.94 3.18
C SER F 59 -29.36 -17.71 4.29
N THR F 60 -28.44 -17.03 4.97
CA THR F 60 -27.61 -17.69 5.96
C THR F 60 -28.21 -17.65 7.37
N HIS F 61 -28.72 -16.50 7.79
CA HIS F 61 -29.08 -16.35 9.20
C HIS F 61 -30.58 -16.30 9.43
N GLY F 62 -31.36 -16.56 8.37
CA GLY F 62 -32.81 -16.64 8.48
C GLY F 62 -33.50 -15.28 8.50
N ARG F 63 -34.83 -15.25 8.59
CA ARG F 63 -35.55 -13.98 8.62
C ARG F 63 -35.23 -13.16 9.88
N PHE F 64 -35.14 -11.85 9.73
CA PHE F 64 -34.95 -11.00 10.90
C PHE F 64 -36.04 -11.26 11.91
N LYS F 65 -35.64 -11.54 13.15
CA LYS F 65 -36.60 -11.84 14.21
C LYS F 65 -37.08 -10.53 14.83
N GLY F 66 -38.08 -9.94 14.19
CA GLY F 66 -38.55 -8.62 14.53
C GLY F 66 -39.20 -8.02 13.30
N SER F 67 -39.35 -6.72 13.28
CA SER F 67 -39.99 -6.04 12.16
C SER F 67 -39.05 -4.99 11.56
N VAL F 68 -39.10 -4.86 10.24
CA VAL F 68 -38.25 -3.86 9.59
C VAL F 68 -39.07 -3.20 8.48
N SER F 69 -38.97 -1.88 8.40
CA SER F 69 -39.73 -1.14 7.40
C SER F 69 -39.10 0.22 7.10
N ALA F 70 -39.61 0.85 6.03
CA ALA F 70 -39.21 2.17 5.62
C ALA F 70 -40.36 3.15 5.83
N GLU F 71 -40.09 4.21 6.57
CA GLU F 71 -41.08 5.26 6.81
C GLU F 71 -40.37 6.60 6.93
N GLY F 72 -40.77 7.56 6.11
CA GLY F 72 -40.21 8.90 6.20
C GLY F 72 -38.75 8.97 5.83
N GLY F 73 -38.32 8.13 4.89
CA GLY F 73 -36.93 8.12 4.46
C GLY F 73 -35.99 7.60 5.51
N LYS F 74 -36.55 6.95 6.53
CA LYS F 74 -35.72 6.31 7.55
C LYS F 74 -36.08 4.82 7.69
N LEU F 75 -35.08 4.04 8.07
CA LEU F 75 -35.27 2.62 8.29
C LEU F 75 -35.80 2.37 9.71
N ILE F 76 -36.89 1.63 9.83
CA ILE F 76 -37.45 1.36 11.16
C ILE F 76 -37.20 -0.08 11.57
N VAL F 77 -36.38 -0.30 12.60
CA VAL F 77 -36.01 -1.65 12.99
C VAL F 77 -36.37 -1.92 14.45
N THR F 78 -37.14 -2.98 14.66
CA THR F 78 -37.59 -3.30 16.00
C THR F 78 -37.57 -4.80 16.22
N ASN F 79 -37.25 -5.21 17.45
CA ASN F 79 -37.28 -6.63 17.82
C ASN F 79 -38.19 -6.84 19.03
N GLY F 80 -39.13 -5.93 19.21
CA GLY F 80 -40.03 -6.01 20.33
C GLY F 80 -39.52 -5.18 21.49
N LYS F 81 -38.29 -5.47 21.91
CA LYS F 81 -37.69 -4.78 23.04
C LYS F 81 -37.41 -3.30 22.75
N THR F 82 -36.55 -3.05 21.77
CA THR F 82 -36.15 -1.68 21.44
C THR F 82 -36.52 -1.33 19.98
N THR F 83 -36.49 -0.03 19.67
CA THR F 83 -36.76 0.48 18.32
C THR F 83 -35.72 1.47 17.84
N HIS F 84 -35.17 1.21 16.65
CA HIS F 84 -34.20 2.11 16.03
C HIS F 84 -34.68 2.77 14.75
N HIS F 85 -34.56 4.09 14.74
CA HIS F 85 -34.90 4.91 13.58
C HIS F 85 -33.59 5.31 12.91
N ILE F 86 -33.38 4.82 11.69
CA ILE F 86 -32.08 4.91 11.06
C ILE F 86 -32.14 5.78 9.82
N SER F 87 -31.30 6.81 9.79
CA SER F 87 -31.25 7.70 8.64
C SER F 87 -30.56 6.97 7.48
N VAL F 88 -31.01 7.22 6.26
CA VAL F 88 -30.49 6.48 5.12
C VAL F 88 -29.81 7.33 4.06
N HIS F 89 -28.61 6.93 3.65
CA HIS F 89 -27.93 7.61 2.56
C HIS F 89 -27.42 6.65 1.50
N ASN F 90 -27.11 7.20 0.34
CA ASN F 90 -26.67 6.40 -0.79
C ASN F 90 -25.50 7.09 -1.52
N SER F 91 -24.53 7.61 -0.76
CA SER F 91 -23.38 8.32 -1.32
C SER F 91 -22.21 7.39 -1.64
N LYS F 92 -21.57 7.59 -2.80
CA LYS F 92 -20.39 6.79 -3.12
C LYS F 92 -19.18 7.32 -2.39
N ASP F 93 -19.14 8.63 -2.23
CA ASP F 93 -18.02 9.30 -1.60
C ASP F 93 -18.31 9.46 -0.12
N PRO F 94 -17.57 8.72 0.72
CA PRO F 94 -17.83 8.69 2.17
C PRO F 94 -17.70 10.06 2.82
N ALA F 95 -17.00 10.97 2.16
CA ALA F 95 -16.81 12.31 2.70
C ALA F 95 -18.13 13.09 2.73
N GLU F 96 -19.07 12.67 1.91
CA GLU F 96 -20.35 13.36 1.74
C GLU F 96 -21.44 12.88 2.72
N ILE F 97 -21.09 11.94 3.59
CA ILE F 97 -22.04 11.44 4.57
C ILE F 97 -22.10 12.34 5.81
N PRO F 98 -23.30 12.83 6.15
CA PRO F 98 -23.54 13.74 7.28
C PRO F 98 -23.68 13.04 8.63
N TRP F 99 -22.66 12.32 9.08
CA TRP F 99 -22.75 11.56 10.32
C TRP F 99 -23.06 12.45 11.51
N GLY F 100 -22.44 13.62 11.54
CA GLY F 100 -22.62 14.57 12.63
C GLY F 100 -24.07 15.01 12.79
N VAL F 101 -24.69 15.39 11.68
CA VAL F 101 -26.10 15.77 11.71
C VAL F 101 -26.97 14.61 12.21
N ASP F 102 -26.64 13.39 11.78
CA ASP F 102 -27.40 12.22 12.18
C ASP F 102 -27.06 11.81 13.61
N GLY F 103 -25.95 12.32 14.12
CA GLY F 103 -25.49 12.00 15.46
C GLY F 103 -24.67 10.73 15.53
N ALA F 104 -24.15 10.28 14.40
CA ALA F 104 -23.33 9.07 14.40
C ALA F 104 -21.90 9.40 14.83
N GLU F 105 -21.60 9.16 16.10
CA GLU F 105 -20.28 9.43 16.68
C GLU F 105 -19.25 8.39 16.20
N TYR F 106 -19.70 7.14 16.12
CA TYR F 106 -18.83 6.03 15.70
C TYR F 106 -19.28 5.47 14.36
N VAL F 107 -18.37 5.38 13.40
CA VAL F 107 -18.72 4.84 12.10
C VAL F 107 -18.04 3.49 11.83
N VAL F 108 -18.86 2.50 11.51
CA VAL F 108 -18.35 1.20 11.07
C VAL F 108 -18.06 1.29 9.58
N GLU F 109 -16.79 1.15 9.20
CA GLU F 109 -16.40 1.23 7.79
C GLU F 109 -16.30 -0.18 7.22
N SER F 110 -17.40 -0.63 6.62
CA SER F 110 -17.53 -2.02 6.18
C SER F 110 -17.82 -2.17 4.69
N THR F 111 -17.30 -1.26 3.87
CA THR F 111 -17.50 -1.31 2.42
C THR F 111 -16.49 -2.25 1.76
N GLY F 112 -15.35 -2.42 2.42
CA GLY F 112 -14.25 -3.20 1.87
C GLY F 112 -13.32 -2.40 0.98
N VAL F 113 -13.60 -1.12 0.78
CA VAL F 113 -12.78 -0.32 -0.13
C VAL F 113 -12.18 0.95 0.48
N PHE F 114 -12.35 1.13 1.79
CA PHE F 114 -11.72 2.27 2.47
C PHE F 114 -10.98 1.80 3.72
N THR F 115 -10.01 0.90 3.56
CA THR F 115 -9.39 0.24 4.70
C THR F 115 -8.11 0.90 5.21
N THR F 116 -7.59 1.87 4.47
CA THR F 116 -6.41 2.59 4.92
C THR F 116 -6.82 3.76 5.80
N THR F 117 -5.86 4.34 6.51
CA THR F 117 -6.16 5.44 7.40
C THR F 117 -6.62 6.67 6.63
N ASP F 118 -5.99 6.93 5.48
CA ASP F 118 -6.32 8.09 4.67
C ASP F 118 -7.75 8.04 4.11
N LYS F 119 -8.12 6.88 3.59
CA LYS F 119 -9.45 6.70 3.00
C LYS F 119 -10.54 6.65 4.06
N ALA F 120 -10.27 5.94 5.15
CA ALA F 120 -11.27 5.80 6.20
C ALA F 120 -11.50 7.12 6.92
N SER F 121 -10.51 8.01 6.89
CA SER F 121 -10.60 9.27 7.62
C SER F 121 -11.65 10.22 7.00
N ALA F 122 -12.13 9.91 5.80
CA ALA F 122 -13.18 10.71 5.16
C ALA F 122 -14.45 10.82 6.02
N HIS F 123 -14.72 9.81 6.85
CA HIS F 123 -15.90 9.83 7.71
C HIS F 123 -15.81 10.98 8.73
N LEU F 124 -14.59 11.40 9.03
CA LEU F 124 -14.37 12.49 9.96
C LEU F 124 -14.80 13.81 9.33
N LYS F 125 -14.65 13.91 8.01
CA LYS F 125 -15.04 15.15 7.32
C LYS F 125 -16.54 15.38 7.45
N GLY F 126 -17.28 14.28 7.64
CA GLY F 126 -18.71 14.34 7.83
C GLY F 126 -19.16 14.54 9.28
N GLY F 127 -18.22 14.53 10.22
CA GLY F 127 -18.58 14.79 11.61
C GLY F 127 -18.49 13.60 12.56
N ALA F 128 -17.96 12.49 12.08
CA ALA F 128 -17.74 11.34 12.95
C ALA F 128 -16.52 11.60 13.84
N LYS F 129 -16.51 11.00 15.03
CA LYS F 129 -15.41 11.15 15.96
C LYS F 129 -14.47 9.94 15.91
N LYS F 130 -15.06 8.74 15.81
CA LYS F 130 -14.30 7.48 15.73
C LYS F 130 -14.71 6.62 14.53
N VAL F 131 -13.73 5.97 13.93
CA VAL F 131 -14.00 5.10 12.79
C VAL F 131 -13.44 3.71 13.08
N ILE F 132 -14.28 2.69 12.94
CA ILE F 132 -13.82 1.32 13.07
C ILE F 132 -13.88 0.59 11.72
N ILE F 133 -12.72 0.33 11.14
CA ILE F 133 -12.62 -0.41 9.88
C ILE F 133 -12.88 -1.90 10.12
N SER F 134 -13.83 -2.49 9.40
CA SER F 134 -14.22 -3.91 9.62
C SER F 134 -13.31 -4.89 8.88
N ALA F 135 -12.02 -4.60 8.86
CA ALA F 135 -11.04 -5.31 8.05
C ALA F 135 -9.65 -4.96 8.55
N PRO F 136 -8.63 -5.75 8.16
CA PRO F 136 -7.24 -5.37 8.40
C PRO F 136 -6.93 -4.03 7.74
N SER F 137 -5.99 -3.28 8.29
CA SER F 137 -5.55 -2.04 7.67
C SER F 137 -4.03 -2.05 7.47
N ALA F 138 -3.57 -1.45 6.38
CA ALA F 138 -2.14 -1.34 6.14
C ALA F 138 -1.45 -0.48 7.19
N ASP F 139 -2.15 0.53 7.71
CA ASP F 139 -1.53 1.44 8.67
C ASP F 139 -2.34 1.80 9.93
N ALA F 140 -3.66 1.64 9.89
CA ALA F 140 -4.45 1.93 11.09
C ALA F 140 -4.23 0.85 12.13
N PRO F 141 -4.12 1.25 13.41
CA PRO F 141 -3.91 0.23 14.44
C PRO F 141 -5.07 -0.74 14.60
N MET F 142 -4.73 -2.01 14.81
CA MET F 142 -5.70 -3.09 14.90
C MET F 142 -5.94 -3.52 16.33
N PHE F 143 -7.19 -3.88 16.61
CA PHE F 143 -7.59 -4.31 17.93
C PHE F 143 -8.40 -5.59 17.85
N VAL F 144 -8.16 -6.48 18.81
CA VAL F 144 -8.95 -7.70 18.92
C VAL F 144 -9.47 -7.80 20.34
N MET F 145 -10.79 -7.82 20.48
CA MET F 145 -11.39 -7.91 21.80
C MET F 145 -10.95 -9.17 22.52
N GLY F 146 -10.60 -9.00 23.79
CA GLY F 146 -10.11 -10.07 24.65
C GLY F 146 -8.61 -10.29 24.57
N VAL F 147 -7.95 -9.56 23.68
CA VAL F 147 -6.52 -9.73 23.44
C VAL F 147 -5.69 -8.48 23.60
N ASN F 148 -6.04 -7.41 22.89
CA ASN F 148 -5.26 -6.18 23.01
C ASN F 148 -6.10 -4.90 23.04
N ASN F 149 -7.41 -5.01 23.23
CA ASN F 149 -8.24 -3.82 23.18
C ASN F 149 -7.92 -2.85 24.31
N ASP F 150 -7.34 -3.34 25.41
CA ASP F 150 -7.02 -2.39 26.47
C ASP F 150 -5.82 -1.52 26.14
N THR F 151 -5.13 -1.79 25.03
CA THR F 151 -4.04 -0.91 24.61
C THR F 151 -4.56 0.25 23.78
N TYR F 152 -5.88 0.29 23.57
CA TYR F 152 -6.52 1.39 22.85
C TYR F 152 -6.22 2.71 23.55
N ASP F 153 -5.91 3.74 22.78
CA ASP F 153 -5.61 5.08 23.32
C ASP F 153 -6.57 6.12 22.76
N LYS F 154 -7.53 6.49 23.59
CA LYS F 154 -8.62 7.37 23.19
C LYS F 154 -8.15 8.72 22.62
N ALA F 155 -7.07 9.27 23.19
CA ALA F 155 -6.59 10.58 22.76
C ALA F 155 -6.01 10.57 21.36
N ASN F 156 -5.48 9.43 20.93
CA ASN F 156 -4.77 9.37 19.66
C ASN F 156 -5.28 8.35 18.63
N ASN F 157 -6.09 7.38 19.07
CA ASN F 157 -6.62 6.38 18.15
C ASN F 157 -8.04 6.75 17.70
N HIS F 158 -8.16 7.32 16.51
CA HIS F 158 -9.45 7.77 16.01
C HIS F 158 -9.89 6.92 14.82
N ILE F 159 -8.92 6.39 14.11
CA ILE F 159 -9.15 5.47 13.02
C ILE F 159 -8.54 4.14 13.40
N ILE F 160 -9.35 3.14 13.70
CA ILE F 160 -8.81 1.88 14.17
C ILE F 160 -9.36 0.73 13.32
N SER F 161 -8.79 -0.46 13.50
CA SER F 161 -9.23 -1.65 12.77
C SER F 161 -9.64 -2.73 13.74
N ASN F 162 -10.72 -3.43 13.44
CA ASN F 162 -11.10 -4.57 14.25
C ASN F 162 -10.51 -5.88 13.69
N ALA F 163 -9.48 -5.74 12.85
CA ALA F 163 -8.80 -6.84 12.18
C ALA F 163 -9.75 -7.62 11.28
N SER F 164 -9.45 -8.90 11.10
CA SER F 164 -10.25 -9.80 10.27
C SER F 164 -10.94 -10.84 11.13
N CYS F 165 -11.90 -11.56 10.54
CA CYS F 165 -12.54 -12.67 11.21
C CYS F 165 -11.51 -13.71 11.67
N THR F 166 -10.59 -14.05 10.78
CA THR F 166 -9.62 -15.09 11.06
C THR F 166 -8.68 -14.70 12.20
N THR F 167 -8.22 -13.46 12.22
CA THR F 167 -7.37 -13.00 13.31
C THR F 167 -8.13 -13.01 14.65
N ASN F 168 -9.41 -12.61 14.60
CA ASN F 168 -10.25 -12.63 15.79
C ASN F 168 -10.50 -14.04 16.29
N CYS F 169 -10.35 -15.02 15.42
CA CYS F 169 -10.44 -16.41 15.84
C CYS F 169 -9.10 -16.92 16.35
N LEU F 170 -8.04 -16.64 15.62
CA LEU F 170 -6.73 -17.17 15.98
C LEU F 170 -6.12 -16.51 17.22
N ALA F 171 -6.15 -15.18 17.30
CA ALA F 171 -5.43 -14.47 18.36
C ALA F 171 -5.81 -14.83 19.79
N PRO F 172 -7.12 -14.96 20.11
CA PRO F 172 -7.43 -15.36 21.48
C PRO F 172 -6.90 -16.74 21.88
N LEU F 173 -6.98 -17.70 20.95
CA LEU F 173 -6.46 -19.03 21.20
C LEU F 173 -4.95 -18.98 21.37
N ALA F 174 -4.30 -18.25 20.46
CA ALA F 174 -2.85 -18.07 20.50
C ALA F 174 -2.41 -17.45 21.81
N LYS F 175 -3.17 -16.46 22.28
CA LYS F 175 -2.85 -15.79 23.53
C LYS F 175 -2.84 -16.77 24.69
N VAL F 176 -3.88 -17.59 24.77
CA VAL F 176 -4.04 -18.59 25.83
C VAL F 176 -2.93 -19.62 25.79
N ILE F 177 -2.61 -20.09 24.60
CA ILE F 177 -1.57 -21.09 24.43
C ILE F 177 -0.21 -20.50 24.72
N HIS F 178 0.05 -19.30 24.21
CA HIS F 178 1.35 -18.66 24.44
C HIS F 178 1.56 -18.31 25.90
N ASP F 179 0.54 -17.71 26.54
CA ASP F 179 0.63 -17.36 27.97
C ASP F 179 0.93 -18.58 28.83
N LYS F 180 0.32 -19.71 28.49
CA LYS F 180 0.44 -20.89 29.34
C LYS F 180 1.68 -21.74 29.03
N PHE F 181 1.98 -21.93 27.75
CA PHE F 181 3.04 -22.87 27.41
C PHE F 181 4.19 -22.25 26.60
N GLY F 182 3.94 -21.07 26.01
CA GLY F 182 4.94 -20.45 25.16
C GLY F 182 4.94 -21.03 23.75
N ILE F 183 4.60 -20.22 22.76
CA ILE F 183 4.66 -20.66 21.36
C ILE F 183 5.98 -20.27 20.74
N ILE F 184 6.78 -21.27 20.35
CA ILE F 184 8.05 -20.97 19.68
C ILE F 184 7.77 -20.44 18.29
N GLU F 185 6.89 -21.13 17.56
CA GLU F 185 6.49 -20.76 16.20
C GLU F 185 5.25 -21.53 15.79
N GLY F 186 4.51 -21.00 14.83
CA GLY F 186 3.28 -21.64 14.41
C GLY F 186 2.90 -21.34 12.98
N LEU F 187 2.25 -22.29 12.34
CA LEU F 187 1.74 -22.10 10.99
C LEU F 187 0.27 -22.42 10.98
N MET F 188 -0.51 -21.54 10.36
CA MET F 188 -1.96 -21.58 10.38
C MET F 188 -2.57 -21.86 8.99
N THR F 189 -3.57 -22.73 8.97
CA THR F 189 -4.41 -22.83 7.78
C THR F 189 -5.82 -22.47 8.21
N THR F 190 -6.52 -21.63 7.45
CA THR F 190 -7.95 -21.49 7.70
C THR F 190 -8.78 -22.09 6.56
N VAL F 191 -9.67 -23.02 6.90
CA VAL F 191 -10.58 -23.57 5.91
C VAL F 191 -11.78 -22.65 5.97
N HIS F 192 -11.94 -21.86 4.91
CA HIS F 192 -12.77 -20.66 5.01
C HIS F 192 -13.96 -20.73 4.06
N ALA F 193 -15.12 -20.35 4.57
CA ALA F 193 -16.32 -20.28 3.74
C ALA F 193 -16.22 -19.26 2.61
N THR F 194 -17.03 -19.45 1.57
CA THR F 194 -17.16 -18.46 0.48
C THR F 194 -17.58 -17.08 0.96
N THR F 195 -17.02 -16.05 0.33
CA THR F 195 -17.40 -14.67 0.59
C THR F 195 -17.75 -13.92 -0.71
N ALA F 196 -18.16 -12.67 -0.56
CA ALA F 196 -18.66 -11.85 -1.68
C ALA F 196 -17.62 -11.44 -2.71
N THR F 197 -16.34 -11.54 -2.37
CA THR F 197 -15.29 -11.21 -3.35
C THR F 197 -15.12 -12.31 -4.39
N GLN F 198 -15.67 -13.49 -4.11
CA GLN F 198 -15.54 -14.63 -5.00
C GLN F 198 -16.57 -14.65 -6.14
N LYS F 199 -16.44 -15.62 -7.06
CA LYS F 199 -17.31 -15.66 -8.24
C LYS F 199 -18.13 -16.94 -8.28
N THR F 200 -19.34 -16.87 -8.83
CA THR F 200 -20.22 -18.03 -8.95
C THR F 200 -19.70 -19.00 -9.98
N VAL F 201 -19.14 -18.45 -11.05
CA VAL F 201 -18.47 -19.26 -12.07
C VAL F 201 -17.18 -18.55 -12.43
N ASP F 202 -16.26 -19.28 -13.08
CA ASP F 202 -14.95 -18.74 -13.44
C ASP F 202 -15.07 -17.36 -14.08
N GLY F 203 -14.61 -16.33 -13.37
CA GLY F 203 -14.66 -14.97 -13.88
C GLY F 203 -13.46 -14.14 -13.48
N PRO F 204 -13.43 -12.87 -13.94
CA PRO F 204 -12.25 -12.02 -13.79
C PRO F 204 -11.97 -11.64 -12.34
N SER F 205 -10.74 -11.89 -11.93
CA SER F 205 -10.23 -11.53 -10.63
C SER F 205 -8.76 -11.20 -10.81
N GLY F 206 -8.49 -10.12 -11.55
CA GLY F 206 -7.17 -9.82 -12.09
C GLY F 206 -5.98 -9.79 -11.16
N LYS F 207 -6.18 -9.34 -9.94
CA LYS F 207 -5.11 -9.29 -8.98
C LYS F 207 -4.87 -10.66 -8.35
N LEU F 208 -5.94 -11.46 -8.28
CA LEU F 208 -5.89 -12.74 -7.59
C LEU F 208 -6.63 -13.83 -8.36
N TRP F 209 -5.91 -14.47 -9.29
CA TRP F 209 -6.52 -15.34 -10.30
C TRP F 209 -7.30 -16.51 -9.73
N ARG F 210 -6.79 -17.12 -8.67
CA ARG F 210 -7.46 -18.31 -8.11
C ARG F 210 -8.83 -17.93 -7.54
N ASP F 211 -8.92 -16.71 -7.00
CA ASP F 211 -10.15 -16.24 -6.38
C ASP F 211 -11.26 -16.05 -7.41
N GLY F 212 -10.92 -16.06 -8.69
CA GLY F 212 -11.93 -15.90 -9.72
C GLY F 212 -12.62 -17.18 -10.11
N ARG F 213 -12.03 -18.31 -9.73
CA ARG F 213 -12.55 -19.60 -10.14
C ARG F 213 -13.84 -19.89 -9.40
N GLY F 214 -14.78 -20.58 -10.07
CA GLY F 214 -16.10 -20.85 -9.51
C GLY F 214 -16.10 -21.35 -8.08
N ALA F 215 -16.72 -20.59 -7.16
CA ALA F 215 -16.61 -20.90 -5.74
C ALA F 215 -17.25 -22.22 -5.35
N GLY F 216 -18.42 -22.52 -5.92
CA GLY F 216 -19.18 -23.72 -5.60
C GLY F 216 -18.52 -25.00 -6.07
N GLN F 217 -17.62 -24.89 -7.04
CA GLN F 217 -16.95 -26.07 -7.61
C GLN F 217 -15.62 -26.43 -6.96
N ASN F 218 -15.01 -25.46 -6.29
CA ASN F 218 -13.57 -25.55 -6.00
C ASN F 218 -13.12 -25.45 -4.55
N ILE F 219 -12.03 -26.15 -4.25
CA ILE F 219 -11.19 -25.77 -3.11
C ILE F 219 -10.16 -24.79 -3.68
N ILE F 220 -10.08 -23.60 -3.12
CA ILE F 220 -9.24 -22.53 -3.67
C ILE F 220 -8.19 -22.03 -2.64
N PRO F 221 -6.89 -22.31 -2.89
CA PRO F 221 -5.83 -21.76 -2.01
C PRO F 221 -5.80 -20.25 -2.05
N ALA F 222 -5.59 -19.59 -0.92
CA ALA F 222 -5.56 -18.14 -0.92
C ALA F 222 -4.59 -17.61 0.12
N SER F 223 -4.02 -16.45 -0.17
CA SER F 223 -3.10 -15.83 0.77
C SER F 223 -3.89 -15.07 1.81
N THR F 224 -3.37 -15.05 3.04
CA THR F 224 -3.96 -14.21 4.09
C THR F 224 -2.88 -13.72 5.05
N GLY F 225 -3.04 -12.49 5.53
CA GLY F 225 -2.10 -11.93 6.49
C GLY F 225 -2.58 -12.10 7.91
N ALA F 226 -3.63 -12.91 8.09
CA ALA F 226 -4.31 -13.01 9.38
C ALA F 226 -3.43 -13.54 10.50
N ALA F 227 -2.63 -14.57 10.21
CA ALA F 227 -1.80 -15.18 11.24
C ALA F 227 -0.66 -14.25 11.57
N LYS F 228 -0.06 -13.66 10.55
CA LYS F 228 0.99 -12.66 10.75
C LYS F 228 0.47 -11.49 11.58
N ALA F 229 -0.78 -11.10 11.33
CA ALA F 229 -1.40 -10.00 12.05
C ALA F 229 -1.55 -10.27 13.56
N VAL F 230 -1.57 -11.55 13.95
CA VAL F 230 -1.66 -11.90 15.37
C VAL F 230 -0.44 -11.36 16.09
N GLY F 231 0.67 -11.25 15.36
CA GLY F 231 1.89 -10.69 15.92
C GLY F 231 1.81 -9.20 16.16
N LYS F 232 0.81 -8.55 15.58
CA LYS F 232 0.62 -7.12 15.83
C LYS F 232 -0.25 -6.88 17.07
N VAL F 233 -1.19 -7.79 17.36
CA VAL F 233 -2.01 -7.66 18.57
C VAL F 233 -1.39 -8.42 19.77
N ILE F 234 -0.49 -9.35 19.49
CA ILE F 234 0.33 -9.95 20.55
C ILE F 234 1.79 -9.80 20.17
N PRO F 235 2.38 -8.64 20.52
CA PRO F 235 3.74 -8.26 20.08
C PRO F 235 4.79 -9.32 20.33
N ASP F 236 4.66 -10.08 21.41
CA ASP F 236 5.63 -11.12 21.70
C ASP F 236 5.63 -12.24 20.64
N LEU F 237 4.58 -12.30 19.81
CA LEU F 237 4.50 -13.31 18.76
C LEU F 237 4.82 -12.75 17.36
N ASN F 238 5.33 -11.52 17.33
CA ASN F 238 5.76 -10.90 16.08
C ASN F 238 6.79 -11.76 15.37
N GLY F 239 6.52 -12.11 14.11
CA GLY F 239 7.47 -12.89 13.33
C GLY F 239 7.47 -14.39 13.63
N LYS F 240 6.57 -14.82 14.53
CA LYS F 240 6.49 -16.22 14.94
C LYS F 240 5.28 -16.99 14.38
N LEU F 241 4.42 -16.31 13.63
CA LEU F 241 3.22 -16.94 13.07
C LEU F 241 2.92 -16.44 11.67
N THR F 242 2.58 -17.34 10.77
CA THR F 242 1.97 -16.92 9.52
C THR F 242 1.13 -18.09 8.99
N GLY F 243 0.47 -17.89 7.86
CA GLY F 243 -0.43 -18.93 7.41
C GLY F 243 -1.05 -18.68 6.06
N MET F 244 -2.03 -19.50 5.71
CA MET F 244 -2.73 -19.36 4.45
C MET F 244 -4.15 -19.92 4.59
N ALA F 245 -4.91 -19.90 3.48
CA ALA F 245 -6.31 -20.32 3.51
C ALA F 245 -6.69 -21.23 2.33
N PHE F 246 -7.73 -22.02 2.55
CA PHE F 246 -8.48 -22.66 1.47
C PHE F 246 -9.93 -22.18 1.50
N ARG F 247 -10.40 -21.55 0.43
CA ARG F 247 -11.80 -21.18 0.29
CA ARG F 247 -11.81 -21.19 0.33
C ARG F 247 -12.61 -22.38 -0.17
N VAL F 248 -13.69 -22.71 0.54
CA VAL F 248 -14.43 -23.92 0.20
C VAL F 248 -15.91 -23.58 0.05
N PRO F 249 -16.68 -24.47 -0.64
CA PRO F 249 -18.07 -24.13 -1.00
C PRO F 249 -19.09 -24.22 0.13
N THR F 250 -18.91 -23.42 1.17
CA THR F 250 -19.93 -23.27 2.21
C THR F 250 -20.27 -21.80 2.34
N PRO F 251 -21.52 -21.50 2.72
CA PRO F 251 -21.89 -20.09 2.70
C PRO F 251 -21.41 -19.27 3.89
N ASP F 252 -21.04 -19.91 5.01
CA ASP F 252 -20.63 -19.21 6.22
C ASP F 252 -20.03 -20.20 7.20
N VAL F 253 -19.24 -19.67 8.14
CA VAL F 253 -18.50 -20.39 9.19
C VAL F 253 -17.22 -20.99 8.61
N SER F 254 -16.13 -20.72 9.31
CA SER F 254 -14.80 -21.10 8.88
C SER F 254 -14.08 -21.74 10.05
N VAL F 255 -12.92 -22.34 9.80
CA VAL F 255 -12.24 -22.99 10.91
C VAL F 255 -10.74 -22.77 10.81
N VAL F 256 -10.14 -22.49 11.96
CA VAL F 256 -8.71 -22.26 12.07
C VAL F 256 -7.99 -23.54 12.48
N ASP F 257 -6.89 -23.79 11.80
CA ASP F 257 -6.06 -24.98 11.98
C ASP F 257 -4.63 -24.51 12.32
N LEU F 258 -4.30 -24.50 13.62
CA LEU F 258 -3.01 -23.94 14.05
C LEU F 258 -2.02 -25.04 14.43
N THR F 259 -0.94 -25.12 13.66
CA THR F 259 0.11 -26.07 13.96
C THR F 259 1.25 -25.34 14.64
N CYS F 260 1.51 -25.64 15.91
CA CYS F 260 2.52 -24.88 16.65
C CYS F 260 3.46 -25.74 17.47
N ARG F 261 4.65 -25.19 17.69
CA ARG F 261 5.65 -25.76 18.57
C ARG F 261 5.61 -25.06 19.94
N LEU F 262 5.56 -25.85 21.01
CA LEU F 262 5.47 -25.29 22.36
C LEU F 262 6.78 -25.37 23.11
N GLN F 263 7.07 -24.31 23.87
CA GLN F 263 8.25 -24.29 24.71
C GLN F 263 8.09 -25.26 25.89
N LYS F 264 7.04 -25.04 26.66
CA LYS F 264 6.74 -25.88 27.82
C LYS F 264 5.81 -26.98 27.36
N GLY F 265 6.28 -28.22 27.48
CA GLY F 265 5.55 -29.37 26.96
C GLY F 265 4.19 -29.49 27.61
N ALA F 266 3.21 -29.96 26.86
CA ALA F 266 1.88 -30.05 27.42
C ALA F 266 1.16 -31.25 26.83
N THR F 267 0.37 -31.91 27.67
CA THR F 267 -0.52 -32.98 27.25
C THR F 267 -1.77 -32.35 26.65
N MET F 268 -2.57 -33.14 25.94
CA MET F 268 -3.76 -32.55 25.34
C MET F 268 -4.72 -32.15 26.45
N ASP F 269 -4.73 -32.94 27.51
CA ASP F 269 -5.56 -32.60 28.65
C ASP F 269 -5.16 -31.25 29.26
N GLU F 270 -3.85 -30.96 29.33
CA GLU F 270 -3.40 -29.68 29.86
C GLU F 270 -3.81 -28.53 28.94
N ILE F 271 -3.71 -28.75 27.63
CA ILE F 271 -4.13 -27.73 26.67
C ILE F 271 -5.62 -27.47 26.80
N LYS F 272 -6.42 -28.55 26.80
CA LYS F 272 -7.86 -28.45 27.00
C LYS F 272 -8.14 -27.67 28.28
N ALA F 273 -7.44 -28.01 29.37
CA ALA F 273 -7.63 -27.35 30.65
C ALA F 273 -7.31 -25.85 30.54
N ALA F 274 -6.26 -25.50 29.83
CA ALA F 274 -5.89 -24.10 29.66
C ALA F 274 -6.96 -23.30 28.93
N VAL F 275 -7.53 -23.88 27.89
CA VAL F 275 -8.57 -23.22 27.09
C VAL F 275 -9.88 -23.10 27.86
N LYS F 276 -10.23 -24.17 28.56
CA LYS F 276 -11.42 -24.20 29.38
C LYS F 276 -11.37 -23.12 30.46
N GLU F 277 -10.19 -22.94 31.06
CA GLU F 277 -10.04 -21.94 32.09
C GLU F 277 -10.27 -20.53 31.55
N ALA F 278 -9.70 -20.25 30.38
CA ALA F 278 -9.84 -18.93 29.76
C ALA F 278 -11.28 -18.66 29.33
N ALA F 279 -11.92 -19.69 28.77
CA ALA F 279 -13.26 -19.55 28.23
C ALA F 279 -14.27 -19.30 29.34
N ASN F 280 -14.07 -19.93 30.50
CA ASN F 280 -15.00 -19.77 31.60
C ASN F 280 -14.65 -18.55 32.43
N GLY F 281 -13.56 -17.88 32.05
CA GLY F 281 -13.07 -16.75 32.82
C GLY F 281 -12.90 -15.45 32.06
N PRO F 282 -11.64 -15.00 31.90
CA PRO F 282 -11.34 -13.68 31.34
C PRO F 282 -11.72 -13.57 29.86
N MET F 283 -11.97 -14.70 29.20
CA MET F 283 -12.29 -14.65 27.80
C MET F 283 -13.70 -15.12 27.53
N LYS F 284 -14.52 -15.13 28.59
CA LYS F 284 -15.91 -15.52 28.42
C LYS F 284 -16.57 -14.65 27.36
N GLY F 285 -17.33 -15.28 26.45
CA GLY F 285 -17.98 -14.60 25.35
C GLY F 285 -17.10 -14.39 24.12
N ILE F 286 -15.79 -14.54 24.31
CA ILE F 286 -14.83 -14.38 23.22
C ILE F 286 -14.33 -15.74 22.73
N LEU F 287 -13.75 -16.51 23.64
CA LEU F 287 -13.26 -17.86 23.32
C LEU F 287 -14.19 -18.84 24.01
N GLU F 288 -14.70 -19.82 23.27
CA GLU F 288 -15.53 -20.86 23.86
C GLU F 288 -14.79 -22.19 23.73
N TYR F 289 -15.18 -23.15 24.56
CA TYR F 289 -14.61 -24.49 24.57
C TYR F 289 -15.73 -25.49 24.27
N THR F 290 -15.50 -26.43 23.36
CA THR F 290 -16.49 -27.51 23.23
C THR F 290 -15.81 -28.87 23.10
N GLU F 291 -16.52 -29.90 23.56
CA GLU F 291 -16.08 -31.28 23.45
C GLU F 291 -17.11 -32.08 22.66
N ASP F 292 -18.05 -31.41 22.02
CA ASP F 292 -19.04 -32.14 21.24
C ASP F 292 -18.54 -32.45 19.82
N GLN F 293 -19.27 -33.32 19.13
CA GLN F 293 -18.95 -33.74 17.77
C GLN F 293 -19.53 -32.78 16.73
N VAL F 294 -18.97 -31.59 16.69
CA VAL F 294 -19.55 -30.49 15.92
C VAL F 294 -19.09 -30.44 14.46
N VAL F 295 -19.89 -29.80 13.62
CA VAL F 295 -19.49 -29.49 12.26
C VAL F 295 -19.78 -28.03 12.00
N SER F 296 -19.41 -27.52 10.84
CA SER F 296 -19.49 -26.06 10.63
C SER F 296 -20.87 -25.42 10.87
N THR F 297 -21.96 -26.03 10.39
CA THR F 297 -23.28 -25.40 10.56
C THR F 297 -23.70 -25.26 12.03
N ASP F 298 -23.06 -26.02 12.92
CA ASP F 298 -23.38 -25.89 14.36
C ASP F 298 -22.94 -24.53 14.93
N PHE F 299 -22.19 -23.75 14.16
CA PHE F 299 -21.76 -22.44 14.62
C PHE F 299 -22.36 -21.27 13.84
N THR F 300 -23.33 -21.57 12.99
CA THR F 300 -24.06 -20.52 12.29
C THR F 300 -24.81 -19.64 13.30
N GLY F 301 -24.46 -18.36 13.37
CA GLY F 301 -25.06 -17.46 14.34
C GLY F 301 -24.34 -17.45 15.67
N ASP F 302 -23.23 -18.15 15.78
CA ASP F 302 -22.51 -18.15 17.05
C ASP F 302 -21.85 -16.80 17.25
N THR F 303 -21.96 -16.23 18.46
CA THR F 303 -21.44 -14.89 18.72
C THR F 303 -19.98 -14.87 19.19
N HIS F 304 -19.42 -16.03 19.47
CA HIS F 304 -18.02 -16.07 19.94
C HIS F 304 -17.02 -15.73 18.84
N SER F 305 -15.84 -15.25 19.25
CA SER F 305 -14.78 -14.96 18.28
C SER F 305 -14.10 -16.25 17.85
N SER F 306 -14.17 -17.26 18.72
CA SER F 306 -13.39 -18.48 18.53
C SER F 306 -13.96 -19.61 19.38
N ILE F 307 -14.27 -20.76 18.77
CA ILE F 307 -14.72 -21.90 19.55
C ILE F 307 -13.76 -23.07 19.39
N PHE F 308 -13.00 -23.36 20.43
CA PHE F 308 -12.01 -24.45 20.45
C PHE F 308 -12.67 -25.82 20.35
N ASP F 309 -12.24 -26.60 19.35
CA ASP F 309 -12.81 -27.93 19.12
C ASP F 309 -11.89 -28.95 19.75
N ALA F 310 -12.16 -29.27 21.02
CA ALA F 310 -11.22 -30.08 21.80
C ALA F 310 -10.98 -31.43 21.15
N LEU F 311 -12.05 -32.06 20.68
CA LEU F 311 -11.92 -33.41 20.17
C LEU F 311 -11.26 -33.48 18.79
N ALA F 312 -11.24 -32.37 18.05
CA ALA F 312 -10.65 -32.38 16.72
C ALA F 312 -9.13 -32.14 16.71
N CYS F 313 -8.61 -31.61 17.81
CA CYS F 313 -7.18 -31.36 17.99
C CYS F 313 -6.40 -32.65 17.99
N ILE F 314 -5.14 -32.59 17.56
CA ILE F 314 -4.24 -33.75 17.61
C ILE F 314 -2.83 -33.29 17.95
N SER F 315 -2.11 -34.13 18.68
CA SER F 315 -0.72 -33.84 18.98
C SER F 315 0.21 -34.94 18.49
N LEU F 316 1.38 -34.54 18.02
CA LEU F 316 2.43 -35.50 17.72
C LEU F 316 3.15 -35.84 19.01
N ASN F 317 3.49 -34.80 19.76
CA ASN F 317 4.15 -34.93 21.06
C ASN F 317 3.84 -33.68 21.90
N PRO F 318 4.24 -33.69 23.19
CA PRO F 318 3.94 -32.52 24.03
C PRO F 318 4.40 -31.17 23.50
N ASN F 319 5.30 -31.13 22.52
CA ASN F 319 5.76 -29.84 22.03
C ASN F 319 5.36 -29.52 20.59
N PHE F 320 4.53 -30.35 19.99
CA PHE F 320 4.14 -30.16 18.59
C PHE F 320 2.69 -30.59 18.42
N VAL F 321 1.81 -29.60 18.26
CA VAL F 321 0.38 -29.86 18.33
C VAL F 321 -0.39 -29.16 17.23
N LYS F 322 -1.60 -29.67 16.95
CA LYS F 322 -2.48 -29.04 15.98
C LYS F 322 -3.81 -28.69 16.64
N LEU F 323 -4.10 -27.41 16.69
CA LEU F 323 -5.26 -26.92 17.43
C LEU F 323 -6.32 -26.37 16.50
N ILE F 324 -7.57 -26.76 16.78
CA ILE F 324 -8.70 -26.47 15.93
C ILE F 324 -9.72 -25.53 16.60
N ALA F 325 -10.01 -24.41 15.94
CA ALA F 325 -10.97 -23.45 16.48
C ALA F 325 -11.92 -22.93 15.39
N TRP F 326 -13.20 -22.99 15.69
CA TRP F 326 -14.26 -22.56 14.79
C TRP F 326 -14.57 -21.07 14.92
N TYR F 327 -15.17 -20.50 13.87
CA TYR F 327 -15.71 -19.14 13.95
C TYR F 327 -16.71 -18.83 12.86
N ASP F 328 -17.83 -18.27 13.26
CA ASP F 328 -18.77 -17.71 12.30
C ASP F 328 -18.15 -16.43 11.78
N ASN F 329 -17.55 -16.49 10.58
CA ASN F 329 -16.79 -15.34 10.08
C ASN F 329 -17.65 -14.12 9.86
N GLU F 330 -18.94 -14.33 9.62
CA GLU F 330 -19.86 -13.19 9.49
C GLU F 330 -20.30 -12.67 10.85
N TYR F 331 -20.91 -13.54 11.66
CA TYR F 331 -21.64 -13.06 12.83
C TYR F 331 -20.78 -12.90 14.08
N GLY F 332 -19.78 -13.76 14.25
CA GLY F 332 -18.84 -13.60 15.34
C GLY F 332 -18.14 -12.28 15.22
N TYR F 333 -17.59 -12.05 14.04
CA TYR F 333 -16.90 -10.81 13.78
C TYR F 333 -17.82 -9.59 13.97
N SER F 334 -19.05 -9.68 13.47
CA SER F 334 -19.96 -8.53 13.57
C SER F 334 -20.24 -8.21 15.03
N ASN F 335 -20.39 -9.25 15.85
CA ASN F 335 -20.58 -9.03 17.30
C ASN F 335 -19.37 -8.32 17.93
N ARG F 336 -18.15 -8.63 17.46
CA ARG F 336 -16.93 -7.98 17.96
C ARG F 336 -16.82 -6.52 17.55
N VAL F 337 -17.32 -6.20 16.36
CA VAL F 337 -17.37 -4.80 15.96
C VAL F 337 -18.19 -4.01 16.97
N VAL F 338 -19.35 -4.54 17.33
CA VAL F 338 -20.21 -3.88 18.31
C VAL F 338 -19.52 -3.77 19.69
N ASP F 339 -18.90 -4.86 20.14
CA ASP F 339 -18.19 -4.89 21.43
C ASP F 339 -17.06 -3.85 21.47
N LEU F 340 -16.37 -3.74 20.33
CA LEU F 340 -15.24 -2.80 20.27
C LEU F 340 -15.75 -1.36 20.37
N ILE F 341 -16.86 -1.08 19.70
CA ILE F 341 -17.48 0.24 19.82
C ILE F 341 -17.90 0.49 21.26
N SER F 342 -18.58 -0.49 21.84
CA SER F 342 -19.01 -0.38 23.23
C SER F 342 -17.82 -0.19 24.16
N TYR F 343 -16.72 -0.89 23.88
CA TYR F 343 -15.55 -0.80 24.73
C TYR F 343 -14.88 0.57 24.66
N ILE F 344 -14.59 1.03 23.44
CA ILE F 344 -13.86 2.29 23.31
C ILE F 344 -14.70 3.47 23.76
N ALA F 345 -16.02 3.36 23.65
CA ALA F 345 -16.90 4.43 24.08
C ALA F 345 -16.95 4.56 25.61
N SER F 346 -16.64 3.47 26.30
CA SER F 346 -16.64 3.41 27.75
C SER F 346 -15.33 3.89 28.33
N ARG F 347 -14.43 4.34 27.46
CA ARG F 347 -13.10 4.75 27.89
C ARG F 347 -12.96 6.27 28.03
N LYS G 11 0.05 -59.74 -20.34
CA LYS G 11 -0.54 -58.81 -19.38
C LYS G 11 -1.23 -59.50 -18.23
N PRO G 12 -1.06 -58.96 -17.01
CA PRO G 12 -1.73 -59.49 -15.83
C PRO G 12 -3.24 -59.47 -16.02
N LYS G 13 -3.91 -60.54 -15.61
CA LYS G 13 -5.35 -60.63 -15.78
C LYS G 13 -5.97 -60.32 -14.44
N VAL G 14 -6.96 -59.42 -14.45
CA VAL G 14 -7.44 -58.80 -13.22
C VAL G 14 -8.94 -58.99 -13.00
N GLY G 15 -9.31 -59.25 -11.76
CA GLY G 15 -10.70 -59.26 -11.34
C GLY G 15 -10.94 -58.13 -10.34
N ILE G 16 -12.16 -57.60 -10.34
CA ILE G 16 -12.50 -56.51 -9.43
C ILE G 16 -13.66 -56.82 -8.49
N ASN G 17 -13.43 -56.75 -7.20
CA ASN G 17 -14.54 -56.91 -6.25
C ASN G 17 -15.00 -55.53 -5.77
N GLY G 18 -16.25 -55.20 -6.07
CA GLY G 18 -16.80 -53.89 -5.74
C GLY G 18 -16.69 -52.87 -6.87
N PHE G 19 -17.80 -52.69 -7.60
CA PHE G 19 -17.80 -51.83 -8.79
C PHE G 19 -18.22 -50.41 -8.39
N GLY G 20 -17.53 -49.86 -7.39
CA GLY G 20 -17.86 -48.54 -6.87
C GLY G 20 -17.02 -47.46 -7.53
N ARG G 21 -16.81 -46.35 -6.85
CA ARG G 21 -16.03 -45.24 -7.42
C ARG G 21 -14.65 -45.78 -7.81
N ILE G 22 -14.01 -46.50 -6.89
CA ILE G 22 -12.66 -47.02 -7.14
C ILE G 22 -12.62 -48.18 -8.13
N GLY G 23 -13.46 -49.18 -7.92
CA GLY G 23 -13.56 -50.29 -8.85
C GLY G 23 -13.80 -49.87 -10.29
N ARG G 24 -14.78 -48.99 -10.47
CA ARG G 24 -15.15 -48.55 -11.81
C ARG G 24 -14.04 -47.73 -12.43
N LEU G 25 -13.42 -46.87 -11.63
CA LEU G 25 -12.39 -46.00 -12.19
C LEU G 25 -11.07 -46.73 -12.39
N VAL G 26 -10.86 -47.80 -11.62
CA VAL G 26 -9.73 -48.69 -11.87
C VAL G 26 -9.89 -49.33 -13.26
N LEU G 27 -11.11 -49.79 -13.57
CA LEU G 27 -11.42 -50.30 -14.91
C LEU G 27 -11.13 -49.24 -15.98
N ARG G 28 -11.58 -48.00 -15.76
CA ARG G 28 -11.28 -46.92 -16.72
C ARG G 28 -9.79 -46.75 -16.90
N ALA G 29 -9.05 -46.73 -15.79
CA ALA G 29 -7.60 -46.55 -15.87
C ALA G 29 -6.93 -47.74 -16.55
N ALA G 30 -7.42 -48.93 -16.22
CA ALA G 30 -6.87 -50.16 -16.80
C ALA G 30 -7.05 -50.16 -18.30
N VAL G 31 -8.24 -49.77 -18.76
CA VAL G 31 -8.55 -49.73 -20.19
C VAL G 31 -7.69 -48.68 -20.88
N GLU G 32 -7.52 -47.52 -20.25
CA GLU G 32 -6.71 -46.46 -20.83
C GLU G 32 -5.21 -46.79 -20.85
N LYS G 33 -4.70 -47.36 -19.76
CA LYS G 33 -3.27 -47.66 -19.70
C LYS G 33 -2.93 -48.94 -20.44
N ASP G 34 -3.89 -49.85 -20.52
CA ASP G 34 -3.73 -51.11 -21.25
C ASP G 34 -2.51 -51.91 -20.80
N THR G 35 -2.24 -51.87 -19.51
CA THR G 35 -1.11 -52.61 -18.97
C THR G 35 -1.59 -53.84 -18.23
N VAL G 36 -2.91 -53.93 -18.02
CA VAL G 36 -3.51 -55.10 -17.42
C VAL G 36 -4.80 -55.44 -18.15
N ASP G 37 -5.31 -56.64 -17.92
CA ASP G 37 -6.52 -57.11 -18.59
CA ASP G 37 -6.53 -57.10 -18.57
C ASP G 37 -7.55 -57.48 -17.53
N VAL G 38 -8.64 -56.72 -17.46
CA VAL G 38 -9.70 -57.01 -16.52
C VAL G 38 -10.56 -58.09 -17.14
N VAL G 39 -10.75 -59.20 -16.41
CA VAL G 39 -11.48 -60.33 -16.95
C VAL G 39 -12.72 -60.67 -16.14
N ALA G 40 -12.90 -60.03 -14.98
CA ALA G 40 -14.03 -60.32 -14.11
C ALA G 40 -14.35 -59.19 -13.15
N VAL G 41 -15.62 -59.10 -12.78
CA VAL G 41 -16.11 -58.12 -11.81
CA VAL G 41 -16.11 -58.13 -11.81
C VAL G 41 -17.20 -58.75 -10.94
N ASN G 42 -17.23 -58.38 -9.66
CA ASN G 42 -18.28 -58.84 -8.76
C ASN G 42 -18.87 -57.69 -7.96
N ASP G 43 -20.20 -57.63 -7.89
CA ASP G 43 -20.88 -56.64 -7.05
C ASP G 43 -22.33 -57.06 -6.91
N PRO G 44 -22.71 -57.44 -5.68
CA PRO G 44 -24.06 -57.97 -5.46
C PRO G 44 -25.13 -56.89 -5.50
N PHE G 45 -24.73 -55.62 -5.57
CA PHE G 45 -25.72 -54.54 -5.59
C PHE G 45 -25.87 -53.88 -6.96
N ILE G 46 -25.18 -54.43 -7.96
CA ILE G 46 -25.18 -53.88 -9.31
C ILE G 46 -25.27 -54.99 -10.37
N ASN G 47 -26.45 -55.22 -10.96
CA ASN G 47 -26.55 -56.25 -12.00
C ASN G 47 -25.87 -55.76 -13.28
N ILE G 48 -25.72 -56.64 -14.27
CA ILE G 48 -24.87 -56.31 -15.42
C ILE G 48 -25.34 -55.10 -16.24
N ASP G 49 -26.63 -54.94 -16.45
CA ASP G 49 -27.11 -53.79 -17.22
C ASP G 49 -26.87 -52.48 -16.43
N TYR G 50 -27.03 -52.56 -15.13
CA TYR G 50 -26.74 -51.44 -14.25
C TYR G 50 -25.22 -51.12 -14.29
N MET G 51 -24.39 -52.14 -14.38
CA MET G 51 -22.94 -51.90 -14.50
C MET G 51 -22.61 -51.08 -15.74
N VAL G 52 -23.26 -51.43 -16.86
CA VAL G 52 -23.07 -50.72 -18.10
C VAL G 52 -23.37 -49.23 -17.89
N TYR G 53 -24.53 -48.94 -17.29
CA TYR G 53 -24.91 -47.57 -17.03
C TYR G 53 -23.92 -46.86 -16.08
N MET G 54 -23.55 -47.52 -15.00
CA MET G 54 -22.68 -46.84 -14.02
C MET G 54 -21.29 -46.61 -14.59
N PHE G 55 -20.84 -47.50 -15.46
CA PHE G 55 -19.52 -47.33 -16.08
C PHE G 55 -19.58 -46.28 -17.21
N LYS G 56 -20.67 -46.27 -17.96
CA LYS G 56 -20.85 -45.34 -19.08
C LYS G 56 -20.87 -43.88 -18.64
N TYR G 57 -21.72 -43.59 -17.65
CA TYR G 57 -21.96 -42.23 -17.18
C TYR G 57 -21.32 -41.99 -15.82
N ASP G 58 -20.62 -40.87 -15.68
CA ASP G 58 -19.95 -40.51 -14.43
C ASP G 58 -20.06 -39.02 -14.19
N SER G 59 -20.73 -38.61 -13.12
CA SER G 59 -20.93 -37.20 -12.85
C SER G 59 -19.60 -36.44 -12.75
N THR G 60 -18.60 -37.13 -12.26
CA THR G 60 -17.32 -36.48 -12.00
C THR G 60 -16.39 -36.53 -13.18
N HIS G 61 -16.29 -37.69 -13.84
CA HIS G 61 -15.24 -37.89 -14.84
C HIS G 61 -15.74 -37.97 -16.28
N GLY G 62 -17.02 -37.70 -16.48
CA GLY G 62 -17.58 -37.65 -17.83
C GLY G 62 -17.90 -39.02 -18.38
N ARG G 63 -18.43 -39.05 -19.59
CA ARG G 63 -18.78 -40.31 -20.21
C ARG G 63 -17.55 -41.13 -20.55
N PHE G 64 -17.65 -42.44 -20.38
CA PHE G 64 -16.58 -43.34 -20.79
C PHE G 64 -16.18 -43.13 -22.25
N LYS G 65 -14.88 -42.94 -22.50
CA LYS G 65 -14.40 -42.68 -23.86
C LYS G 65 -14.14 -43.97 -24.61
N GLY G 66 -15.20 -44.53 -25.18
CA GLY G 66 -15.13 -45.84 -25.78
C GLY G 66 -16.55 -46.37 -25.73
N SER G 67 -16.69 -47.67 -25.85
CA SER G 67 -18.01 -48.28 -25.85
C SER G 67 -18.14 -49.33 -24.73
N VAL G 68 -19.33 -49.42 -24.14
CA VAL G 68 -19.58 -50.45 -23.12
C VAL G 68 -20.99 -51.01 -23.26
N SER G 69 -21.12 -52.32 -23.18
CA SER G 69 -22.42 -52.98 -23.36
C SER G 69 -22.42 -54.34 -22.69
N ALA G 70 -23.61 -54.93 -22.57
CA ALA G 70 -23.73 -56.28 -22.03
C ALA G 70 -24.16 -57.23 -23.12
N GLU G 71 -23.40 -58.31 -23.27
CA GLU G 71 -23.73 -59.35 -24.24
C GLU G 71 -23.35 -60.70 -23.65
N GLY G 72 -24.32 -61.60 -23.59
CA GLY G 72 -24.09 -62.96 -23.12
C GLY G 72 -23.68 -63.06 -21.67
N GLY G 73 -24.19 -62.16 -20.84
CA GLY G 73 -23.86 -62.18 -19.42
C GLY G 73 -22.43 -61.75 -19.15
N LYS G 74 -21.83 -61.11 -20.16
CA LYS G 74 -20.47 -60.60 -20.01
C LYS G 74 -20.47 -59.09 -20.27
N LEU G 75 -19.62 -58.37 -19.56
CA LEU G 75 -19.47 -56.94 -19.76
C LEU G 75 -18.48 -56.75 -20.91
N ILE G 76 -18.89 -56.03 -21.94
CA ILE G 76 -18.04 -55.79 -23.10
C ILE G 76 -17.56 -54.35 -23.11
N VAL G 77 -16.26 -54.18 -22.97
CA VAL G 77 -15.67 -52.85 -22.85
C VAL G 77 -14.58 -52.63 -23.91
N THR G 78 -14.73 -51.56 -24.69
CA THR G 78 -13.78 -51.27 -25.76
C THR G 78 -13.49 -49.78 -25.91
N ASN G 79 -12.25 -49.48 -26.29
CA ASN G 79 -11.85 -48.10 -26.54
C ASN G 79 -11.42 -47.90 -27.98
N GLY G 80 -11.88 -48.78 -28.86
CA GLY G 80 -11.49 -48.72 -30.26
C GLY G 80 -10.33 -49.66 -30.54
N LYS G 81 -9.23 -49.48 -29.82
CA LYS G 81 -8.06 -50.34 -30.00
C LYS G 81 -8.30 -51.77 -29.51
N THR G 82 -8.60 -51.90 -28.22
CA THR G 82 -8.73 -53.21 -27.57
C THR G 82 -10.16 -53.46 -27.08
N THR G 83 -10.48 -54.72 -26.80
CA THR G 83 -11.78 -55.09 -26.27
C THR G 83 -11.56 -55.99 -25.07
N HIS G 84 -12.20 -55.66 -23.96
CA HIS G 84 -12.13 -56.49 -22.77
C HIS G 84 -13.48 -57.17 -22.58
N HIS G 85 -13.44 -58.49 -22.45
CA HIS G 85 -14.64 -59.28 -22.18
C HIS G 85 -14.59 -59.63 -20.70
N ILE G 86 -15.53 -59.09 -19.95
CA ILE G 86 -15.44 -59.17 -18.50
C ILE G 86 -16.58 -60.03 -17.96
N SER G 87 -16.24 -61.09 -17.23
CA SER G 87 -17.27 -61.92 -16.62
C SER G 87 -17.87 -61.15 -15.44
N VAL G 88 -19.16 -61.32 -15.23
CA VAL G 88 -19.86 -60.54 -14.22
C VAL G 88 -20.45 -61.45 -13.13
N HIS G 89 -20.18 -61.11 -11.87
CA HIS G 89 -20.75 -61.88 -10.77
C HIS G 89 -21.42 -60.96 -9.77
N ASN G 90 -22.29 -61.54 -8.94
CA ASN G 90 -23.06 -60.75 -7.99
C ASN G 90 -23.11 -61.43 -6.62
N SER G 91 -21.96 -61.92 -6.18
CA SER G 91 -21.84 -62.61 -4.90
C SER G 91 -21.48 -61.67 -3.76
N LYS G 92 -22.16 -61.86 -2.63
CA LYS G 92 -21.90 -61.10 -1.43
C LYS G 92 -20.69 -61.68 -0.72
N ASP G 93 -20.54 -63.01 -0.87
CA ASP G 93 -19.45 -63.75 -0.26
C ASP G 93 -18.30 -63.90 -1.24
N PRO G 94 -17.17 -63.21 -0.96
CA PRO G 94 -16.02 -63.20 -1.88
C PRO G 94 -15.44 -64.59 -2.10
N ALA G 95 -15.71 -65.52 -1.18
CA ALA G 95 -15.23 -66.89 -1.31
C ALA G 95 -15.91 -67.63 -2.46
N GLU G 96 -17.08 -67.15 -2.88
CA GLU G 96 -17.84 -67.82 -3.92
C GLU G 96 -17.53 -67.30 -5.32
N ILE G 97 -16.64 -66.30 -5.43
CA ILE G 97 -16.31 -65.74 -6.73
C ILE G 97 -15.27 -66.60 -7.42
N PRO G 98 -15.62 -67.12 -8.61
CA PRO G 98 -14.72 -68.04 -9.32
C PRO G 98 -13.60 -67.36 -10.11
N TRP G 99 -12.74 -66.63 -9.41
CA TRP G 99 -11.65 -65.90 -10.07
C TRP G 99 -10.77 -66.85 -10.87
N GLY G 100 -10.53 -68.03 -10.34
CA GLY G 100 -9.71 -69.04 -10.98
C GLY G 100 -10.27 -69.47 -12.33
N VAL G 101 -11.56 -69.78 -12.37
CA VAL G 101 -12.25 -70.13 -13.62
C VAL G 101 -12.16 -69.01 -14.65
N ASP G 102 -12.32 -67.78 -14.19
CA ASP G 102 -12.32 -66.62 -15.06
C ASP G 102 -10.90 -66.24 -15.53
N GLY G 103 -9.91 -66.78 -14.84
CA GLY G 103 -8.51 -66.50 -15.16
C GLY G 103 -8.02 -65.21 -14.53
N ALA G 104 -8.74 -64.72 -13.53
CA ALA G 104 -8.35 -63.51 -12.83
C ALA G 104 -7.28 -63.83 -11.79
N GLU G 105 -6.01 -63.58 -12.11
CA GLU G 105 -4.90 -63.90 -11.22
C GLU G 105 -4.81 -62.91 -10.06
N TYR G 106 -5.01 -61.63 -10.39
CA TYR G 106 -4.88 -60.54 -9.43
C TYR G 106 -6.24 -59.91 -9.12
N VAL G 107 -6.60 -59.80 -7.84
CA VAL G 107 -7.89 -59.20 -7.47
C VAL G 107 -7.75 -57.90 -6.72
N VAL G 108 -8.41 -56.87 -7.25
CA VAL G 108 -8.57 -55.57 -6.59
C VAL G 108 -9.73 -55.64 -5.61
N GLU G 109 -9.41 -55.50 -4.32
CA GLU G 109 -10.43 -55.57 -3.29
C GLU G 109 -10.89 -54.15 -2.97
N SER G 110 -11.98 -53.74 -3.61
CA SER G 110 -12.42 -52.37 -3.50
C SER G 110 -13.84 -52.24 -2.96
N THR G 111 -14.26 -53.15 -2.09
CA THR G 111 -15.61 -53.04 -1.50
C THR G 111 -15.59 -52.17 -0.26
N GLY G 112 -14.44 -52.08 0.39
CA GLY G 112 -14.34 -51.31 1.62
C GLY G 112 -14.73 -52.09 2.86
N VAL G 113 -15.13 -53.37 2.69
CA VAL G 113 -15.57 -54.16 3.83
C VAL G 113 -14.78 -55.46 4.01
N PHE G 114 -13.74 -55.66 3.21
CA PHE G 114 -12.89 -56.83 3.42
C PHE G 114 -11.43 -56.41 3.49
N THR G 115 -11.10 -55.50 4.40
CA THR G 115 -9.79 -54.84 4.37
C THR G 115 -8.73 -55.51 5.25
N THR G 116 -9.13 -56.48 6.07
CA THR G 116 -8.16 -57.22 6.86
C THR G 116 -7.60 -58.39 6.05
N THR G 117 -6.49 -58.96 6.53
CA THR G 117 -5.80 -60.03 5.81
C THR G 117 -6.67 -61.28 5.79
N ASP G 118 -7.39 -61.52 6.88
CA ASP G 118 -8.28 -62.68 7.00
C ASP G 118 -9.46 -62.57 6.03
N LYS G 119 -10.06 -61.39 5.94
CA LYS G 119 -11.23 -61.18 5.10
C LYS G 119 -10.90 -61.20 3.60
N ALA G 120 -9.80 -60.56 3.21
CA ALA G 120 -9.42 -60.48 1.81
C ALA G 120 -8.93 -61.82 1.27
N SER G 121 -8.51 -62.71 2.16
CA SER G 121 -7.98 -64.02 1.78
C SER G 121 -9.07 -64.92 1.21
N ALA G 122 -10.32 -64.52 1.39
CA ALA G 122 -11.44 -65.27 0.84
C ALA G 122 -11.28 -65.41 -0.68
N HIS G 123 -10.64 -64.43 -1.30
CA HIS G 123 -10.43 -64.44 -2.75
C HIS G 123 -9.48 -65.55 -3.19
N LEU G 124 -8.60 -65.99 -2.29
CA LEU G 124 -7.64 -67.04 -2.66
C LEU G 124 -8.37 -68.37 -2.80
N LYS G 125 -9.41 -68.55 -2.00
CA LYS G 125 -10.23 -69.77 -2.06
C LYS G 125 -10.93 -69.85 -3.42
N GLY G 126 -11.14 -68.70 -4.05
CA GLY G 126 -11.79 -68.67 -5.35
C GLY G 126 -10.83 -68.88 -6.51
N GLY G 127 -9.53 -68.91 -6.22
CA GLY G 127 -8.53 -69.19 -7.23
C GLY G 127 -7.66 -67.99 -7.58
N ALA G 128 -7.83 -66.88 -6.86
CA ALA G 128 -6.96 -65.73 -7.08
C ALA G 128 -5.60 -66.00 -6.43
N LYS G 129 -4.56 -65.40 -6.99
CA LYS G 129 -3.21 -65.59 -6.44
C LYS G 129 -2.79 -64.40 -5.60
N LYS G 130 -3.11 -63.21 -6.09
CA LYS G 130 -2.73 -61.98 -5.42
C LYS G 130 -3.95 -61.10 -5.18
N VAL G 131 -3.99 -60.46 -4.03
CA VAL G 131 -5.08 -59.56 -3.71
C VAL G 131 -4.52 -58.19 -3.35
N ILE G 132 -5.02 -57.18 -4.02
CA ILE G 132 -4.67 -55.80 -3.71
C ILE G 132 -5.85 -55.09 -3.08
N ILE G 133 -5.74 -54.83 -1.78
CA ILE G 133 -6.79 -54.12 -1.07
C ILE G 133 -6.70 -52.65 -1.42
N SER G 134 -7.79 -52.06 -1.91
CA SER G 134 -7.76 -50.68 -2.37
C SER G 134 -7.96 -49.69 -1.21
N ALA G 135 -7.33 -50.00 -0.08
CA ALA G 135 -7.54 -49.25 1.15
C ALA G 135 -6.42 -49.60 2.12
N PRO G 136 -6.25 -48.78 3.16
CA PRO G 136 -5.32 -49.20 4.22
C PRO G 136 -5.80 -50.50 4.87
N SER G 137 -4.85 -51.28 5.36
CA SER G 137 -5.12 -52.51 6.10
C SER G 137 -4.48 -52.46 7.48
N ALA G 138 -5.17 -53.04 8.46
CA ALA G 138 -4.64 -53.15 9.81
C ALA G 138 -3.43 -54.10 9.89
N ASP G 139 -3.39 -55.12 9.02
CA ASP G 139 -2.33 -56.14 9.10
C ASP G 139 -1.64 -56.48 7.76
N ALA G 140 -2.28 -56.21 6.63
CA ALA G 140 -1.59 -56.45 5.36
C ALA G 140 -0.54 -55.38 5.12
N PRO G 141 0.62 -55.78 4.58
CA PRO G 141 1.69 -54.82 4.28
C PRO G 141 1.21 -53.83 3.22
N MET G 142 1.59 -52.57 3.36
CA MET G 142 1.13 -51.53 2.45
CA MET G 142 1.13 -51.58 2.40
C MET G 142 2.26 -51.01 1.55
N PHE G 143 1.90 -50.60 0.34
CA PHE G 143 2.87 -50.16 -0.65
C PHE G 143 2.41 -48.90 -1.31
N VAL G 144 3.34 -48.00 -1.61
CA VAL G 144 3.03 -46.78 -2.33
C VAL G 144 3.98 -46.73 -3.51
N MET G 145 3.42 -46.72 -4.71
CA MET G 145 4.25 -46.71 -5.92
C MET G 145 5.14 -45.47 -5.90
N GLY G 146 6.42 -45.68 -6.20
CA GLY G 146 7.40 -44.62 -6.21
C GLY G 146 8.04 -44.39 -4.86
N VAL G 147 7.57 -45.11 -3.84
CA VAL G 147 8.07 -44.92 -2.48
C VAL G 147 8.65 -46.20 -1.88
N ASN G 148 7.86 -47.27 -1.78
CA ASN G 148 8.37 -48.53 -1.22
C ASN G 148 7.89 -49.80 -1.94
N ASN G 149 7.42 -49.66 -3.17
CA ASN G 149 6.89 -50.80 -3.89
C ASN G 149 7.96 -51.84 -4.23
N ASP G 150 9.22 -51.43 -4.30
CA ASP G 150 10.27 -52.40 -4.60
C ASP G 150 10.60 -53.29 -3.39
N THR G 151 10.01 -53.03 -2.23
CA THR G 151 10.21 -53.89 -1.06
C THR G 151 9.24 -55.07 -1.07
N TYR G 152 8.39 -55.11 -2.11
CA TYR G 152 7.43 -56.21 -2.29
C TYR G 152 8.18 -57.53 -2.39
N ASP G 153 7.68 -58.55 -1.71
CA ASP G 153 8.32 -59.86 -1.68
C ASP G 153 7.36 -60.90 -2.23
N LYS G 154 7.53 -61.29 -3.50
CA LYS G 154 6.53 -62.10 -4.20
C LYS G 154 6.23 -63.42 -3.51
N ALA G 155 7.25 -64.05 -2.94
CA ALA G 155 7.10 -65.37 -2.35
C ALA G 155 6.16 -65.37 -1.16
N ASN G 156 6.08 -64.25 -0.44
CA ASN G 156 5.29 -64.19 0.79
C ASN G 156 4.18 -63.13 0.83
N ASN G 157 4.21 -62.14 -0.05
CA ASN G 157 3.16 -61.13 -0.04
C ASN G 157 2.09 -61.45 -1.08
N HIS G 158 1.00 -62.04 -0.64
CA HIS G 158 -0.05 -62.43 -1.58
C HIS G 158 -1.26 -61.54 -1.34
N ILE G 159 -1.39 -61.05 -0.11
CA ILE G 159 -2.43 -60.09 0.23
C ILE G 159 -1.80 -58.76 0.62
N ILE G 160 -1.94 -57.76 -0.24
CA ILE G 160 -1.31 -56.47 0.02
C ILE G 160 -2.31 -55.31 -0.07
N SER G 161 -1.85 -54.14 0.38
CA SER G 161 -2.66 -52.93 0.40
C SER G 161 -1.94 -51.83 -0.36
N ASN G 162 -2.70 -51.09 -1.15
CA ASN G 162 -2.18 -49.94 -1.88
C ASN G 162 -2.37 -48.66 -1.07
N ALA G 163 -2.54 -48.83 0.24
CA ALA G 163 -2.75 -47.73 1.18
C ALA G 163 -3.99 -46.89 0.81
N SER G 164 -3.97 -45.62 1.19
CA SER G 164 -5.10 -44.73 0.93
C SER G 164 -4.71 -43.67 -0.12
N CYS G 165 -5.70 -42.96 -0.65
CA CYS G 165 -5.43 -41.83 -1.53
C CYS G 165 -4.50 -40.81 -0.84
N THR G 166 -4.84 -40.47 0.39
CA THR G 166 -4.10 -39.46 1.11
C THR G 166 -2.64 -39.89 1.37
N THR G 167 -2.41 -41.13 1.77
CA THR G 167 -1.02 -41.58 1.96
C THR G 167 -0.26 -41.56 0.62
N ASN G 168 -0.93 -41.94 -0.46
CA ASN G 168 -0.30 -41.87 -1.78
C ASN G 168 0.04 -40.44 -2.25
N CYS G 169 -0.63 -39.43 -1.71
CA CYS G 169 -0.26 -38.04 -2.00
C CYS G 169 0.86 -37.59 -1.07
N LEU G 170 0.72 -37.90 0.20
CA LEU G 170 1.70 -37.40 1.18
C LEU G 170 3.07 -38.08 1.05
N ALA G 171 3.09 -39.41 0.91
CA ALA G 171 4.36 -40.15 0.97
C ALA G 171 5.41 -39.73 -0.09
N PRO G 172 4.99 -39.55 -1.36
CA PRO G 172 6.00 -39.09 -2.32
C PRO G 172 6.58 -37.72 -2.02
N LEU G 173 5.77 -36.79 -1.54
CA LEU G 173 6.28 -35.49 -1.16
C LEU G 173 7.20 -35.60 0.05
N ALA G 174 6.74 -36.35 1.05
CA ALA G 174 7.53 -36.55 2.26
C ALA G 174 8.88 -37.15 1.92
N LYS G 175 8.85 -38.12 0.99
CA LYS G 175 10.07 -38.79 0.57
C LYS G 175 11.11 -37.80 0.06
N VAL G 176 10.67 -36.90 -0.82
CA VAL G 176 11.56 -35.90 -1.39
C VAL G 176 12.08 -34.92 -0.33
N ILE G 177 11.19 -34.42 0.51
CA ILE G 177 11.59 -33.42 1.49
C ILE G 177 12.51 -34.02 2.56
N HIS G 178 12.19 -35.24 2.99
CA HIS G 178 13.00 -35.91 4.01
C HIS G 178 14.39 -36.26 3.48
N ASP G 179 14.49 -36.81 2.27
CA ASP G 179 15.79 -37.09 1.67
C ASP G 179 16.64 -35.83 1.52
N LYS G 180 16.04 -34.71 1.12
CA LYS G 180 16.85 -33.52 0.85
C LYS G 180 17.10 -32.69 2.12
N PHE G 181 16.11 -32.57 3.01
CA PHE G 181 16.28 -31.67 4.14
C PHE G 181 16.13 -32.34 5.51
N GLY G 182 15.49 -33.50 5.54
CA GLY G 182 15.23 -34.20 6.78
C GLY G 182 14.03 -33.59 7.49
N ILE G 183 12.96 -34.37 7.62
CA ILE G 183 11.80 -33.92 8.37
C ILE G 183 11.96 -34.37 9.82
N ILE G 184 12.09 -33.42 10.73
CA ILE G 184 12.21 -33.80 12.15
C ILE G 184 10.86 -34.27 12.65
N GLU G 185 9.82 -33.52 12.28
CA GLU G 185 8.47 -33.84 12.65
C GLU G 185 7.51 -33.07 11.73
N GLY G 186 6.30 -33.59 11.57
CA GLY G 186 5.33 -32.97 10.69
C GLY G 186 3.93 -33.29 11.14
N LEU G 187 3.03 -32.35 10.92
CA LEU G 187 1.60 -32.51 11.19
C LEU G 187 0.86 -32.15 9.90
N MET G 188 -0.06 -33.03 9.51
CA MET G 188 -0.73 -32.96 8.22
C MET G 188 -2.24 -32.70 8.37
N THR G 189 -2.76 -31.84 7.52
CA THR G 189 -4.20 -31.75 7.36
C THR G 189 -4.52 -32.04 5.91
N THR G 190 -5.52 -32.86 5.65
CA THR G 190 -5.99 -32.95 4.30
C THR G 190 -7.39 -32.40 4.22
N VAL G 191 -7.56 -31.44 3.33
CA VAL G 191 -8.89 -30.94 3.02
C VAL G 191 -9.42 -31.80 1.90
N HIS G 192 -10.42 -32.62 2.23
CA HIS G 192 -10.78 -33.77 1.43
C HIS G 192 -12.17 -33.67 0.82
N ALA G 193 -12.28 -34.09 -0.43
CA ALA G 193 -13.60 -34.15 -1.07
C ALA G 193 -14.55 -35.10 -0.36
N THR G 194 -15.85 -34.85 -0.52
CA THR G 194 -16.87 -35.80 -0.09
C THR G 194 -16.69 -37.16 -0.75
N THR G 195 -16.95 -38.22 0.01
CA THR G 195 -16.95 -39.57 -0.52
C THR G 195 -18.29 -40.28 -0.23
N ALA G 196 -18.39 -41.52 -0.68
CA ALA G 196 -19.63 -42.30 -0.58
C ALA G 196 -20.03 -42.71 0.86
N THR G 197 -19.11 -42.63 1.81
CA THR G 197 -19.45 -43.02 3.21
C THR G 197 -20.26 -41.94 3.93
N GLN G 198 -20.28 -40.75 3.37
CA GLN G 198 -21.00 -39.61 3.95
C GLN G 198 -22.50 -39.57 3.58
N LYS G 199 -23.20 -38.57 4.09
CA LYS G 199 -24.65 -38.42 3.91
C LYS G 199 -25.03 -37.10 3.21
N THR G 200 -26.11 -37.15 2.42
CA THR G 200 -26.60 -35.97 1.72
C THR G 200 -27.24 -35.01 2.69
N VAL G 201 -27.91 -35.55 3.72
CA VAL G 201 -28.49 -34.75 4.81
C VAL G 201 -28.22 -35.45 6.13
N ASP G 202 -28.32 -34.74 7.27
CA ASP G 202 -28.00 -35.30 8.59
C ASP G 202 -28.64 -36.68 8.79
N GLY G 203 -27.81 -37.72 8.87
CA GLY G 203 -28.30 -39.07 9.05
C GLY G 203 -27.42 -39.91 9.95
N PRO G 204 -27.80 -41.20 10.15
CA PRO G 204 -27.12 -42.11 11.08
C PRO G 204 -25.73 -42.52 10.59
N SER G 205 -24.74 -42.32 11.46
CA SER G 205 -23.36 -42.72 11.24
C SER G 205 -22.81 -43.10 12.62
N GLY G 206 -23.37 -44.17 13.19
CA GLY G 206 -23.26 -44.48 14.61
C GLY G 206 -21.89 -44.50 15.25
N LYS G 207 -20.90 -44.92 14.49
CA LYS G 207 -19.55 -44.96 15.01
C LYS G 207 -18.86 -43.60 14.93
N LEU G 208 -19.27 -42.77 13.96
CA LEU G 208 -18.58 -41.51 13.70
C LEU G 208 -19.60 -40.40 13.44
N TRP G 209 -20.03 -39.76 14.52
CA TRP G 209 -21.20 -38.88 14.46
C TRP G 209 -21.05 -37.75 13.46
N ARG G 210 -19.84 -37.21 13.36
CA ARG G 210 -19.64 -36.06 12.51
C ARG G 210 -19.85 -36.43 11.05
N ASP G 211 -19.52 -37.68 10.70
CA ASP G 211 -19.61 -38.15 9.32
C ASP G 211 -21.05 -38.28 8.82
N GLY G 212 -22.02 -38.25 9.73
CA GLY G 212 -23.42 -38.34 9.35
C GLY G 212 -24.05 -37.04 8.97
N ARG G 213 -23.37 -35.96 9.33
CA ARG G 213 -23.94 -34.65 9.12
C ARG G 213 -23.91 -34.34 7.63
N GLY G 214 -24.93 -33.64 7.15
CA GLY G 214 -25.08 -33.38 5.71
C GLY G 214 -23.80 -32.91 5.03
N ALA G 215 -23.32 -33.66 4.04
CA ALA G 215 -22.01 -33.36 3.42
C ALA G 215 -22.00 -32.04 2.66
N GLY G 216 -23.08 -31.74 1.96
CA GLY G 216 -23.13 -30.53 1.15
C GLY G 216 -23.17 -29.25 1.95
N GLN G 217 -23.60 -29.34 3.20
CA GLN G 217 -23.77 -28.17 4.02
C GLN G 217 -22.55 -27.80 4.85
N ASN G 218 -21.68 -28.79 5.11
CA ASN G 218 -20.73 -28.71 6.22
C ASN G 218 -19.25 -28.85 5.88
N ILE G 219 -18.43 -28.18 6.69
CA ILE G 219 -17.03 -28.54 6.85
C ILE G 219 -17.03 -29.55 7.97
N ILE G 220 -16.45 -30.73 7.77
CA ILE G 220 -16.52 -31.81 8.76
C ILE G 220 -15.13 -32.33 9.19
N PRO G 221 -14.75 -32.08 10.45
CA PRO G 221 -13.49 -32.65 10.95
C PRO G 221 -13.55 -34.17 10.97
N ALA G 222 -12.47 -34.82 10.54
CA ALA G 222 -12.46 -36.28 10.50
C ALA G 222 -11.07 -36.81 10.85
N SER G 223 -11.02 -37.98 11.47
CA SER G 223 -9.75 -38.61 11.80
C SER G 223 -9.21 -39.35 10.59
N THR G 224 -7.88 -39.40 10.45
CA THR G 224 -7.28 -40.22 9.40
C THR G 224 -5.92 -40.74 9.86
N GLY G 225 -5.59 -41.95 9.43
CA GLY G 225 -4.30 -42.55 9.75
C GLY G 225 -3.28 -42.38 8.64
N ALA G 226 -3.61 -41.55 7.66
CA ALA G 226 -2.80 -41.43 6.45
C ALA G 226 -1.40 -40.90 6.69
N ALA G 227 -1.24 -39.93 7.58
CA ALA G 227 0.09 -39.37 7.85
C ALA G 227 1.00 -40.33 8.62
N LYS G 228 0.43 -40.97 9.64
CA LYS G 228 1.17 -41.99 10.38
C LYS G 228 1.54 -43.15 9.47
N ALA G 229 0.62 -43.51 8.57
CA ALA G 229 0.85 -44.64 7.67
C ALA G 229 2.06 -44.38 6.79
N VAL G 230 2.42 -43.11 6.59
CA VAL G 230 3.61 -42.78 5.82
C VAL G 230 4.85 -43.35 6.49
N GLY G 231 4.79 -43.45 7.81
CA GLY G 231 5.90 -43.99 8.56
C GLY G 231 6.08 -45.46 8.32
N LYS G 232 5.09 -46.10 7.72
CA LYS G 232 5.20 -47.52 7.39
C LYS G 232 5.83 -47.73 6.01
N VAL G 233 5.58 -46.80 5.08
CA VAL G 233 6.17 -46.91 3.76
C VAL G 233 7.51 -46.19 3.68
N ILE G 234 7.74 -45.30 4.65
CA ILE G 234 9.05 -44.70 4.86
C ILE G 234 9.42 -44.92 6.34
N PRO G 235 10.02 -46.08 6.66
CA PRO G 235 10.27 -46.48 8.05
C PRO G 235 10.98 -45.42 8.88
N ASP G 236 11.89 -44.67 8.26
CA ASP G 236 12.62 -43.62 8.99
C ASP G 236 11.71 -42.51 9.51
N LEU G 237 10.48 -42.44 9.00
CA LEU G 237 9.54 -41.41 9.43
C LEU G 237 8.52 -41.96 10.41
N ASN G 238 8.75 -43.19 10.85
CA ASN G 238 7.92 -43.81 11.86
C ASN G 238 7.86 -42.90 13.08
N GLY G 239 6.67 -42.51 13.50
CA GLY G 239 6.51 -41.67 14.68
C GLY G 239 6.76 -40.18 14.52
N LYS G 240 7.08 -39.75 13.31
CA LYS G 240 7.42 -38.35 13.06
C LYS G 240 6.30 -37.57 12.38
N LEU G 241 5.20 -38.26 12.07
CA LEU G 241 4.09 -37.63 11.38
C LEU G 241 2.75 -38.10 11.91
N THR G 242 1.80 -37.19 12.03
CA THR G 242 0.43 -37.61 12.21
C THR G 242 -0.45 -36.51 11.61
N GLY G 243 -1.75 -36.72 11.58
CA GLY G 243 -2.58 -35.73 10.94
C GLY G 243 -4.05 -35.96 11.10
N MET G 244 -4.84 -35.16 10.40
CA MET G 244 -6.29 -35.27 10.44
C MET G 244 -6.87 -34.71 9.15
N ALA G 245 -8.19 -34.68 9.04
CA ALA G 245 -8.84 -34.26 7.81
C ALA G 245 -10.00 -33.33 8.08
N PHE G 246 -10.31 -32.52 7.07
CA PHE G 246 -11.59 -31.83 6.96
C PHE G 246 -12.32 -32.24 5.66
N ARG G 247 -13.51 -32.83 5.79
CA ARG G 247 -14.35 -33.12 4.63
CA ARG G 247 -14.34 -33.13 4.63
C ARG G 247 -15.13 -31.88 4.23
N VAL G 248 -15.05 -31.51 2.94
CA VAL G 248 -15.71 -30.29 2.43
C VAL G 248 -16.58 -30.66 1.23
N PRO G 249 -17.56 -29.80 0.87
CA PRO G 249 -18.57 -30.17 -0.15
C PRO G 249 -18.10 -30.07 -1.60
N THR G 250 -17.11 -30.86 -2.00
CA THR G 250 -16.74 -31.01 -3.41
C THR G 250 -16.80 -32.50 -3.73
N PRO G 251 -17.09 -32.83 -5.00
CA PRO G 251 -17.32 -34.23 -5.34
C PRO G 251 -16.04 -35.03 -5.50
N ASP G 252 -14.93 -34.36 -5.75
CA ASP G 252 -13.66 -35.06 -6.00
C ASP G 252 -12.51 -34.08 -6.01
N VAL G 253 -11.30 -34.60 -5.79
CA VAL G 253 -10.02 -33.88 -5.70
C VAL G 253 -9.84 -33.34 -4.28
N SER G 254 -8.67 -33.63 -3.71
CA SER G 254 -8.38 -33.27 -2.32
C SER G 254 -6.99 -32.64 -2.24
N VAL G 255 -6.63 -32.12 -1.07
CA VAL G 255 -5.34 -31.49 -0.96
C VAL G 255 -4.71 -31.76 0.41
N VAL G 256 -3.41 -32.04 0.39
CA VAL G 256 -2.65 -32.28 1.60
C VAL G 256 -1.94 -31.01 2.04
N ASP G 257 -2.00 -30.75 3.34
CA ASP G 257 -1.40 -29.57 3.93
C ASP G 257 -0.42 -30.03 5.01
N LEU G 258 0.85 -30.06 4.65
CA LEU G 258 1.89 -30.60 5.53
C LEU G 258 2.73 -29.50 6.16
N THR G 259 2.63 -29.37 7.49
CA THR G 259 3.49 -28.46 8.23
CA THR G 259 3.47 -28.46 8.23
C THR G 259 4.61 -29.23 8.92
N CYS G 260 5.85 -28.97 8.54
CA CYS G 260 6.92 -29.74 9.13
C CYS G 260 8.15 -28.94 9.51
N ARG G 261 8.89 -29.49 10.48
CA ARG G 261 10.16 -28.94 10.90
C ARG G 261 11.28 -29.64 10.18
N LEU G 262 12.17 -28.85 9.58
CA LEU G 262 13.27 -29.41 8.80
C LEU G 262 14.61 -29.42 9.53
N GLN G 263 15.39 -30.47 9.32
CA GLN G 263 16.74 -30.54 9.90
C GLN G 263 17.66 -29.52 9.25
N LYS G 264 17.81 -29.61 7.92
CA LYS G 264 18.64 -28.65 7.20
C LYS G 264 17.77 -27.51 6.67
N GLY G 265 18.10 -26.30 7.09
CA GLY G 265 17.34 -25.12 6.68
C GLY G 265 17.35 -24.92 5.18
N ALA G 266 16.25 -24.41 4.64
CA ALA G 266 16.12 -24.20 3.21
C ALA G 266 15.19 -23.03 2.95
N THR G 267 15.48 -22.26 1.91
CA THR G 267 14.55 -21.23 1.47
C THR G 267 13.41 -21.91 0.70
N MET G 268 12.32 -21.18 0.48
CA MET G 268 11.20 -21.76 -0.26
C MET G 268 11.61 -22.05 -1.71
N ASP G 269 12.47 -21.21 -2.26
CA ASP G 269 12.98 -21.46 -3.60
C ASP G 269 13.78 -22.74 -3.69
N GLU G 270 14.58 -23.01 -2.66
CA GLU G 270 15.39 -24.22 -2.61
C GLU G 270 14.47 -25.44 -2.49
N ILE G 271 13.42 -25.33 -1.69
CA ILE G 271 12.46 -26.41 -1.55
C ILE G 271 11.74 -26.67 -2.87
N LYS G 272 11.27 -25.59 -3.49
CA LYS G 272 10.62 -25.68 -4.82
C LYS G 272 11.52 -26.40 -5.80
N ALA G 273 12.79 -26.00 -5.84
CA ALA G 273 13.73 -26.57 -6.78
C ALA G 273 13.89 -28.06 -6.53
N ALA G 274 13.95 -28.45 -5.25
CA ALA G 274 14.10 -29.86 -4.90
C ALA G 274 12.89 -30.70 -5.33
N VAL G 275 11.68 -30.17 -5.17
CA VAL G 275 10.49 -30.90 -5.60
C VAL G 275 10.41 -30.98 -7.13
N LYS G 276 10.70 -29.86 -7.79
CA LYS G 276 10.75 -29.81 -9.25
C LYS G 276 11.71 -30.79 -9.86
N GLU G 277 12.87 -30.90 -9.25
CA GLU G 277 13.89 -31.82 -9.74
C GLU G 277 13.38 -33.24 -9.59
N ALA G 278 12.75 -33.56 -8.46
CA ALA G 278 12.21 -34.90 -8.29
C ALA G 278 11.06 -35.20 -9.27
N ALA G 279 10.18 -34.21 -9.49
CA ALA G 279 9.01 -34.41 -10.34
C ALA G 279 9.37 -34.61 -11.81
N ASN G 280 10.39 -33.90 -12.28
CA ASN G 280 10.80 -34.00 -13.67
C ASN G 280 11.77 -35.14 -13.89
N GLY G 281 12.17 -35.80 -12.80
CA GLY G 281 13.16 -36.85 -12.84
C GLY G 281 12.73 -38.16 -12.21
N PRO G 282 13.35 -38.52 -11.08
CA PRO G 282 13.15 -39.85 -10.48
C PRO G 282 11.72 -40.12 -10.02
N MET G 283 10.89 -39.10 -9.83
CA MET G 283 9.53 -39.41 -9.41
C MET G 283 8.49 -39.01 -10.45
N LYS G 284 8.93 -38.91 -11.70
CA LYS G 284 8.02 -38.61 -12.82
C LYS G 284 6.84 -39.58 -12.90
N GLY G 285 5.65 -39.05 -13.14
CA GLY G 285 4.43 -39.83 -13.23
C GLY G 285 3.80 -40.09 -11.88
N ILE G 286 4.59 -39.95 -10.82
CA ILE G 286 4.07 -40.14 -9.46
C ILE G 286 3.85 -38.78 -8.80
N LEU G 287 4.93 -38.00 -8.73
CA LEU G 287 4.88 -36.66 -8.14
C LEU G 287 5.00 -35.62 -9.24
N GLU G 288 4.09 -34.66 -9.27
CA GLU G 288 4.17 -33.58 -10.26
C GLU G 288 4.42 -32.28 -9.53
N TYR G 289 4.93 -31.30 -10.26
CA TYR G 289 5.23 -29.98 -9.73
C TYR G 289 4.48 -28.97 -10.57
N THR G 290 3.80 -28.01 -9.94
CA THR G 290 3.25 -26.87 -10.72
C THR G 290 3.52 -25.55 -10.03
N GLU G 291 3.61 -24.50 -10.84
CA GLU G 291 3.75 -23.15 -10.36
C GLU G 291 2.57 -22.32 -10.82
N ASP G 292 1.55 -22.96 -11.38
CA ASP G 292 0.41 -22.20 -11.91
C ASP G 292 -0.59 -21.90 -10.81
N GLN G 293 -1.51 -20.97 -11.11
CA GLN G 293 -2.50 -20.55 -10.13
C GLN G 293 -3.68 -21.50 -10.10
N VAL G 294 -3.45 -22.72 -9.61
CA VAL G 294 -4.42 -23.81 -9.74
C VAL G 294 -5.47 -23.86 -8.63
N VAL G 295 -6.59 -24.50 -8.94
CA VAL G 295 -7.60 -24.82 -7.95
C VAL G 295 -7.98 -26.28 -8.11
N SER G 296 -8.82 -26.80 -7.22
CA SER G 296 -9.07 -28.25 -7.17
C SER G 296 -9.56 -28.84 -8.50
N THR G 297 -10.50 -28.17 -9.18
CA THR G 297 -11.04 -28.75 -10.42
C THR G 297 -9.98 -28.91 -11.49
N ASP G 298 -8.87 -28.18 -11.38
CA ASP G 298 -7.84 -28.36 -12.38
C ASP G 298 -7.17 -29.74 -12.30
N PHE G 299 -7.47 -30.50 -11.26
CA PHE G 299 -6.90 -31.84 -11.10
C PHE G 299 -7.90 -32.99 -11.24
N THR G 300 -9.13 -32.68 -11.68
CA THR G 300 -10.09 -33.73 -11.95
C THR G 300 -9.57 -34.57 -13.13
N GLY G 301 -9.36 -35.86 -12.89
CA GLY G 301 -8.80 -36.72 -13.91
C GLY G 301 -7.27 -36.75 -13.94
N ASP G 302 -6.61 -36.09 -12.99
CA ASP G 302 -5.15 -36.13 -12.98
C ASP G 302 -4.68 -37.52 -12.55
N THR G 303 -3.73 -38.10 -13.27
CA THR G 303 -3.29 -39.46 -12.98
C THR G 303 -2.12 -39.52 -11.94
N HIS G 304 -1.57 -38.38 -11.56
CA HIS G 304 -0.47 -38.35 -10.58
C HIS G 304 -0.90 -38.70 -9.17
N SER G 305 0.02 -39.19 -8.35
CA SER G 305 -0.31 -39.47 -6.95
C SER G 305 -0.31 -38.17 -6.15
N SER G 306 0.44 -37.20 -6.63
CA SER G 306 0.68 -36.00 -5.83
C SER G 306 1.10 -34.83 -6.71
N ILE G 307 0.41 -33.70 -6.61
CA ILE G 307 0.85 -32.53 -7.34
C ILE G 307 1.21 -31.39 -6.42
N PHE G 308 2.50 -31.14 -6.31
CA PHE G 308 3.04 -30.08 -5.47
C PHE G 308 2.65 -28.71 -6.00
N ASP G 309 2.01 -27.91 -5.16
CA ASP G 309 1.52 -26.57 -5.51
C ASP G 309 2.54 -25.52 -5.02
N ALA G 310 3.49 -25.17 -5.90
CA ALA G 310 4.61 -24.36 -5.45
C ALA G 310 4.18 -23.03 -4.87
N LEU G 311 3.22 -22.37 -5.52
CA LEU G 311 2.86 -21.02 -5.10
C LEU G 311 1.97 -21.02 -3.85
N ALA G 312 1.33 -22.15 -3.52
CA ALA G 312 0.47 -22.18 -2.33
C ALA G 312 1.28 -22.42 -1.05
N CYS G 313 2.49 -22.92 -1.18
CA CYS G 313 3.34 -23.19 -0.02
C CYS G 313 3.73 -21.92 0.73
N ILE G 314 3.97 -22.02 2.03
CA ILE G 314 4.45 -20.86 2.78
C ILE G 314 5.47 -21.26 3.85
N SER G 315 6.50 -20.43 4.01
CA SER G 315 7.59 -20.63 4.97
CA SER G 315 7.54 -20.68 5.00
C SER G 315 7.47 -19.65 6.11
N LEU G 316 7.68 -20.11 7.34
CA LEU G 316 7.83 -19.17 8.44
C LEU G 316 9.30 -18.75 8.51
N ASN G 317 10.18 -19.75 8.50
CA ASN G 317 11.62 -19.55 8.54
C ASN G 317 12.27 -20.74 7.82
N PRO G 318 13.60 -20.71 7.62
CA PRO G 318 14.22 -21.83 6.90
C PRO G 318 13.95 -23.24 7.46
N ASN G 319 13.52 -23.37 8.71
CA ASN G 319 13.27 -24.70 9.27
C ASN G 319 11.81 -25.05 9.59
N PHE G 320 10.88 -24.18 9.19
CA PHE G 320 9.49 -24.40 9.55
C PHE G 320 8.62 -24.01 8.38
N VAL G 321 8.03 -24.99 7.70
CA VAL G 321 7.38 -24.70 6.43
C VAL G 321 6.04 -25.43 6.30
N LYS G 322 5.18 -24.93 5.41
CA LYS G 322 3.89 -25.53 5.12
C LYS G 322 3.80 -25.88 3.65
N LEU G 323 3.69 -27.16 3.35
CA LEU G 323 3.76 -27.63 1.97
C LEU G 323 2.41 -28.16 1.53
N ILE G 324 2.01 -27.76 0.33
CA ILE G 324 0.69 -28.02 -0.25
C ILE G 324 0.77 -28.94 -1.47
N ALA G 325 0.04 -30.06 -1.45
CA ALA G 325 0.04 -31.00 -2.56
C ALA G 325 -1.37 -31.51 -2.89
N TRP G 326 -1.75 -31.43 -4.16
CA TRP G 326 -3.07 -31.85 -4.62
C TRP G 326 -3.15 -33.36 -4.99
N TYR G 327 -4.35 -33.91 -4.98
CA TYR G 327 -4.57 -35.26 -5.51
C TYR G 327 -6.01 -35.50 -5.87
N ASP G 328 -6.21 -36.06 -7.05
CA ASP G 328 -7.50 -36.59 -7.40
C ASP G 328 -7.64 -37.89 -6.61
N ASN G 329 -8.38 -37.85 -5.51
CA ASN G 329 -8.45 -39.01 -4.62
C ASN G 329 -9.08 -40.23 -5.27
N GLU G 330 -9.96 -40.02 -6.24
CA GLU G 330 -10.52 -41.13 -7.00
C GLU G 330 -9.55 -41.65 -8.06
N TYR G 331 -9.15 -40.79 -8.99
CA TYR G 331 -8.50 -41.29 -10.21
C TYR G 331 -7.00 -41.47 -10.13
N GLY G 332 -6.29 -40.60 -9.40
CA GLY G 332 -4.88 -40.83 -9.19
C GLY G 332 -4.67 -42.18 -8.51
N TYR G 333 -5.40 -42.38 -7.42
CA TYR G 333 -5.28 -43.64 -6.67
C TYR G 333 -5.62 -44.85 -7.55
N SER G 334 -6.68 -44.73 -8.35
CA SER G 334 -7.08 -45.82 -9.23
C SER G 334 -5.97 -46.16 -10.21
N ASN G 335 -5.34 -45.13 -10.77
CA ASN G 335 -4.21 -45.34 -11.65
C ASN G 335 -3.06 -46.06 -10.95
N ARG G 336 -2.86 -45.77 -9.67
CA ARG G 336 -1.83 -46.45 -8.88
C ARG G 336 -2.16 -47.91 -8.62
N VAL G 337 -3.44 -48.21 -8.43
CA VAL G 337 -3.83 -49.63 -8.28
C VAL G 337 -3.39 -50.45 -9.51
N VAL G 338 -3.67 -49.94 -10.71
CA VAL G 338 -3.27 -50.62 -11.93
C VAL G 338 -1.74 -50.75 -11.99
N ASP G 339 -1.03 -49.67 -11.71
CA ASP G 339 0.44 -49.67 -11.72
C ASP G 339 1.05 -50.66 -10.75
N LEU G 340 0.46 -50.79 -9.57
CA LEU G 340 0.98 -51.72 -8.56
C LEU G 340 0.80 -53.16 -9.01
N ILE G 341 -0.34 -53.47 -9.61
CA ILE G 341 -0.57 -54.81 -10.16
C ILE G 341 0.46 -55.14 -11.23
N SER G 342 0.62 -54.21 -12.17
CA SER G 342 1.59 -54.32 -13.23
C SER G 342 3.01 -54.43 -12.67
N TYR G 343 3.29 -53.68 -11.60
CA TYR G 343 4.62 -53.77 -11.01
C TYR G 343 4.88 -55.12 -10.35
N ILE G 344 3.99 -55.57 -9.47
CA ILE G 344 4.24 -56.81 -8.76
C ILE G 344 4.24 -57.99 -9.73
N ALA G 345 3.55 -57.85 -10.86
CA ALA G 345 3.57 -58.90 -11.87
C ALA G 345 4.93 -59.01 -12.55
N SER G 346 5.72 -57.95 -12.52
CA SER G 346 7.06 -57.97 -13.13
C SER G 346 8.09 -58.55 -12.19
N ARG G 347 7.68 -58.91 -10.97
CA ARG G 347 8.63 -59.45 -10.00
C ARG G 347 8.53 -60.98 -9.89
N LYS H 11 63.22 33.55 -13.60
CA LYS H 11 61.90 33.95 -13.11
C LYS H 11 62.04 34.88 -11.90
N PRO H 12 61.17 35.91 -11.83
CA PRO H 12 61.19 36.84 -10.70
C PRO H 12 60.94 36.09 -9.40
N LYS H 13 61.68 36.45 -8.35
CA LYS H 13 61.55 35.74 -7.08
C LYS H 13 60.64 36.49 -6.13
N VAL H 14 59.66 35.76 -5.59
CA VAL H 14 58.52 36.36 -4.90
C VAL H 14 58.43 35.88 -3.45
N GLY H 15 58.14 36.79 -2.53
CA GLY H 15 57.87 36.41 -1.15
C GLY H 15 56.42 36.68 -0.84
N ILE H 16 55.83 35.84 0.01
CA ILE H 16 54.43 36.01 0.36
C ILE H 16 54.24 36.16 1.87
N ASN H 17 53.68 37.30 2.27
CA ASN H 17 53.32 37.56 3.66
C ASN H 17 51.82 37.37 3.92
N GLY H 18 51.50 36.39 4.77
CA GLY H 18 50.10 36.07 5.03
C GLY H 18 49.62 34.98 4.09
N PHE H 19 49.59 33.74 4.59
CA PHE H 19 49.20 32.62 3.76
C PHE H 19 47.68 32.34 3.84
N GLY H 20 46.87 33.36 3.55
CA GLY H 20 45.42 33.24 3.60
C GLY H 20 44.80 32.88 2.25
N ARG H 21 43.53 33.25 2.03
CA ARG H 21 42.86 32.92 0.76
C ARG H 21 43.63 33.46 -0.44
N ILE H 22 44.00 34.73 -0.40
CA ILE H 22 44.74 35.32 -1.52
C ILE H 22 46.17 34.82 -1.58
N GLY H 23 46.87 34.84 -0.45
CA GLY H 23 48.22 34.33 -0.36
C GLY H 23 48.39 32.92 -0.90
N ARG H 24 47.53 32.00 -0.45
CA ARG H 24 47.62 30.61 -0.88
C ARG H 24 47.23 30.43 -2.35
N LEU H 25 46.20 31.16 -2.80
CA LEU H 25 45.73 31.00 -4.17
C LEU H 25 46.65 31.71 -5.15
N VAL H 26 47.37 32.73 -4.68
CA VAL H 26 48.41 33.36 -5.48
C VAL H 26 49.53 32.36 -5.76
N LEU H 27 49.91 31.61 -4.73
CA LEU H 27 50.89 30.53 -4.90
C LEU H 27 50.37 29.52 -5.91
N ARG H 28 49.10 29.14 -5.80
CA ARG H 28 48.49 28.22 -6.77
C ARG H 28 48.52 28.72 -8.21
N ALA H 29 48.14 29.96 -8.43
CA ALA H 29 48.13 30.53 -9.77
C ALA H 29 49.56 30.65 -10.27
N ALA H 30 50.48 30.97 -9.36
CA ALA H 30 51.89 31.10 -9.70
C ALA H 30 52.46 29.78 -10.22
N VAL H 31 52.09 28.68 -9.56
CA VAL H 31 52.56 27.34 -9.96
C VAL H 31 52.04 26.93 -11.33
N GLU H 32 50.76 27.24 -11.59
CA GLU H 32 50.14 26.89 -12.85
C GLU H 32 50.71 27.70 -14.00
N LYS H 33 50.91 28.99 -13.75
CA LYS H 33 51.33 29.90 -14.79
C LYS H 33 52.83 29.78 -15.02
N ASP H 34 53.55 29.42 -13.95
CA ASP H 34 55.00 29.24 -14.00
C ASP H 34 55.70 30.50 -14.54
N THR H 35 55.19 31.66 -14.18
CA THR H 35 55.79 32.92 -14.62
C THR H 35 56.53 33.58 -13.46
N VAL H 36 56.42 32.98 -12.27
CA VAL H 36 57.19 33.45 -11.12
C VAL H 36 57.79 32.29 -10.35
N ASP H 37 58.70 32.62 -9.44
CA ASP H 37 59.33 31.61 -8.60
C ASP H 37 59.14 32.05 -7.17
N VAL H 38 58.32 31.32 -6.43
CA VAL H 38 58.06 31.66 -5.04
C VAL H 38 59.20 31.12 -4.19
N VAL H 39 59.82 31.98 -3.40
CA VAL H 39 61.01 31.57 -2.66
C VAL H 39 60.82 31.67 -1.15
N ALA H 40 59.75 32.33 -0.71
CA ALA H 40 59.53 32.52 0.72
C ALA H 40 58.07 32.80 1.06
N VAL H 41 57.69 32.43 2.28
CA VAL H 41 56.34 32.70 2.78
C VAL H 41 56.46 33.07 4.26
N ASN H 42 55.66 34.04 4.70
CA ASN H 42 55.61 34.39 6.11
C ASN H 42 54.18 34.49 6.61
N ASP H 43 53.91 33.82 7.72
CA ASP H 43 52.62 33.88 8.39
C ASP H 43 52.78 33.28 9.78
N PRO H 44 52.72 34.14 10.80
CA PRO H 44 52.99 33.75 12.20
C PRO H 44 51.86 32.96 12.85
N PHE H 45 50.73 32.82 12.18
CA PHE H 45 49.61 32.06 12.73
C PHE H 45 49.48 30.72 12.03
N ILE H 46 50.45 30.43 11.16
CA ILE H 46 50.44 29.20 10.37
C ILE H 46 51.82 28.54 10.28
N ASN H 47 52.03 27.45 11.01
CA ASN H 47 53.30 26.70 10.97
C ASN H 47 53.45 25.90 9.67
N ILE H 48 54.64 25.38 9.39
CA ILE H 48 54.91 24.76 8.09
C ILE H 48 54.03 23.53 7.85
N ASP H 49 53.77 22.76 8.91
CA ASP H 49 52.90 21.59 8.77
C ASP H 49 51.48 22.02 8.46
N TYR H 50 51.04 23.09 9.11
CA TYR H 50 49.72 23.66 8.87
C TYR H 50 49.65 24.24 7.46
N MET H 51 50.75 24.85 7.01
CA MET H 51 50.82 25.40 5.66
C MET H 51 50.62 24.36 4.57
N VAL H 52 51.24 23.20 4.73
CA VAL H 52 51.10 22.10 3.78
C VAL H 52 49.61 21.78 3.59
N TYR H 53 48.91 21.59 4.71
CA TYR H 53 47.49 21.25 4.75
C TYR H 53 46.58 22.28 4.11
N MET H 54 46.83 23.55 4.41
CA MET H 54 45.96 24.63 3.94
C MET H 54 46.10 24.82 2.44
N PHE H 55 47.30 24.55 1.91
CA PHE H 55 47.53 24.64 0.48
C PHE H 55 46.99 23.43 -0.25
N LYS H 56 47.13 22.27 0.39
CA LYS H 56 46.71 20.99 -0.19
C LYS H 56 45.20 20.90 -0.38
N TYR H 57 44.46 21.18 0.68
CA TYR H 57 43.01 21.05 0.64
C TYR H 57 42.36 22.42 0.58
N ASP H 58 41.40 22.58 -0.32
CA ASP H 58 40.71 23.84 -0.47
C ASP H 58 39.23 23.58 -0.72
N SER H 59 38.39 24.06 0.20
CA SER H 59 36.95 23.82 0.15
C SER H 59 36.28 24.29 -1.13
N THR H 60 36.81 25.39 -1.68
CA THR H 60 36.26 26.04 -2.85
C THR H 60 36.85 25.52 -4.15
N HIS H 61 38.16 25.34 -4.17
CA HIS H 61 38.85 25.05 -5.41
C HIS H 61 39.41 23.65 -5.49
N GLY H 62 39.07 22.82 -4.50
CA GLY H 62 39.45 21.42 -4.53
C GLY H 62 40.90 21.24 -4.13
N ARG H 63 41.33 20.00 -4.14
CA ARG H 63 42.69 19.62 -3.78
C ARG H 63 43.73 20.16 -4.77
N PHE H 64 44.85 20.64 -4.24
CA PHE H 64 45.96 21.11 -5.07
C PHE H 64 46.35 20.03 -6.06
N LYS H 65 46.42 20.40 -7.34
CA LYS H 65 46.75 19.44 -8.39
C LYS H 65 48.27 19.28 -8.52
N GLY H 66 48.82 18.41 -7.69
CA GLY H 66 50.27 18.27 -7.59
C GLY H 66 50.62 17.74 -6.21
N SER H 67 51.87 17.96 -5.79
CA SER H 67 52.31 17.47 -4.49
C SER H 67 52.81 18.62 -3.63
N VAL H 68 52.51 18.59 -2.33
CA VAL H 68 53.01 19.60 -1.41
C VAL H 68 53.35 18.95 -0.06
N SER H 69 54.53 19.26 0.47
CA SER H 69 54.98 18.68 1.73
C SER H 69 56.07 19.51 2.40
N ALA H 70 56.45 19.13 3.62
CA ALA H 70 57.53 19.82 4.34
C ALA H 70 58.78 18.95 4.41
N GLU H 71 59.89 19.51 3.96
CA GLU H 71 61.18 18.81 3.99
C GLU H 71 62.31 19.80 4.24
N GLY H 72 63.11 19.51 5.26
CA GLY H 72 64.26 20.33 5.63
C GLY H 72 63.83 21.69 6.12
N GLY H 73 62.65 21.75 6.74
CA GLY H 73 62.10 23.00 7.23
C GLY H 73 61.67 23.91 6.11
N LYS H 74 61.53 23.34 4.91
CA LYS H 74 61.10 24.11 3.74
C LYS H 74 59.82 23.54 3.12
N LEU H 75 59.03 24.41 2.52
CA LEU H 75 57.82 24.01 1.84
C LEU H 75 58.14 23.54 0.42
N ILE H 76 57.78 22.30 0.12
CA ILE H 76 58.06 21.70 -1.19
C ILE H 76 56.81 21.60 -2.04
N VAL H 77 56.76 22.37 -3.12
CA VAL H 77 55.56 22.43 -3.93
C VAL H 77 55.86 22.05 -5.38
N THR H 78 55.15 21.03 -5.87
CA THR H 78 55.38 20.52 -7.23
C THR H 78 54.10 20.11 -7.95
N ASN H 79 54.07 20.32 -9.27
CA ASN H 79 52.97 19.85 -10.10
C ASN H 79 53.47 18.92 -11.19
N GLY H 80 54.67 18.37 -11.02
CA GLY H 80 55.27 17.54 -12.04
C GLY H 80 56.21 18.33 -12.93
N LYS H 81 55.70 19.40 -13.53
CA LYS H 81 56.50 20.23 -14.42
C LYS H 81 57.63 20.93 -13.64
N THR H 82 57.25 21.74 -12.67
CA THR H 82 58.24 22.52 -11.90
C THR H 82 58.25 22.10 -10.44
N THR H 83 59.31 22.48 -9.74
CA THR H 83 59.41 22.23 -8.31
C THR H 83 59.89 23.50 -7.63
N HIS H 84 59.13 23.97 -6.65
CA HIS H 84 59.48 25.17 -5.91
C HIS H 84 59.81 24.86 -4.45
N HIS H 85 60.99 25.31 -4.02
CA HIS H 85 61.45 25.14 -2.65
C HIS H 85 61.26 26.45 -1.87
N ILE H 86 60.36 26.43 -0.90
CA ILE H 86 59.90 27.67 -0.28
C ILE H 86 60.30 27.77 1.18
N SER H 87 61.06 28.81 1.52
CA SER H 87 61.47 29.04 2.89
C SER H 87 60.32 29.61 3.72
N VAL H 88 60.24 29.19 4.99
CA VAL H 88 59.10 29.55 5.85
C VAL H 88 59.52 30.35 7.09
N HIS H 89 58.82 31.45 7.35
CA HIS H 89 59.09 32.30 8.51
C HIS H 89 57.81 32.57 9.29
N ASN H 90 57.94 33.03 10.53
CA ASN H 90 56.77 33.24 11.38
C ASN H 90 56.81 34.55 12.18
N SER H 91 57.21 35.64 11.52
CA SER H 91 57.32 36.93 12.20
C SER H 91 56.03 37.72 12.10
N LYS H 92 55.64 38.37 13.20
CA LYS H 92 54.44 39.20 13.21
C LYS H 92 54.71 40.56 12.60
N GLU H 96 61.14 42.26 10.19
CA GLU H 96 61.96 41.20 10.77
C GLU H 96 62.04 39.97 9.86
N ILE H 97 61.35 40.01 8.71
CA ILE H 97 61.39 38.91 7.76
C ILE H 97 62.63 39.04 6.88
N PRO H 98 63.47 38.00 6.87
CA PRO H 98 64.73 38.02 6.11
C PRO H 98 64.54 37.73 4.62
N TRP H 99 63.78 38.60 3.95
CA TRP H 99 63.47 38.45 2.53
C TRP H 99 64.72 38.46 1.62
N GLY H 100 65.68 39.34 1.94
CA GLY H 100 66.90 39.49 1.17
C GLY H 100 67.73 38.23 1.08
N VAL H 101 67.94 37.58 2.22
CA VAL H 101 68.64 36.30 2.26
C VAL H 101 67.96 35.26 1.37
N ASP H 102 66.62 35.26 1.37
CA ASP H 102 65.85 34.30 0.58
C ASP H 102 65.90 34.65 -0.89
N GLY H 103 66.27 35.88 -1.19
CA GLY H 103 66.31 36.33 -2.58
C GLY H 103 64.96 36.81 -3.03
N ALA H 104 64.09 37.13 -2.07
CA ALA H 104 62.73 37.58 -2.39
C ALA H 104 62.68 39.04 -2.80
N GLU H 105 62.68 39.28 -4.10
CA GLU H 105 62.65 40.64 -4.64
C GLU H 105 61.26 41.26 -4.51
N TYR H 106 60.23 40.47 -4.77
CA TYR H 106 58.86 40.97 -4.73
C TYR H 106 58.12 40.38 -3.54
N VAL H 107 57.56 41.26 -2.72
CA VAL H 107 56.80 40.82 -1.56
C VAL H 107 55.34 41.16 -1.73
N VAL H 108 54.49 40.14 -1.70
CA VAL H 108 53.06 40.39 -1.68
C VAL H 108 52.61 40.56 -0.23
N GLU H 109 52.09 41.75 0.05
CA GLU H 109 51.60 42.03 1.38
C GLU H 109 50.11 41.73 1.41
N SER H 110 49.79 40.50 1.82
CA SER H 110 48.43 40.01 1.73
C SER H 110 47.88 39.58 3.08
N THR H 111 48.29 40.28 4.13
CA THR H 111 47.80 39.97 5.46
C THR H 111 46.49 40.73 5.59
N GLY H 112 46.39 41.81 4.81
CA GLY H 112 45.23 42.67 4.85
C GLY H 112 45.33 43.74 5.91
N VAL H 113 46.45 43.75 6.63
CA VAL H 113 46.64 44.66 7.75
C VAL H 113 47.86 45.55 7.63
N PHE H 114 48.51 45.52 6.46
CA PHE H 114 49.63 46.42 6.14
C PHE H 114 49.32 47.11 4.81
N THR H 115 48.21 47.85 4.81
CA THR H 115 47.63 48.43 3.60
C THR H 115 48.19 49.82 3.34
N LYS H 119 53.51 51.06 6.86
CA LYS H 119 53.42 49.67 7.29
C LYS H 119 53.99 48.71 6.23
N ALA H 120 53.67 48.96 4.96
CA ALA H 120 54.09 48.06 3.89
C ALA H 120 55.58 48.12 3.59
N SER H 121 56.19 49.27 3.86
CA SER H 121 57.60 49.50 3.56
C SER H 121 58.52 48.69 4.45
N ALA H 122 57.96 48.15 5.52
CA ALA H 122 58.72 47.32 6.46
C ALA H 122 59.39 46.15 5.74
N HIS H 123 58.77 45.70 4.65
CA HIS H 123 59.29 44.60 3.85
C HIS H 123 60.58 44.94 3.09
N LEU H 124 60.77 46.22 2.76
CA LEU H 124 61.96 46.65 2.01
C LEU H 124 63.22 46.59 2.87
N LYS H 125 63.05 46.85 4.16
CA LYS H 125 64.14 46.79 5.13
C LYS H 125 64.68 45.37 5.29
N GLY H 126 63.84 44.38 4.99
CA GLY H 126 64.25 43.00 5.07
C GLY H 126 64.94 42.61 3.78
N GLY H 127 64.95 43.52 2.82
CA GLY H 127 65.64 43.27 1.56
C GLY H 127 64.78 43.16 0.31
N ALA H 128 63.49 43.49 0.43
CA ALA H 128 62.60 43.48 -0.73
C ALA H 128 62.81 44.71 -1.62
N LYS H 129 62.54 44.55 -2.92
CA LYS H 129 62.68 45.66 -3.87
C LYS H 129 61.33 46.28 -4.24
N LYS H 130 60.35 45.46 -4.56
CA LYS H 130 59.01 45.91 -4.93
C LYS H 130 58.02 45.17 -4.05
N VAL H 131 56.98 45.86 -3.61
CA VAL H 131 55.99 45.25 -2.72
C VAL H 131 54.59 45.39 -3.30
N ILE H 132 53.84 44.28 -3.36
CA ILE H 132 52.46 44.31 -3.86
C ILE H 132 51.43 44.12 -2.76
N ILE H 133 50.72 45.18 -2.42
CA ILE H 133 49.65 45.10 -1.42
C ILE H 133 48.43 44.42 -2.04
N SER H 134 47.93 43.36 -1.40
CA SER H 134 46.84 42.60 -1.99
C SER H 134 45.47 43.22 -1.71
N ALA H 135 45.41 44.54 -1.69
CA ALA H 135 44.20 45.26 -1.31
C ALA H 135 44.38 46.70 -1.74
N PRO H 136 43.27 47.46 -1.81
CA PRO H 136 43.45 48.89 -2.03
C PRO H 136 44.27 49.51 -0.92
N SER H 137 44.99 50.58 -1.23
CA SER H 137 45.76 51.28 -0.21
C SER H 137 45.30 52.73 -0.14
N ALA H 138 45.25 53.25 1.09
CA ALA H 138 44.89 54.63 1.33
C ALA H 138 45.91 55.60 0.75
N ASP H 139 47.18 55.19 0.67
CA ASP H 139 48.24 56.10 0.24
C ASP H 139 49.16 55.55 -0.86
N ALA H 140 49.26 54.22 -0.97
CA ALA H 140 50.02 53.59 -2.06
C ALA H 140 49.24 53.65 -3.38
N PRO H 141 49.96 53.84 -4.50
CA PRO H 141 49.35 53.92 -5.85
C PRO H 141 48.68 52.62 -6.27
N MET H 142 47.53 52.70 -6.95
CA MET H 142 46.78 51.51 -7.33
C MET H 142 46.86 51.21 -8.84
N PHE H 143 46.96 49.93 -9.18
CA PHE H 143 47.01 49.50 -10.58
C PHE H 143 46.14 48.27 -10.84
N VAL H 144 45.47 48.24 -11.99
CA VAL H 144 44.73 47.04 -12.42
C VAL H 144 45.11 46.69 -13.86
N MET H 145 45.49 45.43 -14.06
CA MET H 145 45.92 44.93 -15.36
C MET H 145 44.86 45.12 -16.43
N GLY H 146 45.30 45.52 -17.62
CA GLY H 146 44.41 45.74 -18.75
C GLY H 146 43.82 47.13 -18.80
N VAL H 147 44.10 47.94 -17.78
CA VAL H 147 43.53 49.29 -17.68
C VAL H 147 44.60 50.36 -17.49
N ASN H 148 45.43 50.20 -16.47
CA ASN H 148 46.46 51.19 -16.17
C ASN H 148 47.85 50.63 -15.81
N ASN H 149 48.09 49.35 -16.13
CA ASN H 149 49.36 48.75 -15.73
C ASN H 149 50.55 49.31 -16.51
N ASP H 150 50.32 49.82 -17.71
CA ASP H 150 51.40 50.40 -18.51
C ASP H 150 51.80 51.78 -18.02
N THR H 151 51.04 52.32 -17.07
CA THR H 151 51.35 53.62 -16.49
C THR H 151 52.34 53.47 -15.35
N TYR H 152 52.75 52.24 -15.07
CA TYR H 152 53.76 51.95 -14.07
C TYR H 152 55.12 52.54 -14.46
N ASP H 153 55.78 53.19 -13.50
CA ASP H 153 57.09 53.78 -13.70
C ASP H 153 58.08 53.18 -12.70
N LYS H 154 58.93 52.29 -13.17
CA LYS H 154 59.83 51.50 -12.32
C LYS H 154 60.68 52.32 -11.34
N ALA H 155 61.13 53.49 -11.77
CA ALA H 155 62.05 54.31 -10.97
C ALA H 155 61.43 54.83 -9.67
N ASN H 156 60.10 55.01 -9.64
CA ASN H 156 59.47 55.64 -8.49
C ASN H 156 58.44 54.78 -7.75
N ASN H 157 57.96 53.70 -8.38
CA ASN H 157 56.99 52.83 -7.71
C ASN H 157 57.59 51.56 -7.13
N HIS H 158 57.84 51.57 -5.82
CA HIS H 158 58.41 50.41 -5.15
C HIS H 158 57.44 49.82 -4.12
N ILE H 159 56.53 50.66 -3.61
CA ILE H 159 55.45 50.18 -2.77
C ILE H 159 54.13 50.47 -3.47
N ILE H 160 53.50 49.43 -3.99
CA ILE H 160 52.26 49.59 -4.75
C ILE H 160 51.10 48.66 -4.33
N SER H 161 49.91 48.95 -4.84
CA SER H 161 48.70 48.18 -4.55
C SER H 161 48.01 47.70 -5.83
N ASN H 162 47.54 46.46 -5.85
CA ASN H 162 46.81 45.93 -7.01
C ASN H 162 45.28 46.05 -6.88
N ALA H 163 44.83 46.98 -6.02
CA ALA H 163 43.41 47.25 -5.82
C ALA H 163 42.60 46.07 -5.28
N SER H 164 41.31 46.04 -5.61
CA SER H 164 40.40 45.00 -5.15
C SER H 164 39.91 44.06 -6.25
N CYS H 165 39.34 42.94 -5.84
CA CYS H 165 38.70 42.00 -6.76
C CYS H 165 37.61 42.69 -7.60
N THR H 166 36.76 43.49 -6.96
CA THR H 166 35.64 44.13 -7.65
C THR H 166 36.09 45.14 -8.71
N THR H 167 37.13 45.91 -8.37
CA THR H 167 37.67 46.91 -9.30
C THR H 167 38.22 46.28 -10.58
N ASN H 168 38.92 45.15 -10.45
CA ASN H 168 39.41 44.42 -11.61
C ASN H 168 38.30 43.85 -12.47
N CYS H 169 37.11 43.72 -11.91
CA CYS H 169 35.99 43.27 -12.70
C CYS H 169 35.30 44.42 -13.47
N LEU H 170 35.08 45.54 -12.80
CA LEU H 170 34.30 46.64 -13.40
C LEU H 170 35.03 47.41 -14.52
N ALA H 171 36.28 47.80 -14.26
CA ALA H 171 37.05 48.66 -15.17
C ALA H 171 37.25 48.13 -16.61
N PRO H 172 37.58 46.84 -16.77
CA PRO H 172 37.70 46.36 -18.15
C PRO H 172 36.39 46.45 -18.91
N LEU H 173 35.29 46.17 -18.23
CA LEU H 173 33.99 46.30 -18.84
C LEU H 173 33.69 47.77 -19.11
N ALA H 174 34.00 48.61 -18.13
CA ALA H 174 33.78 50.04 -18.25
C ALA H 174 34.53 50.60 -19.45
N LYS H 175 35.78 50.16 -19.63
CA LYS H 175 36.62 50.63 -20.71
C LYS H 175 36.01 50.38 -22.08
N VAL H 176 35.56 49.15 -22.31
CA VAL H 176 34.98 48.79 -23.61
C VAL H 176 33.70 49.55 -23.94
N ILE H 177 32.78 49.65 -22.98
CA ILE H 177 31.51 50.33 -23.21
C ILE H 177 31.75 51.83 -23.40
N HIS H 178 32.65 52.38 -22.58
CA HIS H 178 32.95 53.81 -22.66
C HIS H 178 33.65 54.17 -23.97
N ASP H 179 34.65 53.37 -24.34
CA ASP H 179 35.37 53.60 -25.58
C ASP H 179 34.41 53.55 -26.77
N LYS H 180 33.46 52.63 -26.72
CA LYS H 180 32.57 52.41 -27.86
C LYS H 180 31.38 53.37 -27.86
N PHE H 181 30.80 53.63 -26.70
CA PHE H 181 29.57 54.44 -26.63
C PHE H 181 29.67 55.68 -25.74
N GLY H 182 30.60 55.69 -24.79
CA GLY H 182 30.71 56.79 -23.86
C GLY H 182 29.70 56.72 -22.71
N ILE H 183 30.22 56.57 -21.48
CA ILE H 183 29.39 56.56 -20.28
C ILE H 183 29.35 57.93 -19.60
N ILE H 184 28.17 58.55 -19.60
CA ILE H 184 28.00 59.85 -18.93
C ILE H 184 28.08 59.66 -17.43
N GLU H 185 27.35 58.66 -16.94
CA GLU H 185 27.34 58.36 -15.52
C GLU H 185 26.86 56.94 -15.31
N GLY H 186 27.25 56.37 -14.18
CA GLY H 186 26.88 55.00 -13.89
C GLY H 186 26.91 54.72 -12.40
N LEU H 187 26.05 53.82 -11.97
CA LEU H 187 26.02 53.39 -10.58
C LEU H 187 26.17 51.86 -10.51
N MET H 188 27.02 51.38 -9.61
CA MET H 188 27.35 49.95 -9.56
C MET H 188 26.91 49.27 -8.26
N THR H 189 26.33 48.09 -8.40
CA THR H 189 26.12 47.19 -7.27
C THR H 189 26.91 45.91 -7.53
N THR H 190 27.62 45.42 -6.51
CA THR H 190 28.18 44.08 -6.63
C THR H 190 27.52 43.14 -5.64
N VAL H 191 27.04 42.03 -6.15
CA VAL H 191 26.53 40.98 -5.30
C VAL H 191 27.72 40.09 -4.99
N HIS H 192 28.16 40.10 -3.73
CA HIS H 192 29.50 39.62 -3.41
C HIS H 192 29.49 38.42 -2.46
N ALA H 193 30.36 37.46 -2.71
CA ALA H 193 30.51 36.29 -1.83
C ALA H 193 31.00 36.65 -0.43
N THR H 194 30.72 35.76 0.51
CA THR H 194 31.25 35.84 1.87
C THR H 194 32.79 35.82 1.87
N THR H 195 33.41 36.61 2.76
CA THR H 195 34.88 36.59 2.94
C THR H 195 35.28 36.39 4.39
N ALA H 196 36.59 36.30 4.63
CA ALA H 196 37.13 36.01 5.94
C ALA H 196 36.93 37.15 6.95
N THR H 197 36.64 38.35 6.44
CA THR H 197 36.42 39.49 7.32
C THR H 197 35.03 39.38 7.97
N GLN H 198 34.19 38.49 7.45
CA GLN H 198 32.84 38.31 7.97
C GLN H 198 32.75 37.30 9.11
N LYS H 199 31.54 37.12 9.66
CA LYS H 199 31.34 36.26 10.82
C LYS H 199 30.39 35.09 10.55
N THR H 200 30.63 33.96 11.21
CA THR H 200 29.77 32.78 11.03
C THR H 200 28.41 32.98 11.69
N VAL H 201 28.42 33.65 12.84
CA VAL H 201 27.21 34.02 13.55
C VAL H 201 27.37 35.46 14.07
N ASP H 202 26.27 36.12 14.43
CA ASP H 202 26.32 37.51 14.89
C ASP H 202 27.44 37.76 15.92
N GLY H 203 28.45 38.51 15.48
CA GLY H 203 29.58 38.80 16.33
C GLY H 203 30.12 40.20 16.10
N PRO H 204 31.18 40.56 16.87
CA PRO H 204 31.76 41.90 16.86
C PRO H 204 32.48 42.29 15.57
N SER H 205 32.06 43.42 15.03
CA SER H 205 32.68 44.04 13.87
C SER H 205 32.53 45.55 14.08
N GLY H 206 33.20 46.05 15.11
CA GLY H 206 32.94 47.38 15.67
C GLY H 206 32.91 48.54 14.71
N LYS H 207 33.74 48.47 13.67
CA LYS H 207 33.79 49.54 12.67
C LYS H 207 32.66 49.43 11.64
N LEU H 208 32.17 48.21 11.42
CA LEU H 208 31.16 47.95 10.39
C LEU H 208 30.10 47.02 10.95
N TRP H 209 29.07 47.59 11.55
CA TRP H 209 28.14 46.81 12.36
C TRP H 209 27.46 45.70 11.55
N ARG H 210 27.11 45.99 10.30
CA ARG H 210 26.39 45.02 9.45
C ARG H 210 27.28 43.82 9.11
N ASP H 211 28.59 44.05 8.98
CA ASP H 211 29.52 42.97 8.63
C ASP H 211 29.69 41.94 9.74
N GLY H 212 29.21 42.25 10.94
CA GLY H 212 29.30 41.31 12.04
C GLY H 212 28.16 40.31 12.04
N ARG H 213 27.10 40.61 11.28
CA ARG H 213 25.92 39.78 11.29
C ARG H 213 26.18 38.45 10.56
N GLY H 214 25.57 37.38 11.08
CA GLY H 214 25.79 36.05 10.56
C GLY H 214 25.75 35.96 9.04
N ALA H 215 26.88 35.60 8.45
CA ALA H 215 27.02 35.62 7.01
C ALA H 215 26.09 34.64 6.29
N GLY H 216 25.95 33.43 6.84
CA GLY H 216 25.17 32.37 6.23
C GLY H 216 23.69 32.65 6.27
N GLN H 217 23.27 33.53 7.17
CA GLN H 217 21.86 33.86 7.35
C GLN H 217 21.39 35.06 6.56
N ASN H 218 22.33 35.91 6.15
CA ASN H 218 21.97 37.28 5.74
C ASN H 218 22.38 37.77 4.34
N ILE H 219 21.54 38.64 3.79
CA ILE H 219 21.95 39.60 2.76
C ILE H 219 22.42 40.82 3.52
N ILE H 220 23.65 41.25 3.27
CA ILE H 220 24.29 42.31 4.04
C ILE H 220 24.74 43.46 3.17
N PRO H 221 24.09 44.62 3.29
CA PRO H 221 24.53 45.82 2.57
C PRO H 221 25.93 46.22 3.04
N ALA H 222 26.82 46.53 2.12
CA ALA H 222 28.17 46.92 2.46
C ALA H 222 28.71 47.95 1.49
N SER H 223 29.60 48.80 1.97
CA SER H 223 30.25 49.80 1.13
C SER H 223 31.48 49.25 0.42
N THR H 224 31.70 49.72 -0.80
CA THR H 224 32.88 49.37 -1.58
C THR H 224 33.29 50.61 -2.38
N GLY H 225 34.60 50.79 -2.53
CA GLY H 225 35.15 51.91 -3.29
C GLY H 225 35.54 51.57 -4.70
N ALA H 226 35.10 50.40 -5.18
CA ALA H 226 35.57 49.88 -6.45
C ALA H 226 35.22 50.77 -7.63
N ALA H 227 34.02 51.33 -7.62
CA ALA H 227 33.60 52.19 -8.71
C ALA H 227 34.40 53.47 -8.64
N LYS H 228 34.59 53.97 -7.42
CA LYS H 228 35.44 55.14 -7.22
C LYS H 228 36.86 54.82 -7.70
N ALA H 229 37.31 53.61 -7.40
CA ALA H 229 38.65 53.17 -7.78
C ALA H 229 38.83 53.07 -9.29
N VAL H 230 37.73 52.89 -10.03
CA VAL H 230 37.77 52.89 -11.49
C VAL H 230 38.16 54.29 -11.98
N GLY H 231 37.86 55.30 -11.17
CA GLY H 231 38.17 56.67 -11.49
C GLY H 231 39.66 56.95 -11.55
N LYS H 232 40.47 56.04 -11.03
CA LYS H 232 41.91 56.16 -11.12
C LYS H 232 42.39 55.52 -12.42
N VAL H 233 41.71 54.45 -12.83
CA VAL H 233 41.99 53.81 -14.11
C VAL H 233 41.07 54.39 -15.18
N ASP H 236 39.46 59.28 -17.06
CA ASP H 236 38.43 60.06 -17.76
C ASP H 236 37.05 59.78 -17.17
N LEU H 237 36.94 58.71 -16.40
CA LEU H 237 35.68 58.37 -15.74
C LEU H 237 35.71 58.75 -14.26
N ASN H 238 36.75 59.46 -13.84
CA ASN H 238 36.83 59.94 -12.46
C ASN H 238 35.63 60.80 -12.11
N GLY H 239 34.95 60.44 -11.02
CA GLY H 239 33.77 61.17 -10.57
C GLY H 239 32.46 60.84 -11.27
N LYS H 240 32.50 59.91 -12.22
CA LYS H 240 31.30 59.57 -12.98
C LYS H 240 30.69 58.23 -12.55
N LEU H 241 31.32 57.58 -11.59
CA LEU H 241 30.87 56.27 -11.10
C LEU H 241 31.05 56.16 -9.59
N THR H 242 30.07 55.55 -8.91
CA THR H 242 30.23 55.17 -7.52
C THR H 242 29.38 53.91 -7.28
N GLY H 243 29.41 53.36 -6.07
CA GLY H 243 28.69 52.12 -5.83
C GLY H 243 28.65 51.54 -4.43
N MET H 244 28.08 50.35 -4.33
CA MET H 244 27.95 49.65 -3.06
C MET H 244 27.90 48.14 -3.29
N ALA H 245 27.74 47.39 -2.20
CA ALA H 245 27.76 45.93 -2.29
C ALA H 245 26.66 45.29 -1.45
N PHE H 246 26.25 44.09 -1.85
CA PHE H 246 25.48 43.18 -0.98
C PHE H 246 26.29 41.91 -0.79
N ARG H 247 26.60 41.58 0.46
CA ARG H 247 27.28 40.33 0.75
C ARG H 247 26.22 39.25 0.89
N VAL H 248 26.39 38.14 0.17
CA VAL H 248 25.41 37.06 0.20
C VAL H 248 26.07 35.71 0.59
N PRO H 249 25.27 34.72 1.03
CA PRO H 249 25.85 33.48 1.56
C PRO H 249 26.37 32.49 0.52
N THR H 250 27.38 32.87 -0.25
CA THR H 250 28.08 31.93 -1.12
C THR H 250 29.58 31.98 -0.81
N PRO H 251 30.30 30.86 -1.03
CA PRO H 251 31.70 30.87 -0.58
C PRO H 251 32.68 31.61 -1.49
N ASP H 252 32.31 31.80 -2.74
CA ASP H 252 33.18 32.43 -3.72
C ASP H 252 32.40 32.70 -4.99
N VAL H 253 32.94 33.64 -5.78
CA VAL H 253 32.39 34.17 -7.03
C VAL H 253 31.37 35.26 -6.72
N SER H 254 31.54 36.40 -7.39
CA SER H 254 30.74 37.60 -7.18
C SER H 254 30.29 38.13 -8.54
N VAL H 255 29.40 39.12 -8.56
CA VAL H 255 28.92 39.66 -9.84
C VAL H 255 28.74 41.18 -9.78
N VAL H 256 29.12 41.84 -10.87
CA VAL H 256 28.96 43.29 -10.98
C VAL H 256 27.69 43.63 -11.76
N ASP H 257 26.92 44.56 -11.21
CA ASP H 257 25.67 44.98 -11.80
C ASP H 257 25.82 46.47 -12.07
N LEU H 258 26.15 46.80 -13.32
CA LEU H 258 26.50 48.17 -13.68
C LEU H 258 25.40 48.89 -14.45
N THR H 259 24.82 49.90 -13.82
CA THR H 259 23.76 50.69 -14.45
C THR H 259 24.33 51.96 -15.06
N CYS H 260 24.15 52.12 -16.37
CA CYS H 260 24.82 53.23 -17.06
C CYS H 260 23.97 54.01 -18.03
N ARG H 261 24.32 55.29 -18.19
CA ARG H 261 23.80 56.17 -19.24
C ARG H 261 24.78 56.29 -20.41
N LEU H 262 24.29 56.06 -21.62
CA LEU H 262 25.17 56.10 -22.78
C LEU H 262 25.07 57.41 -23.58
N GLN H 263 26.21 57.87 -24.09
CA GLN H 263 26.22 59.04 -24.94
C GLN H 263 25.57 58.72 -26.28
N LYS H 264 26.13 57.73 -26.97
CA LYS H 264 25.58 57.26 -28.25
C LYS H 264 24.71 56.03 -28.05
N GLY H 265 23.46 56.11 -28.52
CA GLY H 265 22.51 55.01 -28.38
C GLY H 265 22.99 53.71 -29.00
N ALA H 266 22.58 52.59 -28.41
CA ALA H 266 23.02 51.29 -28.88
C ALA H 266 21.98 50.20 -28.67
N THR H 267 21.93 49.26 -29.61
CA THR H 267 21.13 48.06 -29.40
C THR H 267 21.91 47.11 -28.49
N MET H 268 21.22 46.12 -27.93
CA MET H 268 21.91 45.15 -27.09
C MET H 268 22.83 44.33 -27.97
N ASP H 269 22.39 44.13 -29.22
CA ASP H 269 23.18 43.44 -30.23
C ASP H 269 24.48 44.20 -30.48
N GLU H 270 24.38 45.52 -30.46
CA GLU H 270 25.57 46.38 -30.62
C GLU H 270 26.51 46.29 -29.41
N ILE H 271 25.93 46.24 -28.20
CA ILE H 271 26.73 46.10 -26.99
C ILE H 271 27.43 44.74 -26.91
N LYS H 272 26.66 43.68 -27.14
CA LYS H 272 27.16 42.31 -27.17
C LYS H 272 28.32 42.22 -28.17
N ALA H 273 28.14 42.85 -29.33
CA ALA H 273 29.14 42.86 -30.39
C ALA H 273 30.45 43.55 -29.99
N ALA H 274 30.35 44.67 -29.28
CA ALA H 274 31.54 45.37 -28.83
C ALA H 274 32.36 44.54 -27.84
N VAL H 275 31.66 43.87 -26.92
CA VAL H 275 32.31 43.05 -25.90
C VAL H 275 32.89 41.78 -26.52
N LYS H 276 32.10 41.12 -27.36
CA LYS H 276 32.54 39.90 -28.03
C LYS H 276 33.78 40.17 -28.89
N GLU H 277 33.77 41.29 -29.61
CA GLU H 277 34.90 41.65 -30.45
C GLU H 277 36.15 41.90 -29.61
N ALA H 278 35.96 42.61 -28.50
CA ALA H 278 37.04 42.89 -27.55
C ALA H 278 37.48 41.60 -26.83
N ALA H 279 36.52 40.74 -26.52
CA ALA H 279 36.79 39.51 -25.78
C ALA H 279 37.70 38.61 -26.58
N ASN H 280 37.52 38.63 -27.90
CA ASN H 280 38.30 37.79 -28.80
C ASN H 280 39.63 38.43 -29.19
N GLY H 281 39.90 39.63 -28.68
CA GLY H 281 41.12 40.35 -29.06
C GLY H 281 42.06 40.83 -27.96
N PRO H 282 42.16 42.16 -27.78
CA PRO H 282 43.15 42.82 -26.90
C PRO H 282 42.99 42.50 -25.42
N ILE H 286 41.70 39.35 -19.88
CA ILE H 286 41.07 39.98 -18.72
C ILE H 286 39.55 39.79 -18.73
N LEU H 287 38.92 40.23 -19.81
CA LEU H 287 37.47 40.13 -19.96
C LEU H 287 37.03 39.12 -21.02
N GLU H 288 36.07 38.27 -20.66
CA GLU H 288 35.49 37.30 -21.59
C GLU H 288 34.00 37.56 -21.83
N TYR H 289 33.46 36.98 -22.90
CA TYR H 289 32.05 37.12 -23.27
C TYR H 289 31.38 35.76 -23.25
N THR H 290 30.20 35.67 -22.65
CA THR H 290 29.38 34.47 -22.76
C THR H 290 27.93 34.81 -23.05
N GLU H 291 27.25 33.90 -23.72
CA GLU H 291 25.82 34.02 -23.99
C GLU H 291 25.06 32.86 -23.39
N ASP H 292 25.74 32.08 -22.53
CA ASP H 292 25.11 30.91 -21.93
C ASP H 292 24.29 31.21 -20.68
N GLN H 293 23.50 30.21 -20.26
CA GLN H 293 22.62 30.37 -19.11
C GLN H 293 23.38 30.10 -17.80
N VAL H 294 24.35 30.96 -17.48
CA VAL H 294 25.31 30.68 -16.40
C VAL H 294 24.79 31.11 -15.02
N VAL H 295 25.35 30.51 -13.98
CA VAL H 295 25.15 30.91 -12.58
C VAL H 295 26.51 30.98 -11.90
N SER H 296 26.54 31.40 -10.63
CA SER H 296 27.80 31.73 -9.96
C SER H 296 28.84 30.60 -9.96
N THR H 297 28.41 29.37 -9.67
CA THR H 297 29.37 28.25 -9.59
C THR H 297 30.06 27.95 -10.91
N ASP H 298 29.48 28.38 -12.02
CA ASP H 298 30.08 28.11 -13.31
C ASP H 298 31.39 28.87 -13.52
N PHE H 299 31.69 29.82 -12.63
CA PHE H 299 32.92 30.60 -12.75
C PHE H 299 33.94 30.31 -11.62
N THR H 300 33.68 29.31 -10.79
CA THR H 300 34.66 28.92 -9.78
C THR H 300 35.91 28.40 -10.48
N GLY H 301 37.03 29.07 -10.25
CA GLY H 301 38.28 28.74 -10.90
C GLY H 301 38.51 29.44 -12.24
N ASP H 302 37.61 30.34 -12.61
CA ASP H 302 37.80 31.12 -13.83
C ASP H 302 38.92 32.14 -13.57
N THR H 303 39.89 32.23 -14.48
CA THR H 303 41.05 33.10 -14.26
C THR H 303 40.86 34.54 -14.74
N HIS H 304 39.75 34.82 -15.42
CA HIS H 304 39.51 36.16 -15.96
C HIS H 304 39.26 37.18 -14.85
N SER H 305 39.49 38.45 -15.14
CA SER H 305 39.19 39.50 -14.16
C SER H 305 37.70 39.82 -14.15
N SER H 306 37.03 39.58 -15.28
CA SER H 306 35.64 39.99 -15.52
C SER H 306 35.00 39.20 -16.66
N ILE H 307 33.84 38.59 -16.41
CA ILE H 307 33.11 37.85 -17.45
C ILE H 307 31.70 38.41 -17.73
N PHE H 308 31.57 39.05 -18.89
CA PHE H 308 30.35 39.71 -19.32
C PHE H 308 29.20 38.72 -19.62
N ASP H 309 28.09 38.89 -18.93
CA ASP H 309 26.91 38.02 -19.05
C ASP H 309 25.87 38.62 -19.97
N ALA H 310 25.93 38.25 -21.25
CA ALA H 310 25.13 38.88 -22.30
C ALA H 310 23.62 38.74 -22.09
N LEU H 311 23.15 37.56 -21.70
CA LEU H 311 21.71 37.36 -21.58
C LEU H 311 21.13 38.06 -20.36
N ALA H 312 21.96 38.31 -19.36
CA ALA H 312 21.49 38.93 -18.11
C ALA H 312 21.44 40.46 -18.20
N CYS H 313 22.14 41.03 -19.17
CA CYS H 313 22.11 42.47 -19.37
C CYS H 313 20.70 42.91 -19.78
N ILE H 314 20.33 44.13 -19.46
CA ILE H 314 19.04 44.66 -19.87
C ILE H 314 19.17 46.14 -20.22
N SER H 315 18.44 46.58 -21.24
CA SER H 315 18.42 48.00 -21.61
C SER H 315 17.01 48.53 -21.46
N LEU H 316 16.88 49.74 -20.96
CA LEU H 316 15.59 50.41 -20.93
C LEU H 316 15.39 51.05 -22.29
N ASN H 317 16.43 51.75 -22.73
CA ASN H 317 16.48 52.39 -24.03
C ASN H 317 17.95 52.42 -24.46
N PRO H 318 18.23 52.76 -25.74
CA PRO H 318 19.62 52.74 -26.21
C PRO H 318 20.62 53.55 -25.35
N ASN H 319 20.14 54.43 -24.48
CA ASN H 319 21.06 55.21 -23.67
C ASN H 319 21.00 54.90 -22.17
N PHE H 320 20.24 53.87 -21.80
CA PHE H 320 20.14 53.53 -20.38
C PHE H 320 20.09 52.03 -20.23
N VAL H 321 21.21 51.46 -19.79
CA VAL H 321 21.36 50.01 -19.80
C VAL H 321 21.92 49.52 -18.47
N LYS H 322 21.72 48.24 -18.21
CA LYS H 322 22.24 47.58 -17.02
C LYS H 322 23.13 46.40 -17.44
N LEU H 323 24.41 46.47 -17.08
CA LEU H 323 25.39 45.49 -17.55
C LEU H 323 25.89 44.56 -16.44
N ILE H 324 25.94 43.27 -16.76
CA ILE H 324 26.24 42.24 -15.77
C ILE H 324 27.57 41.56 -16.07
N ALA H 325 28.48 41.57 -15.08
CA ALA H 325 29.78 40.94 -15.27
C ALA H 325 30.19 40.12 -14.06
N TRP H 326 30.56 38.87 -14.32
CA TRP H 326 30.96 37.93 -13.28
C TRP H 326 32.44 37.98 -12.93
N TYR H 327 32.79 37.53 -11.72
CA TYR H 327 34.18 37.35 -11.37
C TYR H 327 34.38 36.43 -10.17
N ASP H 328 35.33 35.51 -10.33
CA ASP H 328 35.81 34.75 -9.20
C ASP H 328 36.70 35.70 -8.41
N ASN H 329 36.16 36.28 -7.34
CA ASN H 329 36.87 37.30 -6.58
C ASN H 329 38.17 36.79 -5.97
N GLU H 330 38.24 35.49 -5.75
CA GLU H 330 39.46 34.84 -5.27
C GLU H 330 40.48 34.63 -6.38
N TYR H 331 40.06 33.95 -7.44
CA TYR H 331 41.04 33.41 -8.38
C TYR H 331 41.46 34.43 -9.44
N GLY H 332 40.53 35.30 -9.86
CA GLY H 332 40.88 36.35 -10.79
C GLY H 332 41.95 37.28 -10.21
N TYR H 333 41.66 37.82 -9.03
CA TYR H 333 42.58 38.74 -8.38
C TYR H 333 43.93 38.11 -8.06
N SER H 334 43.91 36.86 -7.57
CA SER H 334 45.14 36.16 -7.23
C SER H 334 45.98 35.94 -8.47
N ASN H 335 45.33 35.64 -9.58
CA ASN H 335 46.02 35.55 -10.85
C ASN H 335 46.62 36.91 -11.24
N ARG H 336 45.91 37.99 -10.93
CA ARG H 336 46.41 39.34 -11.25
C ARG H 336 47.60 39.72 -10.40
N VAL H 337 47.62 39.25 -9.15
CA VAL H 337 48.73 39.49 -8.27
C VAL H 337 49.99 38.98 -8.94
N VAL H 338 49.89 37.79 -9.51
CA VAL H 338 50.99 37.17 -10.25
C VAL H 338 51.38 38.00 -11.48
N ASP H 339 50.37 38.36 -12.28
CA ASP H 339 50.58 39.17 -13.49
C ASP H 339 51.17 40.56 -13.25
N LEU H 340 50.75 41.24 -12.20
CA LEU H 340 51.27 42.59 -11.94
C LEU H 340 52.76 42.44 -11.61
N ILE H 341 53.07 41.38 -10.90
CA ILE H 341 54.45 41.01 -10.60
C ILE H 341 55.19 40.69 -11.90
N SER H 342 54.58 39.87 -12.75
CA SER H 342 55.15 39.49 -14.04
C SER H 342 55.43 40.65 -15.00
N TYR H 343 54.50 41.61 -15.07
CA TYR H 343 54.62 42.74 -15.99
C TYR H 343 55.75 43.67 -15.52
N ILE H 344 55.72 43.99 -14.23
CA ILE H 344 56.67 44.94 -13.64
C ILE H 344 58.11 44.43 -13.64
N ALA H 345 58.28 43.11 -13.64
CA ALA H 345 59.61 42.50 -13.70
C ALA H 345 60.20 42.70 -15.09
N SER H 346 59.31 42.92 -16.06
CA SER H 346 59.73 43.17 -17.44
C SER H 346 60.05 44.65 -17.61
#